data_6I7D
#
_entry.id   6I7D
#
_cell.length_a   63.520
_cell.length_b   258.730
_cell.length_c   103.090
_cell.angle_alpha   90.00
_cell.angle_beta   92.08
_cell.angle_gamma   90.00
#
_symmetry.space_group_name_H-M   'P 1 21 1'
#
loop_
_entity.id
_entity.type
_entity.pdbx_description
1 polymer Myosin-A
2 non-polymer 1,2-ETHANEDIOL
3 non-polymer GLYCEROL
4 water water
#
_entity_poly.entity_id   1
_entity_poly.type   'polypeptide(L)'
_entity_poly.pdbx_seq_one_letter_code
;MAVTNEEIKTASKIVRRV(SEP)NVEAFDKSGSVFKGYQIWTDISPTIENDPNIMFVKCVVQQGSKKEKLTVVQIDPPGT
GTPYDIDPTHAWNCNSQVDPMSFGDIGLLNHTNIPCVLDFLKHRYLKNQIYTTAVPLIVAINPYKDLGNTTNEWIRRYRD
TADHTKLPPHVFTCAREALSNLHGVNKSQTIIVSGESGAGKTEATKQIMRYFASSKSGNMDLRIQTAIMAANPVLEAFGN
AKTIRNNNSSRFGRFMQLVISHEGGIRYGSVVAFLLEKSRIITQDDNERSYHIFYQFLKGANSTMKSKFGLKGVTEYKLL
NPNSTEVSGVDDVKDFEEVIESLKNMELSESDIEVIFSIVAGILTLGNVRLIEKQEAGLSDAAAIMDEDMGVFNKACELM
YLDPELIKREILIKVTVAGGTKIEGRWNKNDAEVLKSSLCKAMYEKLFLWIIRHLNSRIEPEGGFKTFMGMLDIFGFEVF
KNNSLEQLFINITNEMLQKNFVDIVFERESKLYKDEGISTAELKYTSNKEVINVLCEKGKSVLSYLEDQCLAPGGTDEKF
VSSCATNLKENNKFTPAKVASNKNFIIQHTIGPIQYCAESFLLKNKDVLRGDLVEVIKDSPNPIVQQLFEGQVIEKGKIA
KGSLIGSQFLNQLTSLMNLINSTEPHFIRCIKPNENKKPLEWCEPKILIQLHALSILEALVLRQLGYSYRRTFEEFLYQY
KFVDIAAAEDSSVENQNKCVNILKLSGLSESMYKIGKSMVFLKQEGAKILTK
;
_entity_poly.pdbx_strand_id   A,B,C,D
#
loop_
_chem_comp.id
_chem_comp.type
_chem_comp.name
_chem_comp.formula
EDO non-polymer 1,2-ETHANEDIOL 'C2 H6 O2'
GOL non-polymer GLYCEROL 'C3 H8 O3'
#
# COMPACT_ATOMS: atom_id res chain seq x y z
N VAL A 3 19.36 3.72 25.26
CA VAL A 3 20.81 3.49 25.17
C VAL A 3 21.27 2.57 26.29
N THR A 4 21.80 1.39 25.92
CA THR A 4 22.36 0.41 26.88
C THR A 4 23.77 0.82 27.29
N ASN A 5 24.31 0.21 28.35
CA ASN A 5 25.67 0.49 28.82
C ASN A 5 26.70 -0.26 27.98
N GLU A 6 26.22 -1.28 27.25
CA GLU A 6 27.03 -2.06 26.30
C GLU A 6 27.31 -1.13 25.09
N GLU A 7 26.28 -0.36 24.64
CA GLU A 7 26.35 0.63 23.55
C GLU A 7 27.36 1.71 23.88
N ILE A 8 27.36 2.19 25.14
CA ILE A 8 28.30 3.22 25.63
C ILE A 8 29.72 2.66 25.66
N LYS A 9 29.90 1.44 26.20
CA LYS A 9 31.19 0.75 26.23
C LYS A 9 31.75 0.55 24.81
N THR A 10 30.91 0.04 23.87
CA THR A 10 31.26 -0.21 22.46
C THR A 10 31.66 1.08 21.73
N ALA A 11 30.82 2.15 21.83
CA ALA A 11 31.05 3.45 21.20
C ALA A 11 32.37 4.07 21.67
N SER A 12 32.62 4.05 22.98
CA SER A 12 33.87 4.56 23.58
C SER A 12 35.14 3.94 23.00
N LYS A 13 35.08 2.66 22.64
CA LYS A 13 36.16 1.91 22.01
C LYS A 13 36.44 2.42 20.59
N ILE A 14 35.39 2.89 19.87
CA ILE A 14 35.48 3.43 18.49
C ILE A 14 36.21 4.78 18.47
N VAL A 15 35.98 5.63 19.49
CA VAL A 15 36.56 6.97 19.61
C VAL A 15 38.07 6.96 19.54
N ARG A 16 38.62 7.78 18.66
CA ARG A 16 40.05 7.97 18.47
C ARG A 16 40.33 9.42 18.04
N ARG A 17 41.50 9.95 18.45
CA ARG A 17 42.01 11.27 18.09
C ARG A 17 43.22 11.04 17.15
N VAL A 18 43.29 11.76 16.05
CA VAL A 18 44.39 11.57 15.10
C VAL A 18 45.25 12.85 14.99
N SEP A 19 44.79 13.83 14.19
CA SEP A 19 45.47 15.11 13.97
CB SEP A 19 44.71 15.90 12.86
OG SEP A 19 43.46 16.47 13.29
C SEP A 19 45.58 15.95 15.26
O SEP A 19 44.89 15.70 16.25
P SEP A 19 42.19 15.89 12.63
O1P SEP A 19 41.04 16.57 13.39
O2P SEP A 19 42.15 14.35 12.84
O3P SEP A 19 42.10 16.34 11.14
N ASN A 20 46.48 16.93 15.21
CA ASN A 20 46.73 17.80 16.34
C ASN A 20 46.02 19.14 16.18
N VAL A 21 45.42 19.62 17.30
CA VAL A 21 44.68 20.87 17.39
C VAL A 21 45.68 22.05 17.37
N GLU A 22 45.55 22.95 16.39
CA GLU A 22 46.43 24.10 16.24
C GLU A 22 45.69 25.41 16.60
N ALA A 23 45.46 25.58 17.92
CA ALA A 23 44.74 26.67 18.56
C ALA A 23 45.52 27.96 18.75
N PHE A 24 46.86 27.90 18.59
CA PHE A 24 47.73 29.03 18.87
C PHE A 24 48.36 29.61 17.62
N ASP A 25 48.42 30.98 17.55
CA ASP A 25 49.05 31.71 16.46
C ASP A 25 50.56 31.62 16.57
N LYS A 26 51.29 32.08 15.52
CA LYS A 26 52.77 32.10 15.49
C LYS A 26 53.39 32.81 16.72
N SER A 27 52.58 33.63 17.43
CA SER A 27 52.93 34.42 18.62
C SER A 27 52.52 33.75 19.96
N GLY A 28 52.05 32.49 19.91
CA GLY A 28 51.64 31.74 21.09
C GLY A 28 50.35 32.20 21.78
N SER A 29 49.52 32.94 21.07
CA SER A 29 48.26 33.42 21.61
C SER A 29 47.13 32.62 20.96
N VAL A 30 46.06 32.34 21.75
CA VAL A 30 44.90 31.60 21.27
C VAL A 30 44.26 32.39 20.14
N PHE A 31 44.00 31.74 18.98
CA PHE A 31 43.31 32.37 17.87
C PHE A 31 41.92 32.69 18.40
N LYS A 32 41.42 33.83 17.97
CA LYS A 32 40.15 34.47 18.34
C LYS A 32 38.91 33.58 18.10
N GLY A 33 38.34 33.09 19.22
CA GLY A 33 37.17 32.21 19.25
C GLY A 33 37.37 30.85 18.62
N TYR A 34 38.57 30.28 18.83
CA TYR A 34 38.96 28.98 18.27
C TYR A 34 38.17 27.87 18.92
N GLN A 35 37.44 27.12 18.08
CA GLN A 35 36.55 26.03 18.46
C GLN A 35 37.17 24.64 18.40
N ILE A 36 36.82 23.82 19.38
CA ILE A 36 37.26 22.43 19.51
C ILE A 36 36.07 21.55 19.99
N TRP A 37 36.18 20.22 19.80
CA TRP A 37 35.24 19.22 20.29
C TRP A 37 35.94 18.54 21.48
N THR A 38 35.15 18.17 22.52
CA THR A 38 35.70 17.50 23.67
C THR A 38 34.80 16.37 24.15
N ASP A 39 35.47 15.37 24.70
CA ASP A 39 35.08 14.10 25.29
C ASP A 39 34.64 14.37 26.75
N ILE A 40 35.09 15.53 27.30
CA ILE A 40 34.88 15.93 28.70
C ILE A 40 33.86 17.04 28.85
N SER A 41 32.83 16.75 29.66
CA SER A 41 31.76 17.68 30.05
C SER A 41 30.73 17.00 30.94
N PRO A 42 30.17 17.74 31.94
CA PRO A 42 29.08 17.17 32.75
C PRO A 42 27.87 16.83 31.88
N THR A 43 27.60 17.67 30.84
CA THR A 43 26.52 17.54 29.84
C THR A 43 26.57 16.14 29.18
N ILE A 44 27.81 15.61 28.95
CA ILE A 44 28.12 14.30 28.35
C ILE A 44 27.79 13.18 29.34
N GLU A 45 28.31 13.29 30.58
CA GLU A 45 28.09 12.35 31.70
C GLU A 45 26.59 12.17 32.01
N ASN A 46 25.82 13.27 31.99
CA ASN A 46 24.38 13.31 32.28
C ASN A 46 23.48 12.84 31.11
N ASP A 47 23.93 12.95 29.85
CA ASP A 47 23.13 12.51 28.71
C ASP A 47 23.78 11.33 27.95
N PRO A 48 23.13 10.15 27.93
CA PRO A 48 23.69 8.99 27.20
C PRO A 48 23.72 9.19 25.68
N ASN A 49 22.85 10.07 25.13
CA ASN A 49 22.76 10.42 23.71
C ASN A 49 23.91 11.36 23.26
N ILE A 50 24.62 11.99 24.21
CA ILE A 50 25.72 12.93 23.95
C ILE A 50 27.05 12.26 24.29
N MET A 51 28.02 12.39 23.35
CA MET A 51 29.37 11.84 23.39
C MET A 51 30.45 12.92 23.39
N PHE A 52 30.19 14.03 22.69
CA PHE A 52 31.05 15.20 22.50
C PHE A 52 30.25 16.50 22.68
N VAL A 53 31.00 17.56 23.02
CA VAL A 53 30.52 18.91 23.30
C VAL A 53 31.45 19.90 22.58
N LYS A 54 30.90 21.02 22.08
CA LYS A 54 31.67 22.06 21.37
C LYS A 54 32.02 23.17 22.36
N CYS A 55 33.31 23.56 22.40
CA CYS A 55 33.89 24.58 23.28
C CYS A 55 34.69 25.58 22.49
N VAL A 56 34.89 26.75 23.10
CA VAL A 56 35.71 27.82 22.59
C VAL A 56 36.92 27.91 23.51
N VAL A 57 38.14 27.80 22.93
CA VAL A 57 39.39 27.87 23.70
C VAL A 57 39.63 29.36 24.08
N GLN A 58 39.71 29.61 25.40
CA GLN A 58 39.82 30.95 26.01
C GLN A 58 41.15 31.65 25.76
N GLN A 59 41.13 32.98 25.53
CA GLN A 59 42.34 33.78 25.33
C GLN A 59 43.27 33.71 26.57
N GLY A 60 44.54 33.39 26.33
CA GLY A 60 45.52 33.24 27.38
C GLY A 60 45.66 31.83 27.92
N SER A 61 45.09 30.84 27.21
CA SER A 61 45.11 29.41 27.56
C SER A 61 46.54 28.89 27.41
N LYS A 62 46.91 27.91 28.25
CA LYS A 62 48.24 27.27 28.18
C LYS A 62 48.23 26.16 27.14
N LYS A 63 49.34 26.01 26.40
CA LYS A 63 49.49 25.03 25.33
C LYS A 63 49.38 23.55 25.75
N GLU A 64 49.81 23.22 26.99
CA GLU A 64 49.83 21.85 27.52
C GLU A 64 48.51 21.44 28.23
N LYS A 65 47.69 22.43 28.64
CA LYS A 65 46.37 22.24 29.28
C LYS A 65 45.46 23.38 28.80
N LEU A 66 44.50 23.05 27.91
CA LEU A 66 43.56 24.00 27.32
C LEU A 66 42.46 24.44 28.26
N THR A 67 42.20 25.76 28.25
CA THR A 67 41.12 26.36 29.01
C THR A 67 40.01 26.62 28.01
N VAL A 68 38.89 25.92 28.22
CA VAL A 68 37.77 25.97 27.30
C VAL A 68 36.46 26.37 28.00
N VAL A 69 35.56 26.99 27.23
CA VAL A 69 34.21 27.28 27.71
C VAL A 69 33.31 26.56 26.73
N GLN A 70 32.43 25.69 27.24
CA GLN A 70 31.48 24.93 26.43
C GLN A 70 30.37 25.87 25.91
N ILE A 71 30.18 25.90 24.57
CA ILE A 71 29.21 26.75 23.91
C ILE A 71 27.94 26.02 23.40
N ASP A 72 28.01 24.72 23.03
CA ASP A 72 26.88 23.95 22.49
C ASP A 72 27.08 22.43 22.72
N PRO A 73 26.22 21.72 23.53
CA PRO A 73 25.03 22.19 24.26
C PRO A 73 25.32 23.40 25.16
N PRO A 74 24.35 24.34 25.30
CA PRO A 74 24.61 25.55 26.10
C PRO A 74 25.12 25.21 27.50
N GLY A 75 26.22 25.85 27.86
CA GLY A 75 26.88 25.58 29.14
C GLY A 75 26.61 26.61 30.21
N THR A 76 27.34 26.46 31.30
CA THR A 76 27.32 27.35 32.46
C THR A 76 28.11 28.66 32.16
N GLY A 77 29.07 28.59 31.25
CA GLY A 77 29.91 29.74 30.91
C GLY A 77 31.23 29.69 31.64
N THR A 78 31.31 28.84 32.68
CA THR A 78 32.49 28.62 33.53
C THR A 78 33.58 27.92 32.72
N PRO A 79 34.81 28.52 32.63
CA PRO A 79 35.91 27.83 31.92
C PRO A 79 36.38 26.60 32.70
N TYR A 80 36.95 25.64 31.97
CA TYR A 80 37.48 24.41 32.52
C TYR A 80 38.67 23.96 31.72
N ASP A 81 39.57 23.23 32.38
CA ASP A 81 40.82 22.76 31.82
C ASP A 81 40.72 21.34 31.33
N ILE A 82 41.20 21.14 30.10
CA ILE A 82 41.23 19.84 29.46
C ILE A 82 42.63 19.57 28.91
N ASP A 83 43.01 18.27 28.91
CA ASP A 83 44.26 17.80 28.31
C ASP A 83 44.04 17.89 26.78
N PRO A 84 44.96 18.51 25.99
CA PRO A 84 44.75 18.61 24.54
C PRO A 84 44.53 17.27 23.80
N THR A 85 44.71 16.12 24.48
CA THR A 85 44.46 14.79 23.91
C THR A 85 42.95 14.51 23.86
N HIS A 86 42.17 15.37 24.56
CA HIS A 86 40.71 15.32 24.66
C HIS A 86 40.04 16.46 23.91
N ALA A 87 40.78 17.03 22.96
CA ALA A 87 40.34 18.08 22.09
C ALA A 87 40.60 17.66 20.65
N TRP A 88 39.53 17.63 19.84
CA TRP A 88 39.57 17.32 18.42
C TRP A 88 39.32 18.63 17.70
N ASN A 89 39.80 18.74 16.48
CA ASN A 89 39.60 19.90 15.64
C ASN A 89 38.11 20.04 15.27
N CYS A 90 37.72 21.26 14.88
CA CYS A 90 36.36 21.62 14.54
C CYS A 90 36.32 22.37 13.22
N ASN A 91 35.31 22.05 12.39
CA ASN A 91 35.06 22.75 11.13
C ASN A 91 34.16 23.99 11.41
N SER A 92 34.74 24.99 12.07
CA SER A 92 34.04 26.25 12.33
C SER A 92 33.93 26.89 10.95
N GLN A 93 32.94 27.74 10.73
CA GLN A 93 32.75 28.46 9.46
C GLN A 93 32.36 27.59 8.25
N VAL A 94 31.79 26.40 8.48
CA VAL A 94 31.33 25.50 7.41
C VAL A 94 29.82 25.29 7.52
N ASP A 95 29.08 25.46 6.39
CA ASP A 95 27.65 25.18 6.38
C ASP A 95 27.50 23.73 5.88
N PRO A 96 27.10 22.76 6.75
CA PRO A 96 26.94 21.39 6.28
C PRO A 96 25.89 21.21 5.19
N MET A 97 25.02 22.21 4.98
CA MET A 97 23.95 22.19 3.97
C MET A 97 24.41 22.56 2.55
N SER A 98 25.53 23.29 2.44
CA SER A 98 26.10 23.79 1.19
C SER A 98 26.77 22.75 0.28
N PHE A 99 27.23 21.62 0.85
CA PHE A 99 27.87 20.54 0.09
C PHE A 99 27.49 19.19 0.68
N GLY A 100 27.43 18.18 -0.17
CA GLY A 100 27.02 16.85 0.23
C GLY A 100 28.09 15.81 0.52
N ASP A 101 29.40 16.17 0.41
CA ASP A 101 30.47 15.20 0.67
C ASP A 101 31.23 15.44 1.95
N ILE A 102 31.31 14.39 2.81
CA ILE A 102 32.05 14.45 4.08
C ILE A 102 33.53 14.70 3.83
N GLY A 103 34.06 14.09 2.78
CA GLY A 103 35.45 14.21 2.36
C GLY A 103 35.91 15.61 2.05
N LEU A 104 34.96 16.52 1.70
CA LEU A 104 35.22 17.94 1.40
C LEU A 104 35.60 18.74 2.64
N LEU A 105 35.24 18.24 3.87
CA LEU A 105 35.57 18.90 5.14
C LEU A 105 37.08 18.80 5.35
N ASN A 106 37.65 19.76 6.07
CA ASN A 106 39.08 19.82 6.31
C ASN A 106 39.41 18.79 7.37
N HIS A 107 38.58 18.72 8.44
CA HIS A 107 38.69 17.75 9.53
C HIS A 107 37.52 16.74 9.44
N THR A 108 37.87 15.45 9.39
CA THR A 108 36.93 14.36 9.24
C THR A 108 37.04 13.42 10.42
N ASN A 109 37.25 13.98 11.62
CA ASN A 109 37.32 13.16 12.82
C ASN A 109 35.91 12.71 13.27
N ILE A 110 35.84 11.84 14.27
CA ILE A 110 34.59 11.29 14.79
C ILE A 110 33.61 12.40 15.22
N PRO A 111 33.96 13.38 16.09
CA PRO A 111 32.99 14.43 16.43
C PRO A 111 32.57 15.35 15.28
N CYS A 112 33.46 15.53 14.24
CA CYS A 112 33.23 16.35 13.02
C CYS A 112 32.24 15.69 12.06
N VAL A 113 32.37 14.35 11.89
CA VAL A 113 31.53 13.54 11.03
C VAL A 113 30.14 13.43 11.66
N LEU A 114 30.08 13.23 13.00
CA LEU A 114 28.79 13.14 13.70
C LEU A 114 28.04 14.45 13.56
N ASP A 115 28.74 15.59 13.73
CA ASP A 115 28.10 16.90 13.60
C ASP A 115 27.61 17.18 12.17
N PHE A 116 28.46 16.96 11.16
CA PHE A 116 28.11 17.19 9.76
C PHE A 116 26.79 16.49 9.43
N LEU A 117 26.74 15.19 9.70
CA LEU A 117 25.55 14.36 9.47
C LEU A 117 24.36 14.78 10.36
N LYS A 118 24.61 15.14 11.64
CA LYS A 118 23.56 15.56 12.59
C LYS A 118 22.88 16.82 12.11
N HIS A 119 23.68 17.85 11.70
CA HIS A 119 23.21 19.14 11.20
C HIS A 119 22.24 18.92 10.05
N ARG A 120 22.65 18.09 9.09
CA ARG A 120 21.92 17.73 7.89
C ARG A 120 20.67 16.95 8.21
N TYR A 121 20.77 15.98 9.13
CA TYR A 121 19.66 15.10 9.52
C TYR A 121 18.50 15.89 10.09
N LEU A 122 18.83 16.79 11.05
CA LEU A 122 17.89 17.66 11.75
C LEU A 122 17.25 18.69 10.83
N LYS A 123 17.92 18.99 9.69
CA LYS A 123 17.41 19.89 8.67
C LYS A 123 16.72 19.09 7.54
N ASN A 124 16.47 17.80 7.78
CA ASN A 124 15.81 16.84 6.91
C ASN A 124 16.58 16.55 5.58
N GLN A 125 17.94 16.54 5.67
CA GLN A 125 18.86 16.14 4.60
C GLN A 125 19.51 14.86 5.12
N ILE A 126 18.89 13.72 4.77
CA ILE A 126 19.25 12.39 5.25
C ILE A 126 20.31 11.68 4.39
N TYR A 127 20.57 12.20 3.17
CA TYR A 127 21.59 11.62 2.27
C TYR A 127 22.87 12.46 2.23
N THR A 128 24.01 11.78 2.44
CA THR A 128 25.36 12.36 2.45
C THR A 128 26.31 11.40 1.74
N THR A 129 27.28 11.91 0.97
CA THR A 129 28.30 11.07 0.30
C THR A 129 29.60 11.02 1.12
N ALA A 130 30.23 9.82 1.13
CA ALA A 130 31.54 9.52 1.73
C ALA A 130 32.14 8.54 0.72
N VAL A 131 32.49 9.07 -0.48
CA VAL A 131 32.99 8.35 -1.66
C VAL A 131 33.75 7.05 -1.31
N PRO A 132 33.26 5.86 -1.77
CA PRO A 132 32.16 5.63 -2.74
C PRO A 132 30.74 5.43 -2.15
N LEU A 133 30.59 5.65 -0.84
CA LEU A 133 29.34 5.41 -0.14
C LEU A 133 28.32 6.54 -0.18
N ILE A 134 27.03 6.13 -0.15
CA ILE A 134 25.87 7.00 0.06
C ILE A 134 25.43 6.57 1.48
N VAL A 135 25.41 7.55 2.41
CA VAL A 135 24.95 7.39 3.79
C VAL A 135 23.50 7.88 3.82
N ALA A 136 22.55 7.04 4.23
CA ALA A 136 21.13 7.42 4.34
C ALA A 136 20.68 7.18 5.79
N ILE A 137 20.11 8.21 6.46
CA ILE A 137 19.68 8.13 7.87
C ILE A 137 18.15 8.07 7.93
N ASN A 138 17.59 7.15 8.70
CA ASN A 138 16.13 7.00 8.76
C ASN A 138 15.41 8.18 9.38
N PRO A 139 14.62 8.94 8.59
CA PRO A 139 13.93 10.11 9.16
C PRO A 139 12.67 9.80 9.97
N TYR A 140 12.14 8.57 9.86
CA TYR A 140 10.91 8.08 10.48
C TYR A 140 9.70 8.96 10.12
N LYS A 141 9.67 9.42 8.83
CA LYS A 141 8.64 10.24 8.21
C LYS A 141 8.86 10.34 6.71
N ASP A 142 7.80 10.64 5.94
CA ASP A 142 7.90 10.85 4.50
C ASP A 142 8.39 12.28 4.30
N LEU A 143 9.56 12.42 3.66
CA LEU A 143 10.14 13.73 3.40
C LEU A 143 9.65 14.29 2.06
N GLY A 144 8.93 13.45 1.30
CA GLY A 144 8.41 13.80 -0.02
C GLY A 144 9.49 13.97 -1.06
N ASN A 145 10.67 13.37 -0.84
CA ASN A 145 11.80 13.49 -1.75
C ASN A 145 12.02 12.24 -2.64
N THR A 146 11.06 11.31 -2.63
CA THR A 146 11.16 10.09 -3.43
C THR A 146 9.96 9.99 -4.40
N THR A 147 9.21 11.08 -4.57
CA THR A 147 8.06 11.17 -5.48
C THR A 147 8.45 11.01 -6.96
N ASN A 148 7.45 10.88 -7.87
CA ASN A 148 7.69 10.78 -9.32
C ASN A 148 8.37 12.02 -9.88
N GLU A 149 8.08 13.23 -9.36
CA GLU A 149 8.73 14.44 -9.86
C GLU A 149 10.22 14.48 -9.48
N TRP A 150 10.56 13.86 -8.33
CA TRP A 150 11.94 13.73 -7.83
C TRP A 150 12.71 12.71 -8.66
N ILE A 151 12.03 11.64 -9.13
CA ILE A 151 12.62 10.63 -10.00
C ILE A 151 12.97 11.29 -11.34
N ARG A 152 11.99 11.98 -11.99
CA ARG A 152 12.17 12.70 -13.26
C ARG A 152 13.31 13.68 -13.13
N ARG A 153 13.34 14.42 -12.03
CA ARG A 153 14.41 15.35 -11.71
C ARG A 153 15.80 14.67 -11.75
N TYR A 154 15.94 13.47 -11.15
CA TYR A 154 17.23 12.77 -11.12
C TYR A 154 17.56 12.04 -12.41
N ARG A 155 16.55 11.59 -13.13
CA ARG A 155 16.72 10.86 -14.38
C ARG A 155 17.04 11.81 -15.56
N ASP A 156 16.28 12.93 -15.68
CA ASP A 156 16.29 13.89 -16.79
C ASP A 156 17.30 15.04 -16.67
N THR A 157 17.83 15.35 -15.48
CA THR A 157 18.82 16.42 -15.32
C THR A 157 20.09 16.10 -16.10
N ALA A 158 20.51 17.05 -16.95
CA ALA A 158 21.71 16.93 -17.78
C ALA A 158 23.00 16.79 -16.96
N ASP A 159 23.21 17.69 -15.97
CA ASP A 159 24.42 17.70 -15.13
C ASP A 159 24.16 17.11 -13.75
N HIS A 160 24.66 15.88 -13.57
CA HIS A 160 24.59 15.05 -12.35
C HIS A 160 25.26 15.70 -11.11
N THR A 161 26.21 16.64 -11.31
CA THR A 161 26.94 17.34 -10.23
C THR A 161 26.08 18.44 -9.58
N LYS A 162 24.97 18.81 -10.22
CA LYS A 162 24.03 19.82 -9.74
C LYS A 162 22.96 19.22 -8.85
N LEU A 163 22.92 17.87 -8.73
CA LEU A 163 21.97 17.13 -7.91
C LEU A 163 22.59 16.79 -6.53
N PRO A 164 21.85 17.04 -5.42
CA PRO A 164 22.38 16.70 -4.09
C PRO A 164 22.45 15.18 -3.86
N PRO A 165 23.18 14.65 -2.82
CA PRO A 165 23.17 13.19 -2.63
C PRO A 165 21.76 12.66 -2.38
N HIS A 166 21.50 11.48 -2.89
CA HIS A 166 20.21 10.81 -2.83
C HIS A 166 20.45 9.35 -3.19
N VAL A 167 19.50 8.43 -2.83
CA VAL A 167 19.53 7.01 -3.18
C VAL A 167 19.58 6.94 -4.70
N PHE A 168 18.87 7.87 -5.38
CA PHE A 168 18.74 8.01 -6.83
C PHE A 168 20.05 8.33 -7.51
N THR A 169 21.07 8.85 -6.77
CA THR A 169 22.40 9.11 -7.33
C THR A 169 23.05 7.76 -7.69
N CYS A 170 22.91 6.72 -6.83
CA CYS A 170 23.40 5.36 -7.10
C CYS A 170 22.65 4.79 -8.28
N ALA A 171 21.31 4.93 -8.28
CA ALA A 171 20.46 4.43 -9.35
C ALA A 171 20.91 5.03 -10.70
N ARG A 172 21.09 6.38 -10.78
CA ARG A 172 21.52 7.07 -11.99
C ARG A 172 22.95 6.69 -12.40
N GLU A 173 23.91 6.73 -11.46
CA GLU A 173 25.32 6.37 -11.68
C GLU A 173 25.48 4.93 -12.21
N ALA A 174 24.92 3.94 -11.48
CA ALA A 174 24.99 2.53 -11.85
C ALA A 174 24.42 2.30 -13.25
N LEU A 175 23.23 2.86 -13.54
CA LEU A 175 22.61 2.70 -14.84
C LEU A 175 23.42 3.35 -15.96
N SER A 176 23.99 4.55 -15.70
CA SER A 176 24.82 5.27 -16.68
C SER A 176 26.03 4.46 -17.05
N ASN A 177 26.77 3.91 -16.05
CA ASN A 177 27.94 3.04 -16.24
C ASN A 177 27.58 1.75 -16.99
N LEU A 178 26.37 1.23 -16.78
CA LEU A 178 25.92 -0.02 -17.41
C LEU A 178 25.80 0.17 -18.91
N HIS A 179 24.93 1.10 -19.34
CA HIS A 179 24.73 1.38 -20.76
C HIS A 179 25.94 2.08 -21.40
N GLY A 180 26.77 2.75 -20.58
CA GLY A 180 27.95 3.45 -21.03
C GLY A 180 29.09 2.57 -21.48
N VAL A 181 29.40 1.50 -20.72
CA VAL A 181 30.52 0.60 -21.02
C VAL A 181 30.13 -0.91 -21.10
N ASN A 182 28.83 -1.22 -21.12
CA ASN A 182 28.32 -2.59 -21.09
C ASN A 182 29.06 -3.48 -20.05
N LYS A 183 28.94 -3.06 -18.79
CA LYS A 183 29.51 -3.74 -17.62
C LYS A 183 28.37 -3.80 -16.61
N SER A 184 28.16 -4.98 -15.99
CA SER A 184 27.13 -5.21 -14.99
C SER A 184 27.43 -4.39 -13.74
N GLN A 185 26.38 -3.90 -13.07
CA GLN A 185 26.51 -3.07 -11.87
C GLN A 185 25.68 -3.68 -10.76
N THR A 186 26.09 -3.49 -9.50
CA THR A 186 25.35 -3.99 -8.32
C THR A 186 25.18 -2.88 -7.30
N ILE A 187 23.96 -2.69 -6.81
CA ILE A 187 23.66 -1.74 -5.74
C ILE A 187 23.44 -2.58 -4.45
N ILE A 188 24.38 -2.48 -3.50
CA ILE A 188 24.33 -3.18 -2.21
C ILE A 188 23.73 -2.26 -1.15
N VAL A 189 22.52 -2.58 -0.65
CA VAL A 189 21.80 -1.81 0.39
C VAL A 189 21.90 -2.57 1.71
N SER A 190 22.70 -2.04 2.66
CA SER A 190 22.85 -2.71 3.95
C SER A 190 22.67 -1.75 5.13
N GLY A 191 22.55 -2.32 6.32
CA GLY A 191 22.35 -1.62 7.58
C GLY A 191 21.60 -2.47 8.58
N GLU A 192 21.43 -1.95 9.81
CA GLU A 192 20.67 -2.56 10.93
C GLU A 192 19.21 -2.74 10.54
N SER A 193 18.43 -3.47 11.36
CA SER A 193 17.00 -3.55 11.11
C SER A 193 16.36 -2.24 11.62
N GLY A 194 15.62 -1.58 10.72
CA GLY A 194 14.94 -0.34 11.02
C GLY A 194 15.70 0.87 10.55
N ALA A 195 16.72 0.66 9.70
CA ALA A 195 17.59 1.70 9.15
C ALA A 195 17.06 2.21 7.83
N GLY A 196 16.05 1.51 7.30
CA GLY A 196 15.36 1.91 6.08
C GLY A 196 15.92 1.34 4.79
N LYS A 197 16.44 0.08 4.84
CA LYS A 197 16.95 -0.61 3.67
C LYS A 197 15.78 -0.94 2.76
N THR A 198 14.65 -1.40 3.35
CA THR A 198 13.41 -1.77 2.67
C THR A 198 12.94 -0.65 1.76
N GLU A 199 12.90 0.57 2.30
CA GLU A 199 12.49 1.77 1.60
C GLU A 199 13.48 2.12 0.52
N ALA A 200 14.80 2.09 0.80
CA ALA A 200 15.84 2.41 -0.17
C ALA A 200 15.74 1.51 -1.39
N THR A 201 15.50 0.20 -1.17
CA THR A 201 15.33 -0.77 -2.24
C THR A 201 14.07 -0.48 -3.01
N LYS A 202 12.92 -0.22 -2.32
CA LYS A 202 11.62 0.07 -2.96
C LYS A 202 11.67 1.30 -3.84
N GLN A 203 12.45 2.36 -3.44
CA GLN A 203 12.62 3.64 -4.16
C GLN A 203 13.49 3.49 -5.37
N ILE A 204 14.63 2.79 -5.25
CA ILE A 204 15.55 2.51 -6.35
C ILE A 204 14.79 1.76 -7.45
N MET A 205 14.02 0.71 -7.09
CA MET A 205 13.23 -0.06 -8.04
C MET A 205 12.18 0.79 -8.77
N ARG A 206 11.57 1.77 -8.07
CA ARG A 206 10.58 2.71 -8.64
C ARG A 206 11.26 3.67 -9.60
N TYR A 207 12.52 4.06 -9.32
CA TYR A 207 13.33 4.92 -10.19
C TYR A 207 13.53 4.15 -11.51
N PHE A 208 14.11 2.94 -11.41
CA PHE A 208 14.36 2.04 -12.53
C PHE A 208 13.09 1.75 -13.35
N ALA A 209 11.91 1.69 -12.72
CA ALA A 209 10.61 1.42 -13.38
C ALA A 209 10.12 2.62 -14.19
N SER A 210 10.47 3.86 -13.78
CA SER A 210 10.08 5.08 -14.47
C SER A 210 10.82 5.17 -15.80
N SER A 211 10.06 5.09 -16.90
CA SER A 211 10.60 5.16 -18.25
C SER A 211 10.25 6.50 -18.87
N LYS A 212 11.22 7.12 -19.60
CA LYS A 212 11.04 8.39 -20.29
C LYS A 212 9.88 8.23 -21.31
N SER A 213 10.06 7.37 -22.33
CA SER A 213 9.05 7.08 -23.34
C SER A 213 8.40 5.74 -23.03
N GLY A 214 7.09 5.74 -22.78
CA GLY A 214 6.33 4.54 -22.46
C GLY A 214 6.07 3.64 -23.67
N ASN A 215 7.12 3.43 -24.49
CA ASN A 215 7.13 2.65 -25.72
C ASN A 215 7.95 1.37 -25.46
N MET A 216 7.38 0.50 -24.61
CA MET A 216 7.95 -0.75 -24.12
C MET A 216 6.84 -1.54 -23.44
N ASP A 217 6.91 -2.89 -23.50
CA ASP A 217 5.93 -3.77 -22.86
C ASP A 217 6.20 -3.84 -21.36
N LEU A 218 5.18 -3.51 -20.55
CA LEU A 218 5.29 -3.50 -19.10
C LEU A 218 4.68 -4.71 -18.38
N ARG A 219 4.47 -5.83 -19.10
CA ARG A 219 3.92 -7.05 -18.49
C ARG A 219 4.82 -7.54 -17.35
N ILE A 220 6.15 -7.72 -17.65
CA ILE A 220 7.17 -8.18 -16.69
C ILE A 220 7.41 -7.13 -15.60
N GLN A 221 7.53 -5.86 -15.95
CA GLN A 221 7.75 -4.78 -14.98
C GLN A 221 6.66 -4.72 -13.89
N THR A 222 5.38 -4.90 -14.29
CA THR A 222 4.23 -4.91 -13.40
C THR A 222 4.31 -6.13 -12.48
N ALA A 223 4.88 -7.25 -12.94
CA ALA A 223 5.04 -8.46 -12.12
C ALA A 223 6.14 -8.25 -11.07
N ILE A 224 7.27 -7.64 -11.47
CA ILE A 224 8.41 -7.32 -10.61
C ILE A 224 8.02 -6.31 -9.53
N MET A 225 7.30 -5.24 -9.93
CA MET A 225 6.85 -4.20 -9.01
C MET A 225 5.78 -4.69 -8.07
N ALA A 226 4.99 -5.68 -8.53
CA ALA A 226 3.93 -6.31 -7.73
C ALA A 226 4.52 -7.28 -6.74
N ALA A 227 5.79 -7.72 -6.91
CA ALA A 227 6.44 -8.67 -6.04
C ALA A 227 6.67 -8.14 -4.64
N ASN A 228 7.07 -6.85 -4.48
CA ASN A 228 7.34 -6.26 -3.15
C ASN A 228 6.20 -6.49 -2.11
N PRO A 229 4.87 -6.19 -2.36
CA PRO A 229 3.84 -6.48 -1.34
C PRO A 229 3.77 -7.94 -0.92
N VAL A 230 3.99 -8.87 -1.89
CA VAL A 230 3.97 -10.32 -1.70
C VAL A 230 5.18 -10.77 -0.88
N LEU A 231 6.39 -10.35 -1.31
CA LEU A 231 7.64 -10.66 -0.63
C LEU A 231 7.62 -10.18 0.80
N GLU A 232 7.05 -8.98 1.05
CA GLU A 232 6.90 -8.37 2.38
C GLU A 232 5.89 -9.15 3.22
N ALA A 233 4.74 -9.54 2.65
CA ALA A 233 3.70 -10.31 3.32
C ALA A 233 4.23 -11.65 3.84
N PHE A 234 5.05 -12.35 3.04
CA PHE A 234 5.57 -13.66 3.38
C PHE A 234 6.91 -13.68 4.09
N GLY A 235 7.78 -12.70 3.83
CA GLY A 235 9.14 -12.67 4.37
C GLY A 235 9.49 -11.56 5.33
N ASN A 236 8.51 -10.67 5.64
CA ASN A 236 8.73 -9.57 6.58
C ASN A 236 7.80 -9.78 7.74
N ALA A 237 8.19 -9.30 8.94
CA ALA A 237 7.43 -9.44 10.19
C ALA A 237 7.68 -8.28 11.11
N LYS A 238 6.70 -7.98 12.01
CA LYS A 238 6.82 -6.94 13.02
C LYS A 238 7.69 -7.45 14.18
N THR A 239 8.79 -6.76 14.41
CA THR A 239 9.75 -7.03 15.48
C THR A 239 9.67 -5.86 16.44
N ILE A 240 10.36 -5.93 17.58
CA ILE A 240 10.37 -4.82 18.55
C ILE A 240 11.09 -3.59 17.96
N ARG A 241 12.09 -3.81 17.05
CA ARG A 241 12.90 -2.79 16.38
C ARG A 241 12.27 -2.22 15.08
N ASN A 242 11.42 -3.00 14.40
CA ASN A 242 10.84 -2.59 13.11
C ASN A 242 9.44 -3.13 12.94
N ASN A 243 8.51 -2.30 12.49
CA ASN A 243 7.14 -2.75 12.24
C ASN A 243 7.00 -3.53 10.94
N ASN A 244 8.06 -3.53 10.11
CA ASN A 244 8.13 -4.22 8.82
C ASN A 244 9.56 -4.68 8.58
N SER A 245 10.04 -5.62 9.41
CA SER A 245 11.40 -6.12 9.30
C SER A 245 11.50 -7.25 8.30
N SER A 246 12.50 -7.15 7.40
CA SER A 246 12.80 -8.14 6.39
C SER A 246 13.57 -9.30 7.06
N ARG A 247 12.92 -10.47 7.15
CA ARG A 247 13.49 -11.66 7.79
C ARG A 247 14.24 -12.59 6.82
N PHE A 248 14.75 -12.03 5.70
CA PHE A 248 15.51 -12.73 4.65
C PHE A 248 16.45 -11.78 3.91
N GLY A 249 17.39 -12.34 3.18
CA GLY A 249 18.31 -11.60 2.32
C GLY A 249 17.73 -11.60 0.92
N ARG A 250 17.72 -10.45 0.26
CA ARG A 250 17.18 -10.41 -1.08
C ARG A 250 18.23 -10.04 -2.10
N PHE A 251 18.25 -10.76 -3.23
CA PHE A 251 19.11 -10.48 -4.37
C PHE A 251 18.25 -10.47 -5.63
N MET A 252 18.49 -9.48 -6.49
CA MET A 252 17.76 -9.32 -7.73
C MET A 252 18.71 -8.99 -8.85
N GLN A 253 18.37 -9.48 -10.04
CA GLN A 253 19.06 -9.21 -11.28
C GLN A 253 18.04 -8.54 -12.15
N LEU A 254 18.39 -7.43 -12.72
CA LEU A 254 17.45 -6.71 -13.56
C LEU A 254 18.08 -6.31 -14.89
N VAL A 255 17.23 -6.22 -15.91
CA VAL A 255 17.59 -5.75 -17.24
C VAL A 255 16.74 -4.46 -17.36
N ILE A 256 17.43 -3.30 -17.38
CA ILE A 256 16.76 -1.99 -17.46
C ILE A 256 17.12 -1.28 -18.75
N SER A 257 16.11 -0.70 -19.44
CA SER A 257 16.30 0.08 -20.66
C SER A 257 17.05 1.38 -20.32
N HIS A 258 17.84 1.95 -21.26
CA HIS A 258 18.59 3.20 -21.02
C HIS A 258 17.64 4.38 -20.70
N GLU A 259 16.44 4.38 -21.32
CA GLU A 259 15.35 5.36 -21.11
C GLU A 259 14.66 5.12 -19.76
N GLY A 260 14.90 3.95 -19.16
CA GLY A 260 14.27 3.48 -17.94
C GLY A 260 13.28 2.39 -18.30
N GLY A 261 12.81 1.67 -17.29
CA GLY A 261 11.86 0.59 -17.48
C GLY A 261 12.53 -0.75 -17.31
N ILE A 262 11.90 -1.63 -16.55
CA ILE A 262 12.46 -2.96 -16.28
C ILE A 262 11.97 -3.96 -17.33
N ARG A 263 12.88 -4.41 -18.20
CA ARG A 263 12.63 -5.37 -19.27
C ARG A 263 12.50 -6.77 -18.70
N TYR A 264 13.51 -7.23 -17.93
CA TYR A 264 13.59 -8.55 -17.27
C TYR A 264 14.11 -8.47 -15.84
N GLY A 265 13.85 -9.51 -15.05
CA GLY A 265 14.28 -9.63 -13.67
C GLY A 265 14.32 -11.05 -13.13
N SER A 266 15.06 -11.26 -12.03
CA SER A 266 15.19 -12.54 -11.31
C SER A 266 15.42 -12.28 -9.82
N VAL A 267 14.57 -12.86 -8.95
CA VAL A 267 14.61 -12.70 -7.49
C VAL A 267 15.18 -13.95 -6.80
N VAL A 268 16.04 -13.73 -5.79
CA VAL A 268 16.66 -14.76 -4.95
C VAL A 268 16.47 -14.34 -3.48
N ALA A 269 15.85 -15.22 -2.67
CA ALA A 269 15.62 -15.04 -1.24
C ALA A 269 16.47 -16.08 -0.50
N PHE A 270 17.22 -15.64 0.51
CA PHE A 270 18.03 -16.56 1.26
C PHE A 270 17.94 -16.30 2.75
N LEU A 271 18.12 -17.38 3.53
CA LEU A 271 18.15 -17.42 4.99
C LEU A 271 16.87 -16.92 5.69
N LEU A 272 15.70 -17.31 5.22
CA LEU A 272 14.47 -16.91 5.89
C LEU A 272 14.45 -17.46 7.33
N GLU A 273 14.02 -16.63 8.30
CA GLU A 273 13.88 -16.94 9.73
C GLU A 273 12.71 -17.93 9.93
N LYS A 274 13.00 -19.25 9.78
CA LYS A 274 12.03 -20.34 9.93
C LYS A 274 11.40 -20.38 11.33
N SER A 275 12.23 -20.11 12.38
CA SER A 275 11.79 -20.14 13.79
C SER A 275 10.54 -19.31 14.06
N ARG A 276 10.42 -18.14 13.39
CA ARG A 276 9.29 -17.21 13.52
C ARG A 276 7.90 -17.76 13.13
N ILE A 277 7.83 -18.79 12.28
CA ILE A 277 6.56 -19.39 11.84
C ILE A 277 5.87 -20.08 13.04
N ILE A 278 6.68 -20.74 13.89
CA ILE A 278 6.31 -21.52 15.07
C ILE A 278 6.11 -20.70 16.33
N THR A 279 7.09 -19.84 16.66
CA THR A 279 7.09 -19.04 17.88
C THR A 279 7.61 -17.59 17.68
N GLN A 280 7.03 -16.65 18.45
CA GLN A 280 7.40 -15.23 18.44
C GLN A 280 7.55 -14.70 19.86
N ASP A 281 8.53 -13.79 20.07
CA ASP A 281 8.77 -13.11 21.36
C ASP A 281 7.57 -12.24 21.67
N ASP A 282 7.56 -11.58 22.83
CA ASP A 282 6.42 -10.73 23.09
C ASP A 282 6.65 -9.38 22.47
N ASN A 283 5.54 -8.78 21.98
CA ASN A 283 5.50 -7.51 21.25
C ASN A 283 6.14 -7.68 19.84
N GLU A 284 6.07 -8.91 19.34
CA GLU A 284 6.54 -9.37 18.03
C GLU A 284 5.46 -10.25 17.40
N ARG A 285 5.30 -10.17 16.08
CA ARG A 285 4.31 -10.96 15.36
C ARG A 285 5.02 -11.94 14.45
N SER A 286 4.28 -12.92 13.90
CA SER A 286 4.84 -13.80 12.89
C SER A 286 4.78 -12.99 11.58
N TYR A 287 4.91 -13.65 10.41
CA TYR A 287 4.89 -12.95 9.13
C TYR A 287 3.56 -12.25 8.91
N HIS A 288 3.60 -11.10 8.20
CA HIS A 288 2.43 -10.27 7.91
C HIS A 288 1.26 -11.02 7.30
N ILE A 289 1.54 -11.99 6.42
CA ILE A 289 0.54 -12.75 5.65
C ILE A 289 -0.52 -13.42 6.55
N PHE A 290 -0.11 -14.03 7.68
CA PHE A 290 -1.02 -14.72 8.59
C PHE A 290 -2.11 -13.81 9.10
N TYR A 291 -1.71 -12.58 9.50
CA TYR A 291 -2.56 -11.52 10.04
C TYR A 291 -3.42 -10.90 8.92
N GLN A 292 -2.82 -10.65 7.74
CA GLN A 292 -3.49 -10.07 6.57
C GLN A 292 -4.61 -10.99 6.10
N PHE A 293 -4.32 -12.30 6.01
CA PHE A 293 -5.24 -13.35 5.55
C PHE A 293 -6.38 -13.57 6.56
N LEU A 294 -6.06 -13.77 7.86
CA LEU A 294 -7.06 -14.02 8.90
C LEU A 294 -8.03 -12.87 9.14
N LYS A 295 -7.61 -11.65 8.85
CA LYS A 295 -8.42 -10.44 9.02
C LYS A 295 -9.10 -10.03 7.70
N GLY A 296 -8.35 -10.10 6.59
CA GLY A 296 -8.82 -9.64 5.29
C GLY A 296 -9.61 -10.58 4.42
N ALA A 297 -9.49 -11.92 4.65
CA ALA A 297 -10.22 -12.90 3.83
C ALA A 297 -11.73 -12.81 4.03
N ASN A 298 -12.48 -12.90 2.92
CA ASN A 298 -13.95 -12.86 2.89
C ASN A 298 -14.56 -14.11 3.54
N SER A 299 -15.81 -13.98 4.05
CA SER A 299 -16.59 -15.02 4.73
C SER A 299 -16.68 -16.34 3.97
N THR A 300 -16.58 -16.29 2.61
CA THR A 300 -16.55 -17.44 1.71
C THR A 300 -15.27 -18.29 1.95
N MET A 301 -14.08 -17.62 1.93
CA MET A 301 -12.77 -18.24 2.20
C MET A 301 -12.65 -18.64 3.66
N LYS A 302 -13.20 -17.80 4.55
CA LYS A 302 -13.23 -18.05 5.99
C LYS A 302 -13.97 -19.35 6.27
N SER A 303 -15.07 -19.60 5.55
CA SER A 303 -15.85 -20.82 5.70
C SER A 303 -15.18 -22.01 5.01
N LYS A 304 -14.71 -21.82 3.74
CA LYS A 304 -14.05 -22.84 2.90
C LYS A 304 -12.82 -23.45 3.62
N PHE A 305 -11.96 -22.58 4.19
CA PHE A 305 -10.74 -22.95 4.88
C PHE A 305 -10.89 -23.11 6.40
N GLY A 306 -12.11 -22.92 6.92
CA GLY A 306 -12.44 -23.05 8.35
C GLY A 306 -11.56 -22.19 9.23
N LEU A 307 -11.43 -20.91 8.84
CA LEU A 307 -10.56 -19.96 9.50
C LEU A 307 -11.15 -19.36 10.75
N LYS A 308 -10.36 -19.32 11.80
CA LYS A 308 -10.71 -18.72 13.08
C LYS A 308 -10.13 -17.27 13.12
N GLY A 309 -10.13 -16.65 14.29
CA GLY A 309 -9.59 -15.30 14.46
C GLY A 309 -8.09 -15.32 14.71
N VAL A 310 -7.46 -14.14 14.55
CA VAL A 310 -6.02 -13.93 14.75
C VAL A 310 -5.51 -14.40 16.14
N THR A 311 -6.40 -14.42 17.14
CA THR A 311 -6.06 -14.79 18.53
C THR A 311 -6.29 -16.30 18.85
N GLU A 312 -6.92 -17.02 17.91
CA GLU A 312 -7.28 -18.44 18.05
C GLU A 312 -6.25 -19.46 17.49
N TYR A 313 -5.00 -19.01 17.19
CA TYR A 313 -3.99 -19.92 16.63
C TYR A 313 -2.74 -20.05 17.50
N LYS A 314 -2.30 -21.31 17.76
CA LYS A 314 -1.10 -21.59 18.57
C LYS A 314 0.20 -20.99 17.99
N LEU A 315 0.32 -20.95 16.64
CA LEU A 315 1.49 -20.43 15.94
C LEU A 315 1.60 -18.90 15.93
N LEU A 316 0.50 -18.18 16.16
CA LEU A 316 0.46 -16.70 16.22
C LEU A 316 0.35 -16.18 17.65
N ASN A 317 1.19 -15.20 18.04
CA ASN A 317 1.12 -14.60 19.38
C ASN A 317 -0.22 -13.85 19.49
N PRO A 318 -1.08 -14.21 20.49
CA PRO A 318 -2.43 -13.58 20.58
C PRO A 318 -2.44 -12.16 21.10
N ASN A 319 -1.49 -11.87 21.97
CA ASN A 319 -1.32 -10.57 22.63
C ASN A 319 -0.81 -9.49 21.67
N SER A 320 0.00 -9.86 20.66
CA SER A 320 0.64 -8.97 19.71
C SER A 320 0.00 -8.90 18.31
N THR A 321 -1.23 -9.39 18.11
CA THR A 321 -1.93 -9.42 16.80
C THR A 321 -2.17 -8.06 16.11
N GLU A 322 -2.16 -6.95 16.87
CA GLU A 322 -2.40 -5.61 16.33
C GLU A 322 -1.13 -4.74 16.30
N VAL A 323 -0.89 -4.07 15.15
CA VAL A 323 0.24 -3.14 14.95
C VAL A 323 -0.40 -1.77 14.62
N SER A 324 -0.03 -0.73 15.38
CA SER A 324 -0.53 0.63 15.19
C SER A 324 0.02 1.19 13.88
N GLY A 325 -0.91 1.67 13.06
CA GLY A 325 -0.62 2.23 11.76
C GLY A 325 -0.68 1.24 10.61
N VAL A 326 -0.78 -0.07 10.93
CA VAL A 326 -0.84 -1.17 9.95
C VAL A 326 -2.28 -1.71 9.74
N ASP A 327 -2.81 -1.52 8.52
CA ASP A 327 -4.11 -2.03 8.13
C ASP A 327 -3.87 -3.37 7.42
N ASP A 328 -3.95 -4.50 8.16
CA ASP A 328 -3.71 -5.83 7.58
C ASP A 328 -4.72 -6.21 6.48
N VAL A 329 -5.97 -5.69 6.57
CA VAL A 329 -7.09 -5.93 5.63
C VAL A 329 -6.83 -5.24 4.28
N LYS A 330 -6.36 -3.98 4.30
CA LYS A 330 -6.03 -3.23 3.08
C LYS A 330 -4.76 -3.80 2.45
N ASP A 331 -3.82 -4.27 3.30
CA ASP A 331 -2.58 -4.89 2.86
C ASP A 331 -2.90 -6.21 2.18
N PHE A 332 -3.93 -6.94 2.65
CA PHE A 332 -4.39 -8.23 2.06
C PHE A 332 -4.92 -8.02 0.64
N GLU A 333 -5.67 -6.92 0.41
CA GLU A 333 -6.22 -6.52 -0.90
C GLU A 333 -5.07 -6.23 -1.88
N GLU A 334 -4.00 -5.61 -1.39
CA GLU A 334 -2.81 -5.23 -2.15
C GLU A 334 -2.02 -6.48 -2.53
N VAL A 335 -1.92 -7.46 -1.62
CA VAL A 335 -1.21 -8.71 -1.83
C VAL A 335 -1.93 -9.55 -2.91
N ILE A 336 -3.25 -9.76 -2.75
CA ILE A 336 -4.10 -10.52 -3.67
C ILE A 336 -4.00 -9.91 -5.07
N GLU A 337 -4.10 -8.58 -5.17
CA GLU A 337 -3.99 -7.89 -6.45
C GLU A 337 -2.61 -8.09 -7.10
N SER A 338 -1.55 -8.10 -6.24
CA SER A 338 -0.17 -8.30 -6.65
C SER A 338 0.07 -9.72 -7.17
N LEU A 339 -0.53 -10.74 -6.51
CA LEU A 339 -0.45 -12.15 -6.91
C LEU A 339 -1.06 -12.33 -8.31
N LYS A 340 -2.16 -11.57 -8.61
CA LYS A 340 -2.84 -11.57 -9.92
C LYS A 340 -1.91 -10.96 -10.97
N ASN A 341 -1.16 -9.88 -10.59
CA ASN A 341 -0.20 -9.17 -11.45
C ASN A 341 1.10 -9.96 -11.67
N MET A 342 1.23 -11.12 -10.99
CA MET A 342 2.34 -12.08 -11.01
C MET A 342 1.92 -13.27 -11.87
N GLU A 343 0.77 -13.10 -12.54
CA GLU A 343 0.14 -14.06 -13.45
C GLU A 343 -0.15 -15.41 -12.77
N LEU A 344 -0.85 -15.35 -11.63
CA LEU A 344 -1.33 -16.50 -10.85
C LEU A 344 -2.86 -16.45 -10.98
N SER A 345 -3.49 -17.58 -11.36
CA SER A 345 -4.95 -17.67 -11.52
C SER A 345 -5.66 -17.67 -10.17
N GLU A 346 -6.98 -17.50 -10.17
CA GLU A 346 -7.81 -17.49 -8.95
C GLU A 346 -7.70 -18.82 -8.19
N SER A 347 -7.44 -19.91 -8.93
CA SER A 347 -7.25 -21.25 -8.41
C SER A 347 -5.89 -21.37 -7.76
N ASP A 348 -4.82 -20.88 -8.43
CA ASP A 348 -3.43 -20.86 -7.95
C ASP A 348 -3.38 -20.11 -6.62
N ILE A 349 -4.08 -18.96 -6.54
CA ILE A 349 -4.21 -18.12 -5.35
C ILE A 349 -4.97 -18.89 -4.25
N GLU A 350 -6.08 -19.56 -4.60
CA GLU A 350 -6.89 -20.37 -3.69
C GLU A 350 -6.05 -21.49 -3.06
N VAL A 351 -5.09 -22.07 -3.83
CA VAL A 351 -4.16 -23.12 -3.39
C VAL A 351 -3.16 -22.53 -2.40
N ILE A 352 -2.57 -21.38 -2.75
CA ILE A 352 -1.61 -20.66 -1.90
C ILE A 352 -2.21 -20.40 -0.52
N PHE A 353 -3.45 -19.91 -0.47
CA PHE A 353 -4.10 -19.63 0.83
C PHE A 353 -4.65 -20.88 1.53
N SER A 354 -4.86 -21.99 0.77
CA SER A 354 -5.27 -23.27 1.32
C SER A 354 -4.10 -23.79 2.12
N ILE A 355 -2.86 -23.78 1.52
CA ILE A 355 -1.62 -24.20 2.17
C ILE A 355 -1.34 -23.33 3.39
N VAL A 356 -1.63 -21.99 3.34
CA VAL A 356 -1.42 -21.09 4.50
C VAL A 356 -2.35 -21.50 5.63
N ALA A 357 -3.66 -21.67 5.35
CA ALA A 357 -4.64 -22.10 6.35
C ALA A 357 -4.28 -23.48 6.92
N GLY A 358 -3.86 -24.42 6.07
CA GLY A 358 -3.39 -25.74 6.48
C GLY A 358 -2.22 -25.72 7.46
N ILE A 359 -1.21 -24.82 7.26
CA ILE A 359 -0.05 -24.65 8.17
C ILE A 359 -0.58 -24.20 9.54
N LEU A 360 -1.43 -23.15 9.56
CA LEU A 360 -2.04 -22.61 10.78
C LEU A 360 -2.86 -23.68 11.52
N THR A 361 -3.69 -24.43 10.76
CA THR A 361 -4.53 -25.51 11.27
C THR A 361 -3.67 -26.59 11.89
N LEU A 362 -2.58 -27.04 11.19
CA LEU A 362 -1.68 -28.06 11.72
C LEU A 362 -1.03 -27.67 13.04
N GLY A 363 -0.80 -26.36 13.26
CA GLY A 363 -0.19 -25.82 14.47
C GLY A 363 -1.09 -25.94 15.69
N ASN A 364 -2.41 -26.02 15.44
CA ASN A 364 -3.50 -26.16 16.42
C ASN A 364 -3.80 -27.60 16.78
N VAL A 365 -3.10 -28.55 16.13
CA VAL A 365 -3.24 -29.99 16.38
C VAL A 365 -2.39 -30.31 17.59
N ARG A 366 -3.05 -30.78 18.67
CA ARG A 366 -2.37 -31.10 19.93
C ARG A 366 -1.94 -32.55 19.92
N LEU A 367 -0.70 -32.78 20.36
CA LEU A 367 -0.08 -34.11 20.48
C LEU A 367 -0.05 -34.48 21.95
N ILE A 368 -0.22 -35.77 22.24
CA ILE A 368 -0.19 -36.34 23.60
C ILE A 368 0.68 -37.59 23.64
N GLU A 369 0.96 -38.14 24.83
CA GLU A 369 1.81 -39.34 24.95
C GLU A 369 1.03 -40.59 25.49
N LYS A 370 0.66 -41.53 24.59
CA LYS A 370 -0.10 -42.75 24.87
C LYS A 370 0.74 -43.99 25.30
N GLN A 371 0.03 -44.99 25.87
CA GLN A 371 0.51 -46.31 26.28
C GLN A 371 0.19 -47.21 25.08
N GLU A 372 1.19 -47.45 24.22
CA GLU A 372 1.02 -48.28 23.03
C GLU A 372 2.33 -48.82 22.49
N ALA A 373 2.26 -50.05 21.91
CA ALA A 373 3.36 -50.84 21.35
C ALA A 373 4.41 -51.14 22.42
N GLY A 374 3.94 -51.45 23.63
CA GLY A 374 4.80 -51.81 24.76
C GLY A 374 5.58 -50.65 25.34
N LEU A 375 5.20 -49.42 24.96
CA LEU A 375 5.83 -48.19 25.44
C LEU A 375 4.80 -47.38 26.19
N SER A 376 5.31 -46.52 27.05
CA SER A 376 4.56 -45.60 27.87
C SER A 376 4.60 -44.19 27.25
N ASP A 377 5.60 -43.90 26.38
CA ASP A 377 5.82 -42.59 25.75
C ASP A 377 5.52 -42.48 24.23
N ALA A 378 4.76 -43.41 23.67
CA ALA A 378 4.38 -43.34 22.26
C ALA A 378 3.53 -42.10 22.00
N ALA A 379 3.97 -41.19 21.12
CA ALA A 379 3.17 -40.02 20.75
C ALA A 379 1.90 -40.42 19.98
N ALA A 380 0.88 -39.54 20.04
CA ALA A 380 -0.38 -39.67 19.32
C ALA A 380 -1.07 -38.31 19.18
N ILE A 381 -1.93 -38.16 18.17
CA ILE A 381 -2.71 -36.94 17.94
C ILE A 381 -3.90 -37.03 18.90
N MET A 382 -4.22 -35.94 19.59
CA MET A 382 -5.36 -35.89 20.50
C MET A 382 -6.63 -36.23 19.73
N ASP A 383 -7.43 -37.11 20.30
CA ASP A 383 -8.67 -37.67 19.75
C ASP A 383 -9.67 -36.63 19.23
N GLU A 384 -9.80 -35.49 19.92
CA GLU A 384 -10.72 -34.43 19.47
C GLU A 384 -10.10 -33.54 18.40
N ASP A 385 -8.75 -33.66 18.22
CA ASP A 385 -7.97 -32.92 17.23
C ASP A 385 -7.75 -33.71 15.94
N MET A 386 -8.36 -34.89 15.84
CA MET A 386 -8.24 -35.75 14.67
C MET A 386 -9.03 -35.17 13.47
N GLY A 387 -10.03 -34.35 13.76
CA GLY A 387 -10.79 -33.65 12.73
C GLY A 387 -10.01 -32.47 12.20
N VAL A 388 -9.28 -31.80 13.12
CA VAL A 388 -8.41 -30.64 12.89
C VAL A 388 -7.22 -31.09 12.03
N PHE A 389 -6.60 -32.25 12.36
CA PHE A 389 -5.45 -32.79 11.62
C PHE A 389 -5.83 -33.14 10.20
N ASN A 390 -7.00 -33.76 10.02
CA ASN A 390 -7.49 -34.13 8.71
C ASN A 390 -7.79 -32.91 7.86
N LYS A 391 -8.34 -31.84 8.47
CA LYS A 391 -8.63 -30.57 7.79
C LYS A 391 -7.31 -29.94 7.31
N ALA A 392 -6.27 -29.94 8.18
CA ALA A 392 -4.93 -29.42 7.89
C ALA A 392 -4.33 -30.14 6.68
N CYS A 393 -4.43 -31.48 6.65
CA CYS A 393 -3.93 -32.29 5.54
C CYS A 393 -4.70 -32.08 4.25
N GLU A 394 -6.00 -31.89 4.36
CA GLU A 394 -6.89 -31.65 3.22
C GLU A 394 -6.51 -30.34 2.56
N LEU A 395 -6.38 -29.28 3.37
CA LEU A 395 -5.99 -27.94 2.96
C LEU A 395 -4.59 -27.92 2.31
N MET A 396 -3.62 -28.72 2.81
CA MET A 396 -2.27 -28.80 2.28
C MET A 396 -2.17 -29.80 1.13
N TYR A 397 -3.31 -30.46 0.75
CA TYR A 397 -3.43 -31.46 -0.31
C TYR A 397 -2.51 -32.67 -0.04
N LEU A 398 -2.43 -33.08 1.23
CA LEU A 398 -1.61 -34.22 1.70
C LEU A 398 -2.51 -35.36 2.22
N ASP A 399 -1.94 -36.58 2.30
CA ASP A 399 -2.63 -37.78 2.79
C ASP A 399 -2.45 -37.79 4.29
N PRO A 400 -3.53 -37.60 5.08
CA PRO A 400 -3.37 -37.60 6.54
C PRO A 400 -2.80 -38.88 7.10
N GLU A 401 -3.09 -40.05 6.48
CA GLU A 401 -2.58 -41.34 6.95
C GLU A 401 -1.09 -41.46 6.83
N LEU A 402 -0.53 -40.94 5.72
CA LEU A 402 0.92 -40.94 5.48
C LEU A 402 1.65 -39.88 6.29
N ILE A 403 1.01 -38.73 6.52
CA ILE A 403 1.57 -37.63 7.34
C ILE A 403 1.60 -38.07 8.81
N LYS A 404 0.50 -38.71 9.29
CA LYS A 404 0.34 -39.27 10.64
C LYS A 404 1.46 -40.28 10.93
N ARG A 405 1.66 -41.27 10.03
CA ARG A 405 2.69 -42.31 10.12
C ARG A 405 4.08 -41.71 10.24
N GLU A 406 4.33 -40.59 9.53
CA GLU A 406 5.65 -39.98 9.52
C GLU A 406 6.01 -39.29 10.81
N ILE A 407 5.02 -38.64 11.42
CA ILE A 407 5.14 -37.89 12.66
C ILE A 407 5.22 -38.84 13.89
N LEU A 408 4.40 -39.92 13.91
CA LEU A 408 4.27 -40.85 15.04
C LEU A 408 5.18 -42.07 15.01
N ILE A 409 5.36 -42.70 13.83
CA ILE A 409 6.16 -43.91 13.67
C ILE A 409 7.60 -43.55 13.25
N LYS A 410 8.58 -44.27 13.85
CA LYS A 410 10.03 -44.12 13.68
C LYS A 410 10.61 -45.41 13.11
N VAL A 411 11.05 -45.38 11.85
CA VAL A 411 11.63 -46.54 11.18
C VAL A 411 13.15 -46.41 11.11
N THR A 412 13.84 -47.46 11.59
CA THR A 412 15.29 -47.65 11.59
C THR A 412 15.51 -48.77 10.56
N VAL A 413 16.12 -48.41 9.42
CA VAL A 413 16.33 -49.31 8.28
C VAL A 413 17.67 -50.12 8.37
N ALA A 414 18.38 -50.05 9.53
CA ALA A 414 19.66 -50.73 9.77
C ALA A 414 19.75 -52.23 9.32
N GLY A 415 20.77 -52.54 8.50
CA GLY A 415 21.11 -53.85 7.94
C GLY A 415 20.33 -54.30 6.71
N GLY A 416 19.46 -53.43 6.21
CA GLY A 416 18.51 -53.70 5.14
C GLY A 416 17.14 -53.91 5.76
N THR A 417 17.17 -54.44 7.00
CA THR A 417 16.08 -54.76 7.93
C THR A 417 15.38 -53.53 8.52
N LYS A 418 14.07 -53.44 8.27
CA LYS A 418 13.27 -52.36 8.78
C LYS A 418 12.79 -52.68 10.20
N ILE A 419 13.33 -51.93 11.18
CA ILE A 419 12.97 -52.03 12.60
C ILE A 419 12.03 -50.84 12.92
N GLU A 420 10.74 -51.14 13.08
CA GLU A 420 9.66 -50.17 13.32
C GLU A 420 9.43 -49.88 14.79
N GLY A 421 9.50 -48.59 15.13
CA GLY A 421 9.30 -48.06 16.48
C GLY A 421 8.29 -46.94 16.54
N ARG A 422 8.41 -46.09 17.57
CA ARG A 422 7.51 -44.96 17.76
C ARG A 422 8.31 -43.75 18.23
N TRP A 423 7.81 -42.55 17.92
CA TRP A 423 8.42 -41.28 18.33
C TRP A 423 7.73 -40.85 19.60
N ASN A 424 8.46 -40.17 20.52
CA ASN A 424 7.86 -39.63 21.74
C ASN A 424 7.19 -38.28 21.44
N LYS A 425 6.28 -37.79 22.31
CA LYS A 425 5.57 -36.52 22.14
C LYS A 425 6.49 -35.34 21.79
N ASN A 426 7.70 -35.28 22.38
CA ASN A 426 8.67 -34.22 22.14
C ASN A 426 9.27 -34.28 20.75
N ASP A 427 9.73 -35.47 20.31
CA ASP A 427 10.27 -35.70 18.97
C ASP A 427 9.21 -35.60 17.87
N ALA A 428 7.95 -35.96 18.16
CA ALA A 428 6.87 -35.85 17.20
C ALA A 428 6.41 -34.39 17.05
N GLU A 429 6.55 -33.60 18.12
CA GLU A 429 6.22 -32.19 18.11
C GLU A 429 7.25 -31.45 17.25
N VAL A 430 8.53 -31.92 17.28
CA VAL A 430 9.63 -31.40 16.46
C VAL A 430 9.33 -31.64 14.96
N LEU A 431 8.91 -32.86 14.61
CA LEU A 431 8.53 -33.24 13.26
C LEU A 431 7.30 -32.46 12.75
N LYS A 432 6.26 -32.27 13.60
CA LYS A 432 5.04 -31.53 13.24
C LYS A 432 5.37 -30.09 12.99
N SER A 433 6.35 -29.54 13.75
CA SER A 433 6.81 -28.16 13.65
C SER A 433 7.65 -27.94 12.40
N SER A 434 8.53 -28.92 12.09
CA SER A 434 9.38 -28.89 10.89
C SER A 434 8.53 -28.88 9.63
N LEU A 435 7.37 -29.55 9.65
CA LEU A 435 6.46 -29.62 8.52
C LEU A 435 5.80 -28.28 8.26
N CYS A 436 5.42 -27.53 9.30
CA CYS A 436 4.84 -26.19 9.16
C CYS A 436 5.87 -25.25 8.57
N LYS A 437 7.11 -25.30 9.06
CA LYS A 437 8.22 -24.47 8.64
C LYS A 437 8.64 -24.73 7.20
N ALA A 438 8.78 -26.03 6.83
CA ALA A 438 9.16 -26.42 5.49
C ALA A 438 8.10 -26.03 4.51
N MET A 439 6.81 -26.31 4.80
CA MET A 439 5.70 -25.94 3.91
C MET A 439 5.67 -24.46 3.66
N TYR A 440 5.88 -23.65 4.71
CA TYR A 440 5.88 -22.19 4.59
C TYR A 440 7.04 -21.70 3.77
N GLU A 441 8.28 -22.13 4.09
CA GLU A 441 9.47 -21.70 3.38
C GLU A 441 9.39 -22.09 1.92
N LYS A 442 9.01 -23.35 1.63
CA LYS A 442 8.91 -23.83 0.26
C LYS A 442 7.75 -23.20 -0.50
N LEU A 443 6.66 -22.73 0.18
CA LEU A 443 5.55 -22.03 -0.46
C LEU A 443 6.07 -20.64 -0.88
N PHE A 444 6.80 -19.98 0.02
CA PHE A 444 7.43 -18.69 -0.22
C PHE A 444 8.42 -18.83 -1.39
N LEU A 445 9.30 -19.85 -1.36
CA LEU A 445 10.27 -20.12 -2.43
C LEU A 445 9.57 -20.48 -3.74
N TRP A 446 8.40 -21.13 -3.69
CA TRP A 446 7.65 -21.48 -4.90
C TRP A 446 7.12 -20.21 -5.55
N ILE A 447 6.46 -19.32 -4.76
CA ILE A 447 5.92 -18.03 -5.22
C ILE A 447 7.01 -17.22 -5.97
N ILE A 448 8.28 -17.27 -5.46
CA ILE A 448 9.44 -16.62 -6.08
C ILE A 448 9.82 -17.33 -7.40
N ARG A 449 9.90 -18.69 -7.40
CA ARG A 449 10.20 -19.54 -8.56
C ARG A 449 9.18 -19.32 -9.67
N HIS A 450 7.89 -19.16 -9.30
CA HIS A 450 6.81 -18.87 -10.23
C HIS A 450 7.12 -17.54 -10.90
N LEU A 451 7.23 -16.45 -10.08
CA LEU A 451 7.51 -15.10 -10.54
C LEU A 451 8.69 -15.12 -11.50
N ASN A 452 9.86 -15.75 -11.14
CA ASN A 452 11.04 -15.89 -11.99
C ASN A 452 10.79 -16.51 -13.35
N SER A 453 9.91 -17.53 -13.44
CA SER A 453 9.59 -18.20 -14.71
C SER A 453 8.90 -17.24 -15.69
N ARG A 454 8.18 -16.24 -15.12
CA ARG A 454 7.43 -15.19 -15.82
C ARG A 454 8.26 -13.97 -16.14
N ILE A 455 9.29 -13.65 -15.33
CA ILE A 455 10.06 -12.40 -15.45
C ILE A 455 11.51 -12.56 -15.95
N GLU A 456 12.07 -13.77 -15.93
CA GLU A 456 13.46 -14.04 -16.33
C GLU A 456 13.68 -13.95 -17.85
N PRO A 457 14.90 -13.55 -18.31
CA PRO A 457 15.17 -13.54 -19.76
C PRO A 457 15.39 -14.96 -20.29
N GLU A 458 15.21 -15.15 -21.60
CA GLU A 458 15.32 -16.44 -22.26
C GLU A 458 16.72 -17.05 -22.15
N GLY A 459 17.73 -16.36 -22.62
CA GLY A 459 19.09 -16.92 -22.56
C GLY A 459 19.85 -16.67 -21.27
N GLY A 460 19.16 -16.19 -20.25
CA GLY A 460 19.77 -15.80 -18.97
C GLY A 460 20.28 -14.38 -19.08
N PHE A 461 21.01 -13.90 -18.05
CA PHE A 461 21.52 -12.54 -18.05
C PHE A 461 22.92 -12.50 -18.60
N LYS A 462 23.26 -11.39 -19.26
CA LYS A 462 24.61 -11.14 -19.75
C LYS A 462 25.06 -9.94 -18.92
N THR A 463 24.58 -8.75 -19.29
CA THR A 463 24.79 -7.51 -18.57
C THR A 463 23.47 -7.21 -17.82
N PHE A 464 23.56 -7.09 -16.50
CA PHE A 464 22.41 -6.90 -15.61
C PHE A 464 22.72 -5.82 -14.52
N MET A 465 21.67 -5.42 -13.79
CA MET A 465 21.71 -4.55 -12.62
C MET A 465 21.41 -5.47 -11.44
N GLY A 466 22.42 -5.68 -10.60
CA GLY A 466 22.33 -6.44 -9.36
C GLY A 466 21.83 -5.57 -8.23
N MET A 467 21.09 -6.16 -7.29
CA MET A 467 20.49 -5.41 -6.18
C MET A 467 20.40 -6.27 -4.92
N LEU A 468 21.38 -6.15 -4.02
CA LEU A 468 21.41 -6.91 -2.77
C LEU A 468 20.90 -6.10 -1.59
N ASP A 469 20.03 -6.71 -0.77
CA ASP A 469 19.46 -6.16 0.47
C ASP A 469 19.72 -7.13 1.61
N ILE A 470 20.67 -6.79 2.46
CA ILE A 470 21.09 -7.65 3.56
C ILE A 470 21.33 -6.81 4.79
N PHE A 471 21.46 -7.45 5.94
CA PHE A 471 21.84 -6.74 7.14
C PHE A 471 23.35 -6.55 7.05
N GLY A 472 23.84 -5.48 7.69
CA GLY A 472 25.26 -5.17 7.80
C GLY A 472 25.83 -6.03 8.91
N PHE A 473 27.01 -5.66 9.46
CA PHE A 473 27.61 -6.43 10.55
C PHE A 473 26.74 -6.42 11.80
N GLU A 474 26.38 -7.61 12.31
CA GLU A 474 25.50 -7.78 13.47
C GLU A 474 26.35 -8.05 14.70
N VAL A 475 26.18 -7.25 15.76
CA VAL A 475 26.90 -7.39 17.02
C VAL A 475 25.92 -7.25 18.20
N PHE A 476 25.30 -8.35 18.58
CA PHE A 476 24.39 -8.34 19.73
C PHE A 476 25.17 -8.91 20.92
N LYS A 477 24.49 -9.02 22.09
CA LYS A 477 25.03 -9.60 23.31
C LYS A 477 25.23 -11.10 23.01
N ASN A 478 24.19 -11.75 22.48
CA ASN A 478 24.20 -13.16 22.11
C ASN A 478 24.10 -13.32 20.58
N ASN A 479 25.26 -13.45 19.89
CA ASN A 479 25.26 -13.65 18.43
C ASN A 479 25.20 -15.14 18.15
N SER A 480 24.17 -15.61 17.41
CA SER A 480 24.00 -17.01 17.05
C SER A 480 24.41 -17.32 15.59
N LEU A 481 23.96 -18.47 15.06
CA LEU A 481 24.25 -18.97 13.71
C LEU A 481 23.81 -17.98 12.63
N GLU A 482 22.62 -17.41 12.82
CA GLU A 482 22.03 -16.46 11.89
C GLU A 482 22.94 -15.26 11.70
N GLN A 483 23.53 -14.75 12.79
CA GLN A 483 24.46 -13.61 12.78
C GLN A 483 25.78 -13.98 12.15
N LEU A 484 26.24 -15.21 12.39
CA LEU A 484 27.49 -15.74 11.84
C LEU A 484 27.41 -15.74 10.30
N PHE A 485 26.25 -16.13 9.75
CA PHE A 485 26.01 -16.12 8.31
C PHE A 485 26.02 -14.70 7.72
N ILE A 486 25.34 -13.75 8.39
CA ILE A 486 25.28 -12.35 7.98
C ILE A 486 26.68 -11.73 8.02
N ASN A 487 27.48 -12.05 9.07
CA ASN A 487 28.83 -11.50 9.22
C ASN A 487 29.82 -12.11 8.29
N ILE A 488 29.61 -13.36 7.84
CA ILE A 488 30.42 -13.99 6.81
C ILE A 488 30.10 -13.26 5.51
N THR A 489 28.80 -13.16 5.12
CA THR A 489 28.32 -12.43 3.93
C THR A 489 28.94 -11.01 3.84
N ASN A 490 28.98 -10.31 4.98
CA ASN A 490 29.52 -8.95 5.07
C ASN A 490 31.02 -8.91 4.90
N GLU A 491 31.74 -10.00 5.27
CA GLU A 491 33.18 -10.13 5.08
C GLU A 491 33.48 -10.23 3.57
N MET A 492 32.65 -10.99 2.83
CA MET A 492 32.78 -11.12 1.39
C MET A 492 32.65 -9.76 0.70
N LEU A 493 31.59 -9.01 1.05
CA LEU A 493 31.28 -7.71 0.47
C LEU A 493 32.29 -6.62 0.84
N GLN A 494 33.01 -6.83 1.97
CA GLN A 494 34.07 -5.96 2.47
C GLN A 494 35.23 -6.01 1.48
N LYS A 495 35.57 -7.18 0.95
CA LYS A 495 36.62 -7.35 -0.07
C LYS A 495 36.19 -6.58 -1.34
N ASN A 496 34.90 -6.62 -1.73
CA ASN A 496 34.39 -5.89 -2.90
C ASN A 496 34.57 -4.39 -2.73
N PHE A 497 34.22 -3.88 -1.54
CA PHE A 497 34.35 -2.46 -1.18
C PHE A 497 35.81 -2.02 -1.29
N VAL A 498 36.71 -2.71 -0.55
CA VAL A 498 38.13 -2.40 -0.57
C VAL A 498 38.72 -2.43 -2.00
N ASP A 499 38.41 -3.49 -2.76
CA ASP A 499 38.89 -3.68 -4.13
C ASP A 499 38.53 -2.52 -5.05
N ILE A 500 37.25 -2.09 -5.08
CA ILE A 500 36.80 -1.01 -5.97
C ILE A 500 37.40 0.34 -5.59
N VAL A 501 37.61 0.57 -4.28
CA VAL A 501 38.21 1.82 -3.80
C VAL A 501 39.65 1.87 -4.37
N PHE A 502 40.40 0.75 -4.24
CA PHE A 502 41.78 0.59 -4.72
C PHE A 502 41.85 0.65 -6.25
N GLU A 503 40.94 -0.04 -6.92
CA GLU A 503 40.83 -0.10 -8.36
C GLU A 503 40.66 1.29 -8.97
N ARG A 504 39.74 2.10 -8.41
CA ARG A 504 39.45 3.47 -8.87
C ARG A 504 40.69 4.43 -8.63
N GLU A 505 41.32 4.30 -7.44
CA GLU A 505 42.52 5.09 -7.10
C GLU A 505 43.74 4.69 -7.95
N SER A 506 44.00 3.39 -8.07
CA SER A 506 45.09 2.84 -8.89
C SER A 506 45.00 3.28 -10.34
N LYS A 507 43.77 3.31 -10.93
CA LYS A 507 43.54 3.76 -12.31
C LYS A 507 43.98 5.23 -12.43
N LEU A 508 43.55 6.10 -11.49
CA LEU A 508 43.89 7.53 -11.45
C LEU A 508 45.42 7.77 -11.45
N TYR A 509 46.14 7.08 -10.54
CA TYR A 509 47.60 7.15 -10.41
C TYR A 509 48.26 6.68 -11.72
N LYS A 510 47.80 5.54 -12.30
CA LYS A 510 48.32 4.99 -13.55
C LYS A 510 48.08 5.95 -14.73
N ASP A 511 46.91 6.61 -14.77
CA ASP A 511 46.56 7.60 -15.80
C ASP A 511 47.47 8.83 -15.75
N GLU A 512 47.91 9.20 -14.53
CA GLU A 512 48.79 10.34 -14.24
C GLU A 512 50.27 9.97 -14.19
N GLY A 513 50.59 8.68 -14.26
CA GLY A 513 51.95 8.16 -14.22
C GLY A 513 52.61 8.25 -12.86
N ILE A 514 51.85 7.89 -11.81
CA ILE A 514 52.32 7.88 -10.41
C ILE A 514 52.35 6.43 -9.95
N SER A 515 53.39 6.07 -9.18
CA SER A 515 53.60 4.74 -8.65
C SER A 515 52.53 4.37 -7.62
N THR A 516 51.85 3.24 -7.85
CA THR A 516 50.83 2.70 -6.96
C THR A 516 51.48 1.84 -5.87
N ALA A 517 52.85 1.77 -5.86
CA ALA A 517 53.66 1.00 -4.90
C ALA A 517 53.40 1.42 -3.46
N GLU A 518 53.13 2.73 -3.25
CA GLU A 518 52.81 3.27 -1.94
C GLU A 518 51.35 2.97 -1.54
N LEU A 519 50.42 2.84 -2.54
CA LEU A 519 49.02 2.45 -2.30
C LEU A 519 49.06 1.07 -1.72
N LYS A 520 48.79 0.99 -0.44
CA LYS A 520 48.87 -0.27 0.25
C LYS A 520 47.71 -0.41 1.18
N TYR A 521 46.75 -1.27 0.81
CA TYR A 521 45.69 -1.62 1.73
C TYR A 521 45.52 -3.12 1.79
N THR A 522 45.47 -3.60 3.04
CA THR A 522 45.34 -4.98 3.48
C THR A 522 44.08 -5.65 2.96
N SER A 523 44.10 -7.00 2.94
CA SER A 523 42.96 -7.81 2.57
C SER A 523 42.35 -8.48 3.82
N ASN A 524 41.20 -9.13 3.64
CA ASN A 524 40.53 -9.88 4.68
C ASN A 524 40.49 -11.36 4.31
N LYS A 525 41.50 -11.82 3.53
CA LYS A 525 41.66 -13.21 3.09
C LYS A 525 41.72 -14.13 4.31
N GLU A 526 42.46 -13.73 5.36
CA GLU A 526 42.65 -14.51 6.59
C GLU A 526 41.34 -14.83 7.29
N VAL A 527 40.54 -13.81 7.65
CA VAL A 527 39.26 -13.98 8.35
C VAL A 527 38.21 -14.72 7.48
N ILE A 528 38.22 -14.49 6.16
CA ILE A 528 37.34 -15.19 5.22
C ILE A 528 37.69 -16.69 5.28
N ASN A 529 39.00 -17.02 5.30
CA ASN A 529 39.48 -18.40 5.34
C ASN A 529 39.10 -19.10 6.65
N VAL A 530 39.34 -18.47 7.81
CA VAL A 530 38.98 -19.02 9.13
C VAL A 530 37.47 -19.38 9.21
N LEU A 531 36.65 -18.67 8.43
CA LEU A 531 35.21 -18.89 8.43
C LEU A 531 34.75 -19.84 7.32
N CYS A 532 35.32 -19.78 6.11
CA CYS A 532 34.86 -20.55 4.94
C CYS A 532 35.75 -21.70 4.43
N GLU A 533 37.08 -21.52 4.41
CA GLU A 533 38.05 -22.51 3.88
C GLU A 533 37.68 -23.98 4.11
N LYS A 534 37.62 -24.78 3.03
CA LYS A 534 37.30 -26.22 3.09
C LYS A 534 38.27 -26.95 4.05
N GLY A 535 37.71 -27.66 5.02
CA GLY A 535 38.46 -28.41 6.02
C GLY A 535 39.04 -27.62 7.17
N LYS A 536 39.63 -26.45 6.89
CA LYS A 536 40.32 -25.60 7.86
C LYS A 536 39.49 -24.36 8.28
N SER A 537 38.18 -24.55 8.59
CA SER A 537 37.30 -23.40 8.94
C SER A 537 36.19 -23.68 9.96
N VAL A 538 35.62 -22.60 10.55
CA VAL A 538 34.49 -22.63 11.49
C VAL A 538 33.32 -23.39 10.86
N LEU A 539 32.99 -23.07 9.60
CA LEU A 539 31.91 -23.73 8.85
C LEU A 539 32.17 -25.21 8.60
N SER A 540 33.43 -25.60 8.36
CA SER A 540 33.86 -26.99 8.14
C SER A 540 33.68 -27.82 9.38
N TYR A 541 34.14 -27.32 10.54
CA TYR A 541 34.01 -27.99 11.82
C TYR A 541 32.54 -28.02 12.28
N LEU A 542 31.68 -27.10 11.76
CA LEU A 542 30.23 -27.11 12.04
C LEU A 542 29.57 -28.26 11.28
N GLU A 543 29.85 -28.37 9.98
CA GLU A 543 29.39 -29.45 9.11
C GLU A 543 29.87 -30.81 9.67
N ASP A 544 31.17 -30.92 10.05
CA ASP A 544 31.79 -32.11 10.63
C ASP A 544 31.06 -32.56 11.89
N GLN A 545 30.73 -31.61 12.80
CA GLN A 545 30.03 -31.92 14.03
C GLN A 545 28.55 -32.24 13.84
N CYS A 546 27.96 -31.77 12.74
CA CYS A 546 26.56 -32.03 12.39
C CYS A 546 26.39 -33.42 11.79
N LEU A 547 27.42 -33.89 11.07
CA LEU A 547 27.48 -35.20 10.43
C LEU A 547 27.98 -36.30 11.38
N ALA A 548 28.66 -35.91 12.48
CA ALA A 548 29.15 -36.85 13.50
C ALA A 548 27.94 -37.32 14.35
N PRO A 549 27.83 -38.64 14.64
CA PRO A 549 26.67 -39.12 15.41
C PRO A 549 26.59 -38.59 16.86
N GLY A 550 27.75 -38.46 17.51
CA GLY A 550 27.82 -37.96 18.88
C GLY A 550 28.07 -36.46 18.95
N GLY A 551 27.64 -35.75 17.91
CA GLY A 551 27.81 -34.30 17.75
C GLY A 551 27.13 -33.44 18.78
N THR A 552 27.91 -32.49 19.35
CA THR A 552 27.44 -31.49 20.32
C THR A 552 28.06 -30.12 20.01
N ASP A 553 27.40 -29.04 20.44
CA ASP A 553 27.86 -27.67 20.29
C ASP A 553 29.25 -27.48 20.89
N GLU A 554 29.46 -28.02 22.11
CA GLU A 554 30.72 -27.95 22.86
C GLU A 554 31.88 -28.60 22.11
N LYS A 555 31.63 -29.78 21.50
CA LYS A 555 32.63 -30.49 20.70
C LYS A 555 33.04 -29.68 19.45
N PHE A 556 32.07 -28.92 18.85
CA PHE A 556 32.30 -28.05 17.68
C PHE A 556 33.24 -26.88 18.05
N VAL A 557 33.01 -26.24 19.23
CA VAL A 557 33.83 -25.14 19.75
C VAL A 557 35.25 -25.65 20.00
N SER A 558 35.36 -26.84 20.67
CA SER A 558 36.61 -27.52 21.02
C SER A 558 37.44 -27.79 19.78
N SER A 559 36.81 -28.34 18.71
CA SER A 559 37.50 -28.62 17.43
C SER A 559 38.03 -27.35 16.79
N CYS A 560 37.27 -26.25 16.90
CA CYS A 560 37.64 -24.94 16.38
C CYS A 560 38.83 -24.42 17.14
N ALA A 561 38.72 -24.40 18.48
CA ALA A 561 39.74 -23.93 19.41
C ALA A 561 41.07 -24.62 19.18
N THR A 562 41.03 -25.96 19.02
CA THR A 562 42.19 -26.83 18.80
C THR A 562 42.85 -26.59 17.44
N ASN A 563 42.08 -26.78 16.35
CA ASN A 563 42.58 -26.71 14.98
C ASN A 563 42.82 -25.30 14.40
N LEU A 564 42.04 -24.30 14.84
CA LEU A 564 42.16 -22.92 14.33
C LEU A 564 42.95 -22.02 15.29
N LYS A 565 43.76 -22.67 16.16
CA LYS A 565 44.71 -22.11 17.13
C LYS A 565 45.84 -21.39 16.35
N GLU A 566 46.15 -21.93 15.13
CA GLU A 566 47.11 -21.44 14.13
C GLU A 566 46.80 -20.00 13.74
N ASN A 567 45.51 -19.70 13.57
CA ASN A 567 45.13 -18.37 13.14
C ASN A 567 44.74 -17.45 14.28
N ASN A 568 45.24 -16.22 14.17
CA ASN A 568 45.04 -15.06 15.05
C ASN A 568 43.57 -14.58 15.00
N LYS A 569 42.84 -14.96 13.93
CA LYS A 569 41.44 -14.64 13.64
C LYS A 569 40.46 -15.38 14.54
N PHE A 570 40.82 -16.58 15.00
CA PHE A 570 39.96 -17.31 15.92
C PHE A 570 40.47 -17.07 17.34
N THR A 571 39.55 -16.81 18.26
CA THR A 571 39.86 -16.53 19.66
C THR A 571 38.83 -17.20 20.56
N PRO A 572 39.24 -17.99 21.57
CA PRO A 572 38.22 -18.53 22.49
C PRO A 572 37.73 -17.42 23.42
N ALA A 573 36.53 -17.55 23.98
CA ALA A 573 35.98 -16.51 24.87
C ALA A 573 36.54 -16.69 26.29
N LYS A 574 36.71 -15.55 27.03
CA LYS A 574 37.21 -15.57 28.40
C LYS A 574 36.17 -16.20 29.34
N VAL A 575 34.92 -15.69 29.33
CA VAL A 575 33.82 -16.25 30.12
C VAL A 575 33.08 -17.26 29.25
N ALA A 576 32.75 -18.44 29.81
CA ALA A 576 32.05 -19.56 29.14
C ALA A 576 32.74 -20.02 27.85
N SER A 577 34.05 -20.32 27.95
CA SER A 577 34.93 -20.78 26.87
C SER A 577 34.40 -21.99 26.10
N ASN A 578 33.68 -22.88 26.80
CA ASN A 578 33.13 -24.15 26.28
C ASN A 578 32.06 -23.97 25.18
N LYS A 579 31.23 -22.91 25.28
CA LYS A 579 30.14 -22.64 24.31
C LYS A 579 30.17 -21.23 23.69
N ASN A 580 31.29 -20.52 23.80
CA ASN A 580 31.44 -19.18 23.24
C ASN A 580 32.79 -19.02 22.55
N PHE A 581 32.80 -18.28 21.44
CA PHE A 581 34.01 -18.02 20.67
C PHE A 581 34.01 -16.60 20.11
N ILE A 582 35.14 -16.18 19.56
CA ILE A 582 35.33 -14.84 19.01
C ILE A 582 36.02 -14.94 17.65
N ILE A 583 35.53 -14.16 16.70
CA ILE A 583 36.12 -14.07 15.38
C ILE A 583 36.60 -12.63 15.29
N GLN A 584 37.80 -12.44 14.77
CA GLN A 584 38.40 -11.13 14.61
C GLN A 584 38.00 -10.62 13.26
N HIS A 585 36.76 -10.09 13.17
CA HIS A 585 36.25 -9.54 11.91
C HIS A 585 36.99 -8.25 11.58
N THR A 586 36.87 -7.75 10.33
CA THR A 586 37.56 -6.52 9.92
C THR A 586 37.14 -5.33 10.76
N ILE A 587 35.85 -5.27 11.15
CA ILE A 587 35.33 -4.18 12.00
C ILE A 587 35.69 -4.41 13.51
N GLY A 588 36.34 -5.53 13.82
CA GLY A 588 36.76 -5.86 15.17
C GLY A 588 36.30 -7.23 15.68
N PRO A 589 36.59 -7.55 16.96
CA PRO A 589 36.16 -8.85 17.49
C PRO A 589 34.66 -8.93 17.72
N ILE A 590 34.06 -10.03 17.26
CA ILE A 590 32.62 -10.31 17.40
C ILE A 590 32.50 -11.65 18.08
N GLN A 591 31.87 -11.66 19.26
CA GLN A 591 31.67 -12.87 20.02
C GLN A 591 30.38 -13.55 19.61
N TYR A 592 30.43 -14.90 19.56
CA TYR A 592 29.32 -15.75 19.18
C TYR A 592 29.07 -16.77 20.24
N CYS A 593 27.80 -17.11 20.45
CA CYS A 593 27.42 -18.16 21.37
C CYS A 593 27.03 -19.38 20.52
N ALA A 594 27.77 -20.49 20.68
CA ALA A 594 27.57 -21.71 19.92
C ALA A 594 26.39 -22.57 20.39
N GLU A 595 25.63 -22.11 21.39
CA GLU A 595 24.44 -22.83 21.87
C GLU A 595 23.39 -22.88 20.75
N SER A 596 22.92 -24.11 20.45
CA SER A 596 21.90 -24.49 19.47
C SER A 596 22.37 -24.39 18.01
N PHE A 597 23.70 -24.28 17.78
CA PHE A 597 24.30 -24.24 16.43
C PHE A 597 23.92 -25.49 15.61
N LEU A 598 24.03 -26.69 16.22
CA LEU A 598 23.71 -27.94 15.56
C LEU A 598 22.20 -28.08 15.35
N LEU A 599 21.40 -27.69 16.36
CA LEU A 599 19.94 -27.70 16.29
C LEU A 599 19.45 -26.82 15.10
N LYS A 600 20.03 -25.62 14.97
CA LYS A 600 19.75 -24.66 13.91
C LYS A 600 20.32 -25.10 12.54
N ASN A 601 21.55 -25.67 12.52
CA ASN A 601 22.17 -26.08 11.27
C ASN A 601 21.50 -27.30 10.66
N LYS A 602 20.90 -28.16 11.50
CA LYS A 602 20.22 -29.38 11.08
C LYS A 602 18.72 -29.16 10.82
N ASP A 603 18.18 -27.95 11.10
CA ASP A 603 16.76 -27.64 10.92
C ASP A 603 16.34 -27.56 9.41
N VAL A 604 16.09 -28.73 8.78
CA VAL A 604 15.66 -28.96 7.38
C VAL A 604 14.76 -30.24 7.37
N LEU A 605 13.54 -30.13 6.85
CA LEU A 605 12.65 -31.31 6.74
C LEU A 605 13.26 -32.28 5.71
N ARG A 606 13.41 -33.53 6.12
CA ARG A 606 14.02 -34.55 5.27
C ARG A 606 13.36 -35.89 5.48
N GLY A 607 13.67 -36.80 4.56
CA GLY A 607 13.18 -38.16 4.58
C GLY A 607 11.89 -38.39 3.85
N ASP A 608 11.19 -39.44 4.34
CA ASP A 608 9.93 -39.91 3.77
C ASP A 608 8.80 -38.90 3.88
N LEU A 609 8.94 -37.85 4.74
CA LEU A 609 7.95 -36.78 4.87
C LEU A 609 7.89 -35.95 3.60
N VAL A 610 9.08 -35.63 3.05
CA VAL A 610 9.30 -34.89 1.81
C VAL A 610 8.66 -35.65 0.62
N GLU A 611 8.78 -36.99 0.64
CA GLU A 611 8.21 -37.86 -0.39
C GLU A 611 6.68 -37.90 -0.36
N VAL A 612 6.06 -37.66 0.81
CA VAL A 612 4.58 -37.63 0.98
C VAL A 612 4.05 -36.37 0.32
N ILE A 613 4.82 -35.27 0.45
CA ILE A 613 4.51 -33.96 -0.13
C ILE A 613 4.64 -34.03 -1.65
N LYS A 614 5.71 -34.66 -2.15
CA LYS A 614 5.94 -34.84 -3.59
C LYS A 614 4.83 -35.71 -4.24
N ASP A 615 4.21 -36.61 -3.47
CA ASP A 615 3.16 -37.53 -3.95
C ASP A 615 1.74 -36.93 -3.88
N SER A 616 1.66 -35.61 -3.62
CA SER A 616 0.40 -34.89 -3.53
C SER A 616 -0.29 -34.86 -4.89
N PRO A 617 -1.64 -34.87 -4.97
CA PRO A 617 -2.28 -34.77 -6.30
C PRO A 617 -2.26 -33.33 -6.85
N ASN A 618 -1.83 -32.34 -6.04
CA ASN A 618 -1.81 -30.94 -6.44
C ASN A 618 -0.46 -30.53 -7.05
N PRO A 619 -0.47 -30.00 -8.31
CA PRO A 619 0.80 -29.62 -8.98
C PRO A 619 1.64 -28.59 -8.25
N ILE A 620 1.02 -27.62 -7.55
CA ILE A 620 1.76 -26.63 -6.74
C ILE A 620 2.50 -27.34 -5.57
N VAL A 621 1.78 -28.16 -4.77
CA VAL A 621 2.34 -28.93 -3.64
C VAL A 621 3.47 -29.85 -4.12
N GLN A 622 3.29 -30.54 -5.27
CA GLN A 622 4.32 -31.41 -5.87
C GLN A 622 5.61 -30.64 -6.12
N GLN A 623 5.47 -29.40 -6.65
CA GLN A 623 6.57 -28.49 -6.97
C GLN A 623 7.32 -27.90 -5.75
N LEU A 624 6.71 -27.82 -4.55
CA LEU A 624 7.36 -27.22 -3.36
C LEU A 624 8.74 -27.83 -3.03
N PHE A 625 8.83 -29.17 -3.02
CA PHE A 625 10.06 -29.89 -2.68
C PHE A 625 10.78 -30.47 -3.89
N GLU A 626 10.30 -30.13 -5.10
CA GLU A 626 10.83 -30.49 -6.41
C GLU A 626 12.34 -30.27 -6.39
N GLY A 627 13.06 -31.34 -6.74
CA GLY A 627 14.52 -31.34 -6.75
C GLY A 627 15.11 -31.40 -5.36
N GLN A 628 14.91 -32.53 -4.66
CA GLN A 628 15.46 -32.77 -3.32
C GLN A 628 16.26 -34.07 -3.23
N VAL A 629 17.35 -34.03 -2.44
CA VAL A 629 18.36 -35.07 -2.16
C VAL A 629 17.75 -36.45 -1.76
N ILE A 630 16.43 -36.51 -1.41
CA ILE A 630 15.69 -37.71 -0.96
C ILE A 630 16.26 -38.09 0.42
N GLU A 631 17.36 -38.90 0.41
CA GLU A 631 18.16 -39.45 1.50
C GLU A 631 17.48 -39.39 2.88
N LYS A 632 16.58 -40.36 3.13
CA LYS A 632 15.85 -40.50 4.40
C LYS A 632 16.86 -40.67 5.51
N GLY A 633 17.59 -41.79 5.47
CA GLY A 633 18.64 -42.15 6.41
C GLY A 633 20.02 -41.74 5.90
N LYS A 634 20.66 -40.70 6.49
CA LYS A 634 20.12 -39.90 7.61
C LYS A 634 20.32 -38.38 7.37
N ILE A 635 21.55 -37.87 7.53
CA ILE A 635 21.91 -36.46 7.31
C ILE A 635 23.02 -36.37 6.28
N ALA A 636 22.72 -35.68 5.17
CA ALA A 636 23.65 -35.40 4.08
C ALA A 636 24.02 -33.93 4.23
N LYS A 637 25.12 -33.49 3.59
CA LYS A 637 25.51 -32.08 3.62
C LYS A 637 24.62 -31.29 2.64
N GLY A 638 23.70 -32.02 2.01
CA GLY A 638 22.66 -31.48 1.14
C GLY A 638 21.44 -31.04 1.94
N SER A 639 21.41 -31.38 3.24
CA SER A 639 20.34 -31.01 4.15
C SER A 639 20.87 -30.25 5.41
N LEU A 640 22.04 -29.61 5.29
CA LEU A 640 22.57 -28.78 6.35
C LEU A 640 22.55 -27.32 5.91
N ILE A 641 22.01 -26.44 6.76
CA ILE A 641 21.84 -25.00 6.50
C ILE A 641 23.15 -24.28 6.05
N GLY A 642 24.23 -24.44 6.81
CA GLY A 642 25.53 -23.82 6.52
C GLY A 642 26.12 -24.27 5.20
N SER A 643 25.90 -25.55 4.82
CA SER A 643 26.43 -26.12 3.57
C SER A 643 25.68 -25.52 2.41
N GLN A 644 24.35 -25.43 2.54
CA GLN A 644 23.42 -24.82 1.58
C GLN A 644 23.81 -23.36 1.40
N PHE A 645 23.93 -22.62 2.53
CA PHE A 645 24.30 -21.21 2.58
C PHE A 645 25.60 -20.93 1.86
N LEU A 646 26.69 -21.65 2.20
CA LEU A 646 28.00 -21.45 1.57
C LEU A 646 27.99 -21.65 0.07
N ASN A 647 27.15 -22.55 -0.45
CA ASN A 647 27.06 -22.75 -1.90
C ASN A 647 26.34 -21.56 -2.52
N GLN A 648 25.17 -21.19 -1.95
CA GLN A 648 24.36 -20.02 -2.35
C GLN A 648 25.21 -18.75 -2.33
N LEU A 649 26.05 -18.54 -1.27
CA LEU A 649 26.93 -17.40 -1.08
C LEU A 649 28.02 -17.35 -2.13
N THR A 650 28.63 -18.51 -2.46
CA THR A 650 29.69 -18.61 -3.48
C THR A 650 29.09 -18.24 -4.82
N SER A 651 27.91 -18.78 -5.12
CA SER A 651 27.15 -18.50 -6.33
C SER A 651 26.83 -16.99 -6.42
N LEU A 652 26.38 -16.39 -5.31
CA LEU A 652 26.03 -14.98 -5.21
C LEU A 652 27.25 -14.11 -5.41
N MET A 653 28.37 -14.41 -4.69
CA MET A 653 29.59 -13.64 -4.78
C MET A 653 30.21 -13.70 -6.16
N ASN A 654 30.16 -14.86 -6.83
CA ASN A 654 30.68 -15.01 -8.19
C ASN A 654 30.03 -13.98 -9.12
N LEU A 655 28.68 -13.78 -8.97
CA LEU A 655 27.90 -12.77 -9.71
C LEU A 655 28.33 -11.35 -9.33
N ILE A 656 28.26 -10.99 -8.03
CA ILE A 656 28.64 -9.66 -7.52
C ILE A 656 30.06 -9.30 -7.93
N ASN A 657 31.03 -10.24 -7.78
CA ASN A 657 32.45 -10.03 -8.15
C ASN A 657 32.66 -9.69 -9.63
N SER A 658 31.73 -10.10 -10.49
CA SER A 658 31.76 -9.82 -11.92
C SER A 658 31.22 -8.42 -12.27
N THR A 659 30.72 -7.67 -11.26
CA THR A 659 30.08 -6.37 -11.45
C THR A 659 30.83 -5.18 -10.81
N GLU A 660 30.35 -3.95 -11.10
CA GLU A 660 30.82 -2.69 -10.52
C GLU A 660 29.92 -2.43 -9.29
N PRO A 661 30.48 -2.37 -8.07
CA PRO A 661 29.62 -2.18 -6.90
C PRO A 661 29.33 -0.72 -6.54
N HIS A 662 28.11 -0.53 -6.02
CA HIS A 662 27.53 0.69 -5.52
C HIS A 662 27.01 0.40 -4.11
N PHE A 663 27.26 1.31 -3.16
CA PHE A 663 26.90 1.02 -1.79
C PHE A 663 26.03 2.05 -1.14
N ILE A 664 24.95 1.59 -0.49
CA ILE A 664 24.03 2.43 0.27
C ILE A 664 24.06 1.92 1.68
N ARG A 665 24.62 2.72 2.60
CA ARG A 665 24.77 2.39 4.02
C ARG A 665 23.73 3.15 4.82
N CYS A 666 22.74 2.41 5.36
CA CYS A 666 21.59 2.91 6.10
C CYS A 666 21.80 2.97 7.61
N ILE A 667 21.49 4.15 8.21
CA ILE A 667 21.61 4.41 9.65
C ILE A 667 20.25 4.61 10.32
N LYS A 668 20.07 3.99 11.49
CA LYS A 668 18.92 4.09 12.40
C LYS A 668 19.38 5.12 13.48
N PRO A 669 18.81 6.34 13.53
CA PRO A 669 19.37 7.37 14.46
C PRO A 669 18.95 7.26 15.94
N ASN A 670 17.84 6.57 16.19
CA ASN A 670 17.26 6.38 17.50
C ASN A 670 16.49 5.08 17.53
N GLU A 671 16.33 4.50 18.74
CA GLU A 671 15.62 3.25 18.95
C GLU A 671 14.13 3.44 19.23
N ASN A 672 13.61 4.66 19.10
CA ASN A 672 12.20 4.98 19.41
C ASN A 672 11.29 5.26 18.21
N LYS A 673 11.74 4.93 16.97
CA LYS A 673 10.98 5.15 15.75
C LYS A 673 10.51 6.60 15.65
N LYS A 674 11.34 7.54 16.14
CA LYS A 674 11.01 8.97 16.20
C LYS A 674 11.76 9.83 15.20
N PRO A 675 11.07 10.79 14.54
CA PRO A 675 11.80 11.72 13.68
C PRO A 675 12.64 12.70 14.51
N LEU A 676 13.66 13.29 13.87
CA LEU A 676 14.56 14.30 14.47
C LEU A 676 15.10 13.98 15.92
N GLU A 677 15.45 12.70 16.17
CA GLU A 677 16.07 12.25 17.44
C GLU A 677 17.41 11.60 17.10
N TRP A 678 18.48 12.04 17.76
CA TRP A 678 19.85 11.65 17.46
C TRP A 678 20.62 11.06 18.66
N CYS A 679 20.88 9.75 18.62
CA CYS A 679 21.61 9.02 19.66
C CYS A 679 23.05 8.82 19.18
N GLU A 680 24.00 9.65 19.65
CA GLU A 680 25.39 9.61 19.20
C GLU A 680 26.05 8.24 19.37
N PRO A 681 25.93 7.48 20.50
CA PRO A 681 26.61 6.16 20.58
C PRO A 681 26.14 5.18 19.53
N LYS A 682 24.81 5.10 19.34
CA LYS A 682 24.08 4.23 18.41
C LYS A 682 24.56 4.50 16.99
N ILE A 683 24.64 5.77 16.63
CA ILE A 683 25.08 6.24 15.32
C ILE A 683 26.57 5.98 15.12
N LEU A 684 27.43 6.20 16.15
CA LEU A 684 28.87 5.95 16.03
C LEU A 684 29.21 4.51 15.69
N ILE A 685 28.57 3.54 16.39
CA ILE A 685 28.71 2.07 16.19
C ILE A 685 28.42 1.71 14.74
N GLN A 686 27.35 2.30 14.16
CA GLN A 686 26.90 2.11 12.78
C GLN A 686 27.87 2.73 11.80
N LEU A 687 28.42 3.92 12.10
CA LEU A 687 29.42 4.56 11.21
C LEU A 687 30.66 3.70 11.10
N HIS A 688 30.99 3.00 12.19
CA HIS A 688 32.11 2.09 12.27
C HIS A 688 31.84 0.79 11.48
N ALA A 689 30.74 0.11 11.85
CA ALA A 689 30.26 -1.15 11.27
C ALA A 689 30.00 -1.10 9.77
N LEU A 690 29.57 0.06 9.25
CA LEU A 690 29.23 0.22 7.84
C LEU A 690 30.44 0.74 7.03
N SER A 691 31.63 0.75 7.66
CA SER A 691 32.90 1.16 7.08
C SER A 691 32.83 2.60 6.52
N ILE A 692 31.95 3.46 7.13
CA ILE A 692 31.82 4.85 6.73
C ILE A 692 33.08 5.57 7.20
N LEU A 693 33.57 5.21 8.40
CA LEU A 693 34.80 5.80 8.93
C LEU A 693 36.02 5.34 8.13
N GLU A 694 36.05 4.06 7.67
CA GLU A 694 37.15 3.49 6.87
C GLU A 694 37.21 4.09 5.49
N ALA A 695 36.05 4.34 4.85
CA ALA A 695 35.98 4.97 3.54
C ALA A 695 36.67 6.34 3.58
N LEU A 696 36.56 7.06 4.72
CA LEU A 696 37.20 8.36 4.89
C LEU A 696 38.71 8.22 5.07
N VAL A 697 39.16 7.27 5.93
CA VAL A 697 40.57 6.94 6.16
C VAL A 697 41.25 6.58 4.82
N LEU A 698 40.62 5.71 4.01
CA LEU A 698 41.14 5.27 2.71
C LEU A 698 41.29 6.41 1.70
N ARG A 699 40.23 7.24 1.55
CA ARG A 699 40.21 8.35 0.60
C ARG A 699 41.42 9.24 0.80
N GLN A 700 41.72 9.55 2.07
CA GLN A 700 42.81 10.41 2.52
C GLN A 700 44.21 9.74 2.53
N LEU A 701 44.32 8.49 2.05
CA LEU A 701 45.61 7.80 2.05
C LEU A 701 46.48 8.08 0.79
N GLY A 702 47.79 8.13 1.05
CA GLY A 702 48.83 8.41 0.06
C GLY A 702 48.75 9.86 -0.38
N TYR A 703 48.90 10.07 -1.69
CA TYR A 703 48.83 11.37 -2.34
C TYR A 703 47.37 11.69 -2.64
N SER A 704 46.63 12.12 -1.60
CA SER A 704 45.19 12.43 -1.66
C SER A 704 44.89 13.87 -2.05
N TYR A 705 45.84 14.79 -1.78
CA TYR A 705 45.70 16.20 -2.15
C TYR A 705 46.16 16.40 -3.61
N ARG A 706 45.17 16.54 -4.53
CA ARG A 706 45.35 16.66 -5.98
C ARG A 706 44.83 17.93 -6.63
N ARG A 707 45.75 18.83 -6.95
CA ARG A 707 45.43 20.04 -7.70
C ARG A 707 46.09 19.85 -9.05
N THR A 708 45.67 20.61 -10.08
CA THR A 708 46.29 20.55 -11.40
C THR A 708 47.59 21.37 -11.34
N PHE A 709 48.25 21.67 -12.49
CA PHE A 709 49.46 22.49 -12.43
C PHE A 709 49.12 23.95 -12.21
N GLU A 710 48.04 24.40 -12.88
CA GLU A 710 47.50 25.75 -12.85
C GLU A 710 46.86 26.06 -11.48
N GLU A 711 46.03 25.13 -10.92
CA GLU A 711 45.38 25.30 -9.61
C GLU A 711 46.42 25.44 -8.51
N PHE A 712 47.58 24.72 -8.65
CA PHE A 712 48.68 24.81 -7.69
C PHE A 712 49.37 26.17 -7.85
N LEU A 713 49.46 26.69 -9.10
CA LEU A 713 50.07 27.99 -9.40
C LEU A 713 49.18 29.18 -8.98
N TYR A 714 47.83 29.04 -9.05
CA TYR A 714 46.85 30.05 -8.61
C TYR A 714 46.89 30.22 -7.08
N GLN A 715 47.09 29.10 -6.35
CA GLN A 715 47.22 29.07 -4.89
C GLN A 715 48.50 29.77 -4.42
N TYR A 716 49.37 30.09 -5.39
CA TYR A 716 50.65 30.79 -5.21
C TYR A 716 50.61 32.16 -5.95
N LYS A 717 49.41 32.51 -6.51
CA LYS A 717 49.01 33.73 -7.25
C LYS A 717 49.48 33.77 -8.75
N PHE A 718 50.60 33.13 -9.08
CA PHE A 718 51.18 33.15 -10.43
C PHE A 718 51.87 31.81 -10.81
N ALA A 723 49.03 28.87 -20.64
CA ALA A 723 48.77 27.93 -19.56
C ALA A 723 47.97 26.68 -20.00
N ALA A 724 48.31 25.51 -19.39
CA ALA A 724 47.74 24.15 -19.56
C ALA A 724 47.85 23.57 -20.97
N GLU A 725 47.28 24.25 -21.99
CA GLU A 725 47.32 23.78 -23.39
C GLU A 725 48.47 24.40 -24.19
N ASP A 726 49.04 25.52 -23.69
CA ASP A 726 50.14 26.23 -24.33
C ASP A 726 51.44 26.02 -23.59
N SER A 727 51.36 25.92 -22.25
CA SER A 727 52.56 25.82 -21.43
C SER A 727 52.44 24.86 -20.23
N SER A 728 52.04 23.60 -20.51
CA SER A 728 51.89 22.54 -19.51
C SER A 728 53.21 22.04 -18.89
N VAL A 729 54.29 21.93 -19.71
CA VAL A 729 55.64 21.50 -19.30
C VAL A 729 56.34 22.64 -18.53
N GLU A 730 55.89 23.90 -18.81
CA GLU A 730 56.37 25.10 -18.12
C GLU A 730 55.70 25.15 -16.74
N ASN A 731 54.35 24.90 -16.70
CA ASN A 731 53.55 24.82 -15.48
C ASN A 731 53.94 23.62 -14.63
N GLN A 732 54.32 22.48 -15.27
CA GLN A 732 54.81 21.27 -14.60
C GLN A 732 56.10 21.61 -13.85
N ASN A 733 57.06 22.23 -14.55
CA ASN A 733 58.35 22.58 -13.98
C ASN A 733 58.30 23.75 -13.00
N LYS A 734 57.30 24.64 -13.15
CA LYS A 734 57.08 25.76 -12.22
C LYS A 734 56.70 25.21 -10.84
N CYS A 735 55.95 24.08 -10.78
CA CYS A 735 55.54 23.41 -9.55
C CYS A 735 56.69 22.60 -8.95
N VAL A 736 57.50 21.86 -9.79
CA VAL A 736 58.65 21.03 -9.32
C VAL A 736 59.70 21.89 -8.60
N ASN A 737 59.83 23.17 -9.03
CA ASN A 737 60.74 24.16 -8.47
C ASN A 737 60.21 24.68 -7.13
N ILE A 738 58.87 24.96 -7.06
CA ILE A 738 58.17 25.41 -5.84
C ILE A 738 58.35 24.38 -4.70
N LEU A 739 58.14 23.08 -5.02
CA LEU A 739 58.25 21.97 -4.07
C LEU A 739 59.70 21.67 -3.61
N LYS A 740 60.69 22.11 -4.41
CA LYS A 740 62.12 21.98 -4.10
C LYS A 740 62.53 23.19 -3.24
N LEU A 741 61.95 24.38 -3.54
CA LEU A 741 62.17 25.64 -2.83
C LEU A 741 61.55 25.63 -1.44
N SER A 742 60.31 25.06 -1.30
CA SER A 742 59.61 24.96 -0.02
C SER A 742 60.29 23.95 0.94
N GLY A 743 61.29 23.22 0.43
CA GLY A 743 62.07 22.26 1.18
C GLY A 743 61.31 21.03 1.62
N LEU A 744 60.22 20.67 0.90
CA LEU A 744 59.42 19.48 1.20
C LEU A 744 60.18 18.22 0.79
N SER A 745 60.05 17.14 1.59
CA SER A 745 60.70 15.86 1.32
C SER A 745 60.10 15.24 0.05
N GLU A 746 60.92 14.53 -0.75
CA GLU A 746 60.53 13.89 -2.02
C GLU A 746 59.39 12.86 -1.86
N SER A 747 59.20 12.34 -0.63
CA SER A 747 58.16 11.37 -0.28
C SER A 747 56.78 12.02 -0.13
N MET A 748 56.76 13.34 0.13
CA MET A 748 55.56 14.16 0.35
C MET A 748 54.85 14.61 -0.92
N TYR A 749 55.51 14.53 -2.07
CA TYR A 749 54.95 14.96 -3.34
C TYR A 749 55.38 14.11 -4.51
N LYS A 750 54.56 14.12 -5.59
CA LYS A 750 54.80 13.49 -6.88
C LYS A 750 54.14 14.38 -7.94
N ILE A 751 54.80 14.53 -9.09
CA ILE A 751 54.30 15.37 -10.19
C ILE A 751 53.89 14.44 -11.33
N GLY A 752 52.68 14.66 -11.88
CA GLY A 752 52.13 13.82 -12.94
C GLY A 752 51.96 14.49 -14.29
N LYS A 753 51.22 13.82 -15.20
CA LYS A 753 50.94 14.32 -16.56
C LYS A 753 50.28 15.72 -16.56
N SER A 754 49.33 15.97 -15.61
CA SER A 754 48.60 17.23 -15.53
C SER A 754 48.40 17.77 -14.10
N MET A 755 48.63 16.92 -13.08
CA MET A 755 48.39 17.30 -11.68
C MET A 755 49.59 17.17 -10.75
N VAL A 756 49.46 17.79 -9.56
CA VAL A 756 50.41 17.75 -8.44
C VAL A 756 49.78 16.81 -7.40
N PHE A 757 50.51 15.76 -7.01
CA PHE A 757 50.05 14.76 -6.06
C PHE A 757 50.74 14.94 -4.72
N LEU A 758 49.99 15.46 -3.76
CA LEU A 758 50.50 15.71 -2.42
C LEU A 758 49.84 14.83 -1.39
N LYS A 759 50.62 14.41 -0.37
CA LYS A 759 50.13 13.67 0.79
C LYS A 759 49.31 14.68 1.61
N GLN A 760 48.47 14.21 2.56
CA GLN A 760 47.67 15.15 3.35
C GLN A 760 48.55 16.02 4.27
N GLU A 761 49.60 15.42 4.88
CA GLU A 761 50.55 16.13 5.77
C GLU A 761 51.45 17.11 5.02
N GLY A 762 51.92 16.74 3.83
CA GLY A 762 52.74 17.61 2.99
C GLY A 762 52.01 18.81 2.44
N ALA A 763 50.69 18.66 2.19
CA ALA A 763 49.82 19.73 1.70
C ALA A 763 49.59 20.77 2.80
N LYS A 764 49.60 20.30 4.07
CA LYS A 764 49.42 21.14 5.25
C LYS A 764 50.68 22.02 5.42
N ILE A 765 51.89 21.40 5.45
CA ILE A 765 53.19 22.09 5.58
C ILE A 765 53.32 23.24 4.55
N LEU A 766 52.76 23.07 3.32
CA LEU A 766 52.79 24.10 2.26
C LEU A 766 51.96 25.32 2.57
N THR A 767 50.83 25.16 3.31
CA THR A 767 49.95 26.28 3.68
C THR A 767 50.59 27.16 4.78
N LYS A 768 51.41 26.54 5.67
CA LYS A 768 52.08 27.21 6.79
C LYS A 768 53.42 27.84 6.40
N VAL B 3 -43.04 10.01 -22.61
CA VAL B 3 -42.11 8.90 -22.85
C VAL B 3 -41.36 9.11 -24.17
N THR B 4 -40.03 9.23 -24.09
CA THR B 4 -39.16 9.38 -25.27
C THR B 4 -38.91 8.01 -25.90
N ASN B 5 -38.35 8.01 -27.13
CA ASN B 5 -38.03 6.76 -27.83
C ASN B 5 -36.71 6.20 -27.32
N GLU B 6 -35.90 7.05 -26.65
CA GLU B 6 -34.64 6.67 -25.99
C GLU B 6 -35.03 5.79 -24.81
N GLU B 7 -36.09 6.21 -24.03
CA GLU B 7 -36.65 5.51 -22.85
C GLU B 7 -37.14 4.11 -23.24
N ILE B 8 -37.83 4.01 -24.41
CA ILE B 8 -38.35 2.74 -24.94
C ILE B 8 -37.20 1.83 -25.34
N LYS B 9 -36.20 2.37 -26.07
CA LYS B 9 -34.99 1.65 -26.49
C LYS B 9 -34.22 1.12 -25.27
N THR B 10 -33.98 1.99 -24.24
CA THR B 10 -33.28 1.67 -23.00
C THR B 10 -34.01 0.57 -22.19
N ALA B 11 -35.33 0.72 -21.96
CA ALA B 11 -36.15 -0.23 -21.22
C ALA B 11 -36.15 -1.60 -21.87
N SER B 12 -36.29 -1.66 -23.20
CA SER B 12 -36.29 -2.90 -23.99
C SER B 12 -35.02 -3.72 -23.81
N LYS B 13 -33.87 -3.03 -23.63
CA LYS B 13 -32.56 -3.65 -23.37
C LYS B 13 -32.52 -4.31 -21.98
N ILE B 14 -33.28 -3.77 -20.99
CA ILE B 14 -33.35 -4.29 -19.61
C ILE B 14 -34.13 -5.61 -19.56
N VAL B 15 -35.18 -5.74 -20.38
CA VAL B 15 -36.06 -6.91 -20.44
C VAL B 15 -35.28 -8.19 -20.69
N ARG B 16 -35.55 -9.19 -19.85
CA ARG B 16 -34.96 -10.53 -19.93
C ARG B 16 -35.96 -11.57 -19.45
N ARG B 17 -35.93 -12.76 -20.06
CA ARG B 17 -36.77 -13.91 -19.71
C ARG B 17 -35.82 -14.94 -19.08
N VAL B 18 -36.18 -15.51 -17.93
CA VAL B 18 -35.29 -16.48 -17.28
C VAL B 18 -35.95 -17.85 -17.24
N SEP B 19 -36.87 -18.06 -16.27
CA SEP B 19 -37.58 -19.33 -16.06
CB SEP B 19 -38.32 -19.37 -14.70
OG SEP B 19 -39.50 -18.57 -14.67
C SEP B 19 -38.50 -19.67 -17.23
O SEP B 19 -38.82 -18.82 -18.06
P SEP B 19 -39.48 -17.30 -13.78
O1P SEP B 19 -40.73 -16.71 -14.47
O2P SEP B 19 -38.32 -16.30 -14.04
O3P SEP B 19 -39.63 -17.63 -12.29
N ASN B 20 -38.87 -20.95 -17.30
CA ASN B 20 -39.73 -21.47 -18.34
C ASN B 20 -41.18 -21.58 -17.89
N VAL B 21 -42.10 -21.20 -18.80
CA VAL B 21 -43.54 -21.23 -18.60
C VAL B 21 -44.03 -22.69 -18.67
N GLU B 22 -44.67 -23.18 -17.59
CA GLU B 22 -45.18 -24.56 -17.52
C GLU B 22 -46.71 -24.56 -17.56
N ALA B 23 -47.26 -24.27 -18.75
CA ALA B 23 -48.68 -24.12 -19.09
C ALA B 23 -49.46 -25.42 -19.31
N PHE B 24 -48.75 -26.54 -19.51
CA PHE B 24 -49.37 -27.81 -19.84
C PHE B 24 -49.29 -28.83 -18.71
N ASP B 25 -50.38 -29.58 -18.50
CA ASP B 25 -50.50 -30.61 -17.46
C ASP B 25 -49.81 -31.93 -17.91
N LYS B 26 -49.56 -32.87 -16.96
CA LYS B 26 -48.88 -34.17 -17.20
C LYS B 26 -49.45 -34.98 -18.40
N SER B 27 -50.73 -34.73 -18.74
CA SER B 27 -51.52 -35.34 -19.82
C SER B 27 -51.46 -34.52 -21.14
N GLY B 28 -50.52 -33.56 -21.21
CA GLY B 28 -50.29 -32.67 -22.35
C GLY B 28 -51.32 -31.58 -22.59
N SER B 29 -52.38 -31.50 -21.75
CA SER B 29 -53.47 -30.51 -21.90
C SER B 29 -53.23 -29.25 -21.02
N VAL B 30 -53.57 -28.03 -21.53
CA VAL B 30 -53.42 -26.73 -20.85
C VAL B 30 -54.10 -26.74 -19.46
N PHE B 31 -53.45 -26.13 -18.45
CA PHE B 31 -54.04 -25.99 -17.11
C PHE B 31 -55.16 -24.99 -17.26
N LYS B 32 -56.36 -25.28 -16.73
CA LYS B 32 -57.51 -24.37 -16.86
C LYS B 32 -57.20 -22.91 -16.38
N GLY B 33 -57.38 -21.95 -17.30
CA GLY B 33 -57.17 -20.53 -17.08
C GLY B 33 -55.76 -20.11 -16.72
N TYR B 34 -54.77 -20.80 -17.31
CA TYR B 34 -53.36 -20.54 -17.05
C TYR B 34 -52.95 -19.18 -17.61
N GLN B 35 -52.48 -18.30 -16.71
CA GLN B 35 -52.09 -16.93 -16.97
C GLN B 35 -50.59 -16.74 -17.23
N ILE B 36 -50.28 -15.87 -18.21
CA ILE B 36 -48.92 -15.48 -18.61
C ILE B 36 -48.81 -13.97 -18.80
N TRP B 37 -47.61 -13.47 -19.04
CA TRP B 37 -47.36 -12.06 -19.34
C TRP B 37 -46.70 -12.06 -20.72
N THR B 38 -46.96 -11.06 -21.55
CA THR B 38 -46.38 -11.04 -22.87
C THR B 38 -45.96 -9.63 -23.27
N ASP B 39 -44.92 -9.62 -24.11
CA ASP B 39 -44.19 -8.56 -24.78
C ASP B 39 -44.98 -8.14 -26.02
N ILE B 40 -45.85 -9.05 -26.51
CA ILE B 40 -46.64 -8.89 -27.75
C ILE B 40 -48.10 -8.57 -27.54
N SER B 41 -48.54 -7.43 -28.14
CA SER B 41 -49.92 -6.95 -28.14
C SER B 41 -50.05 -5.63 -28.88
N PRO B 42 -51.19 -5.40 -29.60
CA PRO B 42 -51.43 -4.08 -30.20
C PRO B 42 -51.50 -2.99 -29.11
N THR B 43 -51.94 -3.39 -27.89
CA THR B 43 -52.04 -2.56 -26.68
C THR B 43 -50.67 -1.94 -26.32
N ILE B 44 -49.58 -2.74 -26.44
CA ILE B 44 -48.20 -2.34 -26.18
C ILE B 44 -47.71 -1.36 -27.26
N GLU B 45 -47.99 -1.68 -28.53
CA GLU B 45 -47.61 -0.87 -29.69
C GLU B 45 -48.23 0.52 -29.67
N ASN B 46 -49.53 0.61 -29.31
CA ASN B 46 -50.31 1.85 -29.24
C ASN B 46 -50.08 2.67 -27.98
N ASP B 47 -49.66 2.04 -26.85
CA ASP B 47 -49.39 2.76 -25.59
C ASP B 47 -47.92 2.69 -25.18
N PRO B 48 -47.21 3.85 -25.16
CA PRO B 48 -45.80 3.86 -24.73
C PRO B 48 -45.61 3.55 -23.25
N ASN B 49 -46.65 3.77 -22.42
CA ASN B 49 -46.65 3.50 -20.99
C ASN B 49 -46.79 2.00 -20.66
N ILE B 50 -47.22 1.18 -21.65
CA ILE B 50 -47.41 -0.26 -21.51
C ILE B 50 -46.25 -1.01 -22.22
N MET B 51 -45.68 -2.00 -21.52
CA MET B 51 -44.56 -2.84 -21.92
C MET B 51 -44.96 -4.33 -21.98
N PHE B 52 -45.85 -4.76 -21.07
CA PHE B 52 -46.39 -6.11 -20.93
C PHE B 52 -47.93 -6.09 -20.75
N VAL B 53 -48.55 -7.22 -21.14
CA VAL B 53 -49.98 -7.46 -21.16
C VAL B 53 -50.21 -8.85 -20.54
N LYS B 54 -51.32 -9.03 -19.79
CA LYS B 54 -51.67 -10.32 -19.15
C LYS B 54 -52.63 -11.08 -20.06
N CYS B 55 -52.32 -12.36 -20.33
CA CYS B 55 -53.08 -13.25 -21.20
C CYS B 55 -53.42 -14.55 -20.51
N VAL B 56 -54.46 -15.25 -21.02
CA VAL B 56 -54.89 -16.58 -20.56
C VAL B 56 -54.58 -17.51 -21.72
N VAL B 57 -53.78 -18.56 -21.48
CA VAL B 57 -53.42 -19.53 -22.54
C VAL B 57 -54.63 -20.47 -22.76
N GLN B 58 -55.11 -20.46 -24.01
CA GLN B 58 -56.33 -21.15 -24.47
C GLN B 58 -56.24 -22.67 -24.51
N GLN B 59 -57.39 -23.33 -24.28
CA GLN B 59 -57.55 -24.79 -24.26
C GLN B 59 -57.21 -25.37 -25.64
N GLY B 60 -56.27 -26.31 -25.67
CA GLY B 60 -55.83 -26.94 -26.92
C GLY B 60 -54.75 -26.16 -27.67
N SER B 61 -54.01 -25.33 -26.94
CA SER B 61 -52.90 -24.53 -27.48
C SER B 61 -51.73 -25.48 -27.78
N LYS B 62 -50.93 -25.16 -28.82
CA LYS B 62 -49.76 -25.94 -29.19
C LYS B 62 -48.57 -25.53 -28.30
N LYS B 63 -47.76 -26.52 -27.88
CA LYS B 63 -46.59 -26.32 -26.99
C LYS B 63 -45.49 -25.41 -27.56
N GLU B 64 -45.29 -25.40 -28.90
CA GLU B 64 -44.25 -24.64 -29.60
C GLU B 64 -44.66 -23.20 -29.97
N LYS B 65 -45.98 -22.92 -30.02
CA LYS B 65 -46.58 -21.62 -30.30
C LYS B 65 -47.87 -21.52 -29.49
N LEU B 66 -47.85 -20.68 -28.43
CA LEU B 66 -48.97 -20.48 -27.51
C LEU B 66 -50.11 -19.65 -28.08
N THR B 67 -51.35 -20.11 -27.85
CA THR B 67 -52.56 -19.41 -28.26
C THR B 67 -53.08 -18.76 -26.99
N VAL B 68 -53.09 -17.43 -27.00
CA VAL B 68 -53.46 -16.65 -25.82
C VAL B 68 -54.58 -15.65 -26.11
N VAL B 69 -55.37 -15.34 -25.09
CA VAL B 69 -56.36 -14.28 -25.16
C VAL B 69 -55.94 -13.28 -24.09
N GLN B 70 -55.70 -12.01 -24.50
CA GLN B 70 -55.33 -10.92 -23.59
C GLN B 70 -56.54 -10.54 -22.76
N ILE B 71 -56.41 -10.61 -21.43
CA ILE B 71 -57.49 -10.29 -20.48
C ILE B 71 -57.31 -8.94 -19.76
N ASP B 72 -56.07 -8.41 -19.68
CA ASP B 72 -55.75 -7.18 -18.95
C ASP B 72 -54.44 -6.50 -19.42
N PRO B 73 -54.47 -5.27 -20.02
CA PRO B 73 -55.64 -4.41 -20.38
C PRO B 73 -56.71 -5.15 -21.17
N PRO B 74 -58.02 -4.81 -20.97
CA PRO B 74 -59.12 -5.58 -21.56
C PRO B 74 -58.92 -6.23 -22.91
N GLY B 75 -58.45 -5.53 -23.96
CA GLY B 75 -58.21 -6.18 -25.27
C GLY B 75 -59.43 -6.63 -26.08
N THR B 76 -59.17 -7.14 -27.30
CA THR B 76 -60.18 -7.49 -28.32
C THR B 76 -61.01 -8.78 -28.04
N GLY B 77 -60.43 -9.74 -27.33
CA GLY B 77 -61.09 -11.01 -27.03
C GLY B 77 -60.66 -12.11 -27.97
N THR B 78 -60.15 -11.71 -29.14
CA THR B 78 -59.67 -12.60 -30.21
C THR B 78 -58.37 -13.30 -29.76
N PRO B 79 -58.30 -14.64 -29.86
CA PRO B 79 -57.03 -15.33 -29.53
C PRO B 79 -55.94 -15.00 -30.55
N TYR B 80 -54.66 -15.08 -30.12
CA TYR B 80 -53.50 -14.83 -30.96
C TYR B 80 -52.36 -15.73 -30.54
N ASP B 81 -51.45 -15.99 -31.49
CA ASP B 81 -50.31 -16.88 -31.32
C ASP B 81 -49.06 -16.12 -30.98
N ILE B 82 -48.37 -16.60 -29.93
CA ILE B 82 -47.09 -16.06 -29.47
C ILE B 82 -46.05 -17.17 -29.35
N ASP B 83 -44.76 -16.81 -29.57
CA ASP B 83 -43.64 -17.71 -29.36
C ASP B 83 -43.45 -17.81 -27.83
N PRO B 84 -43.35 -19.03 -27.23
CA PRO B 84 -43.19 -19.11 -25.76
C PRO B 84 -41.99 -18.35 -25.14
N THR B 85 -41.10 -17.80 -25.99
CA THR B 85 -39.95 -16.99 -25.56
C THR B 85 -40.41 -15.58 -25.18
N HIS B 86 -41.67 -15.26 -25.54
CA HIS B 86 -42.34 -13.98 -25.29
C HIS B 86 -43.46 -14.12 -24.26
N ALA B 87 -43.36 -15.17 -23.45
CA ALA B 87 -44.28 -15.45 -22.40
C ALA B 87 -43.49 -15.67 -21.12
N TRP B 88 -43.80 -14.88 -20.08
CA TRP B 88 -43.21 -14.95 -18.74
C TRP B 88 -44.30 -15.49 -17.82
N ASN B 89 -43.91 -16.15 -16.72
CA ASN B 89 -44.84 -16.68 -15.73
C ASN B 89 -45.60 -15.57 -15.03
N CYS B 90 -46.71 -15.92 -14.37
CA CYS B 90 -47.60 -15.00 -13.69
C CYS B 90 -47.98 -15.46 -12.30
N ASN B 91 -48.03 -14.53 -11.34
CA ASN B 91 -48.45 -14.80 -9.95
C ASN B 91 -49.97 -14.52 -9.88
N SER B 92 -50.76 -15.39 -10.55
CA SER B 92 -52.19 -15.31 -10.80
C SER B 92 -53.12 -15.30 -9.56
N GLN B 93 -52.75 -15.99 -8.46
CA GLN B 93 -53.64 -16.05 -7.30
C GLN B 93 -53.09 -15.39 -6.02
N VAL B 94 -52.40 -14.26 -6.20
CA VAL B 94 -51.69 -13.51 -5.15
C VAL B 94 -52.28 -12.11 -4.96
N ASP B 95 -52.53 -11.70 -3.70
CA ASP B 95 -53.00 -10.34 -3.43
C ASP B 95 -51.75 -9.51 -3.08
N PRO B 96 -51.29 -8.58 -3.94
CA PRO B 96 -50.10 -7.81 -3.63
C PRO B 96 -50.21 -6.95 -2.37
N MET B 97 -51.43 -6.76 -1.83
CA MET B 97 -51.70 -5.97 -0.63
C MET B 97 -51.52 -6.73 0.68
N SER B 98 -51.55 -8.07 0.62
CA SER B 98 -51.46 -8.98 1.77
C SER B 98 -50.06 -9.12 2.38
N PHE B 99 -48.99 -8.87 1.60
CA PHE B 99 -47.60 -8.94 2.05
C PHE B 99 -46.77 -7.84 1.41
N GLY B 100 -45.75 -7.39 2.13
CA GLY B 100 -44.88 -6.30 1.67
C GLY B 100 -43.58 -6.62 0.98
N ASP B 101 -43.23 -7.93 0.84
CA ASP B 101 -41.96 -8.30 0.22
C ASP B 101 -42.07 -8.92 -1.18
N ILE B 102 -41.33 -8.35 -2.16
CA ILE B 102 -41.29 -8.86 -3.54
C ILE B 102 -40.70 -10.27 -3.58
N GLY B 103 -39.72 -10.54 -2.72
CA GLY B 103 -39.08 -11.85 -2.60
C GLY B 103 -40.01 -12.99 -2.23
N LEU B 104 -41.15 -12.68 -1.57
CA LEU B 104 -42.18 -13.65 -1.18
C LEU B 104 -42.97 -14.22 -2.37
N LEU B 105 -42.95 -13.53 -3.54
CA LEU B 105 -43.62 -13.97 -4.77
C LEU B 105 -42.89 -15.21 -5.27
N ASN B 106 -43.60 -16.08 -5.97
CA ASN B 106 -43.05 -17.31 -6.51
C ASN B 106 -42.22 -16.96 -7.76
N HIS B 107 -42.74 -16.06 -8.59
CA HIS B 107 -42.06 -15.57 -9.80
C HIS B 107 -41.71 -14.09 -9.61
N THR B 108 -40.45 -13.76 -9.83
CA THR B 108 -39.94 -12.40 -9.62
C THR B 108 -39.36 -11.84 -10.91
N ASN B 109 -39.98 -12.17 -12.05
CA ASN B 109 -39.49 -11.66 -13.33
C ASN B 109 -39.91 -10.19 -13.53
N ILE B 110 -39.42 -9.55 -14.57
CA ILE B 110 -39.66 -8.13 -14.85
C ILE B 110 -41.20 -7.77 -14.88
N PRO B 111 -42.11 -8.49 -15.59
CA PRO B 111 -43.52 -8.06 -15.54
C PRO B 111 -44.18 -8.28 -14.18
N CYS B 112 -43.89 -9.41 -13.53
CA CYS B 112 -44.38 -9.73 -12.20
C CYS B 112 -44.03 -8.61 -11.21
N VAL B 113 -42.76 -8.16 -11.20
CA VAL B 113 -42.26 -7.11 -10.30
C VAL B 113 -42.98 -5.78 -10.61
N LEU B 114 -43.13 -5.45 -11.89
CA LEU B 114 -43.84 -4.22 -12.28
C LEU B 114 -45.27 -4.27 -11.83
N ASP B 115 -45.92 -5.42 -11.98
CA ASP B 115 -47.31 -5.58 -11.55
C ASP B 115 -47.48 -5.48 -10.04
N PHE B 116 -46.67 -6.21 -9.27
CA PHE B 116 -46.74 -6.22 -7.82
C PHE B 116 -46.69 -4.78 -7.30
N LEU B 117 -45.67 -4.02 -7.73
CA LEU B 117 -45.48 -2.63 -7.34
C LEU B 117 -46.60 -1.73 -7.87
N LYS B 118 -47.07 -1.97 -9.12
CA LYS B 118 -48.16 -1.16 -9.75
C LYS B 118 -49.43 -1.29 -8.97
N HIS B 119 -49.85 -2.55 -8.64
CA HIS B 119 -51.05 -2.89 -7.88
C HIS B 119 -51.11 -2.08 -6.62
N ARG B 120 -50.06 -2.16 -5.83
CA ARG B 120 -49.90 -1.46 -4.58
C ARG B 120 -49.90 0.04 -4.78
N TYR B 121 -49.10 0.58 -5.75
CA TYR B 121 -48.96 2.02 -6.00
C TYR B 121 -50.31 2.67 -6.22
N LEU B 122 -51.13 2.05 -7.10
CA LEU B 122 -52.47 2.46 -7.46
C LEU B 122 -53.44 2.35 -6.31
N LYS B 123 -53.16 1.47 -5.34
CA LYS B 123 -53.94 1.34 -4.11
C LYS B 123 -53.33 2.21 -2.97
N ASN B 124 -52.44 3.13 -3.33
CA ASN B 124 -51.76 4.10 -2.47
C ASN B 124 -50.83 3.46 -1.38
N GLN B 125 -50.19 2.33 -1.73
CA GLN B 125 -49.17 1.64 -0.94
C GLN B 125 -47.88 1.79 -1.78
N ILE B 126 -47.13 2.85 -1.48
CA ILE B 126 -45.93 3.27 -2.21
C ILE B 126 -44.65 2.63 -1.68
N TYR B 127 -44.69 2.00 -0.50
CA TYR B 127 -43.52 1.32 0.08
C TYR B 127 -43.60 -0.20 -0.02
N THR B 128 -42.54 -0.82 -0.53
CA THR B 128 -42.42 -2.27 -0.75
C THR B 128 -40.97 -2.68 -0.43
N THR B 129 -40.78 -3.87 0.13
CA THR B 129 -39.50 -4.46 0.48
C THR B 129 -38.95 -5.37 -0.64
N ALA B 130 -37.62 -5.31 -0.87
CA ALA B 130 -36.85 -6.17 -1.78
C ALA B 130 -35.51 -6.32 -1.04
N VAL B 131 -35.54 -6.99 0.14
CA VAL B 131 -34.45 -7.18 1.11
C VAL B 131 -33.04 -7.12 0.44
N PRO B 132 -32.18 -6.14 0.83
CA PRO B 132 -32.32 -5.19 1.96
C PRO B 132 -32.97 -3.84 1.65
N LEU B 133 -33.50 -3.67 0.43
CA LEU B 133 -34.06 -2.39 -0.02
C LEU B 133 -35.48 -2.10 0.37
N ILE B 134 -35.77 -0.81 0.60
CA ILE B 134 -37.10 -0.24 0.75
C ILE B 134 -37.28 0.56 -0.55
N VAL B 135 -38.28 0.16 -1.37
CA VAL B 135 -38.65 0.80 -2.62
C VAL B 135 -39.77 1.79 -2.29
N ALA B 136 -39.58 3.10 -2.56
CA ALA B 136 -40.61 4.12 -2.33
C ALA B 136 -40.93 4.81 -3.65
N ILE B 137 -42.21 4.85 -4.05
CA ILE B 137 -42.64 5.42 -5.33
C ILE B 137 -43.37 6.75 -5.08
N ASN B 138 -43.00 7.81 -5.80
CA ASN B 138 -43.60 9.13 -5.57
C ASN B 138 -45.11 9.19 -5.89
N PRO B 139 -45.98 9.37 -4.86
CA PRO B 139 -47.43 9.41 -5.13
C PRO B 139 -47.94 10.74 -5.71
N TYR B 140 -47.12 11.81 -5.64
CA TYR B 140 -47.45 13.18 -6.04
C TYR B 140 -48.71 13.71 -5.35
N LYS B 141 -48.81 13.39 -4.03
CA LYS B 141 -49.91 13.78 -3.12
C LYS B 141 -49.57 13.37 -1.69
N ASP B 142 -50.19 14.04 -0.70
CA ASP B 142 -50.02 13.69 0.70
C ASP B 142 -50.95 12.50 0.98
N LEU B 143 -50.34 11.36 1.37
CA LEU B 143 -51.10 10.16 1.70
C LEU B 143 -51.49 10.15 3.19
N GLY B 144 -50.93 11.10 3.95
CA GLY B 144 -51.16 11.24 5.38
C GLY B 144 -50.62 10.09 6.19
N ASN B 145 -49.57 9.42 5.68
CA ASN B 145 -48.97 8.27 6.35
C ASN B 145 -47.62 8.59 7.00
N THR B 146 -47.29 9.87 7.10
CA THR B 146 -46.03 10.31 7.71
C THR B 146 -46.31 11.25 8.87
N THR B 147 -47.57 11.31 9.34
CA THR B 147 -48.03 12.13 10.46
C THR B 147 -47.41 11.69 11.81
N ASN B 148 -47.62 12.49 12.88
CA ASN B 148 -47.09 12.17 14.22
C ASN B 148 -47.65 10.88 14.78
N GLU B 149 -48.93 10.57 14.50
CA GLU B 149 -49.53 9.33 14.98
C GLU B 149 -48.93 8.12 14.29
N TRP B 150 -48.50 8.28 13.03
CA TRP B 150 -47.85 7.24 12.24
C TRP B 150 -46.42 7.00 12.74
N ILE B 151 -45.74 8.06 13.23
CA ILE B 151 -44.39 7.97 13.81
C ILE B 151 -44.49 7.14 15.09
N ARG B 152 -45.41 7.55 16.03
CA ARG B 152 -45.69 6.87 17.32
C ARG B 152 -46.01 5.42 17.06
N ARG B 153 -46.86 5.16 16.06
CA ARG B 153 -47.21 3.81 15.63
C ARG B 153 -45.98 2.97 15.29
N TYR B 154 -45.02 3.51 14.54
CA TYR B 154 -43.81 2.78 14.14
C TYR B 154 -42.75 2.70 15.23
N ARG B 155 -42.71 3.70 16.12
CA ARG B 155 -41.74 3.77 17.19
C ARG B 155 -42.14 2.87 18.39
N ASP B 156 -43.42 2.95 18.81
CA ASP B 156 -44.00 2.30 19.99
C ASP B 156 -44.54 0.87 19.80
N THR B 157 -44.77 0.41 18.55
CA THR B 157 -45.25 -0.96 18.32
C THR B 157 -44.20 -1.96 18.76
N ALA B 158 -44.60 -2.91 19.62
CA ALA B 158 -43.72 -3.95 20.16
C ALA B 158 -43.16 -4.88 19.07
N ASP B 159 -44.04 -5.39 18.18
CA ASP B 159 -43.65 -6.33 17.11
C ASP B 159 -43.56 -5.62 15.75
N HIS B 160 -42.32 -5.40 15.31
CA HIS B 160 -41.91 -4.76 14.05
C HIS B 160 -42.38 -5.51 12.79
N THR B 161 -42.68 -6.82 12.91
CA THR B 161 -43.12 -7.66 11.79
C THR B 161 -44.61 -7.43 11.47
N LYS B 162 -45.33 -6.75 12.38
CA LYS B 162 -46.75 -6.42 12.24
C LYS B 162 -46.97 -5.08 11.52
N LEU B 163 -45.87 -4.35 11.26
CA LEU B 163 -45.88 -3.06 10.57
C LEU B 163 -45.59 -3.24 9.07
N PRO B 164 -46.41 -2.60 8.18
CA PRO B 164 -46.14 -2.74 6.72
C PRO B 164 -44.86 -1.98 6.29
N PRO B 165 -44.27 -2.20 5.09
CA PRO B 165 -43.08 -1.44 4.71
C PRO B 165 -43.35 0.05 4.71
N HIS B 166 -42.33 0.80 5.15
CA HIS B 166 -42.36 2.25 5.29
C HIS B 166 -40.95 2.83 5.31
N VAL B 167 -40.80 4.16 5.09
CA VAL B 167 -39.49 4.81 5.24
C VAL B 167 -39.06 4.61 6.71
N PHE B 168 -40.06 4.64 7.64
CA PHE B 168 -39.94 4.47 9.09
C PHE B 168 -39.43 3.11 9.49
N THR B 169 -39.56 2.09 8.62
CA THR B 169 -39.02 0.77 8.92
C THR B 169 -37.49 0.83 8.97
N CYS B 170 -36.84 1.59 8.04
CA CYS B 170 -35.38 1.83 8.04
C CYS B 170 -35.01 2.60 9.29
N ALA B 171 -35.76 3.68 9.59
CA ALA B 171 -35.53 4.51 10.75
C ALA B 171 -35.54 3.66 12.04
N ARG B 172 -36.58 2.80 12.22
CA ARG B 172 -36.71 1.92 13.39
C ARG B 172 -35.63 0.84 13.43
N GLU B 173 -35.38 0.14 12.32
CA GLU B 173 -34.36 -0.90 12.16
C GLU B 173 -32.96 -0.39 12.47
N ALA B 174 -32.53 0.69 11.78
CA ALA B 174 -31.21 1.30 11.96
C ALA B 174 -31.00 1.72 13.40
N LEU B 175 -31.97 2.42 13.99
CA LEU B 175 -31.87 2.86 15.38
C LEU B 175 -31.79 1.68 16.38
N SER B 176 -32.60 0.63 16.16
CA SER B 176 -32.61 -0.57 17.00
C SER B 176 -31.25 -1.23 16.97
N ASN B 177 -30.65 -1.44 15.77
CA ASN B 177 -29.32 -2.03 15.60
C ASN B 177 -28.22 -1.19 16.24
N LEU B 178 -28.40 0.15 16.26
CA LEU B 178 -27.43 1.08 16.82
C LEU B 178 -27.34 0.87 18.32
N HIS B 179 -28.46 1.08 19.04
CA HIS B 179 -28.51 0.90 20.49
C HIS B 179 -28.36 -0.58 20.93
N GLY B 180 -28.69 -1.51 20.02
CA GLY B 180 -28.62 -2.94 20.25
C GLY B 180 -27.21 -3.50 20.34
N VAL B 181 -26.33 -3.11 19.40
CA VAL B 181 -24.94 -3.63 19.35
C VAL B 181 -23.84 -2.51 19.36
N ASN B 182 -24.23 -1.24 19.59
CA ASN B 182 -23.35 -0.06 19.55
C ASN B 182 -22.44 -0.08 18.29
N LYS B 183 -23.10 -0.10 17.14
CA LYS B 183 -22.51 -0.09 15.81
C LYS B 183 -23.20 1.04 15.04
N SER B 184 -22.42 1.89 14.34
CA SER B 184 -22.93 3.02 13.57
C SER B 184 -23.72 2.51 12.39
N GLN B 185 -24.79 3.22 12.05
CA GLN B 185 -25.70 2.84 10.96
C GLN B 185 -25.80 4.00 10.01
N THR B 186 -26.07 3.72 8.72
CA THR B 186 -26.25 4.76 7.68
C THR B 186 -27.50 4.47 6.87
N ILE B 187 -28.35 5.48 6.68
CA ILE B 187 -29.53 5.39 5.82
C ILE B 187 -29.19 6.18 4.54
N ILE B 188 -29.04 5.47 3.41
CA ILE B 188 -28.73 6.04 2.11
C ILE B 188 -30.04 6.20 1.31
N VAL B 189 -30.45 7.47 1.06
CA VAL B 189 -31.65 7.81 0.27
C VAL B 189 -31.22 8.28 -1.12
N SER B 190 -31.48 7.45 -2.15
CA SER B 190 -31.10 7.81 -3.52
C SER B 190 -32.26 7.63 -4.52
N GLY B 191 -32.07 8.16 -5.71
CA GLY B 191 -33.03 8.14 -6.80
C GLY B 191 -32.90 9.34 -7.71
N GLU B 192 -33.70 9.38 -8.80
CA GLU B 192 -33.77 10.46 -9.79
C GLU B 192 -34.25 11.75 -9.11
N SER B 193 -34.18 12.89 -9.81
CA SER B 193 -34.74 14.13 -9.26
C SER B 193 -36.26 14.06 -9.47
N GLY B 194 -36.99 14.24 -8.38
CA GLY B 194 -38.45 14.20 -8.38
C GLY B 194 -39.03 12.88 -7.95
N ALA B 195 -38.17 12.00 -7.38
CA ALA B 195 -38.50 10.67 -6.92
C ALA B 195 -38.93 10.70 -5.44
N GLY B 196 -38.72 11.84 -4.79
CA GLY B 196 -39.10 12.09 -3.40
C GLY B 196 -38.05 11.77 -2.35
N LYS B 197 -36.75 11.97 -2.69
CA LYS B 197 -35.65 11.74 -1.73
C LYS B 197 -35.75 12.79 -0.63
N THR B 198 -35.98 14.06 -1.01
CA THR B 198 -36.10 15.22 -0.11
C THR B 198 -37.11 14.91 1.01
N GLU B 199 -38.29 14.42 0.63
CA GLU B 199 -39.35 14.09 1.55
C GLU B 199 -38.98 12.91 2.43
N ALA B 200 -38.39 11.84 1.84
CA ALA B 200 -37.97 10.64 2.59
C ALA B 200 -36.99 11.02 3.70
N THR B 201 -36.02 11.88 3.39
CA THR B 201 -35.03 12.40 4.34
C THR B 201 -35.71 13.24 5.40
N LYS B 202 -36.63 14.17 5.02
CA LYS B 202 -37.35 15.04 5.95
C LYS B 202 -38.19 14.26 6.95
N GLN B 203 -38.80 13.12 6.53
CA GLN B 203 -39.68 12.26 7.33
C GLN B 203 -38.88 11.42 8.31
N ILE B 204 -37.71 10.89 7.87
CA ILE B 204 -36.81 10.08 8.70
C ILE B 204 -36.23 10.94 9.82
N MET B 205 -35.91 12.19 9.52
CA MET B 205 -35.39 13.12 10.51
C MET B 205 -36.45 13.47 11.55
N ARG B 206 -37.72 13.61 11.12
CA ARG B 206 -38.88 13.87 11.98
C ARG B 206 -39.16 12.68 12.89
N TYR B 207 -38.94 11.45 12.37
CA TYR B 207 -39.09 10.22 13.15
C TYR B 207 -38.04 10.24 14.27
N PHE B 208 -36.76 10.42 13.94
CA PHE B 208 -35.65 10.52 14.88
C PHE B 208 -35.83 11.62 15.92
N ALA B 209 -36.47 12.75 15.55
CA ALA B 209 -36.75 13.88 16.44
C ALA B 209 -37.83 13.58 17.47
N SER B 210 -38.79 12.68 17.14
CA SER B 210 -39.86 12.33 18.06
C SER B 210 -39.32 11.46 19.19
N SER B 211 -39.38 11.99 20.42
CA SER B 211 -38.90 11.29 21.62
C SER B 211 -40.08 10.83 22.44
N LYS B 212 -39.98 9.59 22.99
CA LYS B 212 -41.01 8.98 23.83
C LYS B 212 -41.25 9.89 25.06
N SER B 213 -40.22 10.03 25.93
CA SER B 213 -40.26 10.86 27.11
C SER B 213 -39.52 12.18 26.89
N GLY B 214 -40.20 13.30 27.16
CA GLY B 214 -39.65 14.65 27.01
C GLY B 214 -38.72 15.09 28.13
N ASN B 215 -37.53 14.48 28.21
CA ASN B 215 -36.51 14.79 29.22
C ASN B 215 -35.39 15.62 28.60
N MET B 216 -34.76 15.07 27.53
CA MET B 216 -33.66 15.61 26.73
C MET B 216 -33.82 17.10 26.37
N ASP B 217 -32.70 17.84 26.33
CA ASP B 217 -32.65 19.26 25.94
C ASP B 217 -32.78 19.31 24.42
N LEU B 218 -33.71 20.15 23.92
CA LEU B 218 -33.97 20.23 22.48
C LEU B 218 -33.35 21.46 21.78
N ARG B 219 -32.35 22.11 22.39
CA ARG B 219 -31.70 23.28 21.79
C ARG B 219 -31.10 22.93 20.42
N ILE B 220 -30.20 21.90 20.39
CA ILE B 220 -29.53 21.37 19.20
C ILE B 220 -30.55 20.76 18.19
N GLN B 221 -31.52 19.95 18.67
CA GLN B 221 -32.52 19.32 17.80
C GLN B 221 -33.33 20.35 17.00
N THR B 222 -33.72 21.45 17.64
CA THR B 222 -34.47 22.54 17.02
C THR B 222 -33.61 23.23 15.96
N ALA B 223 -32.28 23.27 16.14
CA ALA B 223 -31.37 23.89 15.19
C ALA B 223 -31.22 23.00 13.95
N ILE B 224 -31.09 21.67 14.16
CA ILE B 224 -30.97 20.64 13.12
C ILE B 224 -32.26 20.59 12.28
N MET B 225 -33.42 20.56 12.94
CA MET B 225 -34.73 20.51 12.29
C MET B 225 -35.04 21.80 11.55
N ALA B 226 -34.50 22.93 12.04
CA ALA B 226 -34.68 24.24 11.42
C ALA B 226 -33.79 24.39 10.20
N ALA B 227 -32.75 23.54 10.06
CA ALA B 227 -31.81 23.58 8.94
C ALA B 227 -32.45 23.28 7.60
N ASN B 228 -33.39 22.32 7.52
CA ASN B 228 -34.04 21.95 6.26
C ASN B 228 -34.62 23.16 5.47
N PRO B 229 -35.45 24.09 6.02
CA PRO B 229 -35.90 25.25 5.20
C PRO B 229 -34.78 26.11 4.64
N VAL B 230 -33.68 26.26 5.42
CA VAL B 230 -32.51 27.07 5.07
C VAL B 230 -31.71 26.38 3.95
N LEU B 231 -31.39 25.10 4.17
CA LEU B 231 -30.69 24.26 3.20
C LEU B 231 -31.43 24.20 1.88
N GLU B 232 -32.77 24.11 1.91
CA GLU B 232 -33.64 24.09 0.72
C GLU B 232 -33.65 25.45 0.02
N ALA B 233 -33.74 26.55 0.79
CA ALA B 233 -33.73 27.91 0.27
C ALA B 233 -32.46 28.22 -0.53
N PHE B 234 -31.31 27.77 -0.03
CA PHE B 234 -30.01 28.06 -0.63
C PHE B 234 -29.50 27.03 -1.59
N GLY B 235 -29.85 25.75 -1.37
CA GLY B 235 -29.33 24.63 -2.17
C GLY B 235 -30.34 23.91 -3.03
N ASN B 236 -31.57 24.43 -3.09
CA ASN B 236 -32.64 23.83 -3.87
C ASN B 236 -33.17 24.82 -4.88
N ALA B 237 -33.68 24.31 -6.01
CA ALA B 237 -34.18 25.16 -7.09
C ALA B 237 -35.24 24.47 -7.90
N LYS B 238 -36.14 25.27 -8.52
CA LYS B 238 -37.19 24.76 -9.42
C LYS B 238 -36.59 24.42 -10.79
N THR B 239 -36.69 23.14 -11.18
CA THR B 239 -36.22 22.60 -12.45
C THR B 239 -37.47 22.16 -13.22
N ILE B 240 -37.30 21.74 -14.48
CA ILE B 240 -38.42 21.24 -15.31
C ILE B 240 -38.95 19.91 -14.74
N ARG B 241 -38.08 19.10 -14.10
CA ARG B 241 -38.43 17.82 -13.48
C ARG B 241 -38.97 17.91 -12.04
N ASN B 242 -38.58 18.97 -11.27
CA ASN B 242 -38.94 19.11 -9.85
C ASN B 242 -39.12 20.57 -9.45
N ASN B 243 -40.18 20.87 -8.69
CA ASN B 243 -40.42 22.24 -8.23
C ASN B 243 -39.58 22.60 -7.02
N ASN B 244 -38.88 21.59 -6.45
CA ASN B 244 -37.99 21.72 -5.29
C ASN B 244 -36.88 20.70 -5.42
N SER B 245 -36.01 20.90 -6.44
CA SER B 245 -34.90 20.00 -6.67
C SER B 245 -33.69 20.37 -5.82
N SER B 246 -33.08 19.37 -5.17
CA SER B 246 -31.88 19.49 -4.36
C SER B 246 -30.68 19.52 -5.28
N ARG B 247 -30.01 20.67 -5.36
CA ARG B 247 -28.87 20.87 -6.26
C ARG B 247 -27.51 20.59 -5.61
N PHE B 248 -27.50 19.73 -4.56
CA PHE B 248 -26.31 19.29 -3.83
C PHE B 248 -26.50 17.88 -3.20
N GLY B 249 -25.41 17.29 -2.77
CA GLY B 249 -25.41 16.03 -2.04
C GLY B 249 -25.37 16.35 -0.56
N ARG B 250 -26.21 15.68 0.22
CA ARG B 250 -26.23 15.94 1.65
C ARG B 250 -25.82 14.73 2.47
N PHE B 251 -24.94 14.95 3.46
CA PHE B 251 -24.54 13.94 4.42
C PHE B 251 -24.70 14.49 5.83
N MET B 252 -25.24 13.67 6.72
CA MET B 252 -25.47 14.05 8.11
C MET B 252 -25.06 12.93 9.03
N GLN B 253 -24.55 13.33 10.19
CA GLN B 253 -24.17 12.42 11.25
C GLN B 253 -25.02 12.85 12.40
N LEU B 254 -25.67 11.90 13.03
CA LEU B 254 -26.56 12.21 14.15
C LEU B 254 -26.28 11.33 15.34
N VAL B 255 -26.57 11.88 16.52
CA VAL B 255 -26.49 11.17 17.79
C VAL B 255 -27.95 11.21 18.28
N ILE B 256 -28.61 10.04 18.28
CA ILE B 256 -30.01 9.91 18.67
C ILE B 256 -30.14 9.07 19.96
N SER B 257 -30.98 9.55 20.91
CA SER B 257 -31.30 8.82 22.15
C SER B 257 -32.13 7.55 21.80
N HIS B 258 -32.03 6.48 22.62
CA HIS B 258 -32.78 5.23 22.38
C HIS B 258 -34.31 5.45 22.42
N GLU B 259 -34.76 6.41 23.26
CA GLU B 259 -36.17 6.83 23.39
C GLU B 259 -36.59 7.71 22.19
N GLY B 260 -35.58 8.20 21.45
CA GLY B 260 -35.75 9.14 20.35
C GLY B 260 -35.23 10.50 20.77
N GLY B 261 -35.08 11.39 19.81
CA GLY B 261 -34.57 12.74 20.05
C GLY B 261 -33.14 12.88 19.58
N ILE B 262 -32.80 13.99 18.88
CA ILE B 262 -31.45 14.21 18.36
C ILE B 262 -30.62 15.06 19.31
N ARG B 263 -29.64 14.39 19.91
CA ARG B 263 -28.71 14.96 20.88
C ARG B 263 -27.70 15.86 20.18
N TYR B 264 -27.01 15.32 19.14
CA TYR B 264 -26.00 16.01 18.33
C TYR B 264 -26.15 15.69 16.84
N GLY B 265 -25.60 16.56 16.01
CA GLY B 265 -25.59 16.43 14.55
C GLY B 265 -24.49 17.20 13.84
N SER B 266 -24.20 16.80 12.59
CA SER B 266 -23.20 17.43 11.71
C SER B 266 -23.65 17.29 10.26
N VAL B 267 -23.77 18.44 9.54
CA VAL B 267 -24.21 18.52 8.15
C VAL B 267 -23.01 18.76 7.21
N VAL B 268 -23.01 18.06 6.06
CA VAL B 268 -22.01 18.17 5.00
C VAL B 268 -22.76 18.32 3.67
N ALA B 269 -22.45 19.38 2.90
CA ALA B 269 -23.02 19.65 1.58
C ALA B 269 -21.87 19.54 0.56
N PHE B 270 -22.11 18.80 -0.52
CA PHE B 270 -21.09 18.65 -1.55
C PHE B 270 -21.67 18.78 -2.95
N LEU B 271 -20.83 19.27 -3.87
CA LEU B 271 -21.10 19.46 -5.30
C LEU B 271 -22.31 20.34 -5.63
N LEU B 272 -22.42 21.51 -4.96
CA LEU B 272 -23.52 22.44 -5.28
C LEU B 272 -23.36 22.93 -6.73
N GLU B 273 -24.47 22.99 -7.48
CA GLU B 273 -24.58 23.45 -8.87
C GLU B 273 -24.32 24.96 -8.95
N LYS B 274 -23.02 25.36 -9.04
CA LYS B 274 -22.59 26.78 -9.10
C LYS B 274 -23.14 27.50 -10.34
N SER B 275 -23.19 26.79 -11.50
CA SER B 275 -23.69 27.34 -12.77
C SER B 275 -25.06 28.02 -12.67
N ARG B 276 -25.98 27.46 -11.87
CA ARG B 276 -27.33 27.94 -11.63
C ARG B 276 -27.45 29.35 -11.02
N ILE B 277 -26.43 29.84 -10.31
CA ILE B 277 -26.44 31.17 -9.69
C ILE B 277 -26.43 32.25 -10.78
N ILE B 278 -25.64 32.00 -11.86
CA ILE B 278 -25.40 32.87 -13.01
C ILE B 278 -26.49 32.78 -14.10
N THR B 279 -26.82 31.55 -14.52
CA THR B 279 -27.76 31.29 -15.61
C THR B 279 -28.69 30.09 -15.35
N GLN B 280 -29.94 30.16 -15.85
CA GLN B 280 -30.94 29.08 -15.76
C GLN B 280 -31.59 28.82 -17.11
N ASP B 281 -31.96 27.54 -17.39
CA ASP B 281 -32.67 27.15 -18.63
C ASP B 281 -34.06 27.77 -18.61
N ASP B 282 -34.86 27.54 -19.65
CA ASP B 282 -36.19 28.12 -19.60
C ASP B 282 -37.12 27.19 -18.86
N ASN B 283 -38.06 27.79 -18.09
CA ASN B 283 -39.00 27.10 -17.19
C ASN B 283 -38.25 26.48 -15.97
N GLU B 284 -37.07 27.06 -15.62
CA GLU B 284 -36.16 26.70 -14.52
C GLU B 284 -35.78 27.96 -13.79
N ARG B 285 -35.74 27.90 -12.46
CA ARG B 285 -35.42 29.04 -11.62
C ARG B 285 -34.07 28.87 -10.96
N SER B 286 -33.50 29.97 -10.43
CA SER B 286 -32.25 29.85 -9.67
C SER B 286 -32.67 29.34 -8.29
N TYR B 287 -31.81 29.49 -7.29
CA TYR B 287 -32.16 28.99 -5.95
C TYR B 287 -33.35 29.72 -5.38
N HIS B 288 -34.14 29.02 -4.55
CA HIS B 288 -35.35 29.56 -3.94
C HIS B 288 -35.15 30.86 -3.20
N ILE B 289 -34.00 31.01 -2.49
CA ILE B 289 -33.67 32.14 -1.64
C ILE B 289 -33.79 33.50 -2.38
N PHE B 290 -33.32 33.59 -3.63
CA PHE B 290 -33.37 34.83 -4.40
C PHE B 290 -34.78 35.36 -4.57
N TYR B 291 -35.71 34.47 -4.89
CA TYR B 291 -37.13 34.72 -5.10
C TYR B 291 -37.84 34.97 -3.77
N GLN B 292 -37.52 34.17 -2.73
CA GLN B 292 -38.08 34.31 -1.37
C GLN B 292 -37.73 35.68 -0.79
N PHE B 293 -36.46 36.09 -0.91
CA PHE B 293 -35.91 37.34 -0.40
C PHE B 293 -36.46 38.56 -1.17
N LEU B 294 -36.42 38.53 -2.51
CA LEU B 294 -36.90 39.67 -3.33
C LEU B 294 -38.40 39.94 -3.22
N LYS B 295 -39.19 38.92 -2.90
CA LYS B 295 -40.64 39.01 -2.74
C LYS B 295 -41.04 39.22 -1.27
N GLY B 296 -40.40 38.48 -0.36
CA GLY B 296 -40.73 38.46 1.06
C GLY B 296 -40.09 39.49 1.98
N ALA B 297 -38.95 40.11 1.57
CA ALA B 297 -38.28 41.11 2.42
C ALA B 297 -39.12 42.36 2.55
N ASN B 298 -39.15 42.92 3.77
CA ASN B 298 -39.90 44.13 4.11
C ASN B 298 -39.31 45.37 3.44
N SER B 299 -40.15 46.41 3.23
CA SER B 299 -39.80 47.69 2.61
C SER B 299 -38.54 48.35 3.19
N THR B 300 -38.24 48.08 4.49
CA THR B 300 -37.07 48.59 5.21
C THR B 300 -35.80 47.96 4.59
N MET B 301 -35.75 46.61 4.46
CA MET B 301 -34.64 45.86 3.86
C MET B 301 -34.57 46.11 2.37
N LYS B 302 -35.75 46.24 1.71
CA LYS B 302 -35.86 46.53 0.27
C LYS B 302 -35.19 47.87 -0.02
N SER B 303 -35.38 48.86 0.88
CA SER B 303 -34.78 50.19 0.75
C SER B 303 -33.30 50.18 1.12
N LYS B 304 -32.95 49.55 2.28
CA LYS B 304 -31.59 49.44 2.82
C LYS B 304 -30.61 48.82 1.80
N PHE B 305 -31.02 47.73 1.13
CA PHE B 305 -30.22 46.98 0.17
C PHE B 305 -30.39 47.46 -1.26
N GLY B 306 -31.42 48.27 -1.50
CA GLY B 306 -31.75 48.77 -2.82
C GLY B 306 -32.22 47.64 -3.72
N LEU B 307 -33.17 46.84 -3.22
CA LEU B 307 -33.72 45.68 -3.90
C LEU B 307 -34.81 46.04 -4.87
N LYS B 308 -34.67 45.51 -6.09
CA LYS B 308 -35.60 45.67 -7.20
C LYS B 308 -36.57 44.45 -7.19
N GLY B 309 -37.31 44.26 -8.27
CA GLY B 309 -38.23 43.13 -8.41
C GLY B 309 -37.53 41.90 -8.94
N VAL B 310 -38.20 40.73 -8.79
CA VAL B 310 -37.71 39.43 -9.25
C VAL B 310 -37.34 39.38 -10.76
N THR B 311 -37.94 40.28 -11.56
CA THR B 311 -37.73 40.35 -13.02
C THR B 311 -36.63 41.34 -13.44
N GLU B 312 -36.15 42.15 -12.47
CA GLU B 312 -35.14 43.20 -12.69
C GLU B 312 -33.66 42.78 -12.47
N TYR B 313 -33.37 41.46 -12.40
CA TYR B 313 -32.00 40.99 -12.17
C TYR B 313 -31.49 40.09 -13.27
N LYS B 314 -30.26 40.33 -13.75
CA LYS B 314 -29.65 39.55 -14.82
C LYS B 314 -29.31 38.13 -14.40
N LEU B 315 -29.14 37.88 -13.10
CA LEU B 315 -28.82 36.52 -12.63
C LEU B 315 -30.05 35.62 -12.53
N LEU B 316 -31.26 36.21 -12.46
CA LEU B 316 -32.53 35.48 -12.35
C LEU B 316 -33.30 35.50 -13.67
N ASN B 317 -33.82 34.33 -14.13
CA ASN B 317 -34.63 34.25 -15.35
C ASN B 317 -35.94 35.01 -15.09
N PRO B 318 -36.24 36.06 -15.91
CA PRO B 318 -37.45 36.89 -15.63
C PRO B 318 -38.78 36.23 -15.98
N ASN B 319 -38.75 35.37 -16.99
CA ASN B 319 -39.89 34.63 -17.52
C ASN B 319 -40.38 33.52 -16.56
N SER B 320 -39.45 32.93 -15.79
CA SER B 320 -39.73 31.81 -14.89
C SER B 320 -39.82 32.13 -13.39
N THR B 321 -39.94 33.41 -13.00
CA THR B 321 -39.98 33.88 -11.59
C THR B 321 -41.12 33.31 -10.71
N GLU B 322 -42.22 32.83 -11.33
CA GLU B 322 -43.38 32.30 -10.58
C GLU B 322 -43.52 30.79 -10.69
N VAL B 323 -43.74 30.11 -9.55
CA VAL B 323 -43.97 28.66 -9.46
C VAL B 323 -45.36 28.45 -8.84
N SER B 324 -46.23 27.71 -9.53
CA SER B 324 -47.59 27.41 -9.08
C SER B 324 -47.52 26.48 -7.86
N GLY B 325 -48.18 26.89 -6.79
CA GLY B 325 -48.21 26.15 -5.53
C GLY B 325 -47.15 26.59 -4.53
N VAL B 326 -46.19 27.42 -4.98
CA VAL B 326 -45.09 27.93 -4.16
C VAL B 326 -45.29 29.40 -3.72
N ASP B 327 -45.45 29.61 -2.41
CA ASP B 327 -45.57 30.94 -1.80
C ASP B 327 -44.17 31.34 -1.33
N ASP B 328 -43.39 32.06 -2.18
CA ASP B 328 -42.03 32.49 -1.83
C ASP B 328 -41.96 33.41 -0.58
N VAL B 329 -43.03 34.21 -0.35
CA VAL B 329 -43.17 35.16 0.77
C VAL B 329 -43.34 34.42 2.11
N LYS B 330 -44.21 33.38 2.16
CA LYS B 330 -44.43 32.56 3.36
C LYS B 330 -43.21 31.68 3.62
N ASP B 331 -42.52 31.24 2.54
CA ASP B 331 -41.31 30.46 2.63
C ASP B 331 -40.18 31.31 3.20
N PHE B 332 -40.17 32.63 2.87
CA PHE B 332 -39.18 33.58 3.40
C PHE B 332 -39.29 33.75 4.92
N GLU B 333 -40.54 33.77 5.43
CA GLU B 333 -40.87 33.88 6.86
C GLU B 333 -40.36 32.64 7.61
N GLU B 334 -40.47 31.46 6.96
CA GLU B 334 -40.03 30.17 7.48
C GLU B 334 -38.50 30.08 7.52
N VAL B 335 -37.81 30.58 6.47
CA VAL B 335 -36.34 30.54 6.40
C VAL B 335 -35.70 31.52 7.45
N ILE B 336 -36.30 32.73 7.65
CA ILE B 336 -35.87 33.73 8.63
C ILE B 336 -36.01 33.17 10.03
N GLU B 337 -37.18 32.57 10.32
CA GLU B 337 -37.45 31.95 11.61
C GLU B 337 -36.47 30.81 11.91
N SER B 338 -36.13 30.03 10.88
CA SER B 338 -35.19 28.91 10.97
C SER B 338 -33.77 29.37 11.26
N LEU B 339 -33.32 30.48 10.61
CA LEU B 339 -31.99 31.09 10.82
C LEU B 339 -31.85 31.54 12.29
N LYS B 340 -32.97 32.05 12.90
CA LYS B 340 -33.05 32.46 14.31
C LYS B 340 -32.91 31.24 15.22
N ASN B 341 -33.53 30.09 14.83
CA ASN B 341 -33.48 28.81 15.55
C ASN B 341 -32.13 28.07 15.38
N MET B 342 -31.23 28.65 14.56
CA MET B 342 -29.87 28.22 14.24
C MET B 342 -28.89 29.10 15.03
N GLU B 343 -29.47 29.92 15.94
CA GLU B 343 -28.78 30.85 16.83
C GLU B 343 -27.91 31.86 16.07
N LEU B 344 -28.52 32.56 15.10
CA LEU B 344 -27.93 33.64 14.31
C LEU B 344 -28.68 34.90 14.74
N SER B 345 -27.93 35.98 15.10
CA SER B 345 -28.52 37.25 15.55
C SER B 345 -29.13 38.01 14.39
N GLU B 346 -29.92 39.04 14.68
CA GLU B 346 -30.60 39.89 13.70
C GLU B 346 -29.59 40.59 12.78
N SER B 347 -28.38 40.84 13.31
CA SER B 347 -27.26 41.46 12.60
C SER B 347 -26.61 40.43 11.67
N ASP B 348 -26.37 39.17 12.17
CA ASP B 348 -25.82 38.05 11.41
C ASP B 348 -26.73 37.79 10.20
N ILE B 349 -28.06 37.78 10.41
CA ILE B 349 -29.10 37.61 9.38
C ILE B 349 -29.04 38.78 8.38
N GLU B 350 -28.93 40.04 8.88
CA GLU B 350 -28.81 41.24 8.06
C GLU B 350 -27.58 41.18 7.15
N VAL B 351 -26.45 40.56 7.63
CA VAL B 351 -25.20 40.39 6.89
C VAL B 351 -25.41 39.34 5.79
N ILE B 352 -26.04 38.20 6.13
CA ILE B 352 -26.35 37.11 5.19
C ILE B 352 -27.15 37.66 4.01
N PHE B 353 -28.18 38.47 4.28
CA PHE B 353 -29.01 39.03 3.20
C PHE B 353 -28.37 40.22 2.50
N SER B 354 -27.33 40.82 3.13
CA SER B 354 -26.56 41.94 2.56
C SER B 354 -25.70 41.35 1.46
N ILE B 355 -25.04 40.20 1.77
CA ILE B 355 -24.21 39.44 0.84
C ILE B 355 -25.10 38.90 -0.31
N VAL B 356 -26.35 38.44 -0.03
CA VAL B 356 -27.26 37.95 -1.08
C VAL B 356 -27.62 39.09 -2.02
N ALA B 357 -28.00 40.25 -1.47
CA ALA B 357 -28.31 41.48 -2.21
C ALA B 357 -27.11 41.95 -3.04
N GLY B 358 -25.90 41.88 -2.46
CA GLY B 358 -24.64 42.23 -3.11
C GLY B 358 -24.29 41.37 -4.31
N ILE B 359 -24.60 40.04 -4.25
CA ILE B 359 -24.36 39.09 -5.35
C ILE B 359 -25.29 39.50 -6.50
N LEU B 360 -26.60 39.67 -6.21
CA LEU B 360 -27.62 40.05 -7.18
C LEU B 360 -27.28 41.40 -7.85
N THR B 361 -26.88 42.41 -7.03
CA THR B 361 -26.45 43.74 -7.46
C THR B 361 -25.24 43.62 -8.38
N LEU B 362 -24.19 42.85 -7.98
CA LEU B 362 -22.99 42.69 -8.82
C LEU B 362 -23.31 42.09 -10.20
N GLY B 363 -24.33 41.24 -10.28
CA GLY B 363 -24.75 40.60 -11.52
C GLY B 363 -25.35 41.56 -12.53
N ASN B 364 -25.88 42.71 -12.01
CA ASN B 364 -26.51 43.81 -12.74
C ASN B 364 -25.50 44.88 -13.20
N VAL B 365 -24.23 44.70 -12.84
CA VAL B 365 -23.14 45.59 -13.22
C VAL B 365 -22.73 45.18 -14.64
N ARG B 366 -22.88 46.13 -15.58
CA ARG B 366 -22.55 45.92 -16.98
C ARG B 366 -21.11 46.30 -17.23
N LEU B 367 -20.39 45.43 -17.93
CA LEU B 367 -19.01 45.61 -18.33
C LEU B 367 -19.00 45.97 -19.82
N ILE B 368 -18.04 46.82 -20.23
CA ILE B 368 -17.86 47.27 -21.60
C ILE B 368 -16.40 47.17 -22.00
N GLU B 369 -16.10 47.11 -23.32
CA GLU B 369 -14.74 47.08 -23.83
C GLU B 369 -14.41 48.51 -24.24
N LYS B 370 -13.33 49.06 -23.70
CA LYS B 370 -12.87 50.43 -23.83
C LYS B 370 -11.44 50.47 -24.34
N GLN B 371 -10.98 51.67 -24.77
CA GLN B 371 -9.58 51.90 -25.15
C GLN B 371 -8.83 52.33 -23.87
N GLU B 372 -7.79 51.56 -23.43
CA GLU B 372 -7.00 51.95 -22.26
C GLU B 372 -5.59 52.24 -22.71
N ALA B 373 -5.29 53.55 -22.84
CA ALA B 373 -4.04 54.15 -23.35
C ALA B 373 -3.72 53.64 -24.77
N GLY B 374 -2.82 52.65 -24.89
CA GLY B 374 -2.44 52.03 -26.15
C GLY B 374 -3.18 50.75 -26.49
N LEU B 375 -4.18 50.36 -25.65
CA LEU B 375 -5.02 49.15 -25.80
C LEU B 375 -6.42 49.44 -26.32
N SER B 376 -6.98 48.54 -27.16
CA SER B 376 -8.31 48.70 -27.79
C SER B 376 -9.44 47.81 -27.20
N ASP B 377 -9.12 46.60 -26.66
CA ASP B 377 -10.11 45.66 -26.12
C ASP B 377 -10.07 45.53 -24.55
N ALA B 378 -9.65 46.60 -23.86
CA ALA B 378 -9.56 46.60 -22.41
C ALA B 378 -10.94 46.71 -21.75
N ALA B 379 -11.22 45.87 -20.72
CA ALA B 379 -12.51 45.91 -20.01
C ALA B 379 -12.61 47.08 -19.05
N ALA B 380 -13.84 47.51 -18.78
CA ALA B 380 -14.17 48.59 -17.85
C ALA B 380 -15.63 48.44 -17.37
N ILE B 381 -15.96 48.99 -16.20
CA ILE B 381 -17.31 48.98 -15.67
C ILE B 381 -18.03 50.15 -16.35
N MET B 382 -19.28 49.94 -16.80
CA MET B 382 -20.08 51.01 -17.42
C MET B 382 -20.25 52.15 -16.44
N ASP B 383 -19.94 53.37 -16.86
CA ASP B 383 -19.94 54.56 -16.00
C ASP B 383 -21.27 54.83 -15.25
N GLU B 384 -22.44 54.50 -15.82
CA GLU B 384 -23.69 54.68 -15.06
C GLU B 384 -23.92 53.51 -14.06
N ASP B 385 -23.14 52.42 -14.23
CA ASP B 385 -23.18 51.23 -13.37
C ASP B 385 -22.05 51.26 -12.31
N MET B 386 -21.38 52.42 -12.15
CA MET B 386 -20.31 52.60 -11.17
C MET B 386 -20.92 52.80 -9.77
N GLY B 387 -22.17 53.24 -9.74
CA GLY B 387 -22.91 53.41 -8.48
C GLY B 387 -23.41 52.07 -8.00
N VAL B 388 -23.82 51.22 -8.96
CA VAL B 388 -24.33 49.85 -8.79
C VAL B 388 -23.19 48.98 -8.27
N PHE B 389 -21.98 49.07 -8.88
CA PHE B 389 -20.80 48.30 -8.48
C PHE B 389 -20.37 48.64 -7.07
N ASN B 390 -20.38 49.92 -6.73
CA ASN B 390 -20.01 50.37 -5.39
C ASN B 390 -21.02 49.89 -4.34
N LYS B 391 -22.32 49.88 -4.69
CA LYS B 391 -23.38 49.38 -3.81
C LYS B 391 -23.16 47.90 -3.56
N ALA B 392 -22.85 47.10 -4.62
CA ALA B 392 -22.59 45.67 -4.55
C ALA B 392 -21.42 45.38 -3.61
N CYS B 393 -20.34 46.18 -3.68
CA CYS B 393 -19.16 46.00 -2.81
C CYS B 393 -19.41 46.42 -1.39
N GLU B 394 -20.25 47.44 -1.18
CA GLU B 394 -20.65 47.93 0.13
C GLU B 394 -21.45 46.83 0.82
N LEU B 395 -22.48 46.27 0.10
CA LEU B 395 -23.39 45.17 0.52
C LEU B 395 -22.65 43.87 0.86
N MET B 396 -21.54 43.55 0.16
CA MET B 396 -20.74 42.34 0.40
C MET B 396 -19.53 42.64 1.32
N TYR B 397 -19.43 43.90 1.83
CA TYR B 397 -18.40 44.37 2.75
C TYR B 397 -16.99 44.24 2.15
N LEU B 398 -16.86 44.54 0.85
CA LEU B 398 -15.60 44.51 0.11
C LEU B 398 -15.16 45.91 -0.32
N ASP B 399 -13.83 46.08 -0.58
CA ASP B 399 -13.23 47.33 -1.05
C ASP B 399 -13.45 47.40 -2.56
N PRO B 400 -14.29 48.36 -3.05
CA PRO B 400 -14.56 48.40 -4.48
C PRO B 400 -13.34 48.65 -5.34
N GLU B 401 -12.32 49.37 -4.81
CA GLU B 401 -11.09 49.65 -5.54
C GLU B 401 -10.25 48.41 -5.78
N LEU B 402 -10.18 47.53 -4.78
CA LEU B 402 -9.43 46.26 -4.87
C LEU B 402 -10.16 45.22 -5.68
N ILE B 403 -11.50 45.20 -5.62
CA ILE B 403 -12.34 44.28 -6.39
C ILE B 403 -12.28 44.66 -7.88
N LYS B 404 -12.38 45.99 -8.18
CA LYS B 404 -12.29 46.60 -9.52
C LYS B 404 -10.96 46.19 -10.18
N ARG B 405 -9.83 46.40 -9.47
CA ARG B 405 -8.48 46.07 -9.92
C ARG B 405 -8.33 44.58 -10.24
N GLU B 406 -9.03 43.71 -9.49
CA GLU B 406 -8.91 42.26 -9.70
C GLU B 406 -9.61 41.79 -10.93
N ILE B 407 -10.77 42.40 -11.23
CA ILE B 407 -11.62 42.08 -12.38
C ILE B 407 -11.04 42.66 -13.69
N LEU B 408 -10.50 43.91 -13.65
CA LEU B 408 -10.01 44.63 -14.83
C LEU B 408 -8.53 44.47 -15.14
N ILE B 409 -7.67 44.45 -14.11
CA ILE B 409 -6.22 44.35 -14.28
C ILE B 409 -5.77 42.89 -14.15
N LYS B 410 -4.83 42.48 -15.03
CA LYS B 410 -4.25 41.13 -15.15
C LYS B 410 -2.77 41.17 -14.81
N VAL B 411 -2.40 40.60 -13.66
CA VAL B 411 -1.01 40.56 -13.19
C VAL B 411 -0.45 39.14 -13.32
N THR B 412 0.81 39.01 -13.80
CA THR B 412 1.55 37.75 -13.97
C THR B 412 2.89 37.80 -13.20
N VAL B 413 3.08 36.91 -12.20
CA VAL B 413 4.29 36.87 -11.36
C VAL B 413 5.16 35.62 -11.64
N ALA B 414 6.50 35.83 -11.83
CA ALA B 414 7.49 34.78 -12.12
C ALA B 414 8.42 34.45 -10.93
N GLY B 415 8.94 35.49 -10.29
CA GLY B 415 9.80 35.40 -9.11
C GLY B 415 9.78 36.72 -8.35
N GLY B 416 8.57 37.24 -8.14
CA GLY B 416 8.31 38.53 -7.49
C GLY B 416 8.28 39.66 -8.49
N THR B 417 8.55 39.32 -9.77
CA THR B 417 8.60 40.24 -10.92
C THR B 417 7.22 40.27 -11.60
N LYS B 418 6.34 41.16 -11.09
CA LYS B 418 4.97 41.37 -11.55
C LYS B 418 4.86 42.18 -12.86
N ILE B 419 4.34 41.53 -13.93
CA ILE B 419 4.09 42.07 -15.28
C ILE B 419 2.58 42.42 -15.35
N GLU B 420 2.26 43.72 -15.33
CA GLU B 420 0.90 44.25 -15.29
C GLU B 420 0.28 44.50 -16.67
N GLY B 421 -0.90 43.92 -16.88
CA GLY B 421 -1.69 44.06 -18.11
C GLY B 421 -3.15 44.40 -17.84
N ARG B 422 -4.04 44.06 -18.79
CA ARG B 422 -5.50 44.26 -18.66
C ARG B 422 -6.25 43.03 -19.14
N TRP B 423 -7.47 42.84 -18.62
CA TRP B 423 -8.37 41.76 -19.00
C TRP B 423 -9.35 42.32 -20.02
N ASN B 424 -9.78 41.48 -20.99
CA ASN B 424 -10.78 41.88 -21.98
C ASN B 424 -12.19 41.71 -21.38
N LYS B 425 -13.23 42.35 -21.96
CA LYS B 425 -14.62 42.29 -21.49
C LYS B 425 -15.10 40.86 -21.21
N ASN B 426 -14.70 39.90 -22.04
CA ASN B 426 -15.09 38.50 -21.92
C ASN B 426 -14.46 37.82 -20.70
N ASP B 427 -13.13 38.00 -20.53
CA ASP B 427 -12.39 37.45 -19.39
C ASP B 427 -12.74 38.13 -18.07
N ALA B 428 -13.09 39.43 -18.11
CA ALA B 428 -13.49 40.18 -16.92
C ALA B 428 -14.92 39.81 -16.50
N GLU B 429 -15.76 39.43 -17.48
CA GLU B 429 -17.12 38.98 -17.21
C GLU B 429 -17.06 37.61 -16.53
N VAL B 430 -16.06 36.77 -16.90
CA VAL B 430 -15.80 35.45 -16.30
C VAL B 430 -15.43 35.63 -14.82
N LEU B 431 -14.52 36.56 -14.52
CA LEU B 431 -14.07 36.90 -13.17
C LEU B 431 -15.21 37.46 -12.31
N LYS B 432 -16.06 38.36 -12.87
CA LYS B 432 -17.19 38.97 -12.17
C LYS B 432 -18.21 37.89 -11.82
N SER B 433 -18.36 36.88 -12.70
CA SER B 433 -19.29 35.77 -12.54
C SER B 433 -18.78 34.76 -11.52
N SER B 434 -17.46 34.51 -11.55
CA SER B 434 -16.75 33.62 -10.63
C SER B 434 -16.81 34.13 -9.18
N LEU B 435 -16.96 35.46 -8.98
CA LEU B 435 -17.05 36.11 -7.71
C LEU B 435 -18.44 35.95 -7.13
N CYS B 436 -19.50 36.03 -7.97
CA CYS B 436 -20.89 35.83 -7.54
C CYS B 436 -21.09 34.38 -7.09
N LYS B 437 -20.52 33.43 -7.85
CA LYS B 437 -20.61 31.99 -7.57
C LYS B 437 -19.87 31.59 -6.31
N ALA B 438 -18.63 32.09 -6.13
CA ALA B 438 -17.84 31.79 -4.93
C ALA B 438 -18.48 32.39 -3.72
N MET B 439 -18.94 33.67 -3.78
CA MET B 439 -19.62 34.32 -2.64
C MET B 439 -20.84 33.55 -2.22
N TYR B 440 -21.64 33.07 -3.18
CA TYR B 440 -22.85 32.31 -2.90
C TYR B 440 -22.54 30.97 -2.28
N GLU B 441 -21.63 30.20 -2.90
CA GLU B 441 -21.24 28.88 -2.41
C GLU B 441 -20.67 28.98 -1.01
N LYS B 442 -19.73 29.90 -0.79
CA LYS B 442 -19.08 30.08 0.50
C LYS B 442 -20.03 30.65 1.56
N LEU B 443 -21.08 31.41 1.17
CA LEU B 443 -22.08 31.91 2.12
C LEU B 443 -22.92 30.71 2.58
N PHE B 444 -23.33 29.86 1.64
CA PHE B 444 -24.06 28.63 1.88
C PHE B 444 -23.23 27.72 2.79
N LEU B 445 -21.96 27.48 2.44
CA LEU B 445 -21.04 26.65 3.24
C LEU B 445 -20.80 27.24 4.62
N TRP B 446 -20.78 28.58 4.75
CA TRP B 446 -20.59 29.25 6.03
C TRP B 446 -21.79 28.98 6.95
N ILE B 447 -23.02 29.18 6.43
CA ILE B 447 -24.28 28.94 7.16
C ILE B 447 -24.28 27.50 7.73
N ILE B 448 -23.76 26.51 6.97
CA ILE B 448 -23.63 25.11 7.41
C ILE B 448 -22.56 24.99 8.50
N ARG B 449 -21.35 25.62 8.30
CA ARG B 449 -20.24 25.65 9.27
C ARG B 449 -20.67 26.29 10.59
N HIS B 450 -21.50 27.34 10.53
CA HIS B 450 -22.07 28.00 11.71
C HIS B 450 -22.90 26.98 12.46
N LEU B 451 -23.95 26.42 11.79
CA LEU B 451 -24.86 25.42 12.34
C LEU B 451 -24.07 24.31 13.01
N ASN B 452 -23.09 23.72 12.31
CA ASN B 452 -22.23 22.64 12.83
C ASN B 452 -21.50 22.99 14.13
N SER B 453 -20.99 24.21 14.26
CA SER B 453 -20.29 24.67 15.46
C SER B 453 -21.16 24.62 16.71
N ARG B 454 -22.49 24.75 16.52
CA ARG B 454 -23.53 24.78 17.55
C ARG B 454 -24.25 23.43 17.75
N ILE B 455 -24.13 22.49 16.80
CA ILE B 455 -24.83 21.20 16.86
C ILE B 455 -23.90 19.99 16.99
N GLU B 456 -22.60 20.12 16.67
CA GLU B 456 -21.63 19.02 16.72
C GLU B 456 -21.24 18.59 18.14
N PRO B 457 -20.90 17.28 18.36
CA PRO B 457 -20.42 16.87 19.70
C PRO B 457 -18.98 17.33 19.93
N GLU B 458 -18.58 17.46 21.22
CA GLU B 458 -17.26 17.96 21.60
C GLU B 458 -16.07 17.14 21.05
N GLY B 459 -16.00 15.86 21.37
CA GLY B 459 -14.88 15.04 20.88
C GLY B 459 -15.10 14.36 19.54
N GLY B 460 -16.11 14.80 18.81
CA GLY B 460 -16.49 14.21 17.54
C GLY B 460 -17.43 13.04 17.77
N PHE B 461 -17.75 12.30 16.72
CA PHE B 461 -18.67 11.17 16.80
C PHE B 461 -17.92 9.88 17.01
N LYS B 462 -18.54 8.96 17.75
CA LYS B 462 -18.01 7.61 17.96
C LYS B 462 -19.02 6.71 17.27
N THR B 463 -20.18 6.50 17.91
CA THR B 463 -21.30 5.77 17.31
C THR B 463 -22.32 6.83 16.90
N PHE B 464 -22.68 6.83 15.60
CA PHE B 464 -23.58 7.83 15.00
C PHE B 464 -24.57 7.16 14.02
N MET B 465 -25.58 7.93 13.61
CA MET B 465 -26.55 7.60 12.59
C MET B 465 -26.20 8.49 11.37
N GLY B 466 -25.72 7.84 10.32
CA GLY B 466 -25.37 8.44 9.03
C GLY B 466 -26.60 8.58 8.17
N MET B 467 -26.65 9.64 7.34
CA MET B 467 -27.81 9.92 6.48
C MET B 467 -27.38 10.60 5.19
N LEU B 468 -27.20 9.82 4.11
CA LEU B 468 -26.80 10.34 2.79
C LEU B 468 -28.00 10.52 1.86
N ASP B 469 -28.05 11.66 1.16
CA ASP B 469 -29.08 12.03 0.17
C ASP B 469 -28.36 12.45 -1.11
N ILE B 470 -28.42 11.58 -2.12
CA ILE B 470 -27.72 11.83 -3.36
C ILE B 470 -28.53 11.23 -4.54
N PHE B 471 -28.20 11.65 -5.76
CA PHE B 471 -28.85 11.12 -6.95
C PHE B 471 -28.27 9.74 -7.20
N GLY B 472 -29.08 8.86 -7.79
CA GLY B 472 -28.65 7.52 -8.20
C GLY B 472 -27.87 7.66 -9.50
N PHE B 473 -27.71 6.56 -10.26
CA PHE B 473 -26.98 6.60 -11.53
C PHE B 473 -27.66 7.52 -12.56
N GLU B 474 -26.90 8.50 -13.08
CA GLU B 474 -27.38 9.50 -14.04
C GLU B 474 -26.98 9.11 -15.43
N VAL B 475 -27.97 9.00 -16.33
CA VAL B 475 -27.75 8.67 -17.75
C VAL B 475 -28.65 9.57 -18.65
N PHE B 476 -28.08 10.66 -19.22
CA PHE B 476 -28.83 11.59 -20.09
C PHE B 476 -28.26 11.65 -21.52
N LYS B 477 -28.81 12.61 -22.33
CA LYS B 477 -28.41 12.90 -23.71
C LYS B 477 -26.92 13.27 -23.69
N ASN B 478 -26.55 14.26 -22.86
CA ASN B 478 -25.16 14.66 -22.69
C ASN B 478 -24.84 14.56 -21.23
N ASN B 479 -23.91 13.66 -20.88
CA ASN B 479 -23.46 13.48 -19.51
C ASN B 479 -22.12 14.14 -19.41
N SER B 480 -21.96 15.13 -18.51
CA SER B 480 -20.67 15.78 -18.33
C SER B 480 -20.01 15.47 -16.94
N LEU B 481 -19.19 16.39 -16.43
CA LEU B 481 -18.41 16.25 -15.22
C LEU B 481 -19.24 16.00 -13.96
N GLU B 482 -20.36 16.71 -13.83
CA GLU B 482 -21.28 16.61 -12.69
C GLU B 482 -21.84 15.20 -12.58
N GLN B 483 -22.22 14.60 -13.72
CA GLN B 483 -22.75 13.24 -13.80
C GLN B 483 -21.66 12.21 -13.49
N LEU B 484 -20.43 12.47 -13.96
CA LEU B 484 -19.26 11.61 -13.73
C LEU B 484 -19.01 11.46 -12.23
N PHE B 485 -19.13 12.56 -11.48
CA PHE B 485 -18.98 12.58 -10.02
C PHE B 485 -20.08 11.76 -9.32
N ILE B 486 -21.35 11.96 -9.72
CA ILE B 486 -22.52 11.24 -9.18
C ILE B 486 -22.38 9.74 -9.46
N ASN B 487 -21.92 9.38 -10.65
CA ASN B 487 -21.78 7.98 -11.05
C ASN B 487 -20.58 7.30 -10.41
N ILE B 488 -19.54 8.07 -10.06
CA ILE B 488 -18.40 7.55 -9.31
C ILE B 488 -18.92 7.26 -7.89
N THR B 489 -19.57 8.25 -7.24
CA THR B 489 -20.18 8.13 -5.90
C THR B 489 -21.07 6.89 -5.81
N ASN B 490 -21.88 6.66 -6.84
CA ASN B 490 -22.79 5.52 -6.91
C ASN B 490 -22.10 4.19 -7.08
N GLU B 491 -20.91 4.19 -7.71
CA GLU B 491 -20.06 2.99 -7.84
C GLU B 491 -19.55 2.59 -6.48
N MET B 492 -19.16 3.58 -5.64
CA MET B 492 -18.71 3.34 -4.28
C MET B 492 -19.79 2.70 -3.44
N LEU B 493 -21.02 3.26 -3.47
CA LEU B 493 -22.17 2.78 -2.71
C LEU B 493 -22.67 1.42 -3.18
N GLN B 494 -22.38 1.07 -4.46
CA GLN B 494 -22.68 -0.23 -5.06
C GLN B 494 -21.87 -1.33 -4.36
N LYS B 495 -20.60 -1.08 -4.06
CA LYS B 495 -19.74 -2.00 -3.32
C LYS B 495 -20.32 -2.20 -1.91
N ASN B 496 -20.82 -1.12 -1.25
CA ASN B 496 -21.44 -1.20 0.10
C ASN B 496 -22.66 -2.09 0.07
N PHE B 497 -23.52 -1.90 -0.95
CA PHE B 497 -24.73 -2.68 -1.13
C PHE B 497 -24.38 -4.16 -1.29
N VAL B 498 -23.54 -4.51 -2.28
CA VAL B 498 -23.12 -5.89 -2.54
C VAL B 498 -22.50 -6.53 -1.29
N ASP B 499 -21.58 -5.83 -0.62
CA ASP B 499 -20.90 -6.33 0.58
C ASP B 499 -21.86 -6.69 1.71
N ILE B 500 -22.82 -5.81 2.08
CA ILE B 500 -23.77 -6.09 3.17
C ILE B 500 -24.73 -7.23 2.84
N VAL B 501 -25.10 -7.37 1.56
CA VAL B 501 -25.99 -8.44 1.12
C VAL B 501 -25.29 -9.76 1.41
N PHE B 502 -24.03 -9.88 0.93
N PHE B 502 -24.04 -9.86 0.92
CA PHE B 502 -23.20 -11.07 1.13
CA PHE B 502 -23.13 -10.99 1.07
C PHE B 502 -22.88 -11.32 2.60
C PHE B 502 -22.86 -11.30 2.55
N GLU B 503 -22.50 -10.27 3.34
CA GLU B 503 -22.19 -10.31 4.78
C GLU B 503 -23.35 -10.88 5.60
N ARG B 504 -24.58 -10.40 5.34
CA ARG B 504 -25.81 -10.83 6.01
C ARG B 504 -26.17 -12.30 5.68
N GLU B 505 -26.03 -12.69 4.39
CA GLU B 505 -26.30 -14.05 3.92
C GLU B 505 -25.27 -15.03 4.51
N SER B 506 -23.98 -14.70 4.44
CA SER B 506 -22.88 -15.50 4.98
C SER B 506 -23.03 -15.76 6.48
N LYS B 507 -23.46 -14.73 7.25
CA LYS B 507 -23.71 -14.86 8.70
C LYS B 507 -24.81 -15.89 8.95
N LEU B 508 -25.94 -15.79 8.20
CA LEU B 508 -27.08 -16.71 8.28
C LEU B 508 -26.63 -18.18 8.05
N TYR B 509 -25.90 -18.44 6.93
CA TYR B 509 -25.35 -19.76 6.57
C TYR B 509 -24.43 -20.25 7.69
N LYS B 510 -23.52 -19.39 8.22
CA LYS B 510 -22.59 -19.70 9.31
C LYS B 510 -23.30 -20.02 10.64
N ASP B 511 -24.38 -19.29 10.95
CA ASP B 511 -25.20 -19.50 12.14
C ASP B 511 -25.91 -20.86 12.08
N GLU B 512 -26.29 -21.31 10.86
CA GLU B 512 -26.96 -22.58 10.59
C GLU B 512 -25.99 -23.71 10.23
N GLY B 513 -24.71 -23.42 10.09
CA GLY B 513 -23.70 -24.42 9.76
C GLY B 513 -23.74 -24.90 8.32
N ILE B 514 -23.94 -23.97 7.36
CA ILE B 514 -23.98 -24.24 5.92
C ILE B 514 -22.75 -23.58 5.27
N SER B 515 -22.15 -24.28 4.29
CA SER B 515 -20.97 -23.82 3.58
C SER B 515 -21.28 -22.62 2.70
N THR B 516 -20.52 -21.52 2.90
CA THR B 516 -20.65 -20.28 2.13
C THR B 516 -19.78 -20.36 0.86
N ALA B 517 -19.12 -21.52 0.63
CA ALA B 517 -18.25 -21.79 -0.52
C ALA B 517 -18.99 -21.62 -1.85
N GLU B 518 -20.30 -21.95 -1.88
CA GLU B 518 -21.15 -21.78 -3.06
C GLU B 518 -21.52 -20.30 -3.26
N LEU B 519 -21.67 -19.51 -2.16
CA LEU B 519 -21.98 -18.08 -2.20
C LEU B 519 -20.82 -17.36 -2.89
N LYS B 520 -21.10 -16.74 -4.07
CA LYS B 520 -20.13 -16.04 -4.93
C LYS B 520 -20.80 -15.04 -5.90
N TYR B 521 -20.36 -13.77 -5.87
CA TYR B 521 -20.75 -12.67 -6.79
C TYR B 521 -19.62 -11.66 -6.96
N THR B 522 -19.48 -11.17 -8.20
CA THR B 522 -18.45 -10.23 -8.67
C THR B 522 -18.40 -8.90 -7.92
N SER B 523 -17.23 -8.24 -7.95
CA SER B 523 -17.00 -6.92 -7.37
C SER B 523 -16.90 -5.87 -8.49
N ASN B 524 -16.88 -4.59 -8.10
CA ASN B 524 -16.75 -3.47 -9.02
C ASN B 524 -15.43 -2.74 -8.78
N LYS B 525 -14.40 -3.48 -8.28
CA LYS B 525 -13.04 -2.98 -8.03
C LYS B 525 -12.45 -2.40 -9.30
N GLU B 526 -12.64 -3.09 -10.43
CA GLU B 526 -12.11 -2.68 -11.74
C GLU B 526 -12.59 -1.30 -12.17
N VAL B 527 -13.93 -1.09 -12.27
CA VAL B 527 -14.52 0.18 -12.70
C VAL B 527 -14.21 1.33 -11.70
N ILE B 528 -14.15 1.03 -10.39
CA ILE B 528 -13.80 2.00 -9.36
C ILE B 528 -12.37 2.47 -9.61
N ASN B 529 -11.45 1.53 -9.93
CA ASN B 529 -10.06 1.81 -10.23
C ASN B 529 -9.88 2.65 -11.48
N VAL B 530 -10.52 2.30 -12.60
CA VAL B 530 -10.46 3.06 -13.86
C VAL B 530 -10.89 4.53 -13.66
N LEU B 531 -11.76 4.77 -12.66
CA LEU B 531 -12.25 6.11 -12.37
C LEU B 531 -11.46 6.85 -11.30
N CYS B 532 -10.99 6.17 -10.23
CA CYS B 532 -10.33 6.81 -9.08
C CYS B 532 -8.84 6.56 -8.90
N GLU B 533 -8.35 5.30 -9.05
CA GLU B 533 -6.95 4.89 -8.85
C GLU B 533 -5.91 5.97 -9.10
N LYS B 534 -5.07 6.27 -8.09
CA LYS B 534 -4.00 7.26 -8.17
C LYS B 534 -3.06 6.94 -9.36
N GLY B 535 -2.87 7.91 -10.25
CA GLY B 535 -2.03 7.78 -11.43
C GLY B 535 -2.70 7.11 -12.63
N LYS B 536 -3.36 5.95 -12.39
CA LYS B 536 -4.05 5.19 -13.43
C LYS B 536 -5.59 5.43 -13.36
N SER B 537 -6.07 6.64 -13.79
CA SER B 537 -7.49 7.01 -13.71
C SER B 537 -7.99 8.13 -14.57
N VAL B 538 -9.30 8.08 -14.91
CA VAL B 538 -10.03 9.11 -15.63
C VAL B 538 -9.91 10.41 -14.81
N LEU B 539 -9.96 10.28 -13.46
CA LEU B 539 -9.81 11.45 -12.58
C LEU B 539 -8.36 11.95 -12.50
N SER B 540 -7.37 11.02 -12.52
CA SER B 540 -5.94 11.35 -12.46
C SER B 540 -5.53 12.11 -13.71
N TYR B 541 -5.95 11.62 -14.92
CA TYR B 541 -5.66 12.25 -16.20
C TYR B 541 -6.41 13.59 -16.37
N LEU B 542 -7.51 13.79 -15.60
CA LEU B 542 -8.26 15.07 -15.59
C LEU B 542 -7.46 16.10 -14.79
N GLU B 543 -6.98 15.73 -13.61
CA GLU B 543 -6.13 16.53 -12.75
C GLU B 543 -4.83 16.89 -13.51
N ASP B 544 -4.19 15.88 -14.16
CA ASP B 544 -2.96 16.04 -14.95
C ASP B 544 -3.14 17.07 -16.06
N GLN B 545 -4.27 17.00 -16.79
CA GLN B 545 -4.56 17.93 -17.89
C GLN B 545 -4.95 19.32 -17.42
N CYS B 546 -5.45 19.44 -16.16
CA CYS B 546 -5.85 20.71 -15.56
C CYS B 546 -4.63 21.48 -15.05
N LEU B 547 -3.61 20.74 -14.59
CA LEU B 547 -2.36 21.26 -14.08
C LEU B 547 -1.35 21.56 -15.21
N ALA B 548 -1.49 20.88 -16.36
CA ALA B 548 -0.64 21.07 -17.54
C ALA B 548 -0.93 22.44 -18.17
N PRO B 549 0.11 23.22 -18.56
CA PRO B 549 -0.15 24.55 -19.14
C PRO B 549 -0.88 24.53 -20.48
N GLY B 550 -0.55 23.56 -21.34
CA GLY B 550 -1.18 23.40 -22.65
C GLY B 550 -2.38 22.45 -22.64
N GLY B 551 -3.03 22.36 -21.48
CA GLY B 551 -4.16 21.49 -21.25
C GLY B 551 -5.43 21.82 -22.03
N THR B 552 -6.02 20.79 -22.65
CA THR B 552 -7.27 20.86 -23.41
C THR B 552 -8.14 19.65 -23.03
N ASP B 553 -9.43 19.69 -23.40
CA ASP B 553 -10.38 18.61 -23.15
C ASP B 553 -10.02 17.37 -23.96
N GLU B 554 -9.63 17.59 -25.24
CA GLU B 554 -9.23 16.58 -26.25
C GLU B 554 -7.99 15.80 -25.83
N LYS B 555 -6.97 16.51 -25.28
CA LYS B 555 -5.74 15.89 -24.79
C LYS B 555 -6.03 14.97 -23.58
N PHE B 556 -7.05 15.33 -22.73
CA PHE B 556 -7.47 14.54 -21.57
C PHE B 556 -8.10 13.21 -22.02
N VAL B 557 -8.96 13.24 -23.07
CA VAL B 557 -9.62 12.06 -23.65
C VAL B 557 -8.53 11.13 -24.22
N SER B 558 -7.57 11.72 -24.99
CA SER B 558 -6.45 11.04 -25.64
C SER B 558 -5.60 10.30 -24.62
N SER B 559 -5.25 10.97 -23.50
CA SER B 559 -4.45 10.36 -22.43
C SER B 559 -5.18 9.18 -21.80
N CYS B 560 -6.51 9.28 -21.64
CA CYS B 560 -7.36 8.24 -21.10
C CYS B 560 -7.39 7.06 -22.07
N ALA B 561 -7.67 7.34 -23.36
CA ALA B 561 -7.74 6.36 -24.44
C ALA B 561 -6.45 5.54 -24.55
N THR B 562 -5.30 6.23 -24.48
CA THR B 562 -3.97 5.66 -24.56
C THR B 562 -3.61 4.78 -23.34
N ASN B 563 -3.65 5.36 -22.14
CA ASN B 563 -3.25 4.70 -20.89
C ASN B 563 -4.26 3.72 -20.27
N LEU B 564 -5.57 3.94 -20.48
CA LEU B 564 -6.59 3.06 -19.90
C LEU B 564 -7.13 2.04 -20.92
N LYS B 565 -6.35 1.85 -22.01
CA LYS B 565 -6.56 0.93 -23.13
C LYS B 565 -6.56 -0.50 -22.59
N GLU B 566 -5.70 -0.75 -21.58
CA GLU B 566 -5.53 -2.01 -20.88
C GLU B 566 -6.83 -2.50 -20.24
N ASN B 567 -7.63 -1.57 -19.69
CA ASN B 567 -8.88 -1.92 -19.04
C ASN B 567 -10.08 -1.86 -19.95
N ASN B 568 -10.91 -2.90 -19.81
CA ASN B 568 -12.17 -3.16 -20.50
C ASN B 568 -13.26 -2.15 -20.10
N LYS B 569 -13.07 -1.49 -18.93
CA LYS B 569 -13.95 -0.51 -18.30
C LYS B 569 -13.88 0.90 -18.94
N PHE B 570 -12.85 1.15 -19.75
CA PHE B 570 -12.74 2.39 -20.52
C PHE B 570 -12.94 2.05 -21.99
N THR B 571 -13.78 2.83 -22.67
CA THR B 571 -14.13 2.61 -24.07
C THR B 571 -14.22 3.96 -24.78
N PRO B 572 -13.53 4.15 -25.92
CA PRO B 572 -13.71 5.42 -26.65
C PRO B 572 -15.06 5.41 -27.36
N ALA B 573 -15.62 6.59 -27.65
CA ALA B 573 -16.93 6.66 -28.32
C ALA B 573 -16.77 6.48 -29.84
N LYS B 574 -17.80 5.90 -30.51
CA LYS B 574 -17.81 5.68 -31.95
C LYS B 574 -17.89 7.02 -32.71
N VAL B 575 -18.91 7.84 -32.41
CA VAL B 575 -19.10 9.17 -33.00
C VAL B 575 -18.43 10.17 -32.06
N ALA B 576 -17.65 11.12 -32.62
CA ALA B 576 -16.91 12.18 -31.91
C ALA B 576 -15.96 11.62 -30.82
N SER B 577 -15.10 10.66 -31.23
CA SER B 577 -14.10 9.97 -30.39
C SER B 577 -13.17 10.92 -29.63
N ASN B 578 -12.85 12.07 -30.24
CA ASN B 578 -11.95 13.10 -29.73
C ASN B 578 -12.43 13.77 -28.43
N LYS B 579 -13.75 13.97 -28.26
CA LYS B 579 -14.33 14.63 -27.07
C LYS B 579 -15.42 13.80 -26.33
N ASN B 580 -15.51 12.50 -26.61
CA ASN B 580 -16.49 11.62 -25.99
C ASN B 580 -15.87 10.29 -25.59
N PHE B 581 -16.30 9.75 -24.44
CA PHE B 581 -15.81 8.49 -23.92
C PHE B 581 -16.93 7.70 -23.25
N ILE B 582 -16.67 6.43 -22.92
CA ILE B 582 -17.63 5.51 -22.31
C ILE B 582 -16.98 4.78 -21.13
N ILE B 583 -17.71 4.66 -20.04
CA ILE B 583 -17.28 3.93 -18.87
C ILE B 583 -18.25 2.79 -18.76
N GLN B 584 -17.76 1.59 -18.48
CA GLN B 584 -18.59 0.41 -18.31
C GLN B 584 -18.97 0.29 -16.85
N HIS B 585 -19.99 1.07 -16.44
CA HIS B 585 -20.48 1.07 -15.07
C HIS B 585 -21.18 -0.26 -14.79
N THR B 586 -21.41 -0.60 -13.50
CA THR B 586 -22.04 -1.87 -13.15
C THR B 586 -23.44 -2.02 -13.76
N ILE B 587 -24.20 -0.91 -13.81
CA ILE B 587 -25.53 -0.89 -14.40
C ILE B 587 -25.49 -0.84 -15.97
N GLY B 588 -24.27 -0.75 -16.55
CA GLY B 588 -24.06 -0.70 -17.99
C GLY B 588 -23.18 0.42 -18.50
N PRO B 589 -23.03 0.53 -19.84
CA PRO B 589 -22.18 1.61 -20.38
C PRO B 589 -22.82 2.98 -20.28
N ILE B 590 -22.06 3.95 -19.75
CA ILE B 590 -22.48 5.36 -19.65
C ILE B 590 -21.51 6.22 -20.49
N GLN B 591 -22.03 6.92 -21.51
CA GLN B 591 -21.23 7.80 -22.35
C GLN B 591 -21.19 9.19 -21.72
N TYR B 592 -20.01 9.81 -21.80
CA TYR B 592 -19.73 11.14 -21.27
C TYR B 592 -19.15 12.02 -22.36
N CYS B 593 -19.52 13.30 -22.34
CA CYS B 593 -18.97 14.27 -23.27
C CYS B 593 -17.97 15.10 -22.46
N ALA B 594 -16.68 15.05 -22.85
CA ALA B 594 -15.59 15.74 -22.18
C ALA B 594 -15.51 17.26 -22.47
N GLU B 595 -16.46 17.81 -23.26
CA GLU B 595 -16.50 19.24 -23.53
C GLU B 595 -16.76 20.01 -22.23
N SER B 596 -15.88 21.00 -21.94
CA SER B 596 -15.87 21.91 -20.78
C SER B 596 -15.44 21.25 -19.46
N PHE B 597 -14.85 20.03 -19.51
CA PHE B 597 -14.36 19.32 -18.34
C PHE B 597 -13.31 20.14 -17.58
N LEU B 598 -12.35 20.74 -18.29
CA LEU B 598 -11.29 21.54 -17.68
C LEU B 598 -11.84 22.87 -17.17
N LEU B 599 -12.74 23.49 -17.94
CA LEU B 599 -13.40 24.74 -17.58
C LEU B 599 -14.18 24.56 -16.26
N LYS B 600 -14.93 23.45 -16.13
CA LYS B 600 -15.69 23.07 -14.96
C LYS B 600 -14.81 22.61 -13.78
N ASN B 601 -13.74 21.83 -14.06
CA ASN B 601 -12.85 21.32 -13.00
C ASN B 601 -12.02 22.43 -12.38
N LYS B 602 -11.70 23.48 -13.16
CA LYS B 602 -10.92 24.62 -12.73
C LYS B 602 -11.82 25.75 -12.16
N ASP B 603 -13.18 25.65 -12.30
CA ASP B 603 -14.16 26.68 -11.85
C ASP B 603 -14.20 26.87 -10.33
N VAL B 604 -13.14 27.51 -9.79
CA VAL B 604 -12.92 27.86 -8.38
C VAL B 604 -12.27 29.26 -8.40
N LEU B 605 -12.72 30.15 -7.50
CA LEU B 605 -12.18 31.50 -7.33
C LEU B 605 -10.85 31.35 -6.58
N ARG B 606 -9.79 31.95 -7.13
CA ARG B 606 -8.44 31.87 -6.54
C ARG B 606 -7.59 33.15 -6.71
N GLY B 607 -6.47 33.18 -5.98
CA GLY B 607 -5.52 34.27 -6.02
C GLY B 607 -5.88 35.47 -5.18
N ASP B 608 -5.45 36.64 -5.65
CA ASP B 608 -5.60 37.91 -4.96
C ASP B 608 -7.03 38.34 -4.73
N LEU B 609 -8.00 37.76 -5.47
CA LEU B 609 -9.42 38.09 -5.28
C LEU B 609 -9.90 37.57 -3.94
N VAL B 610 -9.48 36.34 -3.59
CA VAL B 610 -9.79 35.64 -2.34
C VAL B 610 -9.22 36.44 -1.15
N GLU B 611 -8.01 37.03 -1.35
CA GLU B 611 -7.34 37.83 -0.32
C GLU B 611 -8.05 39.16 -0.05
N VAL B 612 -8.77 39.69 -1.04
CA VAL B 612 -9.54 40.94 -0.88
C VAL B 612 -10.76 40.66 0.02
N ILE B 613 -11.36 39.47 -0.16
CA ILE B 613 -12.52 39.00 0.57
C ILE B 613 -12.13 38.72 2.03
N LYS B 614 -10.93 38.10 2.23
CA LYS B 614 -10.38 37.83 3.57
C LYS B 614 -10.04 39.12 4.35
N ASP B 615 -9.69 40.22 3.64
CA ASP B 615 -9.32 41.51 4.25
C ASP B 615 -10.54 42.42 4.54
N SER B 616 -11.74 41.85 4.43
CA SER B 616 -12.99 42.55 4.70
C SER B 616 -13.07 42.96 6.18
N PRO B 617 -13.71 44.10 6.54
CA PRO B 617 -13.85 44.44 7.96
C PRO B 617 -14.95 43.58 8.67
N ASN B 618 -15.73 42.81 7.90
CA ASN B 618 -16.82 41.99 8.43
C ASN B 618 -16.38 40.57 8.78
N PRO B 619 -16.57 40.14 10.06
CA PRO B 619 -16.15 38.79 10.49
C PRO B 619 -16.76 37.62 9.71
N ILE B 620 -18.03 37.74 9.26
CA ILE B 620 -18.67 36.70 8.44
C ILE B 620 -17.95 36.59 7.08
N VAL B 621 -17.77 37.75 6.38
CA VAL B 621 -17.08 37.87 5.06
C VAL B 621 -15.63 37.35 5.13
N GLN B 622 -14.93 37.62 6.26
CA GLN B 622 -13.56 37.14 6.53
C GLN B 622 -13.54 35.59 6.57
N GLN B 623 -14.54 35.00 7.25
CA GLN B 623 -14.72 33.56 7.44
C GLN B 623 -15.11 32.77 6.17
N LEU B 624 -15.76 33.40 5.16
CA LEU B 624 -16.18 32.68 3.94
C LEU B 624 -15.07 31.86 3.28
N PHE B 625 -13.89 32.46 3.10
CA PHE B 625 -12.74 31.83 2.44
C PHE B 625 -11.65 31.37 3.41
N GLU B 626 -11.95 31.36 4.75
CA GLU B 626 -11.04 30.87 5.79
C GLU B 626 -10.68 29.42 5.40
N GLY B 627 -9.41 29.08 5.59
CA GLY B 627 -8.93 27.77 5.21
C GLY B 627 -8.80 27.69 3.70
N GLN B 628 -8.09 28.66 3.12
CA GLN B 628 -7.78 28.73 1.69
C GLN B 628 -6.36 29.24 1.54
N VAL B 629 -5.62 28.65 0.61
CA VAL B 629 -4.20 28.97 0.39
C VAL B 629 -3.93 29.63 -1.00
N ILE B 630 -2.62 29.88 -1.32
CA ILE B 630 -2.15 30.47 -2.59
C ILE B 630 -0.78 29.91 -3.01
N GLY B 633 -0.53 32.49 -7.20
CA GLY B 633 0.16 32.40 -8.47
C GLY B 633 -0.43 31.39 -9.46
N LYS B 634 -0.01 30.10 -9.32
CA LYS B 634 -0.39 28.95 -10.17
C LYS B 634 -1.72 28.25 -9.73
N ILE B 635 -2.05 27.09 -10.37
CA ILE B 635 -3.18 26.21 -10.03
C ILE B 635 -2.61 25.05 -9.22
N ALA B 636 -3.15 24.86 -8.02
CA ALA B 636 -2.83 23.78 -7.09
C ALA B 636 -3.96 22.74 -7.21
N LYS B 637 -3.76 21.50 -6.72
CA LYS B 637 -4.83 20.50 -6.77
C LYS B 637 -5.95 20.83 -5.72
N GLY B 638 -5.62 21.69 -4.75
CA GLY B 638 -6.56 22.15 -3.74
C GLY B 638 -7.59 23.11 -4.30
N SER B 639 -7.33 23.59 -5.52
CA SER B 639 -8.24 24.49 -6.22
C SER B 639 -8.94 23.79 -7.42
N LEU B 640 -8.76 22.44 -7.53
CA LEU B 640 -9.42 21.68 -8.58
C LEU B 640 -10.60 20.89 -8.00
N ILE B 641 -11.78 21.01 -8.64
CA ILE B 641 -13.04 20.39 -8.21
C ILE B 641 -12.92 18.85 -8.00
N GLY B 642 -12.41 18.14 -8.99
CA GLY B 642 -12.26 16.68 -8.92
C GLY B 642 -11.34 16.19 -7.82
N SER B 643 -10.28 16.97 -7.53
CA SER B 643 -9.30 16.63 -6.50
C SER B 643 -9.95 16.80 -5.14
N GLN B 644 -10.67 17.93 -4.96
CA GLN B 644 -11.45 18.28 -3.77
C GLN B 644 -12.50 17.17 -3.54
N PHE B 645 -13.28 16.84 -4.60
CA PHE B 645 -14.33 15.83 -4.60
C PHE B 645 -13.80 14.48 -4.17
N LEU B 646 -12.74 13.97 -4.81
CA LEU B 646 -12.15 12.67 -4.46
C LEU B 646 -11.67 12.56 -3.02
N ASN B 647 -11.22 13.68 -2.41
CA ASN B 647 -10.82 13.65 -1.01
C ASN B 647 -12.06 13.56 -0.15
N GLN B 648 -13.05 14.44 -0.42
CA GLN B 648 -14.34 14.48 0.25
C GLN B 648 -15.02 13.12 0.17
N LEU B 649 -15.00 12.45 -1.01
CA LEU B 649 -15.58 11.13 -1.27
C LEU B 649 -14.89 10.04 -0.49
N THR B 650 -13.54 10.08 -0.42
CA THR B 650 -12.75 9.09 0.33
C THR B 650 -13.09 9.23 1.81
N SER B 651 -13.15 10.48 2.30
CA SER B 651 -13.51 10.82 3.67
C SER B 651 -14.92 10.31 3.96
N LEU B 652 -15.87 10.53 3.03
CA LEU B 652 -17.26 10.12 3.14
C LEU B 652 -17.38 8.60 3.18
N MET B 653 -16.74 7.92 2.21
CA MET B 653 -16.77 6.47 2.11
C MET B 653 -16.15 5.79 3.30
N ASN B 654 -15.03 6.33 3.83
CA ASN B 654 -14.39 5.78 5.04
C ASN B 654 -15.39 5.72 6.20
N LEU B 655 -16.21 6.78 6.36
CA LEU B 655 -17.28 6.85 7.37
C LEU B 655 -18.38 5.81 7.06
N ILE B 656 -19.00 5.85 5.86
CA ILE B 656 -20.05 4.92 5.44
C ILE B 656 -19.57 3.46 5.55
N ASN B 657 -18.34 3.13 5.07
CA ASN B 657 -17.76 1.79 5.16
C ASN B 657 -17.63 1.25 6.58
N SER B 658 -17.53 2.14 7.58
CA SER B 658 -17.43 1.78 8.99
C SER B 658 -18.81 1.47 9.61
N THR B 659 -19.90 1.65 8.84
CA THR B 659 -21.27 1.51 9.34
C THR B 659 -22.06 0.37 8.71
N GLU B 660 -23.27 0.12 9.26
CA GLU B 660 -24.26 -0.83 8.75
C GLU B 660 -25.18 -0.04 7.79
N PRO B 661 -25.21 -0.37 6.48
CA PRO B 661 -26.02 0.42 5.56
C PRO B 661 -27.48 -0.02 5.45
N HIS B 662 -28.35 0.97 5.23
CA HIS B 662 -29.79 0.89 5.04
C HIS B 662 -30.09 1.66 3.76
N PHE B 663 -30.92 1.10 2.89
CA PHE B 663 -31.15 1.74 1.60
C PHE B 663 -32.60 2.03 1.31
N ILE B 664 -32.85 3.26 0.86
CA ILE B 664 -34.17 3.72 0.42
C ILE B 664 -34.00 4.14 -1.03
N ARG B 665 -34.60 3.36 -1.95
CA ARG B 665 -34.54 3.58 -3.38
C ARG B 665 -35.87 4.20 -3.84
N CYS B 666 -35.82 5.46 -4.26
CA CYS B 666 -36.94 6.28 -4.66
C CYS B 666 -37.21 6.25 -6.17
N ILE B 667 -38.48 6.00 -6.55
CA ILE B 667 -38.95 5.93 -7.95
C ILE B 667 -39.92 7.05 -8.28
N LYS B 668 -39.72 7.67 -9.46
CA LYS B 668 -40.57 8.69 -10.06
C LYS B 668 -41.46 7.90 -11.09
N PRO B 669 -42.78 7.74 -10.88
CA PRO B 669 -43.57 6.87 -11.76
C PRO B 669 -43.98 7.45 -13.13
N ASN B 670 -43.84 8.78 -13.27
CA ASN B 670 -44.23 9.49 -14.48
C ASN B 670 -43.50 10.80 -14.55
N GLU B 671 -43.42 11.39 -15.75
CA GLU B 671 -42.75 12.68 -15.93
C GLU B 671 -43.73 13.86 -15.84
N ASN B 672 -44.98 13.64 -15.41
CA ASN B 672 -46.01 14.68 -15.37
C ASN B 672 -46.44 15.15 -13.99
N LYS B 673 -45.69 14.80 -12.94
CA LYS B 673 -46.00 15.23 -11.56
C LYS B 673 -47.46 14.88 -11.17
N LYS B 674 -47.97 13.76 -11.70
CA LYS B 674 -49.36 13.33 -11.50
C LYS B 674 -49.51 12.14 -10.60
N PRO B 675 -50.53 12.16 -9.70
CA PRO B 675 -50.79 10.96 -8.88
C PRO B 675 -51.39 9.83 -9.73
N LEU B 676 -51.26 8.60 -9.26
CA LEU B 676 -51.80 7.39 -9.89
C LEU B 676 -51.58 7.27 -11.44
N GLU B 677 -50.37 7.67 -11.92
CA GLU B 677 -49.95 7.54 -13.33
C GLU B 677 -48.69 6.65 -13.34
N TRP B 678 -48.71 5.59 -14.15
CA TRP B 678 -47.67 4.59 -14.17
C TRP B 678 -47.06 4.37 -15.55
N CYS B 679 -45.82 4.81 -15.74
CA CYS B 679 -45.08 4.69 -17.01
C CYS B 679 -44.11 3.53 -16.88
N GLU B 680 -44.46 2.36 -17.42
CA GLU B 680 -43.65 1.15 -17.28
C GLU B 680 -42.22 1.31 -17.78
N PRO B 681 -41.90 1.94 -18.96
CA PRO B 681 -40.48 2.05 -19.34
C PRO B 681 -39.62 2.85 -18.36
N LYS B 682 -40.16 4.00 -17.91
CA LYS B 682 -39.60 4.98 -16.98
C LYS B 682 -39.29 4.31 -15.65
N ILE B 683 -40.21 3.45 -15.17
CA ILE B 683 -40.10 2.69 -13.93
C ILE B 683 -39.11 1.54 -14.08
N LEU B 684 -39.09 0.85 -15.23
CA LEU B 684 -38.17 -0.27 -15.45
C LEU B 684 -36.70 0.14 -15.37
N ILE B 685 -36.35 1.27 -16.04
CA ILE B 685 -35.00 1.86 -16.07
C ILE B 685 -34.49 2.13 -14.63
N GLN B 686 -35.39 2.68 -13.78
CA GLN B 686 -35.13 2.98 -12.37
C GLN B 686 -34.99 1.72 -11.54
N LEU B 687 -35.79 0.67 -11.82
CA LEU B 687 -35.66 -0.61 -11.09
C LEU B 687 -34.28 -1.24 -11.37
N HIS B 688 -33.76 -1.01 -12.59
CA HIS B 688 -32.47 -1.49 -13.02
C HIS B 688 -31.33 -0.67 -12.36
N ALA B 689 -31.35 0.67 -12.57
CA ALA B 689 -30.39 1.65 -12.06
C ALA B 689 -30.23 1.66 -10.54
N LEU B 690 -31.31 1.36 -9.79
CA LEU B 690 -31.35 1.34 -8.33
C LEU B 690 -31.07 -0.04 -7.76
N SER B 691 -30.62 -0.96 -8.62
CA SER B 691 -30.25 -2.35 -8.29
C SER B 691 -31.40 -3.10 -7.57
N ILE B 692 -32.66 -2.72 -7.85
CA ILE B 692 -33.81 -3.38 -7.23
C ILE B 692 -33.93 -4.76 -7.87
N LEU B 693 -33.65 -4.85 -9.19
CA LEU B 693 -33.69 -6.13 -9.90
C LEU B 693 -32.52 -7.03 -9.47
N GLU B 694 -31.32 -6.45 -9.19
CA GLU B 694 -30.15 -7.19 -8.74
C GLU B 694 -30.34 -7.72 -7.33
N ALA B 695 -30.96 -6.93 -6.41
CA ALA B 695 -31.27 -7.37 -5.04
C ALA B 695 -32.11 -8.64 -5.06
N LEU B 696 -32.99 -8.79 -6.07
CA LEU B 696 -33.83 -9.99 -6.22
C LEU B 696 -33.01 -11.17 -6.73
N VAL B 697 -32.17 -10.95 -7.77
CA VAL B 697 -31.27 -11.97 -8.34
C VAL B 697 -30.32 -12.51 -7.25
N LEU B 698 -29.74 -11.63 -6.41
CA LEU B 698 -28.83 -12.00 -5.33
C LEU B 698 -29.49 -12.85 -4.25
N ARG B 699 -30.72 -12.48 -3.79
CA ARG B 699 -31.45 -13.22 -2.74
C ARG B 699 -31.80 -14.65 -3.20
N GLN B 700 -31.86 -14.85 -4.54
CA GLN B 700 -32.14 -16.12 -5.23
C GLN B 700 -30.89 -17.01 -5.39
N LEU B 701 -29.67 -16.44 -5.16
CA LEU B 701 -28.42 -17.16 -5.32
C LEU B 701 -28.25 -18.26 -4.31
N GLY B 702 -28.02 -19.46 -4.83
CA GLY B 702 -27.86 -20.68 -4.07
C GLY B 702 -29.16 -21.07 -3.40
N TYR B 703 -29.09 -21.29 -2.08
CA TYR B 703 -30.20 -21.68 -1.24
C TYR B 703 -30.97 -20.43 -0.85
N SER B 704 -32.10 -20.20 -1.55
CA SER B 704 -32.97 -19.04 -1.36
C SER B 704 -34.18 -19.36 -0.47
N TYR B 705 -34.65 -20.63 -0.52
CA TYR B 705 -35.80 -21.12 0.24
C TYR B 705 -35.37 -21.58 1.64
N ARG B 706 -35.80 -20.83 2.67
CA ARG B 706 -35.45 -21.12 4.06
C ARG B 706 -36.70 -21.28 4.92
N ARG B 707 -36.83 -22.45 5.57
CA ARG B 707 -37.96 -22.81 6.44
C ARG B 707 -37.47 -23.76 7.53
N THR B 708 -38.04 -23.65 8.77
CA THR B 708 -37.69 -24.51 9.92
C THR B 708 -38.22 -25.94 9.71
N PHE B 709 -37.67 -26.93 10.47
CA PHE B 709 -38.05 -28.35 10.37
C PHE B 709 -39.55 -28.56 10.53
N GLU B 710 -40.17 -27.83 11.47
CA GLU B 710 -41.61 -27.85 11.77
C GLU B 710 -42.41 -27.24 10.61
N GLU B 711 -41.89 -26.16 10.00
CA GLU B 711 -42.49 -25.45 8.87
C GLU B 711 -42.40 -26.27 7.58
N PHE B 712 -41.34 -27.10 7.46
CA PHE B 712 -41.09 -27.99 6.33
C PHE B 712 -42.10 -29.15 6.34
N LEU B 713 -42.33 -29.74 7.54
CA LEU B 713 -43.27 -30.85 7.78
C LEU B 713 -44.75 -30.41 7.85
N TYR B 714 -45.00 -29.07 7.78
CA TYR B 714 -46.33 -28.44 7.76
C TYR B 714 -46.99 -28.63 6.38
N GLN B 715 -46.15 -28.79 5.33
CA GLN B 715 -46.55 -29.03 3.94
C GLN B 715 -46.53 -30.55 3.66
N TYR B 716 -46.20 -31.37 4.68
CA TYR B 716 -46.10 -32.83 4.57
C TYR B 716 -47.01 -33.61 5.54
N LYS B 717 -47.68 -32.89 6.49
CA LYS B 717 -48.62 -33.40 7.51
C LYS B 717 -47.93 -34.24 8.61
N PHE B 718 -47.12 -35.25 8.20
CA PHE B 718 -46.39 -36.20 9.04
C PHE B 718 -44.88 -35.98 8.88
N SER B 728 -35.41 -32.02 18.81
CA SER B 728 -35.08 -31.46 17.50
C SER B 728 -34.37 -32.47 16.58
N VAL B 729 -33.65 -33.47 17.17
CA VAL B 729 -32.91 -34.52 16.43
C VAL B 729 -33.87 -35.51 15.74
N GLU B 730 -35.13 -35.65 16.24
CA GLU B 730 -36.15 -36.53 15.66
C GLU B 730 -36.73 -35.92 14.37
N ASN B 731 -36.99 -34.60 14.37
CA ASN B 731 -37.52 -33.86 13.22
C ASN B 731 -36.46 -33.62 12.15
N GLN B 732 -35.17 -33.50 12.54
CA GLN B 732 -34.02 -33.29 11.66
C GLN B 732 -33.78 -34.47 10.71
N ASN B 733 -33.85 -35.71 11.22
CA ASN B 733 -33.66 -36.94 10.43
C ASN B 733 -34.91 -37.33 9.61
N LYS B 734 -36.07 -36.69 9.90
CA LYS B 734 -37.35 -36.89 9.19
C LYS B 734 -37.33 -36.13 7.86
N CYS B 735 -36.63 -34.98 7.83
CA CYS B 735 -36.50 -34.12 6.66
C CYS B 735 -35.39 -34.59 5.69
N VAL B 736 -34.28 -35.19 6.21
CA VAL B 736 -33.16 -35.75 5.40
C VAL B 736 -33.64 -37.00 4.61
N ASN B 737 -34.63 -37.72 5.17
CA ASN B 737 -35.26 -38.90 4.57
C ASN B 737 -36.21 -38.48 3.45
N ILE B 738 -37.02 -37.40 3.68
CA ILE B 738 -37.96 -36.84 2.70
C ILE B 738 -37.20 -36.41 1.41
N LEU B 739 -36.07 -35.70 1.60
CA LEU B 739 -35.20 -35.19 0.51
C LEU B 739 -34.44 -36.30 -0.24
N LYS B 740 -34.26 -37.48 0.40
CA LYS B 740 -33.63 -38.63 -0.23
C LYS B 740 -34.68 -39.52 -0.90
N LEU B 741 -35.94 -39.47 -0.40
CA LEU B 741 -37.12 -40.17 -0.95
C LEU B 741 -37.65 -39.43 -2.19
N SER B 742 -37.62 -38.08 -2.19
CA SER B 742 -38.06 -37.28 -3.33
C SER B 742 -37.06 -37.36 -4.51
N GLY B 743 -35.91 -37.98 -4.28
CA GLY B 743 -34.86 -38.20 -5.27
C GLY B 743 -34.13 -36.95 -5.71
N LEU B 744 -34.11 -35.91 -4.85
CA LEU B 744 -33.44 -34.63 -5.13
C LEU B 744 -31.93 -34.79 -5.02
N SER B 745 -31.17 -34.11 -5.90
CA SER B 745 -29.70 -34.12 -5.92
C SER B 745 -29.17 -33.44 -4.65
N GLU B 746 -28.04 -33.93 -4.09
CA GLU B 746 -27.43 -33.40 -2.86
C GLU B 746 -27.04 -31.91 -2.95
N SER B 747 -26.89 -31.38 -4.18
CA SER B 747 -26.54 -29.98 -4.45
C SER B 747 -27.75 -29.04 -4.26
N MET B 748 -28.97 -29.60 -4.37
CA MET B 748 -30.26 -28.89 -4.27
C MET B 748 -30.73 -28.58 -2.86
N TYR B 749 -30.15 -29.25 -1.85
CA TYR B 749 -30.53 -29.08 -0.46
C TYR B 749 -29.36 -29.21 0.51
N LYS B 750 -29.51 -28.59 1.70
CA LYS B 750 -28.60 -28.64 2.84
C LYS B 750 -29.45 -28.54 4.10
N ILE B 751 -29.11 -29.31 5.14
CA ILE B 751 -29.84 -29.33 6.41
C ILE B 751 -28.97 -28.64 7.48
N GLY B 752 -29.57 -27.71 8.23
CA GLY B 752 -28.86 -26.94 9.24
C GLY B 752 -29.26 -27.21 10.68
N LYS B 753 -28.81 -26.32 11.60
CA LYS B 753 -29.11 -26.42 13.04
C LYS B 753 -30.61 -26.40 13.34
N SER B 754 -31.39 -25.55 12.62
CA SER B 754 -32.84 -25.44 12.84
C SER B 754 -33.68 -25.40 11.56
N MET B 755 -33.06 -25.17 10.39
CA MET B 755 -33.75 -25.02 9.12
C MET B 755 -33.32 -25.95 7.99
N VAL B 756 -34.16 -26.02 6.94
CA VAL B 756 -33.91 -26.76 5.70
C VAL B 756 -33.57 -25.70 4.64
N PHE B 757 -32.40 -25.87 3.99
CA PHE B 757 -31.90 -24.92 3.00
C PHE B 757 -32.04 -25.49 1.62
N LEU B 758 -33.01 -24.95 0.86
CA LEU B 758 -33.30 -25.39 -0.49
C LEU B 758 -33.02 -24.31 -1.50
N LYS B 759 -32.53 -24.71 -2.69
CA LYS B 759 -32.33 -23.81 -3.83
C LYS B 759 -33.75 -23.48 -4.36
N GLN B 760 -33.90 -22.44 -5.20
CA GLN B 760 -35.24 -22.07 -5.71
C GLN B 760 -35.79 -23.09 -6.74
N GLU B 761 -34.89 -23.78 -7.48
CA GLU B 761 -35.27 -24.82 -8.45
C GLU B 761 -35.61 -26.14 -7.74
N GLY B 762 -34.84 -26.50 -6.71
CA GLY B 762 -35.05 -27.70 -5.91
C GLY B 762 -36.32 -27.66 -5.09
N ALA B 763 -36.74 -26.45 -4.64
CA ALA B 763 -37.96 -26.22 -3.88
C ALA B 763 -39.20 -26.37 -4.79
N LYS B 764 -39.03 -26.09 -6.12
CA LYS B 764 -40.09 -26.21 -7.13
C LYS B 764 -40.30 -27.65 -7.64
N ILE B 765 -39.25 -28.51 -7.56
CA ILE B 765 -39.29 -29.95 -7.91
C ILE B 765 -40.04 -30.71 -6.79
N LEU B 766 -39.89 -30.27 -5.51
CA LEU B 766 -40.58 -30.82 -4.34
C LEU B 766 -42.08 -30.52 -4.34
N THR B 767 -42.51 -29.50 -5.10
CA THR B 767 -43.92 -29.09 -5.23
C THR B 767 -44.58 -29.66 -6.49
N LYS B 768 -43.80 -30.30 -7.40
CA LYS B 768 -44.30 -30.92 -8.64
C LYS B 768 -43.98 -32.42 -8.71
N ALA C 2 19.49 -37.30 -14.26
CA ALA C 2 18.13 -36.81 -14.47
C ALA C 2 17.07 -37.68 -13.75
N VAL C 3 17.54 -38.60 -12.89
CA VAL C 3 16.72 -39.53 -12.09
C VAL C 3 15.96 -38.79 -10.99
N THR C 4 14.61 -38.79 -11.11
CA THR C 4 13.71 -38.17 -10.13
C THR C 4 13.56 -39.10 -8.91
N ASN C 5 12.98 -38.59 -7.82
CA ASN C 5 12.76 -39.37 -6.60
C ASN C 5 11.50 -40.23 -6.75
N GLU C 6 10.64 -39.85 -7.72
CA GLU C 6 9.43 -40.55 -8.12
C GLU C 6 9.87 -41.86 -8.79
N GLU C 7 10.91 -41.77 -9.67
CA GLU C 7 11.53 -42.89 -10.39
C GLU C 7 12.12 -43.90 -9.41
N ILE C 8 12.81 -43.41 -8.35
CA ILE C 8 13.43 -44.25 -7.30
C ILE C 8 12.34 -44.97 -6.50
N LYS C 9 11.29 -44.23 -6.09
CA LYS C 9 10.15 -44.76 -5.36
C LYS C 9 9.44 -45.86 -6.19
N THR C 10 9.16 -45.58 -7.49
CA THR C 10 8.51 -46.50 -8.43
C THR C 10 9.33 -47.78 -8.67
N ALA C 11 10.64 -47.64 -8.97
CA ALA C 11 11.56 -48.76 -9.21
C ALA C 11 11.65 -49.69 -8.02
N SER C 12 11.77 -49.12 -6.81
CA SER C 12 11.86 -49.85 -5.54
C SER C 12 10.66 -50.78 -5.32
N LYS C 13 9.46 -50.35 -5.77
CA LYS C 13 8.22 -51.10 -5.68
C LYS C 13 8.26 -52.33 -6.63
N ILE C 14 8.95 -52.22 -7.79
CA ILE C 14 9.12 -53.31 -8.78
C ILE C 14 9.99 -54.45 -8.24
N VAL C 15 11.05 -54.11 -7.46
CA VAL C 15 12.01 -55.05 -6.90
C VAL C 15 11.32 -56.14 -6.09
N ARG C 16 11.66 -57.40 -6.41
CA ARG C 16 11.14 -58.57 -5.74
C ARG C 16 12.21 -59.65 -5.74
N ARG C 17 12.21 -60.44 -4.65
CA ARG C 17 13.12 -61.55 -4.42
C ARG C 17 12.29 -62.82 -4.55
N VAL C 18 12.76 -63.80 -5.32
CA VAL C 18 11.98 -65.02 -5.51
C VAL C 18 12.74 -66.22 -4.91
N SEP C 19 13.74 -66.73 -5.65
CA SEP C 19 14.54 -67.86 -5.24
CB SEP C 19 15.34 -68.42 -6.45
OG SEP C 19 16.48 -67.60 -6.81
C SEP C 19 15.41 -67.55 -4.02
O SEP C 19 15.62 -66.39 -3.64
P SEP C 19 16.42 -66.85 -8.14
O1P SEP C 19 15.17 -66.00 -8.45
O2P SEP C 19 17.60 -65.94 -7.77
O3P SEP C 19 16.69 -67.83 -9.28
N ASN C 20 15.87 -68.61 -3.37
CA ASN C 20 16.71 -68.50 -2.20
C ASN C 20 18.17 -68.69 -2.57
N VAL C 21 19.03 -67.85 -1.96
CA VAL C 21 20.48 -67.87 -2.12
C VAL C 21 21.05 -69.07 -1.35
N GLU C 22 21.75 -69.98 -2.05
CA GLU C 22 22.33 -71.17 -1.45
C GLU C 22 23.86 -71.05 -1.39
N ALA C 23 24.33 -70.19 -0.47
CA ALA C 23 25.73 -69.82 -0.21
C ALA C 23 26.52 -70.83 0.62
N PHE C 24 25.84 -71.75 1.32
CA PHE C 24 26.45 -72.72 2.22
C PHE C 24 26.35 -74.17 1.77
N ASP C 25 27.34 -74.98 2.18
CA ASP C 25 27.46 -76.40 1.87
C ASP C 25 27.22 -77.23 3.15
N LYS C 26 28.05 -78.28 3.36
CA LYS C 26 28.04 -79.18 4.51
C LYS C 26 28.39 -78.32 5.72
N SER C 27 27.60 -78.45 6.80
CA SER C 27 27.68 -77.65 8.04
C SER C 27 27.39 -76.17 7.71
N GLY C 28 28.37 -75.28 7.88
CA GLY C 28 28.25 -73.87 7.56
C GLY C 28 29.29 -73.41 6.56
N SER C 29 29.73 -74.36 5.68
CA SER C 29 30.73 -74.17 4.63
C SER C 29 30.30 -73.17 3.56
N VAL C 30 30.77 -71.91 3.68
CA VAL C 30 30.50 -70.84 2.71
C VAL C 30 31.36 -71.20 1.49
N PHE C 31 30.74 -71.36 0.31
CA PHE C 31 31.45 -71.72 -0.92
C PHE C 31 32.52 -70.67 -1.22
N LYS C 32 33.72 -71.10 -1.62
CA LYS C 32 34.83 -70.19 -1.91
C LYS C 32 34.49 -69.20 -3.03
N GLY C 33 34.37 -67.93 -2.63
CA GLY C 33 34.08 -66.80 -3.52
C GLY C 33 32.67 -66.71 -4.04
N TYR C 34 31.68 -67.14 -3.21
CA TYR C 34 30.27 -67.18 -3.59
C TYR C 34 29.74 -65.77 -3.75
N GLN C 35 29.27 -65.47 -5.00
CA GLN C 35 28.75 -64.18 -5.42
C GLN C 35 27.25 -64.01 -5.29
N ILE C 36 26.82 -62.83 -4.80
CA ILE C 36 25.44 -62.39 -4.63
C ILE C 36 25.26 -60.95 -5.18
N TRP C 37 24.01 -60.46 -5.23
CA TRP C 37 23.65 -59.10 -5.65
C TRP C 37 22.88 -58.56 -4.47
N THR C 38 23.27 -57.37 -3.95
CA THR C 38 22.56 -56.78 -2.83
C THR C 38 22.03 -55.37 -3.12
N ASP C 39 20.91 -55.07 -2.44
CA ASP C 39 20.09 -53.85 -2.39
C ASP C 39 20.79 -52.83 -1.47
N ILE C 40 21.69 -53.32 -0.58
CA ILE C 40 22.38 -52.54 0.46
C ILE C 40 23.83 -52.24 0.17
N SER C 41 24.20 -50.94 0.20
CA SER C 41 25.56 -50.44 0.00
C SER C 41 25.61 -48.94 0.04
N PRO C 42 26.71 -48.35 0.61
CA PRO C 42 26.87 -46.87 0.53
C PRO C 42 26.89 -46.37 -0.92
N THR C 43 27.47 -47.18 -1.89
CA THR C 43 27.50 -46.91 -3.33
C THR C 43 26.09 -46.62 -3.86
N ILE C 44 25.08 -47.44 -3.46
CA ILE C 44 23.66 -47.35 -3.87
C ILE C 44 23.02 -46.09 -3.30
N GLU C 45 23.31 -45.79 -2.02
CA GLU C 45 22.81 -44.58 -1.34
C GLU C 45 23.33 -43.29 -2.03
N ASN C 46 24.61 -43.29 -2.41
CA ASN C 46 25.31 -42.18 -3.07
C ASN C 46 25.04 -42.06 -4.59
N ASP C 47 24.68 -43.16 -5.28
CA ASP C 47 24.39 -43.10 -6.72
C ASP C 47 22.94 -43.48 -7.06
N PRO C 48 22.14 -42.51 -7.57
CA PRO C 48 20.75 -42.81 -7.95
C PRO C 48 20.61 -43.74 -9.14
N ASN C 49 21.65 -43.83 -10.00
CA ASN C 49 21.70 -44.71 -11.18
C ASN C 49 21.99 -46.15 -10.81
N ILE C 50 22.46 -46.40 -9.57
CA ILE C 50 22.78 -47.75 -9.04
C ILE C 50 21.68 -48.20 -8.07
N MET C 51 21.21 -49.44 -8.25
CA MET C 51 20.14 -50.09 -7.49
C MET C 51 20.66 -51.33 -6.75
N PHE C 52 21.64 -52.04 -7.34
CA PHE C 52 22.25 -53.26 -6.82
C PHE C 52 23.77 -53.19 -6.99
N VAL C 53 24.45 -53.96 -6.11
CA VAL C 53 25.90 -54.05 -5.99
C VAL C 53 26.25 -55.56 -5.91
N LYS C 54 27.39 -55.97 -6.51
CA LYS C 54 27.82 -57.36 -6.49
C LYS C 54 28.80 -57.54 -5.32
N CYS C 55 28.58 -58.58 -4.49
CA CYS C 55 29.36 -58.92 -3.30
C CYS C 55 29.79 -60.38 -3.32
N VAL C 56 30.77 -60.67 -2.48
CA VAL C 56 31.23 -62.03 -2.27
C VAL C 56 30.95 -62.31 -0.81
N VAL C 57 30.29 -63.43 -0.54
CA VAL C 57 29.96 -63.83 0.83
C VAL C 57 31.21 -64.47 1.48
N GLN C 58 31.64 -63.87 2.61
CA GLN C 58 32.87 -64.17 3.34
C GLN C 58 32.88 -65.51 4.07
N GLN C 59 34.10 -66.10 4.21
CA GLN C 59 34.31 -67.37 4.89
C GLN C 59 34.01 -67.22 6.38
N GLY C 60 33.13 -68.08 6.89
CA GLY C 60 32.70 -68.05 8.28
C GLY C 60 31.51 -67.14 8.54
N SER C 61 30.73 -66.85 7.48
CA SER C 61 29.53 -66.02 7.54
C SER C 61 28.42 -66.81 8.23
N LYS C 62 27.54 -66.11 8.97
CA LYS C 62 26.41 -66.72 9.66
C LYS C 62 25.23 -66.85 8.67
N LYS C 63 24.48 -67.96 8.74
CA LYS C 63 23.35 -68.26 7.85
C LYS C 63 22.17 -67.28 7.92
N GLU C 64 21.93 -66.67 9.11
CA GLU C 64 20.81 -65.74 9.36
C GLU C 64 21.13 -64.27 9.04
N LYS C 65 22.43 -63.92 8.98
CA LYS C 65 22.94 -62.58 8.63
C LYS C 65 24.26 -62.78 7.87
N LEU C 66 24.22 -62.52 6.54
CA LEU C 66 25.37 -62.70 5.65
C LEU C 66 26.42 -61.62 5.78
N THR C 67 27.69 -62.05 5.82
CA THR C 67 28.85 -61.15 5.86
C THR C 67 29.39 -61.15 4.45
N VAL C 68 29.33 -59.96 3.83
CA VAL C 68 29.71 -59.79 2.42
C VAL C 68 30.75 -58.71 2.23
N VAL C 69 31.56 -58.86 1.18
CA VAL C 69 32.50 -57.84 0.74
C VAL C 69 32.08 -57.47 -0.69
N GLN C 70 31.77 -56.18 -0.91
CA GLN C 70 31.38 -55.65 -2.22
C GLN C 70 32.61 -55.61 -3.15
N ILE C 71 32.51 -56.26 -4.31
CA ILE C 71 33.58 -56.35 -5.31
C ILE C 71 33.35 -55.50 -6.59
N ASP C 72 32.09 -55.11 -6.87
CA ASP C 72 31.72 -54.37 -8.08
C ASP C 72 30.35 -53.65 -7.95
N PRO C 73 30.29 -52.29 -7.95
CA PRO C 73 31.38 -51.29 -8.03
C PRO C 73 32.49 -51.53 -7.02
N PRO C 74 33.79 -51.28 -7.38
CA PRO C 74 34.90 -51.57 -6.44
C PRO C 74 34.65 -50.96 -5.07
N GLY C 75 34.84 -51.77 -4.05
CA GLY C 75 34.58 -51.32 -2.69
C GLY C 75 35.82 -50.95 -1.89
N THR C 76 35.56 -50.72 -0.61
CA THR C 76 36.53 -50.42 0.45
C THR C 76 37.27 -51.71 0.89
N GLY C 77 36.65 -52.87 0.68
CA GLY C 77 37.22 -54.15 1.06
C GLY C 77 36.71 -54.61 2.42
N THR C 78 36.09 -53.69 3.17
CA THR C 78 35.56 -53.92 4.51
C THR C 78 34.30 -54.76 4.45
N PRO C 79 34.26 -55.91 5.18
CA PRO C 79 33.03 -56.72 5.18
C PRO C 79 31.90 -56.01 5.92
N TYR C 80 30.65 -56.35 5.56
CA TYR C 80 29.44 -55.81 6.16
C TYR C 80 28.36 -56.85 6.18
N ASP C 81 27.42 -56.71 7.13
CA ASP C 81 26.33 -57.65 7.36
C ASP C 81 25.05 -57.24 6.67
N ILE C 82 24.45 -58.19 5.96
CA ILE C 82 23.16 -58.03 5.29
C ILE C 82 22.18 -59.14 5.66
N ASP C 83 20.88 -58.80 5.67
CA ASP C 83 19.81 -59.78 5.90
C ASP C 83 19.71 -60.61 4.60
N PRO C 84 19.71 -61.97 4.64
CA PRO C 84 19.62 -62.76 3.39
C PRO C 84 18.40 -62.47 2.47
N THR C 85 17.43 -61.66 2.95
CA THR C 85 16.25 -61.25 2.18
C THR C 85 16.65 -60.13 1.19
N HIS C 86 17.87 -59.58 1.39
CA HIS C 86 18.48 -58.52 0.58
C HIS C 86 19.64 -59.04 -0.25
N ALA C 87 19.66 -60.33 -0.46
CA ALA C 87 20.65 -61.00 -1.26
C ALA C 87 19.92 -61.82 -2.30
N TRP C 88 20.27 -61.56 -3.60
CA TRP C 88 19.78 -62.24 -4.81
C TRP C 88 20.90 -63.10 -5.33
N ASN C 89 20.56 -64.17 -6.10
CA ASN C 89 21.54 -65.06 -6.72
C ASN C 89 22.25 -64.35 -7.85
N CYS C 90 23.42 -64.86 -8.24
CA CYS C 90 24.26 -64.24 -9.26
C CYS C 90 24.71 -65.24 -10.32
N ASN C 91 24.73 -64.84 -11.61
CA ASN C 91 25.22 -65.67 -12.74
C ASN C 91 26.70 -65.32 -12.92
N SER C 92 27.50 -65.74 -11.93
CA SER C 92 28.92 -65.44 -11.76
C SER C 92 29.88 -65.91 -12.88
N GLN C 93 29.56 -67.02 -13.59
CA GLN C 93 30.49 -67.55 -14.60
C GLN C 93 29.99 -67.50 -16.05
N VAL C 94 29.20 -66.47 -16.38
CA VAL C 94 28.54 -66.34 -17.67
C VAL C 94 29.04 -65.13 -18.48
N ASP C 95 29.27 -65.31 -19.80
CA ASP C 95 29.63 -64.21 -20.69
C ASP C 95 28.34 -63.74 -21.34
N PRO C 96 27.81 -62.54 -20.97
CA PRO C 96 26.54 -62.09 -21.59
C PRO C 96 26.62 -61.87 -23.11
N MET C 97 27.81 -61.85 -23.69
CA MET C 97 28.04 -61.65 -25.12
C MET C 97 27.96 -62.93 -25.95
N SER C 98 28.11 -64.09 -25.31
CA SER C 98 28.10 -65.42 -25.95
C SER C 98 26.71 -65.94 -26.43
N PHE C 99 25.62 -65.43 -25.81
CA PHE C 99 24.25 -65.80 -26.18
C PHE C 99 23.32 -64.61 -26.06
N GLY C 100 22.30 -64.58 -26.92
CA GLY C 100 21.35 -63.46 -26.99
C GLY C 100 20.05 -63.60 -26.24
N ASP C 101 19.82 -64.70 -25.52
CA ASP C 101 18.55 -64.90 -24.79
C ASP C 101 18.66 -64.82 -23.29
N ILE C 102 17.87 -63.93 -22.66
CA ILE C 102 17.82 -63.77 -21.19
C ILE C 102 17.38 -65.07 -20.51
N GLY C 103 16.45 -65.78 -21.14
CA GLY C 103 15.89 -67.03 -20.65
C GLY C 103 16.91 -68.14 -20.46
N LEU C 104 18.04 -68.04 -21.19
CA LEU C 104 19.15 -68.99 -21.10
C LEU C 104 19.95 -68.87 -19.76
N LEU C 105 19.76 -67.78 -19.00
CA LEU C 105 20.43 -67.58 -17.72
C LEU C 105 19.84 -68.50 -16.63
N ASN C 106 20.69 -69.05 -15.75
CA ASN C 106 20.23 -69.92 -14.64
C ASN C 106 19.35 -69.16 -13.64
N HIS C 107 19.71 -67.91 -13.34
CA HIS C 107 18.95 -67.00 -12.48
C HIS C 107 18.49 -65.83 -13.35
N THR C 108 17.18 -65.53 -13.31
CA THR C 108 16.58 -64.45 -14.13
C THR C 108 15.91 -63.44 -13.22
N ASN C 109 16.52 -63.16 -12.08
CA ASN C 109 16.00 -62.16 -11.17
C ASN C 109 16.27 -60.73 -11.67
N ILE C 110 15.71 -59.72 -10.99
CA ILE C 110 15.83 -58.32 -11.39
C ILE C 110 17.31 -57.87 -11.53
N PRO C 111 18.23 -58.10 -10.55
CA PRO C 111 19.63 -57.65 -10.74
C PRO C 111 20.39 -58.43 -11.82
N CYS C 112 20.05 -59.72 -12.03
CA CYS C 112 20.68 -60.54 -13.06
C CYS C 112 20.32 -60.04 -14.46
N VAL C 113 19.02 -59.74 -14.68
CA VAL C 113 18.48 -59.22 -15.95
C VAL C 113 19.07 -57.83 -16.25
N LEU C 114 19.16 -56.97 -15.22
CA LEU C 114 19.74 -55.64 -15.42
C LEU C 114 21.20 -55.74 -15.82
N ASP C 115 21.95 -56.65 -15.16
CA ASP C 115 23.35 -56.83 -15.49
C ASP C 115 23.55 -57.39 -16.88
N PHE C 116 22.82 -58.47 -17.25
CA PHE C 116 22.92 -59.08 -18.56
C PHE C 116 22.77 -58.04 -19.66
N LEU C 117 21.68 -57.26 -19.60
CA LEU C 117 21.38 -56.21 -20.56
C LEU C 117 22.41 -55.08 -20.52
N LYS C 118 22.88 -54.70 -19.29
CA LYS C 118 23.87 -53.62 -19.09
C LYS C 118 25.17 -53.97 -19.74
N HIS C 119 25.69 -55.21 -19.49
CA HIS C 119 26.94 -55.72 -20.01
C HIS C 119 26.97 -55.54 -21.53
N ARG C 120 25.94 -56.04 -22.22
CA ARG C 120 25.75 -56.04 -23.65
C ARG C 120 25.59 -54.61 -24.15
N TYR C 121 24.78 -53.78 -23.47
CA TYR C 121 24.54 -52.40 -23.88
C TYR C 121 25.84 -51.63 -23.98
N LEU C 122 26.66 -51.70 -22.92
CA LEU C 122 27.95 -51.04 -22.81
C LEU C 122 28.98 -51.57 -23.80
N LYS C 123 28.77 -52.78 -24.29
CA LYS C 123 29.59 -53.42 -25.33
C LYS C 123 28.96 -53.22 -26.74
N ASN C 124 27.96 -52.32 -26.81
CA ASN C 124 27.24 -51.90 -28.01
C ASN C 124 26.40 -53.06 -28.70
N GLN C 125 25.83 -53.96 -27.85
CA GLN C 125 24.86 -54.99 -28.20
C GLN C 125 23.55 -54.57 -27.55
N ILE C 126 22.73 -53.83 -28.33
CA ILE C 126 21.49 -53.23 -27.85
C ILE C 126 20.25 -54.13 -28.02
N TYR C 127 20.38 -55.22 -28.83
CA TYR C 127 19.28 -56.15 -29.04
C TYR C 127 19.47 -57.43 -28.28
N THR C 128 18.45 -57.83 -27.53
CA THR C 128 18.46 -59.06 -26.76
C THR C 128 17.09 -59.61 -26.82
N THR C 129 16.93 -60.94 -26.73
CA THR C 129 15.62 -61.55 -26.72
C THR C 129 15.21 -62.05 -25.31
N ALA C 130 13.91 -62.11 -25.13
CA ALA C 130 13.20 -62.62 -23.97
C ALA C 130 11.92 -63.19 -24.60
N VAL C 131 12.07 -64.30 -25.36
CA VAL C 131 11.03 -65.00 -26.14
C VAL C 131 9.60 -64.79 -25.58
N PRO C 132 8.67 -64.20 -26.38
CA PRO C 132 8.75 -63.82 -27.81
C PRO C 132 9.27 -62.41 -28.14
N LEU C 133 9.76 -61.68 -27.11
CA LEU C 133 10.17 -60.29 -27.25
C LEU C 133 11.58 -60.08 -27.73
N ILE C 134 11.75 -58.98 -28.50
CA ILE C 134 13.03 -58.43 -28.90
C ILE C 134 13.09 -57.14 -28.05
N VAL C 135 14.12 -57.03 -27.17
CA VAL C 135 14.40 -55.88 -26.34
C VAL C 135 15.41 -55.03 -27.11
N ALA C 136 15.12 -53.75 -27.39
CA ALA C 136 16.07 -52.87 -28.09
C ALA C 136 16.30 -51.65 -27.23
N ILE C 137 17.57 -51.35 -26.86
CA ILE C 137 17.93 -50.22 -25.98
C ILE C 137 18.55 -49.08 -26.80
N ASN C 138 18.02 -47.84 -26.66
CA ASN C 138 18.53 -46.73 -27.46
C ASN C 138 20.03 -46.40 -27.19
N PRO C 139 20.92 -46.63 -28.19
CA PRO C 139 22.35 -46.35 -27.98
C PRO C 139 22.72 -44.88 -28.07
N TYR C 140 21.83 -44.03 -28.60
CA TYR C 140 22.04 -42.60 -28.86
C TYR C 140 23.27 -42.34 -29.72
N LYS C 141 23.47 -43.22 -30.74
CA LYS C 141 24.53 -43.18 -31.74
C LYS C 141 24.25 -44.21 -32.83
N ASP C 142 24.80 -43.99 -34.04
CA ASP C 142 24.65 -44.95 -35.11
C ASP C 142 25.70 -46.02 -34.89
N LEU C 143 25.25 -47.27 -34.73
CA LEU C 143 26.15 -48.40 -34.50
C LEU C 143 26.57 -49.02 -35.82
N GLY C 144 25.95 -48.55 -36.92
CA GLY C 144 26.19 -49.05 -38.27
C GLY C 144 25.75 -50.49 -38.49
N ASN C 145 24.75 -50.93 -37.71
CA ASN C 145 24.24 -52.30 -37.79
C ASN C 145 22.87 -52.39 -38.49
N THR C 146 22.44 -51.31 -39.12
CA THR C 146 21.16 -51.27 -39.82
C THR C 146 21.37 -50.92 -41.30
N THR C 147 22.62 -50.99 -41.78
CA THR C 147 23.03 -50.71 -43.15
C THR C 147 22.45 -51.75 -44.14
N ASN C 148 22.58 -51.47 -45.47
CA ASN C 148 22.10 -52.39 -46.52
C ASN C 148 22.79 -53.74 -46.47
N GLU C 149 24.10 -53.79 -46.10
CA GLU C 149 24.82 -55.07 -46.02
C GLU C 149 24.30 -55.92 -44.84
N TRP C 150 23.83 -55.25 -43.77
CA TRP C 150 23.23 -55.89 -42.60
C TRP C 150 21.84 -56.43 -42.93
N ILE C 151 21.08 -55.73 -43.80
CA ILE C 151 19.77 -56.18 -44.27
C ILE C 151 19.97 -57.47 -45.07
N ARG C 152 20.87 -57.45 -46.10
CA ARG C 152 21.19 -58.60 -46.96
C ARG C 152 21.61 -59.77 -46.09
N ARG C 153 22.47 -59.50 -45.10
CA ARG C 153 22.92 -60.49 -44.13
C ARG C 153 21.76 -61.20 -43.43
N TYR C 154 20.75 -60.45 -42.99
CA TYR C 154 19.60 -61.02 -42.28
C TYR C 154 18.55 -61.64 -43.22
N ARG C 155 18.42 -61.12 -44.44
CA ARG C 155 17.47 -61.59 -45.45
C ARG C 155 17.95 -62.89 -46.12
N ASP C 156 19.25 -62.94 -46.54
CA ASP C 156 19.87 -64.01 -47.33
C ASP C 156 20.49 -65.17 -46.53
N THR C 157 20.76 -65.02 -45.22
CA THR C 157 21.31 -66.11 -44.40
C THR C 157 20.36 -67.29 -44.34
N ALA C 158 20.87 -68.49 -44.63
CA ALA C 158 20.12 -69.75 -44.63
C ALA C 158 19.45 -70.10 -43.29
N ASP C 159 20.21 -70.11 -42.17
CA ASP C 159 19.66 -70.40 -40.84
C ASP C 159 19.63 -69.13 -40.01
N HIS C 160 18.43 -68.55 -39.88
CA HIS C 160 18.32 -67.27 -39.21
C HIS C 160 18.29 -67.36 -37.67
N THR C 161 18.43 -68.59 -37.12
CA THR C 161 18.58 -68.78 -35.68
C THR C 161 20.09 -68.63 -35.30
N LYS C 162 20.98 -68.60 -36.32
CA LYS C 162 22.43 -68.41 -36.17
C LYS C 162 22.85 -66.91 -36.18
N LEU C 163 21.89 -66.02 -36.43
CA LEU C 163 22.06 -64.58 -36.44
C LEU C 163 21.76 -64.01 -35.03
N PRO C 164 22.53 -63.02 -34.52
CA PRO C 164 22.23 -62.48 -33.17
C PRO C 164 20.90 -61.71 -33.11
N PRO C 165 20.28 -61.46 -31.93
CA PRO C 165 19.03 -60.66 -31.92
C PRO C 165 19.22 -59.31 -32.61
N HIS C 166 18.20 -58.89 -33.33
CA HIS C 166 18.16 -57.64 -34.07
C HIS C 166 16.69 -57.35 -34.38
N VAL C 167 16.34 -56.08 -34.72
CA VAL C 167 15.01 -55.67 -35.14
C VAL C 167 14.63 -56.52 -36.37
N PHE C 168 15.64 -56.80 -37.23
CA PHE C 168 15.56 -57.58 -38.47
C PHE C 168 15.17 -59.02 -38.24
N THR C 169 15.34 -59.55 -37.00
CA THR C 169 14.92 -60.92 -36.70
C THR C 169 13.41 -61.01 -36.77
N CYS C 170 12.68 -59.98 -36.27
CA CYS C 170 11.22 -59.90 -36.36
C CYS C 170 10.82 -59.75 -37.81
N ALA C 171 11.49 -58.85 -38.57
CA ALA C 171 11.21 -58.62 -39.98
C ALA C 171 11.32 -59.93 -40.76
N ARG C 172 12.41 -60.69 -40.57
CA ARG C 172 12.64 -61.98 -41.23
C ARG C 172 11.65 -63.05 -40.79
N GLU C 173 11.46 -63.25 -39.47
CA GLU C 173 10.52 -64.22 -38.88
C GLU C 173 9.10 -64.00 -39.37
N ALA C 174 8.57 -62.76 -39.21
CA ALA C 174 7.22 -62.39 -39.62
C ALA C 174 7.00 -62.66 -41.10
N LEU C 175 7.93 -62.22 -41.97
CA LEU C 175 7.83 -62.43 -43.40
C LEU C 175 7.88 -63.92 -43.79
N SER C 176 8.75 -64.70 -43.14
CA SER C 176 8.88 -66.15 -43.36
C SER C 176 7.59 -66.84 -43.03
N ASN C 177 6.99 -66.57 -41.85
CA ASN C 177 5.72 -67.15 -41.42
C ASN C 177 4.56 -66.76 -42.35
N LEU C 178 4.62 -65.55 -42.95
CA LEU C 178 3.59 -65.04 -43.85
C LEU C 178 3.56 -65.89 -45.11
N HIS C 179 4.65 -65.90 -45.87
CA HIS C 179 4.75 -66.69 -47.11
C HIS C 179 4.78 -68.21 -46.86
N GLY C 180 5.16 -68.60 -45.65
CA GLY C 180 5.24 -70.00 -45.25
C GLY C 180 3.91 -70.69 -45.03
N VAL C 181 2.95 -70.03 -44.34
CA VAL C 181 1.64 -70.61 -44.02
C VAL C 181 0.45 -69.74 -44.48
N ASN C 182 0.71 -68.67 -45.26
CA ASN C 182 -0.29 -67.70 -45.71
C ASN C 182 -1.23 -67.26 -44.55
N LYS C 183 -0.60 -66.68 -43.52
CA LYS C 183 -1.23 -66.14 -42.32
C LYS C 183 -0.66 -64.74 -42.14
N SER C 184 -1.55 -63.74 -41.88
CA SER C 184 -1.15 -62.34 -41.68
C SER C 184 -0.33 -62.20 -40.42
N GLN C 185 0.66 -61.31 -40.44
CA GLN C 185 1.58 -61.11 -39.32
C GLN C 185 1.57 -59.64 -38.97
N THR C 186 1.84 -59.31 -37.69
CA THR C 186 1.89 -57.92 -37.20
C THR C 186 3.15 -57.73 -36.36
N ILE C 187 3.90 -56.68 -36.62
CA ILE C 187 5.05 -56.28 -35.82
C ILE C 187 4.63 -55.07 -34.99
N ILE C 188 4.51 -55.25 -33.66
CA ILE C 188 4.12 -54.21 -32.72
C ILE C 188 5.39 -53.57 -32.09
N VAL C 189 5.69 -52.31 -32.41
CA VAL C 189 6.85 -51.56 -31.88
C VAL C 189 6.35 -50.58 -30.83
N SER C 190 6.64 -50.83 -29.54
CA SER C 190 6.19 -49.94 -28.47
C SER C 190 7.33 -49.56 -27.51
N GLY C 191 7.07 -48.56 -26.66
CA GLY C 191 8.01 -48.01 -25.71
C GLY C 191 7.73 -46.57 -25.42
N GLU C 192 8.53 -45.95 -24.49
CA GLU C 192 8.47 -44.52 -24.09
C GLU C 192 8.86 -43.64 -25.29
N SER C 193 8.67 -42.30 -25.18
CA SER C 193 9.11 -41.40 -26.26
C SER C 193 10.65 -41.20 -26.11
N GLY C 194 11.38 -41.45 -27.20
CA GLY C 194 12.83 -41.36 -27.22
C GLY C 194 13.53 -42.69 -26.98
N ALA C 195 12.76 -43.82 -27.05
CA ALA C 195 13.24 -45.19 -26.86
C ALA C 195 13.70 -45.78 -28.19
N GLY C 196 13.39 -45.06 -29.27
CA GLY C 196 13.77 -45.41 -30.63
C GLY C 196 12.78 -46.24 -31.41
N LYS C 197 11.46 -46.05 -31.17
CA LYS C 197 10.41 -46.78 -31.90
C LYS C 197 10.42 -46.30 -33.34
N THR C 198 10.55 -44.96 -33.55
CA THR C 198 10.59 -44.29 -34.85
C THR C 198 11.65 -44.93 -35.74
N GLU C 199 12.85 -45.10 -35.21
CA GLU C 199 13.98 -45.71 -35.91
C GLU C 199 13.74 -47.18 -36.18
N ALA C 200 13.23 -47.97 -35.17
CA ALA C 200 12.93 -49.40 -35.34
C ALA C 200 11.95 -49.63 -36.49
N THR C 201 10.90 -48.78 -36.59
CA THR C 201 9.91 -48.80 -37.65
C THR C 201 10.56 -48.44 -38.98
N LYS C 202 11.40 -47.38 -39.03
CA LYS C 202 12.11 -46.93 -40.25
C LYS C 202 13.02 -48.00 -40.81
N GLN C 203 13.68 -48.79 -39.95
CA GLN C 203 14.64 -49.85 -40.30
C GLN C 203 13.93 -51.08 -40.82
N ILE C 204 12.78 -51.46 -40.20
CA ILE C 204 11.96 -52.64 -40.59
C ILE C 204 11.34 -52.38 -41.94
N MET C 205 10.94 -51.13 -42.19
CA MET C 205 10.41 -50.65 -43.47
C MET C 205 11.46 -50.89 -44.57
N ARG C 206 12.67 -50.33 -44.37
CA ARG C 206 13.84 -50.44 -45.23
C ARG C 206 14.20 -51.92 -45.51
N TYR C 207 14.01 -52.82 -44.51
CA TYR C 207 14.28 -54.25 -44.70
C TYR C 207 13.28 -54.78 -45.72
N PHE C 208 11.98 -54.50 -45.47
CA PHE C 208 10.89 -54.93 -46.34
C PHE C 208 11.02 -54.38 -47.76
N ALA C 209 11.57 -53.15 -47.92
CA ALA C 209 11.79 -52.48 -49.21
C ALA C 209 12.91 -53.14 -50.04
N SER C 210 13.92 -53.73 -49.37
CA SER C 210 15.04 -54.43 -50.00
C SER C 210 14.56 -55.73 -50.65
N SER C 211 14.62 -55.78 -51.98
CA SER C 211 14.21 -56.94 -52.77
C SER C 211 15.45 -57.64 -53.33
N LYS C 212 15.44 -58.99 -53.29
CA LYS C 212 16.53 -59.82 -53.80
C LYS C 212 16.73 -59.50 -55.30
N SER C 213 15.72 -59.84 -56.13
CA SER C 213 15.73 -59.57 -57.57
C SER C 213 14.88 -58.33 -57.88
N GLY C 214 15.51 -57.32 -58.47
CA GLY C 214 14.88 -56.06 -58.86
C GLY C 214 14.13 -56.12 -60.19
N ASN C 215 13.16 -57.06 -60.28
CA ASN C 215 12.31 -57.29 -61.46
C ASN C 215 10.90 -56.68 -61.27
N MET C 216 10.58 -56.27 -60.01
CA MET C 216 9.32 -55.73 -59.51
C MET C 216 9.12 -54.22 -59.77
N ASP C 217 7.85 -53.75 -59.78
CA ASP C 217 7.48 -52.35 -59.94
C ASP C 217 7.56 -51.63 -58.58
N LEU C 218 8.34 -50.54 -58.52
CA LEU C 218 8.51 -49.79 -57.27
C LEU C 218 7.75 -48.47 -57.20
N ARG C 219 6.72 -48.28 -58.04
CA ARG C 219 5.94 -47.04 -58.05
C ARG C 219 5.32 -46.78 -56.68
N ILE C 220 4.57 -47.77 -56.14
N ILE C 220 4.55 -47.73 -56.12
CA ILE C 220 3.85 -47.76 -54.84
CA ILE C 220 3.89 -47.45 -54.84
C ILE C 220 4.83 -47.70 -53.65
C ILE C 220 4.87 -47.61 -53.63
N GLN C 221 5.94 -48.47 -53.73
CA GLN C 221 6.97 -48.55 -52.67
C GLN C 221 7.65 -47.15 -52.45
N THR C 222 7.92 -46.44 -53.54
CA THR C 222 8.49 -45.09 -53.51
C THR C 222 7.49 -44.08 -52.90
N ALA C 223 6.18 -44.32 -53.06
CA ALA C 223 5.14 -43.45 -52.49
C ALA C 223 5.03 -43.66 -50.97
N ILE C 224 5.11 -44.94 -50.52
CA ILE C 224 5.07 -45.37 -49.12
C ILE C 224 6.31 -44.82 -48.38
N MET C 225 7.51 -44.97 -48.99
CA MET C 225 8.76 -44.48 -48.41
C MET C 225 8.81 -42.93 -48.36
N ALA C 226 8.10 -42.25 -49.31
CA ALA C 226 8.02 -40.77 -49.39
C ALA C 226 7.00 -40.22 -48.36
N ALA C 227 6.14 -41.10 -47.79
CA ALA C 227 5.15 -40.71 -46.80
C ALA C 227 5.73 -40.25 -45.46
N ASN C 228 6.83 -40.92 -44.98
CA ASN C 228 7.46 -40.59 -43.71
C ASN C 228 7.75 -39.07 -43.54
N PRO C 229 8.39 -38.29 -44.47
CA PRO C 229 8.57 -36.83 -44.21
C PRO C 229 7.28 -36.06 -43.97
N VAL C 230 6.19 -36.45 -44.67
CA VAL C 230 4.86 -35.81 -44.58
C VAL C 230 4.20 -36.16 -43.23
N LEU C 231 4.17 -37.47 -42.90
CA LEU C 231 3.63 -38.00 -41.64
C LEU C 231 4.33 -37.37 -40.45
N GLU C 232 5.66 -37.22 -40.53
CA GLU C 232 6.50 -36.59 -39.50
C GLU C 232 6.20 -35.09 -39.37
N ALA C 233 6.07 -34.38 -40.50
CA ALA C 233 5.76 -32.95 -40.54
C ALA C 233 4.44 -32.62 -39.84
N PHE C 234 3.41 -33.44 -40.06
CA PHE C 234 2.07 -33.20 -39.52
C PHE C 234 1.76 -33.86 -38.21
N GLY C 235 2.38 -35.02 -37.94
CA GLY C 235 2.13 -35.80 -36.73
C GLY C 235 3.24 -35.90 -35.70
N ASN C 236 4.41 -35.31 -35.99
CA ASN C 236 5.55 -35.31 -35.07
C ASN C 236 5.79 -33.90 -34.55
N ALA C 237 6.38 -33.78 -33.35
CA ALA C 237 6.67 -32.50 -32.72
C ALA C 237 7.86 -32.61 -31.76
N LYS C 238 8.59 -31.49 -31.58
CA LYS C 238 9.73 -31.40 -30.66
C LYS C 238 9.19 -31.26 -29.23
N THR C 239 9.56 -32.21 -28.39
CA THR C 239 9.22 -32.26 -26.96
C THR C 239 10.56 -32.12 -26.19
N ILE C 240 10.51 -32.02 -24.86
CA ILE C 240 11.74 -31.95 -24.06
C ILE C 240 12.51 -33.30 -24.11
N ARG C 241 11.77 -34.43 -24.26
CA ARG C 241 12.26 -35.82 -24.33
C ARG C 241 12.74 -36.28 -25.73
N ASN C 242 12.28 -35.60 -26.81
CA ASN C 242 12.58 -36.00 -28.18
C ASN C 242 12.46 -34.80 -29.13
N ASN C 243 13.46 -34.62 -30.01
CA ASN C 243 13.42 -33.53 -31.00
C ASN C 243 12.49 -33.85 -32.19
N ASN C 244 12.00 -35.10 -32.26
CA ASN C 244 11.11 -35.61 -33.30
C ASN C 244 10.22 -36.69 -32.70
N SER C 245 9.35 -36.27 -31.76
CA SER C 245 8.43 -37.17 -31.09
C SER C 245 7.18 -37.40 -31.92
N SER C 246 6.78 -38.67 -32.07
CA SER C 246 5.59 -39.09 -32.79
C SER C 246 4.38 -38.86 -31.88
N ARG C 247 3.52 -37.90 -32.23
CA ARG C 247 2.35 -37.57 -31.40
C ARG C 247 1.07 -38.34 -31.78
N PHE C 248 1.21 -39.48 -32.47
CA PHE C 248 0.11 -40.33 -32.90
C PHE C 248 0.53 -41.80 -32.95
N GLY C 249 -0.48 -42.66 -33.04
CA GLY C 249 -0.32 -44.09 -33.16
C GLY C 249 -0.34 -44.40 -34.64
N ARG C 250 0.62 -45.16 -35.11
CA ARG C 250 0.65 -45.46 -36.54
C ARG C 250 0.42 -46.91 -36.77
N PHE C 251 -0.47 -47.22 -37.73
CA PHE C 251 -0.75 -48.59 -38.14
C PHE C 251 -0.63 -48.68 -39.65
N MET C 252 0.00 -49.72 -40.13
CA MET C 252 0.22 -49.94 -41.53
C MET C 252 -0.06 -51.36 -41.89
N GLN C 253 -0.59 -51.54 -43.08
CA GLN C 253 -0.85 -52.85 -43.68
C GLN C 253 -0.01 -52.87 -44.93
N LEU C 254 0.74 -53.93 -45.11
CA LEU C 254 1.62 -54.02 -46.25
C LEU C 254 1.48 -55.37 -46.95
N VAL C 255 1.74 -55.35 -48.25
CA VAL C 255 1.79 -56.53 -49.11
C VAL C 255 3.24 -56.54 -49.57
N ILE C 256 4.01 -57.53 -49.09
CA ILE C 256 5.43 -57.67 -49.39
C ILE C 256 5.67 -58.97 -50.17
N SER C 257 6.46 -58.89 -51.26
CA SER C 257 6.85 -60.03 -52.08
C SER C 257 7.77 -60.96 -51.25
N HIS C 258 7.77 -62.28 -51.53
CA HIS C 258 8.62 -63.24 -50.80
C HIS C 258 10.11 -62.92 -50.97
N GLU C 259 10.50 -62.37 -52.14
CA GLU C 259 11.86 -61.94 -52.46
C GLU C 259 12.19 -60.60 -51.75
N GLY C 260 11.14 -59.93 -51.29
CA GLY C 260 11.21 -58.60 -50.67
C GLY C 260 10.59 -57.60 -51.63
N GLY C 261 10.36 -56.39 -51.13
CA GLY C 261 9.77 -55.30 -51.90
C GLY C 261 8.31 -55.10 -51.54
N ILE C 262 7.91 -53.84 -51.32
CA ILE C 262 6.53 -53.51 -50.94
C ILE C 262 5.67 -53.30 -52.18
N ARG C 263 4.74 -54.24 -52.41
CA ARG C 263 3.80 -54.22 -53.53
C ARG C 263 2.69 -53.19 -53.27
N TYR C 264 2.00 -53.30 -52.10
CA TYR C 264 0.89 -52.45 -51.65
C TYR C 264 1.00 -52.07 -50.18
N GLY C 265 0.33 -50.99 -49.79
CA GLY C 265 0.28 -50.50 -48.41
C GLY C 265 -0.92 -49.64 -48.08
N SER C 266 -1.21 -49.51 -46.78
CA SER C 266 -2.31 -48.68 -46.23
C SER C 266 -1.90 -48.13 -44.85
N VAL C 267 -1.95 -46.80 -44.68
CA VAL C 267 -1.58 -46.11 -43.45
C VAL C 267 -2.83 -45.66 -42.64
N VAL C 268 -2.76 -45.79 -41.30
CA VAL C 268 -3.79 -45.37 -40.34
C VAL C 268 -3.11 -44.61 -39.21
N ALA C 269 -3.63 -43.42 -38.89
CA ALA C 269 -3.16 -42.58 -37.79
C ALA C 269 -4.26 -42.44 -36.73
N PHE C 270 -3.93 -42.67 -35.46
CA PHE C 270 -4.90 -42.52 -34.38
C PHE C 270 -4.35 -41.86 -33.13
N LEU C 271 -5.24 -41.25 -32.35
CA LEU C 271 -4.98 -40.56 -31.09
C LEU C 271 -3.97 -39.44 -31.22
N LEU C 272 -4.07 -38.68 -32.33
CA LEU C 272 -3.21 -37.53 -32.53
C LEU C 272 -3.46 -36.57 -31.34
N GLU C 273 -2.38 -35.99 -30.80
CA GLU C 273 -2.40 -35.06 -29.68
C GLU C 273 -3.00 -33.72 -30.17
N LYS C 274 -4.36 -33.60 -30.15
CA LYS C 274 -5.08 -32.40 -30.59
C LYS C 274 -4.68 -31.14 -29.80
N SER C 275 -4.48 -31.28 -28.47
CA SER C 275 -4.10 -30.20 -27.57
C SER C 275 -2.90 -29.40 -28.02
N ARG C 276 -1.89 -30.05 -28.63
CA ARG C 276 -0.65 -29.45 -29.14
C ARG C 276 -0.82 -28.40 -30.25
N ILE C 277 -1.93 -28.46 -31.01
CA ILE C 277 -2.21 -27.49 -32.08
C ILE C 277 -2.44 -26.09 -31.48
N ILE C 278 -3.14 -26.03 -30.32
CA ILE C 278 -3.54 -24.84 -29.58
C ILE C 278 -2.47 -24.33 -28.62
N THR C 279 -1.87 -25.21 -27.79
CA THR C 279 -0.88 -24.83 -26.77
C THR C 279 0.29 -25.85 -26.64
N GLN C 280 1.50 -25.35 -26.29
CA GLN C 280 2.71 -26.16 -26.07
C GLN C 280 3.42 -25.75 -24.79
N ASP C 281 4.05 -26.71 -24.06
CA ASP C 281 4.84 -26.44 -22.86
C ASP C 281 6.07 -25.63 -23.23
N ASP C 282 6.88 -25.23 -22.25
CA ASP C 282 8.06 -24.48 -22.61
C ASP C 282 9.17 -25.44 -22.98
N ASN C 283 9.97 -25.03 -23.99
CA ASN C 283 11.05 -25.79 -24.63
C ASN C 283 10.45 -26.98 -25.45
N GLU C 284 9.19 -26.77 -25.92
CA GLU C 284 8.34 -27.67 -26.72
C GLU C 284 7.64 -26.90 -27.84
N ARG C 285 7.76 -27.41 -29.08
CA ARG C 285 7.13 -26.83 -30.28
C ARG C 285 5.83 -27.57 -30.63
N SER C 286 4.99 -26.96 -31.48
CA SER C 286 3.80 -27.60 -32.03
C SER C 286 4.32 -28.53 -33.15
N TYR C 287 3.46 -28.97 -34.05
CA TYR C 287 3.90 -29.87 -35.12
C TYR C 287 4.93 -29.21 -36.02
N HIS C 288 5.85 -30.01 -36.55
CA HIS C 288 6.95 -29.55 -37.40
C HIS C 288 6.50 -28.70 -38.58
N ILE C 289 5.35 -29.05 -39.20
CA ILE C 289 4.80 -28.41 -40.40
C ILE C 289 4.63 -26.89 -40.23
N PHE C 290 4.12 -26.42 -39.08
CA PHE C 290 3.92 -24.99 -38.83
C PHE C 290 5.18 -24.18 -38.98
N TYR C 291 6.28 -24.69 -38.42
CA TYR C 291 7.61 -24.12 -38.43
C TYR C 291 8.27 -24.24 -39.80
N GLN C 292 8.13 -25.42 -40.44
CA GLN C 292 8.66 -25.72 -41.78
C GLN C 292 8.02 -24.77 -42.82
N PHE C 293 6.69 -24.59 -42.74
CA PHE C 293 5.88 -23.76 -43.62
C PHE C 293 6.15 -22.28 -43.43
N LEU C 294 6.12 -21.78 -42.19
CA LEU C 294 6.34 -20.36 -41.90
C LEU C 294 7.75 -19.87 -42.23
N LYS C 295 8.74 -20.77 -42.21
CA LYS C 295 10.13 -20.45 -42.51
C LYS C 295 10.48 -20.74 -43.98
N GLY C 296 10.02 -21.88 -44.48
CA GLY C 296 10.34 -22.37 -45.82
C GLY C 296 9.50 -21.91 -46.99
N ALA C 297 8.25 -21.44 -46.76
CA ALA C 297 7.38 -20.99 -47.84
C ALA C 297 7.92 -19.73 -48.49
N ASN C 298 7.85 -19.69 -49.83
CA ASN C 298 8.32 -18.60 -50.67
C ASN C 298 7.48 -17.34 -50.48
N SER C 299 8.08 -16.16 -50.77
CA SER C 299 7.49 -14.83 -50.68
C SER C 299 6.12 -14.70 -51.39
N THR C 300 5.89 -15.52 -52.44
CA THR C 300 4.63 -15.59 -53.19
C THR C 300 3.50 -16.13 -52.27
N MET C 301 3.74 -17.30 -51.62
CA MET C 301 2.80 -17.94 -50.68
C MET C 301 2.67 -17.12 -49.41
N LYS C 302 3.80 -16.52 -48.94
CA LYS C 302 3.84 -15.68 -47.73
C LYS C 302 2.99 -14.42 -47.92
N SER C 303 2.89 -13.93 -49.18
CA SER C 303 2.06 -12.77 -49.53
C SER C 303 0.62 -13.21 -49.75
N LYS C 304 0.39 -14.31 -50.54
CA LYS C 304 -0.92 -14.88 -50.87
C LYS C 304 -1.75 -15.21 -49.63
N PHE C 305 -1.13 -15.93 -48.65
CA PHE C 305 -1.77 -16.36 -47.40
C PHE C 305 -1.67 -15.34 -46.26
N GLY C 306 -0.89 -14.26 -46.46
CA GLY C 306 -0.66 -13.24 -45.46
C GLY C 306 0.04 -13.82 -44.25
N LEU C 307 1.13 -14.56 -44.50
CA LEU C 307 1.91 -15.26 -43.50
C LEU C 307 2.89 -14.34 -42.80
N LYS C 308 2.89 -14.41 -41.47
CA LYS C 308 3.79 -13.68 -40.59
C LYS C 308 4.98 -14.60 -40.22
N GLY C 309 5.76 -14.19 -39.23
CA GLY C 309 6.90 -14.98 -38.76
C GLY C 309 6.49 -16.02 -37.73
N VAL C 310 7.38 -17.01 -37.48
CA VAL C 310 7.18 -18.09 -36.52
C VAL C 310 6.84 -17.60 -35.09
N THR C 311 7.25 -16.36 -34.74
CA THR C 311 7.04 -15.77 -33.41
C THR C 311 5.77 -14.91 -33.31
N GLU C 312 5.11 -14.66 -34.45
CA GLU C 312 3.92 -13.82 -34.55
C GLU C 312 2.56 -14.56 -34.45
N TYR C 313 2.55 -15.84 -34.00
CA TYR C 313 1.31 -16.61 -33.92
C TYR C 313 0.97 -17.07 -32.51
N LYS C 314 -0.29 -16.89 -32.07
CA LYS C 314 -0.78 -17.29 -30.74
C LYS C 314 -0.73 -18.80 -30.53
N LEU C 315 -0.94 -19.58 -31.61
CA LEU C 315 -0.93 -21.05 -31.53
C LEU C 315 0.47 -21.67 -31.42
N LEU C 316 1.53 -20.94 -31.82
CA LEU C 316 2.93 -21.39 -31.74
C LEU C 316 3.68 -20.71 -30.60
N ASN C 317 4.45 -21.49 -29.79
CA ASN C 317 5.25 -20.93 -28.69
C ASN C 317 6.38 -20.09 -29.32
N PRO C 318 6.47 -18.77 -29.01
CA PRO C 318 7.47 -17.91 -29.66
C PRO C 318 8.91 -18.11 -29.22
N ASN C 319 9.07 -18.49 -27.95
CA ASN C 319 10.35 -18.71 -27.29
C ASN C 319 11.06 -19.99 -27.79
N SER C 320 10.26 -21.02 -28.18
CA SER C 320 10.75 -22.34 -28.59
C SER C 320 10.76 -22.62 -30.10
N THR C 321 10.61 -21.60 -30.96
CA THR C 321 10.56 -21.74 -32.43
C THR C 321 11.81 -22.37 -33.10
N GLU C 322 12.97 -22.36 -32.43
CA GLU C 322 14.22 -22.91 -32.99
C GLU C 322 14.66 -24.21 -32.30
N VAL C 323 15.04 -25.22 -33.11
CA VAL C 323 15.55 -26.52 -32.65
C VAL C 323 16.96 -26.67 -33.24
N SER C 324 17.96 -26.92 -32.38
CA SER C 324 19.35 -27.08 -32.78
C SER C 324 19.52 -28.37 -33.57
N GLY C 325 20.09 -28.21 -34.76
CA GLY C 325 20.32 -29.31 -35.70
C GLY C 325 19.21 -29.54 -36.70
N VAL C 326 18.07 -28.83 -36.53
CA VAL C 326 16.89 -28.94 -37.39
C VAL C 326 16.75 -27.75 -38.35
N ASP C 327 16.87 -28.02 -39.67
CA ASP C 327 16.70 -27.02 -40.72
C ASP C 327 15.25 -27.15 -41.21
N ASP C 328 14.33 -26.35 -40.64
CA ASP C 328 12.91 -26.38 -41.00
C ASP C 328 12.64 -26.04 -42.49
N VAL C 329 13.50 -25.19 -43.10
CA VAL C 329 13.43 -24.74 -44.50
C VAL C 329 13.77 -25.87 -45.47
N LYS C 330 14.85 -26.64 -45.19
CA LYS C 330 15.26 -27.79 -46.00
C LYS C 330 14.29 -28.95 -45.80
N ASP C 331 13.72 -29.07 -44.56
CA ASP C 331 12.72 -30.08 -44.19
C ASP C 331 11.46 -29.85 -45.01
N PHE C 332 11.07 -28.58 -45.13
CA PHE C 332 9.90 -28.14 -45.88
C PHE C 332 10.00 -28.55 -47.35
N GLU C 333 11.18 -28.38 -47.97
CA GLU C 333 11.49 -28.76 -49.35
C GLU C 333 11.29 -30.28 -49.54
N GLU C 334 11.69 -31.07 -48.53
CA GLU C 334 11.58 -32.53 -48.48
C GLU C 334 10.10 -32.94 -48.40
N VAL C 335 9.27 -32.15 -47.68
CA VAL C 335 7.81 -32.37 -47.54
C VAL C 335 7.10 -32.06 -48.87
N ILE C 336 7.42 -30.90 -49.49
CA ILE C 336 6.85 -30.46 -50.78
C ILE C 336 7.17 -31.46 -51.88
N GLU C 337 8.37 -32.05 -51.84
CA GLU C 337 8.79 -33.05 -52.80
C GLU C 337 8.06 -34.37 -52.56
N SER C 338 7.87 -34.73 -51.28
CA SER C 338 7.17 -35.96 -50.86
C SER C 338 5.68 -35.90 -51.21
N LEU C 339 5.02 -34.72 -51.01
CA LEU C 339 3.62 -34.46 -51.37
C LEU C 339 3.39 -34.65 -52.89
N LYS C 340 4.38 -34.24 -53.72
CA LYS C 340 4.39 -34.40 -55.17
C LYS C 340 4.52 -35.91 -55.53
N ASN C 341 5.34 -36.68 -54.75
CA ASN C 341 5.55 -38.14 -54.90
C ASN C 341 4.36 -38.97 -54.37
N MET C 342 3.35 -38.27 -53.82
CA MET C 342 2.09 -38.77 -53.26
C MET C 342 0.99 -38.47 -54.28
N GLU C 343 1.41 -37.97 -55.48
CA GLU C 343 0.59 -37.61 -56.63
C GLU C 343 -0.48 -36.54 -56.28
N LEU C 344 -0.02 -35.41 -55.70
CA LEU C 344 -0.83 -34.25 -55.36
C LEU C 344 -0.34 -33.11 -56.27
N SER C 345 -1.28 -32.40 -56.94
CA SER C 345 -0.95 -31.29 -57.86
C SER C 345 -0.53 -30.04 -57.10
N GLU C 346 0.05 -29.05 -57.80
CA GLU C 346 0.51 -27.79 -57.21
C GLU C 346 -0.65 -27.00 -56.59
N SER C 347 -1.87 -27.22 -57.12
CA SER C 347 -3.12 -26.62 -56.65
C SER C 347 -3.57 -27.32 -55.36
N ASP C 348 -3.54 -28.69 -55.34
CA ASP C 348 -3.87 -29.54 -54.18
C ASP C 348 -2.98 -29.11 -53.01
N ILE C 349 -1.66 -28.94 -53.27
CA ILE C 349 -0.63 -28.50 -52.32
C ILE C 349 -0.95 -27.08 -51.83
N GLU C 350 -1.32 -26.17 -52.75
CA GLU C 350 -1.67 -24.78 -52.44
C GLU C 350 -2.87 -24.72 -51.49
N VAL C 351 -3.84 -25.67 -51.65
CA VAL C 351 -5.05 -25.77 -50.81
C VAL C 351 -4.68 -26.27 -49.41
N ILE C 352 -3.83 -27.32 -49.34
CA ILE C 352 -3.32 -27.90 -48.09
C ILE C 352 -2.67 -26.79 -47.24
N PHE C 353 -1.80 -25.97 -47.84
CA PHE C 353 -1.14 -24.90 -47.10
C PHE C 353 -2.01 -23.67 -46.85
N SER C 354 -3.10 -23.52 -47.64
CA SER C 354 -4.08 -22.45 -47.43
C SER C 354 -4.81 -22.76 -46.14
N ILE C 355 -5.27 -24.04 -45.97
CA ILE C 355 -5.94 -24.52 -44.77
C ILE C 355 -5.02 -24.42 -43.55
N VAL C 356 -3.70 -24.71 -43.71
CA VAL C 356 -2.73 -24.60 -42.61
C VAL C 356 -2.64 -23.13 -42.16
N ALA C 357 -2.51 -22.21 -43.15
CA ALA C 357 -2.43 -20.76 -42.94
C ALA C 357 -3.71 -20.24 -42.23
N GLY C 358 -4.88 -20.76 -42.64
CA GLY C 358 -6.20 -20.45 -42.10
C GLY C 358 -6.39 -20.83 -40.64
N ILE C 359 -5.78 -21.98 -40.23
CA ILE C 359 -5.80 -22.48 -38.85
C ILE C 359 -4.99 -21.49 -37.98
N LEU C 360 -3.73 -21.20 -38.41
CA LEU C 360 -2.82 -20.27 -37.74
C LEU C 360 -3.45 -18.87 -37.59
N THR C 361 -4.06 -18.36 -38.69
CA THR C 361 -4.73 -17.06 -38.76
C THR C 361 -5.88 -17.03 -37.77
N LEU C 362 -6.74 -18.06 -37.76
CA LEU C 362 -7.89 -18.14 -36.84
C LEU C 362 -7.48 -18.10 -35.36
N GLY C 363 -6.29 -18.62 -35.06
CA GLY C 363 -5.75 -18.64 -33.70
C GLY C 363 -5.37 -17.28 -33.17
N ASN C 364 -5.07 -16.35 -34.11
CA ASN C 364 -4.69 -14.95 -33.89
C ASN C 364 -5.90 -14.01 -33.74
N VAL C 365 -7.11 -14.54 -33.93
CA VAL C 365 -8.37 -13.80 -33.82
C VAL C 365 -8.70 -13.74 -32.33
N ARG C 366 -8.75 -12.51 -31.79
CA ARG C 366 -9.07 -12.30 -30.38
C ARG C 366 -10.57 -12.11 -30.23
N LEU C 367 -11.18 -12.81 -29.27
CA LEU C 367 -12.61 -12.63 -29.04
C LEU C 367 -12.84 -12.06 -27.64
N ILE C 368 -13.60 -10.95 -27.59
CA ILE C 368 -13.89 -10.14 -26.39
C ILE C 368 -15.31 -10.37 -25.82
N GLU C 369 -15.51 -9.91 -24.56
CA GLU C 369 -16.75 -10.05 -23.79
C GLU C 369 -17.59 -8.75 -23.68
N LYS C 370 -18.47 -8.54 -24.69
CA LYS C 370 -19.42 -7.42 -24.79
C LYS C 370 -20.83 -7.99 -24.51
N GLN C 371 -21.63 -7.26 -23.70
CA GLN C 371 -22.98 -7.66 -23.28
C GLN C 371 -24.10 -7.38 -24.34
N GLU C 372 -23.74 -7.40 -25.63
CA GLU C 372 -24.58 -7.12 -26.82
C GLU C 372 -25.98 -7.74 -26.86
N ALA C 373 -26.20 -8.87 -26.17
CA ALA C 373 -27.49 -9.57 -26.12
C ALA C 373 -28.06 -9.63 -24.68
N GLY C 374 -29.26 -10.24 -24.53
CA GLY C 374 -30.02 -10.37 -23.28
C GLY C 374 -29.32 -10.84 -22.01
N LEU C 375 -28.04 -11.27 -22.12
CA LEU C 375 -27.21 -11.75 -21.00
C LEU C 375 -26.15 -10.70 -20.64
N SER C 376 -25.73 -10.67 -19.34
CA SER C 376 -24.72 -9.74 -18.81
C SER C 376 -23.35 -9.93 -19.47
N ASP C 377 -23.08 -11.14 -20.01
CA ASP C 377 -21.82 -11.46 -20.67
C ASP C 377 -22.00 -12.39 -21.88
N ALA C 378 -21.68 -11.86 -23.07
CA ALA C 378 -21.75 -12.58 -24.34
C ALA C 378 -20.40 -12.44 -25.07
N ALA C 379 -20.23 -13.14 -26.22
CA ALA C 379 -18.98 -13.10 -26.96
C ALA C 379 -19.12 -12.35 -28.29
N ALA C 380 -17.99 -11.78 -28.78
CA ALA C 380 -17.87 -11.08 -30.05
C ALA C 380 -16.41 -11.04 -30.48
N ILE C 381 -16.14 -10.96 -31.81
CA ILE C 381 -14.79 -10.88 -32.37
C ILE C 381 -14.32 -9.44 -32.19
N MET C 382 -13.05 -9.25 -31.78
CA MET C 382 -12.47 -7.92 -31.60
C MET C 382 -12.51 -7.13 -32.90
N ASP C 383 -12.83 -5.81 -32.74
CA ASP C 383 -12.98 -4.75 -33.75
C ASP C 383 -11.91 -4.73 -34.85
N GLU C 384 -10.65 -4.85 -34.44
CA GLU C 384 -9.49 -4.83 -35.32
C GLU C 384 -9.08 -6.22 -35.84
N ASP C 385 -9.68 -7.29 -35.24
CA ASP C 385 -9.46 -8.69 -35.62
C ASP C 385 -10.60 -9.23 -36.50
N MET C 386 -11.38 -8.32 -37.11
CA MET C 386 -12.46 -8.69 -38.01
C MET C 386 -11.89 -8.92 -39.43
N GLY C 387 -10.74 -8.30 -39.72
CA GLY C 387 -10.05 -8.47 -41.00
C GLY C 387 -9.30 -9.79 -41.01
N VAL C 388 -8.74 -10.14 -39.84
CA VAL C 388 -7.97 -11.36 -39.54
C VAL C 388 -8.93 -12.56 -39.64
N PHE C 389 -10.14 -12.47 -39.02
CA PHE C 389 -11.15 -13.52 -39.02
C PHE C 389 -11.62 -13.82 -40.43
N ASN C 390 -11.86 -12.76 -41.22
CA ASN C 390 -12.30 -12.92 -42.59
C ASN C 390 -11.24 -13.58 -43.46
N LYS C 391 -9.96 -13.22 -43.24
CA LYS C 391 -8.83 -13.80 -43.94
C LYS C 391 -8.75 -15.30 -43.62
N ALA C 392 -8.90 -15.68 -42.33
CA ALA C 392 -8.89 -17.06 -41.83
C ALA C 392 -9.96 -17.90 -42.51
N CYS C 393 -11.20 -17.39 -42.62
CA CYS C 393 -12.31 -18.07 -43.26
C CYS C 393 -12.14 -18.20 -44.76
N GLU C 394 -11.50 -17.19 -45.40
CA GLU C 394 -11.18 -17.16 -46.85
C GLU C 394 -10.14 -18.26 -47.18
N LEU C 395 -9.07 -18.37 -46.35
CA LEU C 395 -8.00 -19.35 -46.52
C LEU C 395 -8.48 -20.79 -46.30
N MET C 396 -9.45 -20.97 -45.39
CA MET C 396 -10.05 -22.27 -45.10
C MET C 396 -11.19 -22.59 -46.08
N TYR C 397 -11.49 -21.66 -47.02
CA TYR C 397 -12.56 -21.76 -48.03
C TYR C 397 -13.95 -21.92 -47.35
N LEU C 398 -14.18 -21.16 -46.27
CA LEU C 398 -15.41 -21.15 -45.48
C LEU C 398 -16.10 -19.77 -45.56
N ASP C 399 -17.42 -19.73 -45.25
CA ASP C 399 -18.22 -18.49 -45.23
C ASP C 399 -18.03 -17.85 -43.84
N PRO C 400 -17.40 -16.66 -43.77
CA PRO C 400 -17.17 -16.04 -42.45
C PRO C 400 -18.43 -15.70 -41.67
N GLU C 401 -19.54 -15.44 -42.37
CA GLU C 401 -20.82 -15.15 -41.71
C GLU C 401 -21.41 -16.37 -41.01
N LEU C 402 -21.29 -17.55 -41.65
CA LEU C 402 -21.79 -18.81 -41.09
C LEU C 402 -20.87 -19.35 -39.99
N ILE C 403 -19.55 -19.11 -40.10
CA ILE C 403 -18.57 -19.53 -39.09
C ILE C 403 -18.75 -18.67 -37.83
N LYS C 404 -18.93 -17.34 -38.02
CA LYS C 404 -19.18 -16.33 -36.98
C LYS C 404 -20.42 -16.73 -36.14
N ARG C 405 -21.54 -17.01 -36.83
CA ARG C 405 -22.81 -17.44 -36.24
C ARG C 405 -22.66 -18.70 -35.40
N GLU C 406 -21.79 -19.63 -35.83
CA GLU C 406 -21.62 -20.91 -35.13
C GLU C 406 -20.84 -20.77 -33.83
N ILE C 407 -19.85 -19.86 -33.83
CA ILE C 407 -18.99 -19.56 -32.68
C ILE C 407 -19.70 -18.68 -31.63
N LEU C 408 -20.47 -17.67 -32.08
CA LEU C 408 -21.12 -16.67 -31.21
C LEU C 408 -22.55 -16.99 -30.78
N ILE C 409 -23.36 -17.56 -31.68
CA ILE C 409 -24.77 -17.88 -31.41
C ILE C 409 -24.91 -19.35 -30.97
N LYS C 410 -25.74 -19.59 -29.94
CA LYS C 410 -26.03 -20.88 -29.32
C LYS C 410 -27.48 -21.29 -29.56
N VAL C 411 -27.70 -22.31 -30.38
CA VAL C 411 -29.06 -22.79 -30.70
C VAL C 411 -29.38 -24.07 -29.94
N GLU C 420 -32.98 -19.83 -29.64
CA GLU C 420 -31.77 -19.11 -30.02
C GLU C 420 -31.24 -18.24 -28.86
N GLY C 421 -29.97 -18.44 -28.53
CA GLY C 421 -29.25 -17.71 -27.49
C GLY C 421 -27.89 -17.22 -27.94
N ARG C 422 -26.96 -17.08 -27.01
CA ARG C 422 -25.60 -16.65 -27.33
C ARG C 422 -24.59 -17.41 -26.47
N TRP C 423 -23.32 -17.41 -26.91
CA TRP C 423 -22.21 -18.07 -26.21
C TRP C 423 -21.37 -16.99 -25.49
N ASN C 424 -20.82 -17.32 -24.30
CA ASN C 424 -19.96 -16.40 -23.57
C ASN C 424 -18.53 -16.50 -24.13
N LYS C 425 -17.66 -15.50 -23.83
CA LYS C 425 -16.27 -15.43 -24.30
C LYS C 425 -15.49 -16.75 -24.10
N ASN C 426 -15.72 -17.42 -22.96
CA ASN C 426 -15.05 -18.68 -22.60
C ASN C 426 -15.50 -19.83 -23.48
N ASP C 427 -16.83 -20.01 -23.64
CA ASP C 427 -17.42 -21.05 -24.47
C ASP C 427 -17.19 -20.83 -25.98
N ALA C 428 -17.10 -19.56 -26.42
CA ALA C 428 -16.84 -19.23 -27.82
C ALA C 428 -15.37 -19.43 -28.14
N GLU C 429 -14.49 -19.25 -27.14
CA GLU C 429 -13.06 -19.47 -27.31
C GLU C 429 -12.82 -20.98 -27.46
N VAL C 430 -13.61 -21.82 -26.74
CA VAL C 430 -13.59 -23.28 -26.82
C VAL C 430 -13.96 -23.73 -28.23
N LEU C 431 -15.04 -23.17 -28.80
CA LEU C 431 -15.52 -23.45 -30.16
C LEU C 431 -14.52 -23.02 -31.24
N LYS C 432 -13.89 -21.84 -31.09
CA LYS C 432 -12.89 -21.31 -32.03
C LYS C 432 -11.66 -22.22 -32.02
N SER C 433 -11.30 -22.76 -30.84
CA SER C 433 -10.16 -23.66 -30.64
C SER C 433 -10.44 -25.05 -31.19
N SER C 434 -11.69 -25.53 -30.99
CA SER C 434 -12.18 -26.81 -31.46
C SER C 434 -12.21 -26.89 -32.99
N LEU C 435 -12.36 -25.72 -33.67
CA LEU C 435 -12.38 -25.59 -35.12
C LEU C 435 -10.96 -25.70 -35.69
N CYS C 436 -9.97 -25.11 -35.01
CA CYS C 436 -8.56 -25.20 -35.41
C CYS C 436 -8.08 -26.65 -35.32
N LYS C 437 -8.45 -27.34 -34.22
CA LYS C 437 -8.06 -28.72 -33.96
C LYS C 437 -8.70 -29.71 -34.95
N ALA C 438 -10.02 -29.54 -35.23
CA ALA C 438 -10.74 -30.41 -36.17
C ALA C 438 -10.21 -30.23 -37.57
N MET C 439 -10.01 -28.97 -38.01
CA MET C 439 -9.49 -28.68 -39.35
C MET C 439 -8.12 -29.30 -39.54
N TYR C 440 -7.25 -29.20 -38.53
CA TYR C 440 -5.91 -29.79 -38.59
C TYR C 440 -5.94 -31.31 -38.65
N GLU C 441 -6.70 -31.95 -37.74
CA GLU C 441 -6.81 -33.40 -37.67
C GLU C 441 -7.37 -33.95 -38.96
N LYS C 442 -8.47 -33.36 -39.46
CA LYS C 442 -9.13 -33.82 -40.69
C LYS C 442 -8.29 -33.53 -41.95
N LEU C 443 -7.41 -32.49 -41.94
CA LEU C 443 -6.49 -32.21 -43.04
C LEU C 443 -5.42 -33.32 -43.09
N PHE C 444 -4.88 -33.65 -41.90
CA PHE C 444 -3.90 -34.71 -41.73
C PHE C 444 -4.51 -36.04 -42.18
N LEU C 445 -5.74 -36.35 -41.71
CA LEU C 445 -6.47 -37.57 -42.10
C LEU C 445 -6.79 -37.61 -43.59
N TRP C 446 -7.04 -36.44 -44.21
CA TRP C 446 -7.32 -36.35 -45.65
C TRP C 446 -6.07 -36.74 -46.45
N ILE C 447 -4.90 -36.11 -46.12
CA ILE C 447 -3.60 -36.38 -46.74
C ILE C 447 -3.28 -37.89 -46.71
N ILE C 448 -3.63 -38.58 -45.61
CA ILE C 448 -3.46 -40.03 -45.45
C ILE C 448 -4.42 -40.79 -46.36
N ARG C 449 -5.74 -40.40 -46.38
CA ARG C 449 -6.80 -40.98 -47.22
C ARG C 449 -6.41 -40.89 -48.70
N HIS C 450 -5.81 -39.73 -49.08
CA HIS C 450 -5.33 -39.49 -50.43
C HIS C 450 -4.23 -40.52 -50.77
N LEU C 451 -3.13 -40.53 -49.97
CA LEU C 451 -2.01 -41.48 -50.14
C LEU C 451 -2.50 -42.91 -50.29
N ASN C 452 -3.38 -43.35 -49.39
CA ASN C 452 -3.97 -44.69 -49.39
C ASN C 452 -4.66 -45.02 -50.71
N SER C 453 -5.38 -44.07 -51.32
CA SER C 453 -6.09 -44.30 -52.59
C SER C 453 -5.13 -44.68 -53.76
N ARG C 454 -3.83 -44.35 -53.61
CA ARG C 454 -2.77 -44.53 -54.59
C ARG C 454 -1.78 -45.64 -54.23
N ILE C 455 -1.85 -46.14 -52.97
CA ILE C 455 -0.94 -47.21 -52.48
C ILE C 455 -1.69 -48.51 -52.10
N GLU C 456 -3.02 -48.44 -51.85
CA GLU C 456 -3.84 -49.59 -51.42
C GLU C 456 -4.10 -50.61 -52.52
N PRO C 457 -4.28 -51.92 -52.17
CA PRO C 457 -4.63 -52.91 -53.21
C PRO C 457 -6.08 -52.75 -53.64
N GLU C 458 -6.41 -53.14 -54.87
CA GLU C 458 -7.78 -53.03 -55.39
C GLU C 458 -8.79 -53.82 -54.53
N GLY C 459 -8.65 -55.14 -54.44
CA GLY C 459 -9.59 -55.98 -53.70
C GLY C 459 -9.53 -55.90 -52.18
N GLY C 460 -8.65 -55.03 -51.68
CA GLY C 460 -8.36 -54.91 -50.25
C GLY C 460 -7.29 -55.92 -49.88
N PHE C 461 -7.00 -56.03 -48.60
CA PHE C 461 -5.97 -56.96 -48.13
C PHE C 461 -6.61 -58.30 -47.78
N LYS C 462 -5.86 -59.37 -48.03
CA LYS C 462 -6.25 -60.72 -47.64
C LYS C 462 -5.21 -61.08 -46.57
N THR C 463 -3.99 -61.42 -47.03
CA THR C 463 -2.84 -61.69 -46.20
C THR C 463 -1.95 -60.43 -46.30
N PHE C 464 -1.68 -59.82 -45.16
CA PHE C 464 -0.89 -58.60 -45.06
C PHE C 464 0.13 -58.67 -43.90
N MET C 465 1.07 -57.71 -43.90
CA MET C 465 2.05 -57.45 -42.85
C MET C 465 1.58 -56.20 -42.14
N GLY C 466 1.16 -56.37 -40.90
CA GLY C 466 0.73 -55.31 -39.99
C GLY C 466 1.93 -54.69 -39.30
N MET C 467 1.85 -53.40 -38.98
CA MET C 467 2.95 -52.68 -38.36
C MET C 467 2.42 -51.58 -37.47
N LEU C 468 2.32 -51.85 -36.14
CA LEU C 468 1.85 -50.86 -35.17
C LEU C 468 3.01 -50.19 -34.44
N ASP C 469 2.94 -48.85 -34.30
CA ASP C 469 3.91 -47.99 -33.58
C ASP C 469 3.12 -47.17 -32.58
N ILE C 470 3.19 -47.50 -31.29
CA ILE C 470 2.43 -46.83 -30.27
C ILE C 470 3.23 -46.74 -28.96
N PHE C 471 2.82 -45.85 -28.04
CA PHE C 471 3.48 -45.74 -26.74
C PHE C 471 3.03 -46.90 -25.90
N GLY C 472 3.90 -47.30 -24.98
CA GLY C 472 3.57 -48.31 -24.00
C GLY C 472 2.71 -47.67 -22.90
N PHE C 473 2.65 -48.32 -21.73
CA PHE C 473 1.90 -47.81 -20.57
C PHE C 473 2.46 -46.47 -20.12
N GLU C 474 1.58 -45.44 -20.05
CA GLU C 474 1.95 -44.07 -19.64
C GLU C 474 1.62 -43.85 -18.18
N VAL C 475 2.62 -43.49 -17.36
CA VAL C 475 2.46 -43.20 -15.93
C VAL C 475 3.20 -41.90 -15.59
N PHE C 476 2.49 -40.78 -15.59
CA PHE C 476 3.08 -39.49 -15.18
C PHE C 476 2.59 -39.19 -13.79
N LYS C 477 3.12 -38.10 -13.18
CA LYS C 477 2.68 -37.67 -11.85
C LYS C 477 1.22 -37.29 -11.97
N ASN C 478 0.81 -36.64 -13.10
CA ASN C 478 -0.58 -36.27 -13.38
C ASN C 478 -1.07 -36.82 -14.74
N ASN C 479 -2.01 -37.79 -14.72
CA ASN C 479 -2.54 -38.44 -15.93
C ASN C 479 -3.91 -37.98 -16.29
N SER C 480 -4.14 -37.71 -17.57
CA SER C 480 -5.45 -37.26 -18.04
C SER C 480 -6.12 -38.27 -19.02
N LEU C 481 -7.15 -37.82 -19.74
CA LEU C 481 -7.93 -38.60 -20.70
C LEU C 481 -7.10 -39.17 -21.83
N GLU C 482 -6.02 -38.49 -22.26
CA GLU C 482 -5.13 -38.94 -23.34
C GLU C 482 -4.35 -40.19 -22.92
N GLN C 483 -3.87 -40.20 -21.66
CA GLN C 483 -3.13 -41.33 -21.08
C GLN C 483 -4.06 -42.51 -20.83
N LEU C 484 -5.33 -42.24 -20.44
CA LEU C 484 -6.38 -43.24 -20.22
C LEU C 484 -6.59 -44.03 -21.49
N PHE C 485 -6.62 -43.36 -22.65
CA PHE C 485 -6.79 -43.97 -23.96
C PHE C 485 -5.58 -44.87 -24.33
N ILE C 486 -4.35 -44.37 -24.11
CA ILE C 486 -3.10 -45.10 -24.38
C ILE C 486 -3.00 -46.35 -23.50
N ASN C 487 -3.41 -46.23 -22.23
CA ASN C 487 -3.38 -47.33 -21.27
C ASN C 487 -4.47 -48.35 -21.52
N ILE C 488 -5.61 -47.95 -22.10
CA ILE C 488 -6.67 -48.87 -22.49
C ILE C 488 -6.11 -49.65 -23.68
N THR C 489 -5.57 -48.94 -24.73
CA THR C 489 -4.94 -49.54 -25.95
C THR C 489 -3.91 -50.60 -25.56
N ASN C 490 -3.08 -50.29 -24.55
CA ASN C 490 -2.04 -51.18 -24.07
C ASN C 490 -2.58 -52.39 -23.32
N GLU C 491 -3.77 -52.26 -22.70
CA GLU C 491 -4.47 -53.37 -22.04
C GLU C 491 -4.93 -54.37 -23.09
N MET C 492 -5.40 -53.88 -24.25
CA MET C 492 -5.81 -54.71 -25.39
C MET C 492 -4.63 -55.51 -25.94
N LEU C 493 -3.49 -54.85 -26.20
CA LEU C 493 -2.27 -55.48 -26.73
C LEU C 493 -1.65 -56.48 -25.75
N GLN C 494 -1.91 -56.28 -24.43
CA GLN C 494 -1.49 -57.16 -23.34
C GLN C 494 -2.17 -58.52 -23.48
N LYS C 495 -3.46 -58.53 -23.82
CA LYS C 495 -4.23 -59.75 -24.06
C LYS C 495 -3.62 -60.47 -25.28
N ASN C 496 -3.21 -59.74 -26.36
CA ASN C 496 -2.58 -60.35 -27.55
C ASN C 496 -1.29 -61.03 -27.19
N PHE C 497 -0.45 -60.36 -26.38
CA PHE C 497 0.82 -60.88 -25.93
C PHE C 497 0.60 -62.16 -25.14
N VAL C 498 -0.21 -62.11 -24.07
CA VAL C 498 -0.52 -63.27 -23.24
C VAL C 498 -1.09 -64.45 -24.06
N ASP C 499 -2.06 -64.18 -24.94
CA ASP C 499 -2.69 -65.20 -25.76
C ASP C 499 -1.70 -65.93 -26.66
N ILE C 500 -0.83 -65.23 -27.42
CA ILE C 500 0.15 -65.85 -28.32
C ILE C 500 1.20 -66.64 -27.55
N VAL C 501 1.58 -66.17 -26.35
CA VAL C 501 2.55 -66.85 -25.52
C VAL C 501 1.98 -68.22 -25.15
N PHE C 502 0.74 -68.25 -24.60
CA PHE C 502 0.02 -69.46 -24.20
C PHE C 502 -0.18 -70.38 -25.41
N GLU C 503 -0.69 -69.83 -26.52
CA GLU C 503 -0.99 -70.51 -27.79
C GLU C 503 0.24 -71.23 -28.32
N ARG C 504 1.39 -70.51 -28.43
CA ARG C 504 2.64 -71.03 -28.95
C ARG C 504 3.20 -72.12 -28.09
N GLU C 505 3.18 -71.94 -26.74
CA GLU C 505 3.72 -72.90 -25.79
C GLU C 505 2.90 -74.18 -25.83
N SER C 506 1.56 -74.06 -25.75
CA SER C 506 0.62 -75.19 -25.78
C SER C 506 0.76 -76.04 -27.04
N LYS C 507 0.93 -75.39 -28.20
CA LYS C 507 1.15 -76.06 -29.49
C LYS C 507 2.45 -76.88 -29.45
N LEU C 508 3.54 -76.24 -28.99
CA LEU C 508 4.87 -76.83 -28.88
C LEU C 508 4.84 -78.07 -28.00
N TYR C 509 4.24 -77.97 -26.80
CA TYR C 509 4.11 -79.09 -25.85
C TYR C 509 3.30 -80.24 -26.49
N LYS C 510 2.16 -79.93 -27.13
CA LYS C 510 1.29 -80.90 -27.83
C LYS C 510 2.05 -81.60 -28.95
N ASP C 511 2.83 -80.83 -29.76
CA ASP C 511 3.63 -81.33 -30.89
C ASP C 511 4.72 -82.28 -30.41
N GLU C 512 5.27 -82.02 -29.20
CA GLU C 512 6.34 -82.80 -28.56
C GLU C 512 5.85 -83.89 -27.63
N GLY C 513 4.54 -83.93 -27.37
CA GLY C 513 3.91 -84.90 -26.48
C GLY C 513 4.20 -84.68 -25.01
N ILE C 514 4.11 -83.41 -24.56
CA ILE C 514 4.34 -82.99 -23.17
C ILE C 514 3.02 -82.42 -22.64
N SER C 515 2.71 -82.73 -21.37
CA SER C 515 1.50 -82.31 -20.68
C SER C 515 1.44 -80.79 -20.48
N THR C 516 0.35 -80.16 -20.96
CA THR C 516 0.08 -78.73 -20.84
C THR C 516 -0.62 -78.44 -19.50
N ALA C 517 -0.77 -79.46 -18.62
CA ALA C 517 -1.41 -79.37 -17.30
C ALA C 517 -0.75 -78.33 -16.41
N GLU C 518 0.59 -78.17 -16.51
CA GLU C 518 1.33 -77.17 -15.75
C GLU C 518 1.07 -75.75 -16.30
N LEU C 519 0.87 -75.63 -17.64
CA LEU C 519 0.59 -74.34 -18.31
C LEU C 519 -0.79 -73.84 -17.86
N LYS C 520 -0.85 -72.63 -17.26
CA LYS C 520 -2.09 -72.07 -16.73
C LYS C 520 -1.89 -70.57 -16.41
N TYR C 521 -2.41 -69.64 -17.26
CA TYR C 521 -2.22 -68.21 -16.93
C TYR C 521 -3.47 -67.32 -17.13
N THR C 522 -3.65 -66.40 -16.14
CA THR C 522 -4.71 -65.40 -15.97
C THR C 522 -4.79 -64.36 -17.09
N SER C 523 -6.00 -63.80 -17.26
CA SER C 523 -6.31 -62.79 -18.25
C SER C 523 -6.52 -61.41 -17.60
N ASN C 524 -6.72 -60.38 -18.43
CA ASN C 524 -6.98 -59.00 -18.04
C ASN C 524 -8.37 -58.59 -18.49
N LYS C 525 -9.30 -59.57 -18.56
CA LYS C 525 -10.72 -59.39 -18.92
C LYS C 525 -11.37 -58.40 -17.97
N GLU C 526 -11.08 -58.51 -16.66
CA GLU C 526 -11.66 -57.65 -15.64
C GLU C 526 -11.34 -56.16 -15.82
N VAL C 527 -10.04 -55.80 -15.92
CA VAL C 527 -9.60 -54.40 -16.10
C VAL C 527 -10.06 -53.84 -17.46
N ILE C 528 -10.09 -54.67 -18.51
CA ILE C 528 -10.57 -54.26 -19.83
C ILE C 528 -12.05 -53.89 -19.71
N ASN C 529 -12.83 -54.70 -18.96
CA ASN C 529 -14.25 -54.47 -18.72
C ASN C 529 -14.52 -53.21 -17.93
N VAL C 530 -13.82 -52.98 -16.81
CA VAL C 530 -13.96 -51.77 -15.98
C VAL C 530 -13.73 -50.50 -16.79
N LEU C 531 -12.90 -50.59 -17.84
CA LEU C 531 -12.61 -49.44 -18.69
C LEU C 531 -13.49 -49.34 -19.95
N CYS C 532 -13.85 -50.47 -20.60
CA CYS C 532 -14.57 -50.45 -21.89
C CYS C 532 -16.02 -50.92 -21.90
N GLU C 533 -16.37 -51.98 -21.11
CA GLU C 533 -17.71 -52.59 -21.08
C GLU C 533 -18.86 -51.59 -21.22
N LYS C 534 -19.70 -51.75 -22.26
CA LYS C 534 -20.87 -50.89 -22.50
C LYS C 534 -21.78 -50.92 -21.25
N GLY C 535 -22.11 -49.76 -20.71
CA GLY C 535 -22.94 -49.64 -19.51
C GLY C 535 -22.21 -49.72 -18.18
N LYS C 536 -21.38 -50.78 -17.98
CA LYS C 536 -20.66 -50.95 -16.71
C LYS C 536 -19.14 -50.65 -16.85
N SER C 537 -18.78 -49.38 -17.19
CA SER C 537 -17.38 -48.98 -17.37
C SER C 537 -17.10 -47.51 -17.16
N VAL C 538 -15.82 -47.16 -16.98
CA VAL C 538 -15.31 -45.78 -16.86
C VAL C 538 -15.72 -44.99 -18.14
N LEU C 539 -15.50 -45.57 -19.34
CA LEU C 539 -15.83 -44.93 -20.61
C LEU C 539 -17.33 -44.68 -20.79
N SER C 540 -18.17 -45.59 -20.26
CA SER C 540 -19.63 -45.47 -20.35
C SER C 540 -20.11 -44.34 -19.48
N TYR C 541 -19.68 -44.30 -18.21
CA TYR C 541 -20.03 -43.22 -17.28
C TYR C 541 -19.50 -41.86 -17.75
N LEU C 542 -18.45 -41.86 -18.61
CA LEU C 542 -17.90 -40.64 -19.21
C LEU C 542 -18.86 -40.15 -20.30
N GLU C 543 -19.30 -41.06 -21.19
CA GLU C 543 -20.28 -40.80 -22.25
C GLU C 543 -21.60 -40.30 -21.61
N ASP C 544 -22.07 -41.00 -20.55
CA ASP C 544 -23.29 -40.68 -19.80
C ASP C 544 -23.24 -39.26 -19.25
N GLN C 545 -22.11 -38.87 -18.64
CA GLN C 545 -21.95 -37.54 -18.06
C GLN C 545 -21.79 -36.43 -19.09
N CYS C 546 -21.34 -36.74 -20.33
CA CYS C 546 -21.23 -35.72 -21.40
C CYS C 546 -22.61 -35.46 -22.00
N LEU C 547 -23.39 -36.54 -22.18
CA LEU C 547 -24.74 -36.48 -22.72
C LEU C 547 -25.77 -35.90 -21.72
N ALA C 548 -25.45 -35.92 -20.41
CA ALA C 548 -26.29 -35.34 -19.36
C ALA C 548 -26.15 -33.80 -19.41
N PRO C 549 -27.27 -33.03 -19.34
CA PRO C 549 -27.15 -31.56 -19.43
C PRO C 549 -26.40 -30.89 -18.27
N GLY C 550 -26.58 -31.42 -17.05
CA GLY C 550 -25.91 -30.91 -15.86
C GLY C 550 -24.59 -31.61 -15.54
N GLY C 551 -23.97 -32.16 -16.59
CA GLY C 551 -22.73 -32.93 -16.51
C GLY C 551 -21.51 -32.19 -16.01
N THR C 552 -20.80 -32.80 -15.05
CA THR C 552 -19.55 -32.29 -14.47
C THR C 552 -18.56 -33.44 -14.26
N ASP C 553 -17.25 -33.13 -14.23
CA ASP C 553 -16.17 -34.09 -13.99
C ASP C 553 -16.37 -34.83 -12.67
N GLU C 554 -16.74 -34.10 -11.60
CA GLU C 554 -17.00 -34.59 -10.25
C GLU C 554 -18.13 -35.62 -10.20
N LYS C 555 -19.23 -35.34 -10.94
CA LYS C 555 -20.38 -36.25 -11.04
C LYS C 555 -19.98 -37.56 -11.77
N PHE C 556 -19.04 -37.49 -12.76
CA PHE C 556 -18.53 -38.64 -13.52
C PHE C 556 -17.72 -39.55 -12.59
N VAL C 557 -16.86 -38.96 -11.71
CA VAL C 557 -16.03 -39.70 -10.75
C VAL C 557 -16.96 -40.41 -9.74
N SER C 558 -17.98 -39.67 -9.22
CA SER C 558 -19.00 -40.14 -8.27
C SER C 558 -19.76 -41.34 -8.84
N SER C 559 -20.21 -41.26 -10.12
CA SER C 559 -20.92 -42.37 -10.79
C SER C 559 -20.05 -43.61 -10.91
N CYS C 560 -18.74 -43.41 -11.17
CA CYS C 560 -17.75 -44.47 -11.28
C CYS C 560 -17.56 -45.11 -9.92
N ALA C 561 -17.31 -44.29 -8.90
CA ALA C 561 -17.10 -44.71 -7.51
C ALA C 561 -18.26 -45.54 -6.98
N THR C 562 -19.50 -45.10 -7.26
CA THR C 562 -20.75 -45.74 -6.86
C THR C 562 -20.97 -47.07 -7.58
N ASN C 563 -21.02 -47.06 -8.91
CA ASN C 563 -21.33 -48.23 -9.72
C ASN C 563 -20.21 -49.25 -9.94
N LEU C 564 -18.94 -48.82 -9.93
CA LEU C 564 -17.80 -49.73 -10.16
C LEU C 564 -17.14 -50.15 -8.85
N LYS C 565 -17.87 -49.92 -7.72
CA LYS C 565 -17.55 -50.28 -6.32
C LYS C 565 -17.38 -51.81 -6.22
N GLU C 566 -18.18 -52.56 -7.01
CA GLU C 566 -18.21 -54.02 -7.17
C GLU C 566 -16.87 -54.55 -7.65
N ASN C 567 -16.18 -53.79 -8.56
CA ASN C 567 -14.89 -54.18 -9.10
C ASN C 567 -13.69 -53.65 -8.32
N ASN C 568 -12.76 -54.56 -8.04
CA ASN C 568 -11.46 -54.40 -7.37
C ASN C 568 -10.50 -53.55 -8.22
N LYS C 569 -10.80 -53.46 -9.54
CA LYS C 569 -10.04 -52.74 -10.56
C LYS C 569 -10.23 -51.23 -10.46
N PHE C 570 -11.40 -50.77 -9.97
CA PHE C 570 -11.63 -49.35 -9.75
C PHE C 570 -11.36 -49.01 -8.28
N THR C 571 -10.61 -47.93 -8.05
CA THR C 571 -10.24 -47.49 -6.71
C THR C 571 -10.33 -45.95 -6.64
N PRO C 572 -11.05 -45.37 -5.66
CA PRO C 572 -11.04 -43.90 -5.53
C PRO C 572 -9.68 -43.46 -4.99
N ALA C 573 -9.26 -42.20 -5.26
CA ALA C 573 -7.97 -41.71 -4.76
C ALA C 573 -8.09 -41.26 -3.30
N LYS C 574 -7.00 -41.39 -2.51
CA LYS C 574 -6.96 -40.98 -1.09
C LYS C 574 -7.09 -39.46 -0.94
N VAL C 575 -6.18 -38.71 -1.58
CA VAL C 575 -6.23 -37.24 -1.60
C VAL C 575 -6.99 -36.81 -2.86
N ALA C 576 -7.91 -35.82 -2.72
CA ALA C 576 -8.76 -35.27 -3.78
C ALA C 576 -9.62 -36.35 -4.48
N SER C 577 -10.34 -37.14 -3.69
CA SER C 577 -11.24 -38.24 -4.11
C SER C 577 -12.29 -37.80 -5.11
N ASN C 578 -12.75 -36.54 -5.02
CA ASN C 578 -13.79 -35.94 -5.85
C ASN C 578 -13.42 -35.82 -7.34
N LYS C 579 -12.13 -35.54 -7.66
CA LYS C 579 -11.66 -35.38 -9.04
C LYS C 579 -10.48 -36.30 -9.44
N ASN C 580 -10.22 -37.35 -8.65
CA ASN C 580 -9.12 -38.29 -8.92
C ASN C 580 -9.56 -39.71 -8.70
N PHE C 581 -9.06 -40.63 -9.53
CA PHE C 581 -9.37 -42.06 -9.43
C PHE C 581 -8.17 -42.92 -9.77
N ILE C 582 -8.27 -44.21 -9.54
CA ILE C 582 -7.19 -45.19 -9.76
C ILE C 582 -7.75 -46.41 -10.48
N ILE C 583 -7.01 -46.90 -11.47
CA ILE C 583 -7.35 -48.10 -12.20
C ILE C 583 -6.22 -49.05 -11.88
N GLN C 584 -6.56 -50.31 -11.62
CA GLN C 584 -5.58 -51.34 -11.31
C GLN C 584 -5.22 -52.00 -12.60
N HIS C 585 -4.30 -51.36 -13.34
CA HIS C 585 -3.81 -51.90 -14.63
C HIS C 585 -2.97 -53.13 -14.37
N THR C 586 -2.70 -53.95 -15.42
CA THR C 586 -1.93 -55.19 -15.23
C THR C 586 -0.54 -54.90 -14.66
N ILE C 587 0.08 -53.80 -15.11
CA ILE C 587 1.40 -53.38 -14.66
C ILE C 587 1.34 -52.66 -13.25
N GLY C 588 0.13 -52.49 -12.70
CA GLY C 588 -0.07 -51.87 -11.40
C GLY C 588 -1.06 -50.72 -11.37
N PRO C 589 -1.23 -50.06 -10.19
CA PRO C 589 -2.19 -48.95 -10.10
C PRO C 589 -1.71 -47.68 -10.79
N ILE C 590 -2.60 -47.07 -11.59
CA ILE C 590 -2.32 -45.83 -12.32
C ILE C 590 -3.41 -44.85 -11.93
N GLN C 591 -3.02 -43.73 -11.35
CA GLN C 591 -3.95 -42.69 -10.92
C GLN C 591 -4.20 -41.73 -12.06
N TYR C 592 -5.43 -41.27 -12.18
CA TYR C 592 -5.90 -40.33 -13.19
C TYR C 592 -6.56 -39.15 -12.55
N CYS C 593 -6.40 -37.98 -13.14
CA CYS C 593 -7.07 -36.78 -12.68
C CYS C 593 -8.19 -36.52 -13.69
N ALA C 594 -9.46 -36.54 -13.20
CA ALA C 594 -10.65 -36.35 -14.04
C ALA C 594 -10.94 -34.90 -14.41
N GLU C 595 -10.08 -33.95 -14.02
CA GLU C 595 -10.26 -32.55 -14.40
C GLU C 595 -10.14 -32.40 -15.94
N SER C 596 -11.16 -31.77 -16.55
CA SER C 596 -11.33 -31.45 -17.97
C SER C 596 -11.65 -32.67 -18.85
N PHE C 597 -12.07 -33.79 -18.24
CA PHE C 597 -12.47 -35.00 -18.95
C PHE C 597 -13.63 -34.74 -19.92
N LEU C 598 -14.65 -34.03 -19.45
CA LEU C 598 -15.84 -33.69 -20.26
C LEU C 598 -15.49 -32.67 -21.35
N LEU C 599 -14.69 -31.67 -21.00
CA LEU C 599 -14.21 -30.64 -21.92
C LEU C 599 -13.44 -31.29 -23.09
N LYS C 600 -12.56 -32.25 -22.77
CA LYS C 600 -11.77 -33.02 -23.72
C LYS C 600 -12.61 -34.04 -24.50
N ASN C 601 -13.55 -34.74 -23.83
CA ASN C 601 -14.39 -35.74 -24.50
C ASN C 601 -15.38 -35.15 -25.48
N LYS C 602 -15.83 -33.92 -25.19
CA LYS C 602 -16.81 -33.19 -26.01
C LYS C 602 -16.14 -32.34 -27.08
N ASP C 603 -14.80 -32.26 -27.10
CA ASP C 603 -14.01 -31.50 -28.05
C ASP C 603 -14.07 -32.12 -29.49
N VAL C 604 -15.25 -31.99 -30.10
CA VAL C 604 -15.63 -32.43 -31.45
C VAL C 604 -16.67 -31.47 -31.96
N LEU C 605 -16.54 -31.05 -33.23
CA LEU C 605 -17.43 -30.09 -33.88
C LEU C 605 -18.87 -30.61 -33.95
N ARG C 606 -19.80 -29.84 -33.37
CA ARG C 606 -21.21 -30.23 -33.37
C ARG C 606 -21.91 -29.86 -34.67
N GLY C 607 -23.05 -30.50 -34.85
CA GLY C 607 -23.96 -30.32 -35.97
C GLY C 607 -23.61 -29.33 -37.06
N ASP C 608 -24.23 -28.14 -37.00
CA ASP C 608 -24.20 -27.12 -38.04
C ASP C 608 -22.81 -26.60 -38.43
N LEU C 609 -21.78 -26.71 -37.55
CA LEU C 609 -20.44 -26.27 -37.90
C LEU C 609 -19.87 -27.15 -38.98
N VAL C 610 -20.08 -28.47 -38.84
CA VAL C 610 -19.61 -29.51 -39.76
C VAL C 610 -20.26 -29.32 -41.13
N GLU C 611 -21.56 -28.93 -41.13
CA GLU C 611 -22.34 -28.68 -42.34
C GLU C 611 -21.88 -27.44 -43.10
N VAL C 612 -21.34 -26.42 -42.41
CA VAL C 612 -20.80 -25.24 -43.07
C VAL C 612 -19.58 -25.68 -43.86
N ILE C 613 -18.69 -26.48 -43.21
CA ILE C 613 -17.45 -27.01 -43.80
C ILE C 613 -17.77 -27.86 -45.03
N LYS C 614 -18.79 -28.73 -44.94
CA LYS C 614 -19.24 -29.56 -46.06
C LYS C 614 -19.81 -28.73 -47.23
N ASP C 615 -20.36 -27.53 -46.95
CA ASP C 615 -20.94 -26.63 -47.97
C ASP C 615 -19.92 -25.69 -48.62
N SER C 616 -18.61 -25.91 -48.34
CA SER C 616 -17.50 -25.15 -48.89
C SER C 616 -17.45 -25.32 -50.41
N PRO C 617 -17.05 -24.29 -51.18
CA PRO C 617 -16.93 -24.49 -52.64
C PRO C 617 -15.69 -25.31 -53.04
N ASN C 618 -14.77 -25.57 -52.08
CA ASN C 618 -13.54 -26.32 -52.33
C ASN C 618 -13.71 -27.84 -52.12
N PRO C 619 -13.39 -28.66 -53.16
CA PRO C 619 -13.55 -30.13 -53.04
C PRO C 619 -12.74 -30.79 -51.92
N ILE C 620 -11.53 -30.27 -51.57
CA ILE C 620 -10.71 -30.81 -50.47
C ILE C 620 -11.43 -30.55 -49.13
N VAL C 621 -11.85 -29.29 -48.87
CA VAL C 621 -12.57 -28.86 -47.66
C VAL C 621 -13.88 -29.67 -47.50
N GLN C 622 -14.62 -29.88 -48.61
CA GLN C 622 -15.84 -30.68 -48.63
C GLN C 622 -15.56 -32.11 -48.12
N GLN C 623 -14.44 -32.70 -48.58
CA GLN C 623 -13.94 -34.06 -48.24
C GLN C 623 -13.44 -34.24 -46.78
N LEU C 624 -12.96 -33.18 -46.09
CA LEU C 624 -12.43 -33.27 -44.72
C LEU C 624 -13.40 -33.96 -43.72
N PHE C 625 -14.69 -33.56 -43.74
CA PHE C 625 -15.73 -34.08 -42.85
C PHE C 625 -16.72 -35.05 -43.51
N GLU C 626 -16.47 -35.52 -44.76
CA GLU C 626 -17.35 -36.49 -45.44
C GLU C 626 -17.85 -37.62 -44.49
N GLY C 627 -19.17 -37.78 -44.42
CA GLY C 627 -19.83 -38.78 -43.58
C GLY C 627 -19.86 -38.44 -42.10
N GLN C 628 -20.81 -37.57 -41.71
CA GLN C 628 -21.05 -37.11 -40.33
C GLN C 628 -22.42 -36.40 -40.32
N VAL C 629 -23.52 -37.18 -40.28
CA VAL C 629 -24.88 -36.62 -40.32
C VAL C 629 -25.54 -36.62 -38.92
N ILE C 630 -26.01 -35.42 -38.46
CA ILE C 630 -26.65 -35.16 -37.15
C ILE C 630 -27.92 -36.02 -36.95
N ILE C 635 -25.73 -32.97 -28.77
CA ILE C 635 -24.62 -33.92 -28.66
C ILE C 635 -25.14 -35.37 -28.80
N ALA C 636 -24.58 -36.14 -29.77
CA ALA C 636 -24.91 -37.56 -30.01
C ALA C 636 -23.84 -38.47 -29.36
N LYS C 637 -24.27 -39.66 -28.87
CA LYS C 637 -23.41 -40.63 -28.16
C LYS C 637 -22.09 -40.99 -28.89
N GLY C 638 -22.18 -41.42 -30.15
CA GLY C 638 -21.04 -41.83 -30.96
C GLY C 638 -20.20 -40.70 -31.55
N SER C 639 -20.63 -39.46 -31.36
CA SER C 639 -19.90 -38.32 -31.90
C SER C 639 -18.90 -37.68 -30.91
N LEU C 640 -18.74 -38.27 -29.69
CA LEU C 640 -17.85 -37.93 -28.56
C LEU C 640 -16.48 -38.65 -28.76
N ILE C 641 -15.36 -38.06 -28.29
CA ILE C 641 -13.99 -38.59 -28.47
C ILE C 641 -13.82 -40.07 -28.01
N GLY C 642 -14.24 -40.40 -26.79
CA GLY C 642 -14.13 -41.75 -26.24
C GLY C 642 -14.92 -42.79 -27.02
N SER C 643 -16.09 -42.41 -27.53
CA SER C 643 -16.96 -43.28 -28.34
C SER C 643 -16.30 -43.56 -29.70
N GLN C 644 -15.75 -42.50 -30.32
CA GLN C 644 -14.99 -42.53 -31.57
C GLN C 644 -13.76 -43.44 -31.39
N PHE C 645 -12.97 -43.19 -30.33
CA PHE C 645 -11.78 -43.95 -29.95
C PHE C 645 -12.08 -45.44 -29.84
N LEU C 646 -13.08 -45.81 -29.01
CA LEU C 646 -13.43 -47.22 -28.79
C LEU C 646 -13.84 -47.95 -30.07
N ASN C 647 -14.42 -47.26 -31.04
CA ASN C 647 -14.78 -47.89 -32.31
C ASN C 647 -13.50 -48.13 -33.11
N GLN C 648 -12.67 -47.08 -33.25
CA GLN C 648 -11.37 -47.13 -33.93
C GLN C 648 -10.48 -48.24 -33.36
N LEU C 649 -10.44 -48.36 -32.00
CA LEU C 649 -9.66 -49.36 -31.27
C LEU C 649 -10.17 -50.76 -31.53
N THR C 650 -11.50 -50.94 -31.56
CA THR C 650 -12.15 -52.25 -31.84
C THR C 650 -11.80 -52.66 -33.26
N SER C 651 -11.87 -51.72 -34.20
CA SER C 651 -11.51 -51.91 -35.61
C SER C 651 -10.05 -52.35 -35.73
N LEU C 652 -9.17 -51.64 -34.99
CA LEU C 652 -7.73 -51.93 -34.98
C LEU C 652 -7.44 -53.31 -34.39
N MET C 653 -8.00 -53.60 -33.22
CA MET C 653 -7.80 -54.85 -32.53
C MET C 653 -8.34 -56.02 -33.31
N ASN C 654 -9.49 -55.87 -34.01
CA ASN C 654 -10.05 -56.93 -34.83
C ASN C 654 -9.06 -57.37 -35.89
N LEU C 655 -8.32 -56.40 -36.51
CA LEU C 655 -7.25 -56.67 -37.49
C LEU C 655 -6.08 -57.37 -36.82
N ILE C 656 -5.49 -56.78 -35.75
CA ILE C 656 -4.34 -57.35 -35.03
C ILE C 656 -4.67 -58.75 -34.51
N ASN C 657 -5.86 -58.96 -33.90
CA ASN C 657 -6.30 -60.27 -33.39
C ASN C 657 -6.37 -61.36 -34.47
N SER C 658 -6.53 -60.97 -35.75
CA SER C 658 -6.59 -61.89 -36.88
C SER C 658 -5.20 -62.32 -37.38
N THR C 659 -4.14 -61.74 -36.79
CA THR C 659 -2.75 -61.96 -37.21
C THR C 659 -1.88 -62.65 -36.16
N GLU C 660 -0.64 -63.00 -36.56
CA GLU C 660 0.41 -63.53 -35.70
C GLU C 660 1.22 -62.33 -35.19
N PRO C 661 1.23 -62.04 -33.87
CA PRO C 661 1.96 -60.86 -33.39
C PRO C 661 3.45 -61.09 -33.12
N HIS C 662 4.24 -60.05 -33.37
CA HIS C 662 5.68 -59.95 -33.17
C HIS C 662 5.89 -58.69 -32.35
N PHE C 663 6.76 -58.74 -31.34
CA PHE C 663 6.91 -57.60 -30.45
C PHE C 663 8.32 -57.06 -30.34
N ILE C 664 8.46 -55.75 -30.47
CA ILE C 664 9.71 -55.03 -30.29
C ILE C 664 9.48 -54.04 -29.16
N ARG C 665 10.12 -54.28 -28.02
CA ARG C 665 10.02 -53.44 -26.82
C ARG C 665 11.26 -52.58 -26.70
N CYS C 666 11.10 -51.27 -26.90
CA CYS C 666 12.14 -50.26 -26.92
C CYS C 666 12.38 -49.59 -25.58
N ILE C 667 13.67 -49.55 -25.14
CA ILE C 667 14.10 -48.96 -23.88
C ILE C 667 14.96 -47.72 -24.08
N LYS C 668 14.69 -46.68 -23.28
CA LYS C 668 15.43 -45.42 -23.21
C LYS C 668 16.36 -45.61 -21.94
N PRO C 669 17.70 -45.71 -22.09
CA PRO C 669 18.55 -46.00 -20.90
C PRO C 669 18.87 -44.84 -19.96
N ASN C 670 18.60 -43.60 -20.38
CA ASN C 670 18.90 -42.38 -19.63
C ASN C 670 18.11 -41.20 -20.18
N GLU C 671 17.88 -40.19 -19.34
CA GLU C 671 17.12 -39.02 -19.76
C GLU C 671 17.99 -37.90 -20.37
N ASN C 672 19.26 -38.20 -20.67
CA ASN C 672 20.19 -37.22 -21.20
C ASN C 672 20.61 -37.40 -22.65
N LYS C 673 19.91 -38.23 -23.43
CA LYS C 673 20.22 -38.45 -24.86
C LYS C 673 21.70 -38.81 -25.08
N LYS C 674 22.29 -39.53 -24.08
CA LYS C 674 23.71 -39.87 -24.08
C LYS C 674 24.00 -41.33 -24.36
N PRO C 675 25.06 -41.63 -25.18
CA PRO C 675 25.45 -43.02 -25.37
C PRO C 675 26.12 -43.57 -24.12
N LEU C 676 26.13 -44.90 -23.99
CA LEU C 676 26.77 -45.63 -22.88
C LEU C 676 26.53 -45.05 -21.44
N GLU C 677 25.28 -44.61 -21.16
CA GLU C 677 24.83 -44.14 -19.84
C GLU C 677 23.64 -45.03 -19.43
N TRP C 678 23.72 -45.61 -18.24
CA TRP C 678 22.76 -46.60 -17.76
C TRP C 678 22.15 -46.23 -16.42
N CYS C 679 20.86 -45.88 -16.44
CA CYS C 679 20.12 -45.50 -15.24
C CYS C 679 19.26 -46.68 -14.84
N GLU C 680 19.71 -47.46 -13.82
CA GLU C 680 19.01 -48.67 -13.40
C GLU C 680 17.54 -48.44 -13.02
N PRO C 681 17.14 -47.39 -12.26
CA PRO C 681 15.70 -47.23 -11.95
C PRO C 681 14.81 -47.03 -13.18
N LYS C 682 15.27 -46.14 -14.11
CA LYS C 682 14.67 -45.74 -15.38
C LYS C 682 14.42 -46.97 -16.28
N ILE C 683 15.41 -47.86 -16.31
CA ILE C 683 15.40 -49.09 -17.08
C ILE C 683 14.52 -50.14 -16.41
N LEU C 684 14.54 -50.25 -15.08
CA LEU C 684 13.71 -51.24 -14.38
C LEU C 684 12.22 -51.04 -14.61
N ILE C 685 11.74 -49.77 -14.51
CA ILE C 685 10.36 -49.35 -14.70
C ILE C 685 9.88 -49.80 -16.10
N GLN C 686 10.74 -49.61 -17.13
CA GLN C 686 10.47 -49.97 -18.53
C GLN C 686 10.46 -51.47 -18.71
N LEU C 687 11.36 -52.21 -18.04
CA LEU C 687 11.35 -53.68 -18.12
C LEU C 687 10.03 -54.24 -17.58
N HIS C 688 9.49 -53.57 -16.56
CA HIS C 688 8.24 -53.92 -15.92
C HIS C 688 7.03 -53.58 -16.83
N ALA C 689 6.93 -52.29 -17.23
CA ALA C 689 5.89 -51.72 -18.09
C ALA C 689 5.74 -52.39 -19.43
N LEU C 690 6.85 -52.87 -20.02
CA LEU C 690 6.89 -53.51 -21.34
C LEU C 690 6.73 -55.03 -21.26
N SER C 691 6.37 -55.53 -20.07
CA SER C 691 6.15 -56.96 -19.78
C SER C 691 7.38 -57.84 -20.15
N ILE C 692 8.60 -57.24 -20.06
CA ILE C 692 9.82 -57.99 -20.34
C ILE C 692 10.05 -58.95 -19.15
N LEU C 693 9.74 -58.50 -17.93
CA LEU C 693 9.86 -59.33 -16.73
C LEU C 693 8.79 -60.43 -16.72
N GLU C 694 7.57 -60.16 -17.22
CA GLU C 694 6.48 -61.14 -17.30
C GLU C 694 6.75 -62.20 -18.34
N ALA C 695 7.33 -61.82 -19.51
CA ALA C 695 7.70 -62.79 -20.56
C ALA C 695 8.65 -63.86 -20.00
N LEU C 696 9.52 -63.47 -19.03
CA LEU C 696 10.45 -64.41 -18.37
C LEU C 696 9.69 -65.33 -17.41
N VAL C 697 8.80 -64.75 -16.55
CA VAL C 697 7.96 -65.49 -15.60
C VAL C 697 7.11 -66.55 -16.33
N LEU C 698 6.51 -66.18 -17.47
CA LEU C 698 5.66 -67.07 -18.27
C LEU C 698 6.40 -68.32 -18.85
N ARG C 699 7.64 -68.19 -19.37
CA ARG C 699 8.37 -69.36 -19.89
C ARG C 699 8.81 -70.29 -18.77
N GLN C 700 9.12 -69.71 -17.60
CA GLN C 700 9.55 -70.43 -16.41
C GLN C 700 8.42 -71.20 -15.69
N LEU C 701 7.16 -71.11 -16.18
CA LEU C 701 6.01 -71.82 -15.57
C LEU C 701 6.12 -73.33 -15.80
N GLY C 702 6.35 -73.71 -17.06
CA GLY C 702 6.50 -75.11 -17.43
C GLY C 702 7.96 -75.50 -17.43
N TYR C 703 8.47 -75.85 -18.64
CA TYR C 703 9.86 -76.26 -18.90
C TYR C 703 10.45 -75.16 -19.74
N SER C 704 11.26 -74.26 -19.11
CA SER C 704 11.86 -73.11 -19.79
C SER C 704 12.90 -73.52 -20.84
N TYR C 705 13.84 -74.44 -20.49
CA TYR C 705 14.88 -74.90 -21.42
C TYR C 705 14.41 -76.06 -22.29
N ARG C 706 14.58 -75.90 -23.61
CA ARG C 706 14.19 -76.88 -24.62
C ARG C 706 15.17 -76.83 -25.79
N ARG C 707 16.01 -77.84 -25.87
CA ARG C 707 17.05 -77.97 -26.89
C ARG C 707 16.87 -79.33 -27.54
N THR C 708 17.31 -79.49 -28.80
CA THR C 708 17.17 -80.78 -29.50
C THR C 708 18.11 -81.84 -28.89
N PHE C 709 17.95 -83.12 -29.27
CA PHE C 709 18.79 -84.20 -28.73
C PHE C 709 20.26 -84.00 -29.07
N GLU C 710 20.55 -83.58 -30.32
CA GLU C 710 21.89 -83.28 -30.82
C GLU C 710 22.51 -82.05 -30.09
N GLU C 711 21.67 -81.04 -29.75
CA GLU C 711 22.04 -79.80 -29.06
C GLU C 711 22.27 -79.99 -27.55
N PHE C 712 21.44 -80.85 -26.89
CA PHE C 712 21.55 -81.11 -25.44
C PHE C 712 22.79 -81.93 -25.13
N LEU C 713 23.07 -82.96 -25.96
CA LEU C 713 24.22 -83.86 -25.79
C LEU C 713 25.56 -83.13 -25.98
N TYR C 714 25.65 -82.14 -26.92
CA TYR C 714 26.84 -81.31 -27.17
C TYR C 714 27.23 -80.51 -25.90
N GLN C 715 26.22 -79.90 -25.23
CA GLN C 715 26.37 -79.10 -24.01
C GLN C 715 26.62 -79.96 -22.76
N TYR C 716 25.96 -81.12 -22.65
CA TYR C 716 26.05 -81.96 -21.45
C TYR C 716 26.80 -83.29 -21.68
N LYS C 717 27.64 -83.35 -22.74
CA LYS C 717 28.52 -84.46 -23.13
C LYS C 717 29.30 -85.02 -21.96
N PHE C 718 29.77 -84.14 -21.06
CA PHE C 718 30.65 -84.52 -19.98
C PHE C 718 29.92 -84.85 -18.68
N VAL C 719 28.56 -84.74 -18.64
CA VAL C 719 27.74 -85.15 -17.47
C VAL C 719 28.08 -86.63 -17.16
N ASP C 720 28.19 -87.43 -18.24
CA ASP C 720 28.60 -88.82 -18.27
C ASP C 720 29.07 -89.12 -19.68
N ILE C 721 30.37 -88.94 -19.92
CA ILE C 721 30.95 -89.19 -21.24
C ILE C 721 30.75 -90.66 -21.63
N ALA C 722 30.85 -91.60 -20.64
CA ALA C 722 30.67 -93.05 -20.80
C ALA C 722 29.36 -93.45 -21.54
N ALA C 723 28.31 -92.62 -21.43
CA ALA C 723 27.01 -92.84 -22.07
C ALA C 723 26.78 -91.95 -23.29
N ALA C 724 27.32 -90.72 -23.27
CA ALA C 724 27.16 -89.71 -24.31
C ALA C 724 27.85 -90.04 -25.66
N GLU C 725 29.10 -90.52 -25.62
CA GLU C 725 29.87 -90.85 -26.84
C GLU C 725 29.35 -92.11 -27.56
N ASP C 726 28.74 -93.05 -26.78
CA ASP C 726 28.18 -94.34 -27.20
C ASP C 726 27.47 -94.29 -28.57
N SER C 727 27.75 -95.28 -29.43
CA SER C 727 27.20 -95.38 -30.78
C SER C 727 26.07 -96.39 -30.87
N SER C 728 26.00 -97.32 -29.91
CA SER C 728 24.99 -98.38 -29.86
C SER C 728 23.60 -97.85 -29.49
N VAL C 729 23.49 -97.14 -28.34
CA VAL C 729 22.24 -96.57 -27.81
C VAL C 729 21.84 -95.27 -28.56
N GLU C 730 20.52 -95.01 -28.66
CA GLU C 730 19.86 -93.88 -29.36
C GLU C 730 20.21 -92.50 -28.77
N ASN C 731 20.22 -91.43 -29.61
CA ASN C 731 20.47 -90.05 -29.17
C ASN C 731 19.39 -89.65 -28.15
N GLN C 732 18.12 -89.97 -28.48
CA GLN C 732 16.93 -89.76 -27.64
C GLN C 732 17.14 -90.49 -26.30
N ASN C 733 17.54 -91.78 -26.37
CA ASN C 733 17.80 -92.62 -25.20
C ASN C 733 18.96 -92.07 -24.36
N LYS C 734 20.07 -91.65 -25.04
CA LYS C 734 21.29 -91.06 -24.43
C LYS C 734 20.92 -89.90 -23.56
N CYS C 735 20.01 -89.02 -24.05
CA CYS C 735 19.49 -87.85 -23.34
C CYS C 735 18.78 -88.31 -22.05
N VAL C 736 17.92 -89.37 -22.14
CA VAL C 736 17.18 -89.94 -21.00
C VAL C 736 18.17 -90.52 -19.98
N ASN C 737 19.18 -91.27 -20.50
CA ASN C 737 20.22 -91.96 -19.74
C ASN C 737 21.11 -90.98 -18.98
N ILE C 738 21.60 -89.92 -19.66
CA ILE C 738 22.42 -88.85 -19.09
C ILE C 738 21.64 -88.18 -17.94
N LEU C 739 20.31 -87.93 -18.12
CA LEU C 739 19.44 -87.33 -17.11
C LEU C 739 19.08 -88.30 -15.98
N LYS C 740 19.07 -89.61 -16.27
CA LYS C 740 18.78 -90.61 -15.23
C LYS C 740 20.07 -90.82 -14.39
N LEU C 741 21.25 -90.56 -15.01
CA LEU C 741 22.58 -90.66 -14.39
C LEU C 741 22.94 -89.37 -13.64
N SER C 742 22.35 -88.24 -14.08
CA SER C 742 22.59 -86.91 -13.52
C SER C 742 22.23 -86.80 -12.04
N GLY C 743 21.11 -87.42 -11.66
CA GLY C 743 20.59 -87.44 -10.30
C GLY C 743 19.39 -86.55 -10.10
N LEU C 744 18.82 -86.03 -11.22
CA LEU C 744 17.66 -85.14 -11.21
C LEU C 744 16.37 -85.92 -10.98
N SER C 745 15.38 -85.25 -10.32
CA SER C 745 14.04 -85.79 -10.07
C SER C 745 13.25 -85.77 -11.39
N GLU C 746 12.32 -86.73 -11.55
CA GLU C 746 11.49 -86.90 -12.75
C GLU C 746 10.62 -85.67 -13.07
N SER C 747 10.38 -84.79 -12.07
CA SER C 747 9.58 -83.57 -12.21
C SER C 747 10.29 -82.43 -12.94
N MET C 748 11.63 -82.39 -12.88
CA MET C 748 12.42 -81.32 -13.50
C MET C 748 12.65 -81.50 -15.01
N TYR C 749 12.54 -82.74 -15.51
CA TYR C 749 12.75 -83.01 -16.93
C TYR C 749 11.63 -83.83 -17.57
N LYS C 750 11.49 -83.69 -18.89
CA LYS C 750 10.55 -84.41 -19.75
C LYS C 750 11.26 -84.57 -21.11
N ILE C 751 11.05 -85.71 -21.79
CA ILE C 751 11.73 -85.97 -23.05
C ILE C 751 10.92 -85.39 -24.22
N GLY C 752 10.24 -86.17 -25.04
CA GLY C 752 9.55 -85.56 -26.17
C GLY C 752 10.08 -86.09 -27.49
N LYS C 753 9.35 -85.82 -28.57
CA LYS C 753 9.59 -86.35 -29.91
C LYS C 753 10.97 -85.98 -30.50
N SER C 754 11.42 -84.73 -30.29
CA SER C 754 12.71 -84.26 -30.83
C SER C 754 13.58 -83.46 -29.85
N MET C 755 13.01 -83.01 -28.73
CA MET C 755 13.71 -82.15 -27.76
C MET C 755 13.73 -82.64 -26.33
N VAL C 756 14.60 -82.02 -25.50
CA VAL C 756 14.72 -82.29 -24.05
C VAL C 756 14.09 -81.06 -23.35
N PHE C 757 13.11 -81.29 -22.47
CA PHE C 757 12.38 -80.24 -21.77
C PHE C 757 12.83 -80.18 -20.33
N LEU C 758 13.60 -79.16 -19.99
CA LEU C 758 14.15 -78.95 -18.66
C LEU C 758 13.59 -77.72 -18.00
N LYS C 759 13.35 -77.82 -16.69
CA LYS C 759 12.90 -76.68 -15.91
C LYS C 759 14.11 -75.80 -15.67
N GLN C 760 13.87 -74.51 -15.32
CA GLN C 760 14.94 -73.55 -15.02
C GLN C 760 15.83 -74.00 -13.84
N GLU C 761 15.26 -74.83 -12.93
CA GLU C 761 15.94 -75.39 -11.76
C GLU C 761 16.90 -76.53 -12.14
N GLY C 762 16.42 -77.44 -13.01
CA GLY C 762 17.19 -78.58 -13.49
C GLY C 762 18.47 -78.21 -14.21
N ALA C 763 18.42 -77.18 -15.08
CA ALA C 763 19.56 -76.72 -15.88
C ALA C 763 20.69 -76.00 -15.09
N LYS C 764 20.44 -75.54 -13.83
CA LYS C 764 21.52 -74.96 -13.01
C LYS C 764 22.37 -76.17 -12.58
N ILE C 765 21.69 -77.13 -11.88
CA ILE C 765 22.18 -78.40 -11.31
C ILE C 765 22.97 -79.20 -12.33
N LEU C 766 22.42 -79.33 -13.54
CA LEU C 766 23.00 -80.08 -14.66
C LEU C 766 24.36 -79.54 -15.11
N THR C 767 24.52 -78.20 -15.10
CA THR C 767 25.75 -77.51 -15.48
C THR C 767 26.82 -77.66 -14.36
N LYS C 768 26.37 -77.55 -13.07
CA LYS C 768 27.19 -77.62 -11.84
C LYS C 768 28.10 -78.84 -11.76
N ALA D 2 -1.94 24.77 15.95
CA ALA D 2 -1.52 24.82 14.54
C ALA D 2 -1.87 26.15 13.83
N VAL D 3 -0.94 26.61 12.98
CA VAL D 3 -0.92 27.88 12.24
C VAL D 3 -2.19 28.14 11.42
N THR D 4 -2.93 29.20 11.82
CA THR D 4 -4.14 29.65 11.12
C THR D 4 -3.76 30.48 9.88
N ASN D 5 -4.74 30.73 9.01
CA ASN D 5 -4.51 31.54 7.80
C ASN D 5 -4.50 33.03 8.15
N GLU D 6 -5.08 33.37 9.33
CA GLU D 6 -5.08 34.72 9.85
C GLU D 6 -3.65 35.07 10.25
N GLU D 7 -2.95 34.10 10.90
CA GLU D 7 -1.56 34.19 11.34
C GLU D 7 -0.63 34.41 10.15
N ILE D 8 -0.87 33.68 9.03
CA ILE D 8 -0.08 33.78 7.79
C ILE D 8 -0.25 35.15 7.16
N LYS D 9 -1.50 35.63 6.99
CA LYS D 9 -1.77 36.95 6.43
C LYS D 9 -1.12 38.02 7.28
N THR D 10 -1.31 37.96 8.64
CA THR D 10 -0.76 38.93 9.61
C THR D 10 0.78 39.00 9.51
N ALA D 11 1.47 37.84 9.57
CA ALA D 11 2.93 37.73 9.51
C ALA D 11 3.49 38.29 8.21
N SER D 12 2.87 37.96 7.07
CA SER D 12 3.26 38.41 5.73
C SER D 12 3.28 39.94 5.61
N LYS D 13 2.34 40.61 6.31
CA LYS D 13 2.22 42.06 6.37
C LYS D 13 3.42 42.68 7.12
N ILE D 14 3.96 41.97 8.15
CA ILE D 14 5.10 42.41 8.97
C ILE D 14 6.43 42.42 8.17
N VAL D 15 6.58 41.45 7.26
CA VAL D 15 7.79 41.28 6.42
C VAL D 15 8.15 42.56 5.66
N ARG D 16 9.42 42.98 5.81
CA ARG D 16 10.02 44.18 5.22
C ARG D 16 11.46 43.90 4.81
N ARG D 17 11.93 44.51 3.69
CA ARG D 17 13.32 44.43 3.21
C ARG D 17 13.91 45.83 3.36
N VAL D 18 15.07 45.95 3.97
CA VAL D 18 15.69 47.26 4.18
C VAL D 18 16.97 47.39 3.32
N SEP D 19 18.07 46.70 3.70
CA SEP D 19 19.33 46.66 2.97
CB SEP D 19 20.66 46.04 3.55
OG SEP D 19 20.85 45.76 4.96
C SEP D 19 19.18 45.86 1.70
O SEP D 19 18.53 44.81 1.69
P SEP D 19 20.06 44.58 5.57
O1P SEP D 19 18.65 44.98 6.00
O2P SEP D 19 20.95 44.16 6.75
O3P SEP D 19 19.91 43.38 4.69
N ASN D 20 19.78 46.36 0.61
CA ASN D 20 19.84 45.68 -0.66
C ASN D 20 20.96 44.68 -0.55
N VAL D 21 20.81 43.52 -1.20
CA VAL D 21 21.83 42.49 -1.11
C VAL D 21 22.94 42.69 -2.19
N GLU D 22 24.20 42.70 -1.73
CA GLU D 22 25.42 42.78 -2.53
C GLU D 22 25.63 41.32 -2.94
N ALA D 23 26.17 41.02 -4.13
CA ALA D 23 26.38 39.62 -4.50
C ALA D 23 27.57 39.44 -5.44
N PHE D 24 28.10 40.58 -5.94
CA PHE D 24 29.13 40.65 -6.97
C PHE D 24 30.47 41.15 -6.46
N ASP D 25 31.57 40.73 -7.13
CA ASP D 25 32.98 40.98 -6.78
C ASP D 25 33.90 40.70 -7.99
N LYS D 26 34.81 41.64 -8.37
CA LYS D 26 34.97 42.98 -7.80
C LYS D 26 34.43 43.97 -8.85
N SER D 27 35.22 44.27 -9.89
CA SER D 27 34.83 45.13 -11.00
C SER D 27 33.85 44.32 -11.89
N GLY D 28 34.14 43.03 -12.03
CA GLY D 28 33.33 42.07 -12.77
C GLY D 28 32.23 41.48 -11.90
N SER D 29 31.07 41.20 -12.51
CA SER D 29 29.88 40.64 -11.85
C SER D 29 29.99 39.14 -11.51
N VAL D 30 30.95 38.76 -10.66
CA VAL D 30 31.12 37.35 -10.29
C VAL D 30 30.98 37.17 -8.76
N PHE D 31 30.21 36.14 -8.37
CA PHE D 31 29.81 35.70 -7.02
C PHE D 31 30.93 35.04 -6.24
N LYS D 32 30.60 34.47 -5.06
CA LYS D 32 31.59 33.84 -4.17
C LYS D 32 31.01 32.57 -3.48
N GLY D 33 29.85 32.11 -3.96
CA GLY D 33 29.08 31.02 -3.36
C GLY D 33 28.18 31.64 -2.31
N TYR D 34 27.85 32.93 -2.57
CA TYR D 34 27.08 33.89 -1.79
C TYR D 34 25.71 33.40 -1.38
N GLN D 35 25.35 33.63 -0.11
CA GLN D 35 24.08 33.24 0.48
C GLN D 35 23.11 34.39 0.68
N ILE D 36 21.82 34.09 0.41
CA ILE D 36 20.68 34.99 0.59
C ILE D 36 19.51 34.28 1.35
N TRP D 37 18.40 35.02 1.62
CA TRP D 37 17.16 34.50 2.22
C TRP D 37 16.02 34.91 1.26
N THR D 38 15.13 34.01 0.87
CA THR D 38 14.01 34.37 -0.04
C THR D 38 12.70 33.98 0.63
N ASP D 39 11.56 34.50 0.11
CA ASP D 39 10.24 34.14 0.57
C ASP D 39 9.53 33.46 -0.56
N ILE D 40 10.24 33.35 -1.70
CA ILE D 40 9.79 32.68 -2.92
C ILE D 40 10.43 31.31 -2.94
N SER D 41 9.59 30.29 -2.78
CA SER D 41 9.96 28.87 -2.80
C SER D 41 8.74 27.96 -2.64
N PRO D 42 8.75 26.79 -3.32
CA PRO D 42 7.67 25.81 -3.10
C PRO D 42 7.63 25.34 -1.64
N THR D 43 8.82 25.25 -0.94
CA THR D 43 8.90 24.85 0.49
C THR D 43 8.05 25.79 1.38
N ILE D 44 8.11 27.14 1.09
CA ILE D 44 7.34 28.21 1.75
C ILE D 44 5.82 27.97 1.56
N GLU D 45 5.41 27.71 0.31
CA GLU D 45 4.02 27.44 -0.07
C GLU D 45 3.46 26.16 0.62
N ASN D 46 4.27 25.10 0.66
CA ASN D 46 3.92 23.80 1.24
C ASN D 46 4.04 23.72 2.76
N ASP D 47 4.87 24.58 3.39
CA ASP D 47 4.95 24.53 4.85
C ASP D 47 4.55 25.88 5.49
N PRO D 48 3.48 25.86 6.32
CA PRO D 48 3.03 27.10 6.98
C PRO D 48 3.96 27.63 8.08
N ASN D 49 4.80 26.76 8.67
CA ASN D 49 5.75 27.09 9.73
C ASN D 49 6.99 27.77 9.19
N ILE D 50 7.17 27.79 7.84
CA ILE D 50 8.34 28.39 7.19
C ILE D 50 7.94 29.62 6.36
N MET D 51 8.62 30.73 6.63
CA MET D 51 8.41 32.05 6.01
C MET D 51 9.50 32.41 4.99
N PHE D 52 10.71 31.89 5.22
CA PHE D 52 11.91 32.13 4.45
C PHE D 52 12.69 30.85 4.24
N VAL D 53 13.48 30.85 3.15
CA VAL D 53 14.31 29.77 2.66
C VAL D 53 15.71 30.34 2.39
N LYS D 54 16.78 29.56 2.66
CA LYS D 54 18.17 29.99 2.40
C LYS D 54 18.60 29.45 1.04
N CYS D 55 19.15 30.33 0.18
CA CYS D 55 19.63 30.04 -1.17
C CYS D 55 21.06 30.51 -1.37
N VAL D 56 21.73 29.89 -2.37
CA VAL D 56 23.09 30.24 -2.80
C VAL D 56 22.95 30.82 -4.19
N VAL D 57 23.44 32.07 -4.40
CA VAL D 57 23.39 32.73 -5.72
C VAL D 57 24.40 32.06 -6.67
N GLN D 58 23.88 31.50 -7.78
CA GLN D 58 24.64 30.72 -8.75
C GLN D 58 25.57 31.54 -9.62
N GLN D 59 26.72 30.93 -10.00
CA GLN D 59 27.73 31.57 -10.85
C GLN D 59 27.20 31.87 -12.26
N GLY D 60 27.24 33.15 -12.65
CA GLY D 60 26.74 33.64 -13.92
C GLY D 60 25.32 34.18 -13.87
N SER D 61 24.80 34.45 -12.65
CA SER D 61 23.47 35.01 -12.41
C SER D 61 23.45 36.48 -12.86
N LYS D 62 22.29 36.93 -13.36
CA LYS D 62 22.09 38.31 -13.82
C LYS D 62 21.77 39.22 -12.63
N LYS D 63 22.30 40.45 -12.66
CA LYS D 63 22.14 41.45 -11.60
C LYS D 63 20.68 41.89 -11.32
N GLU D 64 19.81 41.92 -12.37
CA GLU D 64 18.42 42.38 -12.28
C GLU D 64 17.42 41.27 -11.90
N LYS D 65 17.81 39.99 -12.10
CA LYS D 65 17.02 38.79 -11.74
C LYS D 65 18.01 37.72 -11.31
N LEU D 66 18.02 37.43 -10.00
CA LEU D 66 18.96 36.49 -9.36
C LEU D 66 18.62 35.01 -9.53
N THR D 67 19.57 34.25 -10.08
CA THR D 67 19.46 32.80 -10.23
C THR D 67 20.10 32.28 -8.96
N VAL D 68 19.28 31.58 -8.15
CA VAL D 68 19.62 31.05 -6.83
C VAL D 68 19.25 29.59 -6.73
N VAL D 69 19.99 28.84 -5.87
CA VAL D 69 19.74 27.42 -5.57
C VAL D 69 19.46 27.29 -4.07
N GLN D 70 18.22 26.83 -3.74
CA GLN D 70 17.81 26.65 -2.34
C GLN D 70 18.60 25.51 -1.69
N ILE D 71 19.29 25.82 -0.59
CA ILE D 71 20.11 24.87 0.16
C ILE D 71 19.52 24.41 1.51
N ASP D 72 18.61 25.19 2.09
CA ASP D 72 18.02 24.93 3.41
C ASP D 72 16.67 25.67 3.65
N PRO D 73 15.52 24.96 3.80
CA PRO D 73 15.29 23.49 3.74
C PRO D 73 15.87 22.87 2.47
N PRO D 74 16.38 21.61 2.55
CA PRO D 74 16.97 20.99 1.36
C PRO D 74 15.99 20.96 0.18
N GLY D 75 16.53 21.13 -0.99
CA GLY D 75 15.67 21.04 -2.15
C GLY D 75 16.25 20.05 -3.12
N THR D 76 15.93 20.33 -4.35
CA THR D 76 16.40 19.74 -5.57
C THR D 76 17.54 20.73 -5.77
N GLY D 77 18.44 20.51 -6.68
CA GLY D 77 19.49 21.49 -6.86
C GLY D 77 19.23 22.40 -8.03
N THR D 78 17.98 22.41 -8.52
CA THR D 78 17.52 23.16 -9.68
C THR D 78 17.48 24.66 -9.39
N PRO D 79 18.22 25.46 -10.22
CA PRO D 79 18.20 26.92 -10.03
C PRO D 79 16.84 27.50 -10.40
N TYR D 80 16.53 28.65 -9.80
CA TYR D 80 15.33 29.41 -10.08
C TYR D 80 15.62 30.89 -9.96
N ASP D 81 14.84 31.69 -10.69
CA ASP D 81 15.01 33.12 -10.78
C ASP D 81 14.13 33.87 -9.80
N ILE D 82 14.72 34.81 -9.05
CA ILE D 82 14.04 35.65 -8.07
C ILE D 82 14.43 37.11 -8.26
N ASP D 83 13.46 38.03 -8.06
CA ASP D 83 13.67 39.46 -8.14
C ASP D 83 14.55 39.85 -6.93
N PRO D 84 15.66 40.62 -7.11
CA PRO D 84 16.51 40.97 -5.94
C PRO D 84 15.81 41.70 -4.77
N THR D 85 14.53 42.08 -4.93
CA THR D 85 13.70 42.71 -3.89
C THR D 85 13.19 41.62 -2.91
N HIS D 86 13.14 40.34 -3.37
CA HIS D 86 12.78 39.18 -2.55
C HIS D 86 14.05 38.43 -2.15
N ALA D 87 15.16 39.18 -1.99
CA ALA D 87 16.46 38.70 -1.59
C ALA D 87 16.98 39.60 -0.47
N TRP D 88 17.11 38.97 0.71
CA TRP D 88 17.54 39.56 1.98
C TRP D 88 18.96 39.09 2.32
N ASN D 89 19.81 40.01 2.81
CA ASN D 89 21.17 39.69 3.22
C ASN D 89 21.18 38.56 4.25
N CYS D 90 22.29 37.83 4.32
CA CYS D 90 22.43 36.63 5.14
C CYS D 90 23.79 36.59 5.92
N ASN D 91 23.75 36.23 7.23
CA ASN D 91 24.93 36.10 8.13
C ASN D 91 25.51 34.68 7.97
N SER D 92 26.09 34.41 6.79
CA SER D 92 26.56 33.10 6.32
C SER D 92 27.69 32.43 7.11
N GLN D 93 28.59 33.20 7.75
CA GLN D 93 29.73 32.59 8.45
C GLN D 93 29.72 32.84 9.97
N VAL D 94 28.53 32.72 10.58
CA VAL D 94 28.27 33.01 12.01
C VAL D 94 27.81 31.76 12.75
N ASP D 95 28.35 31.49 13.96
CA ASP D 95 27.84 30.43 14.84
C ASP D 95 26.94 31.12 15.86
N PRO D 96 25.62 30.90 15.84
CA PRO D 96 24.75 31.61 16.79
C PRO D 96 25.04 31.29 18.26
N MET D 97 25.68 30.16 18.51
CA MET D 97 26.01 29.67 19.83
C MET D 97 27.23 30.33 20.48
N SER D 98 28.07 30.98 19.68
CA SER D 98 29.33 31.61 20.12
C SER D 98 29.14 32.96 20.86
N PHE D 99 28.03 33.67 20.58
CA PHE D 99 27.70 34.95 21.22
C PHE D 99 26.19 35.06 21.49
N GLY D 100 25.83 35.76 22.56
CA GLY D 100 24.44 35.90 22.97
C GLY D 100 23.69 37.14 22.54
N ASP D 101 24.35 38.08 21.80
CA ASP D 101 23.70 39.32 21.38
C ASP D 101 23.33 39.42 19.91
N ILE D 102 22.05 39.70 19.60
CA ILE D 102 21.55 39.88 18.22
C ILE D 102 22.24 41.09 17.56
N GLY D 103 22.53 42.12 18.34
CA GLY D 103 23.21 43.32 17.87
C GLY D 103 24.60 43.11 17.31
N LEU D 104 25.25 42.00 17.70
CA LEU D 104 26.59 41.60 17.22
C LEU D 104 26.59 41.08 15.77
N LEU D 105 25.41 40.67 15.25
CA LEU D 105 25.25 40.22 13.87
C LEU D 105 25.42 41.42 12.94
N ASN D 106 25.91 41.19 11.70
CA ASN D 106 26.03 42.26 10.72
C ASN D 106 24.64 42.68 10.20
N HIS D 107 23.80 41.69 9.90
CA HIS D 107 22.44 41.91 9.39
C HIS D 107 21.38 41.57 10.42
N THR D 108 20.55 42.55 10.75
CA THR D 108 19.47 42.36 11.72
C THR D 108 18.11 42.38 11.01
N ASN D 109 18.04 41.85 9.77
CA ASN D 109 16.77 41.76 9.03
C ASN D 109 15.87 40.66 9.59
N ILE D 110 14.57 40.67 9.25
CA ILE D 110 13.57 39.71 9.73
C ILE D 110 14.06 38.23 9.58
N PRO D 111 14.56 37.72 8.40
CA PRO D 111 14.98 36.29 8.34
C PRO D 111 16.25 35.98 9.07
N CYS D 112 17.11 37.00 9.32
CA CYS D 112 18.34 36.80 10.08
C CYS D 112 18.02 36.61 11.55
N VAL D 113 17.17 37.50 12.08
CA VAL D 113 16.74 37.49 13.48
C VAL D 113 16.01 36.18 13.78
N LEU D 114 15.13 35.76 12.86
CA LEU D 114 14.41 34.50 13.05
C LEU D 114 15.37 33.31 13.11
N ASP D 115 16.37 33.31 12.23
CA ASP D 115 17.36 32.25 12.18
C ASP D 115 18.22 32.22 13.42
N PHE D 116 18.76 33.37 13.84
CA PHE D 116 19.61 33.45 15.03
C PHE D 116 18.93 32.82 16.24
N LEU D 117 17.67 33.23 16.53
CA LEU D 117 16.89 32.68 17.63
C LEU D 117 16.57 31.24 17.37
N LYS D 118 16.15 30.86 16.15
CA LYS D 118 15.79 29.47 15.84
C LYS D 118 16.93 28.54 16.15
N HIS D 119 18.15 28.86 15.64
CA HIS D 119 19.37 28.08 15.82
C HIS D 119 19.61 27.79 17.30
N ARG D 120 19.59 28.87 18.11
CA ARG D 120 19.79 28.85 19.54
C ARG D 120 18.71 28.07 20.26
N TYR D 121 17.44 28.43 20.00
CA TYR D 121 16.24 27.81 20.58
C TYR D 121 16.28 26.30 20.42
N LEU D 122 16.54 25.82 19.20
CA LEU D 122 16.56 24.40 18.82
C LEU D 122 17.71 23.59 19.47
N LYS D 123 18.76 24.27 19.95
CA LYS D 123 19.91 23.68 20.64
C LYS D 123 19.75 23.86 22.18
N ASN D 124 18.61 24.39 22.59
CA ASN D 124 18.15 24.61 23.96
C ASN D 124 18.79 25.87 24.62
N GLN D 125 19.10 26.89 23.79
CA GLN D 125 19.52 28.23 24.22
C GLN D 125 18.32 29.17 23.90
N ILE D 126 17.40 29.28 24.89
CA ILE D 126 16.14 30.01 24.90
C ILE D 126 16.30 31.49 25.26
N TYR D 127 17.46 31.92 25.84
CA TYR D 127 17.71 33.34 26.19
C TYR D 127 18.72 33.99 25.26
N THR D 128 18.37 35.16 24.70
CA THR D 128 19.19 35.95 23.77
C THR D 128 19.04 37.42 24.13
N THR D 129 20.10 38.22 24.01
CA THR D 129 19.99 39.66 24.29
C THR D 129 19.92 40.51 23.02
N ALA D 130 19.21 41.64 23.12
CA ALA D 130 19.08 42.72 22.14
C ALA D 130 19.08 43.99 23.03
N VAL D 131 20.25 44.29 23.66
CA VAL D 131 20.50 45.35 24.65
C VAL D 131 19.55 46.56 24.48
N PRO D 132 18.73 46.89 25.51
CA PRO D 132 18.67 46.35 26.89
C PRO D 132 17.76 45.14 27.14
N LEU D 133 17.22 44.55 26.08
CA LEU D 133 16.26 43.46 26.22
C LEU D 133 16.86 42.09 26.34
N ILE D 134 16.24 41.22 27.15
CA ILE D 134 16.57 39.81 27.14
C ILE D 134 15.29 39.11 26.58
N VAL D 135 15.42 38.41 25.46
CA VAL D 135 14.37 37.66 24.76
C VAL D 135 14.39 36.21 25.28
N ALA D 136 13.25 35.67 25.75
CA ALA D 136 13.15 34.29 26.27
C ALA D 136 12.07 33.53 25.48
N ILE D 137 12.40 32.37 24.86
CA ILE D 137 11.44 31.56 24.06
C ILE D 137 11.08 30.29 24.84
N ASN D 138 9.77 30.04 25.11
CA ASN D 138 9.29 28.92 25.92
C ASN D 138 9.74 27.53 25.39
N PRO D 139 10.62 26.82 26.15
CA PRO D 139 11.09 25.51 25.69
C PRO D 139 10.09 24.37 25.88
N TYR D 140 9.03 24.57 26.70
CA TYR D 140 8.02 23.58 27.07
C TYR D 140 8.65 22.31 27.67
N LYS D 141 9.69 22.54 28.51
CA LYS D 141 10.45 21.52 29.24
C LYS D 141 11.40 22.18 30.23
N ASP D 142 11.77 21.44 31.30
CA ASP D 142 12.74 21.95 32.26
C ASP D 142 14.12 21.70 31.68
N LEU D 143 14.88 22.78 31.45
CA LEU D 143 16.21 22.68 30.88
C LEU D 143 17.26 22.54 31.99
N GLY D 144 16.80 22.58 33.24
CA GLY D 144 17.66 22.50 34.42
C GLY D 144 18.63 23.67 34.55
N ASN D 145 18.31 24.81 33.92
CA ASN D 145 19.13 26.03 33.94
C ASN D 145 18.63 27.08 34.96
N THR D 146 17.64 26.72 35.81
CA THR D 146 17.05 27.65 36.80
C THR D 146 17.17 27.08 38.23
N THR D 147 18.00 26.04 38.40
CA THR D 147 18.27 25.37 39.69
C THR D 147 19.05 26.29 40.65
N ASN D 148 19.18 25.88 41.94
CA ASN D 148 19.93 26.65 42.95
C ASN D 148 21.39 26.79 42.60
N GLU D 149 21.95 25.85 41.82
CA GLU D 149 23.34 25.95 41.38
C GLU D 149 23.53 27.12 40.40
N TRP D 150 22.50 27.39 39.53
CA TRP D 150 22.50 28.50 38.56
C TRP D 150 22.31 29.87 39.21
N ILE D 151 21.49 29.92 40.30
CA ILE D 151 21.29 31.13 41.10
C ILE D 151 22.67 31.48 41.68
N ARG D 152 23.31 30.49 42.37
CA ARG D 152 24.66 30.61 42.95
C ARG D 152 25.60 31.16 41.87
N ARG D 153 25.70 30.44 40.74
CA ARG D 153 26.50 30.74 39.56
C ARG D 153 26.36 32.18 39.07
N TYR D 154 25.12 32.67 38.95
CA TYR D 154 24.84 34.01 38.47
C TYR D 154 25.05 35.07 39.53
N ARG D 155 24.85 34.72 40.81
CA ARG D 155 24.99 35.64 41.96
C ARG D 155 26.45 35.86 42.37
N ASP D 156 27.21 34.75 42.48
CA ASP D 156 28.57 34.71 42.99
C ASP D 156 29.67 34.94 41.95
N THR D 157 29.40 34.84 40.63
CA THR D 157 30.42 35.10 39.61
C THR D 157 30.88 36.56 39.67
N ALA D 158 32.20 36.80 39.78
CA ALA D 158 32.79 38.14 39.82
C ALA D 158 32.55 38.86 38.50
N ASP D 159 32.80 38.14 37.39
CA ASP D 159 32.66 38.59 36.02
C ASP D 159 31.29 38.19 35.47
N HIS D 160 30.45 39.20 35.20
CA HIS D 160 29.08 39.07 34.65
C HIS D 160 29.06 39.05 33.11
N THR D 161 30.16 39.51 32.47
CA THR D 161 30.32 39.50 31.02
C THR D 161 30.61 38.07 30.53
N LYS D 162 31.04 37.18 31.46
CA LYS D 162 31.36 35.78 31.17
C LYS D 162 30.16 34.85 31.32
N LEU D 163 29.01 35.41 31.77
CA LEU D 163 27.75 34.66 31.93
C LEU D 163 26.88 34.82 30.67
N PRO D 164 26.31 33.70 30.15
CA PRO D 164 25.45 33.82 28.94
C PRO D 164 24.12 34.52 29.23
N PRO D 165 23.32 34.97 28.21
CA PRO D 165 22.03 35.59 28.53
C PRO D 165 21.14 34.63 29.31
N HIS D 166 20.41 35.18 30.27
CA HIS D 166 19.53 34.45 31.16
C HIS D 166 18.64 35.49 31.79
N VAL D 167 17.50 35.06 32.28
CA VAL D 167 16.54 35.86 32.99
C VAL D 167 17.23 36.38 34.29
N PHE D 168 18.16 35.58 34.88
CA PHE D 168 19.00 35.90 36.03
C PHE D 168 19.94 37.07 35.78
N THR D 169 20.23 37.41 34.49
CA THR D 169 21.07 38.59 34.16
C THR D 169 20.36 39.87 34.63
N CYS D 170 19.01 39.94 34.41
CA CYS D 170 18.14 41.03 34.87
C CYS D 170 18.09 41.04 36.40
N ALA D 171 17.85 39.87 37.00
CA ALA D 171 17.80 39.73 38.44
C ALA D 171 19.10 40.24 39.09
N ARG D 172 20.29 39.81 38.57
CA ARG D 172 21.61 40.23 39.06
C ARG D 172 21.84 41.73 38.86
N GLU D 173 21.57 42.28 37.66
CA GLU D 173 21.75 43.69 37.30
C GLU D 173 20.90 44.57 38.21
N ALA D 174 19.61 44.21 38.37
CA ALA D 174 18.67 44.90 39.25
C ALA D 174 19.17 44.92 40.70
N LEU D 175 19.33 43.74 41.36
CA LEU D 175 19.84 43.67 42.73
C LEU D 175 21.16 44.41 42.95
N SER D 176 22.07 44.37 41.96
CA SER D 176 23.33 45.10 42.05
C SER D 176 23.06 46.61 42.13
N ASN D 177 22.31 47.17 41.15
CA ASN D 177 21.96 48.61 41.07
C ASN D 177 21.13 49.12 42.25
N LEU D 178 20.27 48.27 42.86
CA LEU D 178 19.41 48.61 44.01
C LEU D 178 20.24 48.77 45.29
N HIS D 179 21.16 47.81 45.51
CA HIS D 179 22.10 47.72 46.63
C HIS D 179 23.32 48.64 46.42
N GLY D 180 23.58 49.04 45.18
CA GLY D 180 24.66 49.94 44.77
C GLY D 180 24.30 51.36 45.13
N VAL D 181 23.52 52.04 44.25
CA VAL D 181 22.93 53.35 44.51
C VAL D 181 21.62 52.97 45.22
N ASN D 182 21.11 53.75 46.17
CA ASN D 182 19.82 53.26 46.70
C ASN D 182 18.74 53.80 45.76
N LYS D 183 18.50 53.07 44.65
CA LYS D 183 17.54 53.46 43.59
C LYS D 183 16.61 52.31 43.24
N SER D 184 15.29 52.57 43.23
CA SER D 184 14.28 51.58 42.91
C SER D 184 14.45 51.04 41.48
N GLN D 185 14.15 49.77 41.30
CA GLN D 185 14.39 49.08 40.02
C GLN D 185 13.13 48.34 39.57
N THR D 186 12.84 48.29 38.24
CA THR D 186 11.66 47.52 37.71
C THR D 186 12.00 46.50 36.63
N ILE D 187 11.71 45.23 36.89
CA ILE D 187 11.85 44.20 35.90
C ILE D 187 10.46 44.04 35.23
N ILE D 188 10.31 44.52 33.99
CA ILE D 188 9.07 44.40 33.16
C ILE D 188 9.11 43.14 32.27
N VAL D 189 8.32 42.10 32.62
CA VAL D 189 8.19 40.82 31.91
C VAL D 189 6.93 40.92 31.00
N SER D 190 7.09 41.20 29.65
CA SER D 190 5.95 41.26 28.71
C SER D 190 5.90 40.06 27.73
N GLY D 191 4.70 39.64 27.31
CA GLY D 191 4.47 38.55 26.37
C GLY D 191 3.03 38.09 26.23
N GLU D 192 2.71 37.17 25.22
CA GLU D 192 1.38 36.53 25.02
C GLU D 192 1.06 35.77 26.29
N SER D 193 -0.19 35.45 26.57
CA SER D 193 -0.45 34.81 27.85
C SER D 193 0.29 33.45 28.14
N GLY D 194 0.58 32.62 27.13
CA GLY D 194 1.27 31.36 27.41
C GLY D 194 2.77 31.28 27.12
N ALA D 195 3.42 32.46 26.94
CA ALA D 195 4.82 32.59 26.58
C ALA D 195 5.85 32.25 27.69
N GLY D 196 5.37 32.05 28.91
CA GLY D 196 6.20 31.73 30.08
C GLY D 196 6.62 32.91 30.94
N LYS D 197 5.78 33.96 31.02
CA LYS D 197 6.02 35.15 31.86
C LYS D 197 5.93 34.75 33.31
N THR D 198 4.95 33.89 33.63
CA THR D 198 4.69 33.33 34.97
C THR D 198 5.94 32.68 35.54
N GLU D 199 6.58 31.79 34.74
CA GLU D 199 7.81 31.10 35.08
C GLU D 199 8.98 32.05 35.21
N ALA D 200 9.16 33.00 34.26
CA ALA D 200 10.24 33.99 34.31
C ALA D 200 10.18 34.75 35.62
N THR D 201 8.95 35.09 36.03
CA THR D 201 8.67 35.82 37.27
C THR D 201 9.08 34.93 38.45
N LYS D 202 8.55 33.70 38.51
CA LYS D 202 8.79 32.71 39.56
C LYS D 202 10.26 32.40 39.80
N GLN D 203 11.09 32.39 38.71
CA GLN D 203 12.54 32.13 38.73
C GLN D 203 13.31 33.33 39.24
N ILE D 204 12.89 34.56 38.84
CA ILE D 204 13.49 35.82 39.31
C ILE D 204 13.22 35.97 40.81
N MET D 205 11.97 35.62 41.24
CA MET D 205 11.52 35.63 42.64
C MET D 205 12.37 34.68 43.47
N ARG D 206 12.60 33.45 42.96
CA ARG D 206 13.45 32.39 43.49
C ARG D 206 14.88 32.98 43.67
N TYR D 207 15.47 33.60 42.61
CA TYR D 207 16.80 34.20 42.65
C TYR D 207 16.96 35.25 43.76
N PHE D 208 15.93 36.09 43.97
CA PHE D 208 15.91 37.14 44.99
C PHE D 208 15.81 36.58 46.42
N ALA D 209 15.11 35.45 46.63
CA ALA D 209 14.95 34.81 47.94
C ALA D 209 16.28 34.24 48.43
N SER D 210 17.19 33.91 47.48
CA SER D 210 18.51 33.33 47.72
C SER D 210 19.52 34.32 48.23
N SER D 211 20.40 33.85 49.13
CA SER D 211 21.51 34.63 49.72
C SER D 211 22.63 33.74 50.31
N LYS D 212 23.83 34.34 50.50
CA LYS D 212 25.00 33.68 51.08
C LYS D 212 24.81 33.42 52.59
N SER D 213 24.36 34.43 53.36
CA SER D 213 24.07 34.39 54.80
C SER D 213 22.78 33.56 55.06
N GLY D 214 21.67 34.24 55.41
CA GLY D 214 20.37 33.63 55.60
C GLY D 214 19.91 33.23 54.21
N ASN D 215 20.13 31.94 53.88
CA ASN D 215 19.94 31.31 52.57
C ASN D 215 18.63 31.68 51.82
N MET D 216 17.49 31.00 52.12
CA MET D 216 16.22 31.26 51.44
C MET D 216 15.07 31.46 52.44
N ASP D 217 15.27 32.46 53.35
CA ASP D 217 14.38 32.85 54.48
C ASP D 217 12.97 33.31 54.04
N LEU D 218 12.80 33.72 52.75
CA LEU D 218 11.59 34.25 52.13
C LEU D 218 10.30 33.44 52.37
N ARG D 219 9.31 34.17 52.89
CA ARG D 219 7.95 33.76 53.25
C ARG D 219 6.99 34.42 52.26
N ILE D 220 7.41 35.60 51.75
CA ILE D 220 6.68 36.43 50.78
C ILE D 220 6.42 35.64 49.48
N GLN D 221 7.45 34.96 48.96
CA GLN D 221 7.34 34.14 47.75
C GLN D 221 6.22 33.09 47.85
N THR D 222 6.03 32.48 49.05
CA THR D 222 5.04 31.42 49.29
C THR D 222 3.62 31.98 49.45
N ALA D 223 3.49 33.18 50.03
CA ALA D 223 2.21 33.84 50.20
C ALA D 223 1.66 34.33 48.85
N ILE D 224 2.54 34.94 48.03
CA ILE D 224 2.25 35.47 46.68
C ILE D 224 1.85 34.33 45.75
N MET D 225 2.63 33.25 45.76
CA MET D 225 2.41 32.07 44.92
C MET D 225 1.17 31.31 45.33
N ALA D 226 0.78 31.41 46.61
CA ALA D 226 -0.45 30.78 47.12
C ALA D 226 -1.70 31.59 46.72
N ALA D 227 -1.54 32.93 46.52
CA ALA D 227 -2.58 33.87 46.09
C ALA D 227 -2.86 33.74 44.59
N ASN D 228 -1.93 33.08 43.85
CA ASN D 228 -2.00 32.91 42.41
C ASN D 228 -3.29 32.30 41.94
N PRO D 229 -3.81 31.20 42.54
CA PRO D 229 -5.09 30.67 42.05
C PRO D 229 -6.25 31.67 42.17
N VAL D 230 -6.25 32.50 43.23
CA VAL D 230 -7.27 33.54 43.50
C VAL D 230 -7.13 34.71 42.49
N LEU D 231 -5.89 35.23 42.33
CA LEU D 231 -5.56 36.29 41.39
C LEU D 231 -5.96 35.91 39.99
N GLU D 232 -5.71 34.63 39.58
CA GLU D 232 -6.05 34.07 38.28
C GLU D 232 -7.54 33.95 38.10
N ALA D 233 -8.25 33.46 39.14
CA ALA D 233 -9.70 33.30 39.16
C ALA D 233 -10.44 34.61 38.90
N PHE D 234 -9.98 35.70 39.51
CA PHE D 234 -10.62 37.01 39.41
C PHE D 234 -10.12 37.90 38.29
N GLY D 235 -8.85 37.84 37.91
CA GLY D 235 -8.32 38.71 36.84
C GLY D 235 -7.95 38.09 35.50
N ASN D 236 -8.24 36.78 35.29
CA ASN D 236 -7.95 36.01 34.08
C ASN D 236 -9.21 35.45 33.45
N ALA D 237 -9.18 35.26 32.13
CA ALA D 237 -10.31 34.75 31.39
C ALA D 237 -9.90 33.89 30.20
N LYS D 238 -10.87 33.12 29.65
CA LYS D 238 -10.64 32.36 28.44
C LYS D 238 -11.01 33.29 27.27
N THR D 239 -10.01 33.50 26.39
CA THR D 239 -10.00 34.30 25.17
C THR D 239 -9.97 33.33 23.98
N ILE D 240 -10.17 33.84 22.76
CA ILE D 240 -10.08 33.04 21.54
C ILE D 240 -8.62 32.62 21.28
N ARG D 241 -7.67 33.47 21.71
CA ARG D 241 -6.21 33.30 21.60
C ARG D 241 -5.60 32.40 22.68
N ASN D 242 -6.01 32.56 23.96
CA ASN D 242 -5.53 31.77 25.10
C ASN D 242 -6.67 31.38 26.05
N ASN D 243 -6.52 30.23 26.74
CA ASN D 243 -7.48 29.63 27.67
C ASN D 243 -7.38 30.14 29.10
N ASN D 244 -6.31 30.90 29.39
CA ASN D 244 -6.06 31.50 30.71
C ASN D 244 -5.35 32.82 30.51
N SER D 245 -6.04 33.79 29.90
CA SER D 245 -5.44 35.09 29.64
C SER D 245 -5.61 36.06 30.77
N SER D 246 -4.51 36.68 31.18
CA SER D 246 -4.43 37.68 32.23
C SER D 246 -5.02 39.01 31.70
N ARG D 247 -6.22 39.45 32.20
CA ARG D 247 -6.85 40.71 31.76
C ARG D 247 -6.46 41.94 32.62
N PHE D 248 -5.31 41.84 33.33
CA PHE D 248 -4.78 42.92 34.15
C PHE D 248 -3.23 42.92 34.14
N GLY D 249 -2.64 44.01 34.59
CA GLY D 249 -1.19 44.11 34.72
C GLY D 249 -0.90 43.81 36.17
N ARG D 250 -0.03 42.86 36.43
CA ARG D 250 0.29 42.48 37.79
C ARG D 250 1.64 43.02 38.19
N PHE D 251 1.64 44.19 38.81
CA PHE D 251 2.86 44.80 39.33
C PHE D 251 3.00 44.27 40.72
N MET D 252 4.22 44.00 41.15
CA MET D 252 4.43 43.61 42.51
C MET D 252 5.74 44.25 43.01
N GLN D 253 5.73 44.79 44.24
CA GLN D 253 6.87 45.49 44.85
C GLN D 253 7.49 44.63 45.93
N LEU D 254 8.82 44.55 45.95
CA LEU D 254 9.55 43.73 46.91
C LEU D 254 10.62 44.54 47.62
N VAL D 255 10.93 44.13 48.87
CA VAL D 255 12.00 44.67 49.70
C VAL D 255 12.96 43.52 49.84
N ILE D 256 14.14 43.65 49.20
CA ILE D 256 15.19 42.62 49.18
C ILE D 256 16.38 43.16 49.96
N SER D 257 16.63 42.60 51.18
CA SER D 257 17.73 42.95 52.09
C SER D 257 18.96 42.14 51.71
N HIS D 258 20.17 42.75 51.75
CA HIS D 258 21.36 41.99 51.32
C HIS D 258 21.76 40.80 52.20
N GLU D 259 21.45 40.88 53.51
CA GLU D 259 21.71 39.82 54.49
C GLU D 259 20.76 38.60 54.28
N GLY D 260 19.45 38.88 54.28
CA GLY D 260 18.40 37.89 54.01
C GLY D 260 18.01 37.92 52.53
N GLY D 261 16.71 37.85 52.27
CA GLY D 261 16.19 37.86 50.90
C GLY D 261 15.03 38.82 50.73
N ILE D 262 13.85 38.29 50.39
CA ILE D 262 12.65 39.10 50.26
C ILE D 262 12.07 39.28 51.66
N ARG D 263 12.38 40.45 52.23
CA ARG D 263 11.94 40.91 53.52
C ARG D 263 10.43 41.17 53.51
N TYR D 264 9.95 41.99 52.55
CA TYR D 264 8.56 42.40 52.34
C TYR D 264 8.13 42.38 50.87
N GLY D 265 6.81 42.29 50.64
CA GLY D 265 6.21 42.28 49.32
C GLY D 265 4.78 42.78 49.26
N SER D 266 4.32 43.21 48.08
CA SER D 266 2.94 43.66 47.83
C SER D 266 2.57 43.44 46.36
N VAL D 267 1.35 42.97 46.11
CA VAL D 267 0.81 42.81 44.74
C VAL D 267 -0.19 43.95 44.39
N VAL D 268 -0.07 44.51 43.19
CA VAL D 268 -0.91 45.61 42.71
C VAL D 268 -1.44 45.22 41.33
N ALA D 269 -2.74 45.41 41.12
CA ALA D 269 -3.38 45.11 39.86
C ALA D 269 -3.81 46.40 39.16
N PHE D 270 -3.33 46.59 37.94
CA PHE D 270 -3.64 47.73 37.09
C PHE D 270 -4.47 47.25 35.92
N LEU D 271 -5.19 48.21 35.34
CA LEU D 271 -5.96 48.17 34.12
C LEU D 271 -6.86 46.92 33.93
N LEU D 272 -7.56 46.47 35.00
CA LEU D 272 -8.49 45.33 34.88
C LEU D 272 -9.60 45.68 33.86
N GLU D 273 -9.87 44.72 32.97
CA GLU D 273 -10.90 44.78 31.92
C GLU D 273 -12.32 44.64 32.53
N LYS D 274 -12.88 45.77 33.00
CA LYS D 274 -14.22 45.83 33.59
C LYS D 274 -15.35 45.40 32.61
N SER D 275 -15.21 45.77 31.32
CA SER D 275 -16.18 45.45 30.27
C SER D 275 -16.52 43.95 30.22
N ARG D 276 -15.52 43.08 30.50
CA ARG D 276 -15.59 41.61 30.49
C ARG D 276 -16.58 41.03 31.51
N ILE D 277 -16.82 41.74 32.62
CA ILE D 277 -17.73 41.29 33.68
C ILE D 277 -19.15 41.15 33.11
N ILE D 278 -19.57 42.14 32.28
CA ILE D 278 -20.90 42.32 31.70
C ILE D 278 -21.14 41.60 30.37
N THR D 279 -20.22 41.77 29.39
CA THR D 279 -20.33 41.24 28.03
C THR D 279 -19.03 40.64 27.52
N GLN D 280 -19.13 39.50 26.83
CA GLN D 280 -17.99 38.80 26.27
C GLN D 280 -18.29 38.44 24.85
N ASP D 281 -17.22 38.27 24.03
CA ASP D 281 -17.26 37.91 22.61
C ASP D 281 -17.75 36.48 22.45
N ASP D 282 -18.22 36.12 21.24
CA ASP D 282 -18.91 34.86 20.96
C ASP D 282 -18.16 33.60 21.41
N ASN D 283 -16.82 33.56 21.35
CA ASN D 283 -16.17 32.34 21.83
C ASN D 283 -15.21 32.57 23.02
N GLU D 284 -15.57 33.54 23.87
CA GLU D 284 -14.82 33.90 25.07
C GLU D 284 -15.72 33.82 26.31
N ARG D 285 -15.10 33.85 27.48
CA ARG D 285 -15.84 33.78 28.74
C ARG D 285 -15.47 34.96 29.61
N SER D 286 -16.20 35.12 30.74
CA SER D 286 -15.91 36.14 31.74
C SER D 286 -14.71 35.59 32.54
N TYR D 287 -14.39 36.22 33.68
CA TYR D 287 -13.30 35.73 34.52
C TYR D 287 -13.58 34.31 35.05
N HIS D 288 -12.55 33.45 35.13
CA HIS D 288 -12.70 32.05 35.57
C HIS D 288 -13.58 31.84 36.81
N ILE D 289 -13.54 32.80 37.79
CA ILE D 289 -14.23 32.74 39.08
C ILE D 289 -15.70 32.39 38.93
N PHE D 290 -16.42 33.04 38.02
CA PHE D 290 -17.85 32.83 37.81
C PHE D 290 -18.17 31.40 37.47
N TYR D 291 -17.37 30.82 36.58
CA TYR D 291 -17.51 29.46 36.07
C TYR D 291 -17.10 28.46 37.13
N GLN D 292 -16.04 28.70 37.91
CA GLN D 292 -15.68 27.70 38.89
C GLN D 292 -16.56 27.76 40.13
N PHE D 293 -17.15 28.93 40.42
CA PHE D 293 -18.09 29.10 41.55
C PHE D 293 -19.43 28.47 41.23
N LEU D 294 -19.96 28.70 40.04
CA LEU D 294 -21.25 28.16 39.65
C LEU D 294 -21.24 26.65 39.42
N LYS D 295 -20.07 26.07 39.06
CA LYS D 295 -19.85 24.63 38.81
C LYS D 295 -19.37 23.86 40.03
N GLY D 296 -18.41 24.46 40.74
CA GLY D 296 -17.75 23.84 41.88
C GLY D 296 -18.36 23.98 43.25
N ALA D 297 -19.26 24.97 43.46
CA ALA D 297 -19.87 25.18 44.77
C ALA D 297 -20.76 24.00 45.16
N ASN D 298 -20.64 23.61 46.44
CA ASN D 298 -21.39 22.52 47.05
C ASN D 298 -22.86 22.86 47.16
N SER D 299 -23.71 21.83 47.24
CA SER D 299 -25.17 21.92 47.35
C SER D 299 -25.67 22.86 48.45
N THR D 300 -24.87 23.04 49.53
CA THR D 300 -25.14 23.94 50.65
C THR D 300 -25.12 25.41 50.16
N MET D 301 -24.02 25.80 49.45
CA MET D 301 -23.82 27.10 48.83
C MET D 301 -24.80 27.34 47.69
N LYS D 302 -25.05 26.28 46.90
CA LYS D 302 -25.99 26.29 45.77
C LYS D 302 -27.40 26.59 46.26
N SER D 303 -27.77 26.05 47.43
CA SER D 303 -29.08 26.24 48.04
C SER D 303 -29.17 27.61 48.71
N LYS D 304 -28.15 27.96 49.52
CA LYS D 304 -28.08 29.22 50.27
C LYS D 304 -28.17 30.47 49.39
N PHE D 305 -27.41 30.47 48.29
CA PHE D 305 -27.37 31.58 47.35
C PHE D 305 -28.39 31.46 46.20
N GLY D 306 -29.06 30.30 46.09
CA GLY D 306 -30.04 30.00 45.04
C GLY D 306 -29.40 30.06 43.68
N LEU D 307 -28.27 29.32 43.54
CA LEU D 307 -27.45 29.31 42.33
C LEU D 307 -28.01 28.45 41.23
N LYS D 308 -28.07 29.02 40.02
CA LYS D 308 -28.54 28.36 38.81
C LYS D 308 -27.33 27.74 38.07
N GLY D 309 -27.51 27.30 36.83
CA GLY D 309 -26.42 26.75 36.05
C GLY D 309 -25.64 27.83 35.33
N VAL D 310 -24.40 27.51 34.88
CA VAL D 310 -23.52 28.43 34.13
C VAL D 310 -24.20 29.05 32.86
N THR D 311 -25.23 28.40 32.31
CA THR D 311 -25.94 28.83 31.11
C THR D 311 -27.17 29.69 31.39
N GLU D 312 -27.58 29.75 32.67
CA GLU D 312 -28.75 30.50 33.16
C GLU D 312 -28.47 31.95 33.64
N TYR D 313 -27.27 32.51 33.37
CA TYR D 313 -26.86 33.87 33.75
C TYR D 313 -26.58 34.77 32.58
N LYS D 314 -27.20 35.95 32.57
CA LYS D 314 -27.04 36.94 31.49
C LYS D 314 -25.63 37.47 31.42
N LEU D 315 -24.97 37.63 32.58
CA LEU D 315 -23.60 38.16 32.64
C LEU D 315 -22.54 37.23 32.00
N LEU D 316 -22.88 35.96 31.77
CA LEU D 316 -21.96 35.01 31.15
C LEU D 316 -22.49 34.52 29.83
N ASN D 317 -21.59 34.25 28.86
CA ASN D 317 -21.95 33.72 27.55
C ASN D 317 -22.34 32.24 27.74
N PRO D 318 -23.59 31.85 27.35
CA PRO D 318 -24.03 30.46 27.59
C PRO D 318 -23.41 29.39 26.68
N ASN D 319 -23.08 29.79 25.45
CA ASN D 319 -22.51 28.94 24.42
C ASN D 319 -21.04 28.58 24.70
N SER D 320 -20.30 29.49 25.39
CA SER D 320 -18.89 29.34 25.70
C SER D 320 -18.53 28.91 27.13
N THR D 321 -19.49 28.41 27.93
CA THR D 321 -19.29 27.98 29.34
C THR D 321 -18.27 26.86 29.57
N GLU D 322 -18.00 26.02 28.55
CA GLU D 322 -17.07 24.89 28.64
C GLU D 322 -15.75 25.12 27.89
N VAL D 323 -14.62 24.85 28.57
CA VAL D 323 -13.24 24.95 28.04
C VAL D 323 -12.62 23.55 28.17
N SER D 324 -12.09 23.03 27.06
CA SER D 324 -11.59 21.65 26.94
C SER D 324 -10.64 21.09 28.03
N GLY D 325 -9.47 21.68 28.28
CA GLY D 325 -8.56 21.09 29.27
C GLY D 325 -8.69 21.66 30.66
N VAL D 326 -9.79 22.40 30.90
CA VAL D 326 -10.08 23.11 32.15
C VAL D 326 -11.11 22.39 33.01
N ASP D 327 -10.71 21.98 34.23
CA ASP D 327 -11.62 21.30 35.13
C ASP D 327 -12.63 22.26 35.74
N ASP D 328 -12.22 23.43 36.30
CA ASP D 328 -13.12 24.45 36.90
C ASP D 328 -13.59 24.04 38.30
N VAL D 329 -14.23 22.85 38.45
CA VAL D 329 -14.65 22.28 39.73
C VAL D 329 -13.39 22.03 40.61
N LYS D 330 -12.32 21.46 40.01
CA LYS D 330 -11.06 21.24 40.71
C LYS D 330 -10.35 22.58 40.95
N ASP D 331 -10.49 23.51 40.00
CA ASP D 331 -9.93 24.86 40.12
C ASP D 331 -10.60 25.62 41.26
N PHE D 332 -11.90 25.36 41.50
CA PHE D 332 -12.66 25.98 42.59
C PHE D 332 -12.17 25.53 43.95
N GLU D 333 -11.81 24.23 44.08
CA GLU D 333 -11.26 23.61 45.29
C GLU D 333 -9.88 24.25 45.60
N GLU D 334 -9.09 24.52 44.56
CA GLU D 334 -7.77 25.14 44.63
C GLU D 334 -7.90 26.61 45.07
N VAL D 335 -8.94 27.31 44.60
CA VAL D 335 -9.22 28.71 44.94
C VAL D 335 -9.62 28.82 46.42
N ILE D 336 -10.57 27.97 46.91
CA ILE D 336 -10.99 27.98 48.33
C ILE D 336 -9.77 27.73 49.20
N GLU D 337 -8.98 26.67 48.88
CA GLU D 337 -7.76 26.35 49.61
C GLU D 337 -6.78 27.54 49.67
N SER D 338 -6.66 28.27 48.56
CA SER D 338 -5.82 29.46 48.41
C SER D 338 -6.30 30.65 49.27
N LEU D 339 -7.65 30.83 49.40
CA LEU D 339 -8.34 31.84 50.22
C LEU D 339 -8.16 31.55 51.69
N LYS D 340 -8.24 30.25 52.08
CA LYS D 340 -7.99 29.76 53.44
C LYS D 340 -6.54 30.04 53.86
N ASN D 341 -5.54 29.83 52.94
CA ASN D 341 -4.11 30.11 53.16
C ASN D 341 -3.80 31.60 53.36
N MET D 342 -4.71 32.52 52.97
CA MET D 342 -4.42 33.95 53.19
C MET D 342 -5.18 34.46 54.41
N GLU D 343 -5.57 33.49 55.25
CA GLU D 343 -6.24 33.62 56.55
C GLU D 343 -7.60 34.28 56.40
N LEU D 344 -8.52 33.61 55.68
CA LEU D 344 -9.90 34.04 55.55
C LEU D 344 -10.78 32.97 56.19
N SER D 345 -11.54 33.35 57.24
CA SER D 345 -12.44 32.42 57.92
C SER D 345 -13.51 31.94 56.93
N GLU D 346 -14.17 30.81 57.19
CA GLU D 346 -15.17 30.30 56.26
C GLU D 346 -16.36 31.26 56.05
N SER D 347 -16.56 32.16 57.01
CA SER D 347 -17.59 33.20 56.99
C SER D 347 -17.21 34.28 55.98
N ASP D 348 -15.91 34.68 55.96
CA ASP D 348 -15.35 35.65 55.01
C ASP D 348 -15.46 35.08 53.58
N ILE D 349 -15.13 33.80 53.41
CA ILE D 349 -15.24 33.13 52.13
C ILE D 349 -16.72 33.06 51.68
N GLU D 350 -17.65 32.86 52.63
CA GLU D 350 -19.09 32.81 52.39
C GLU D 350 -19.56 34.18 51.98
N VAL D 351 -18.95 35.26 52.55
CA VAL D 351 -19.26 36.66 52.26
C VAL D 351 -18.81 37.01 50.84
N ILE D 352 -17.55 36.65 50.46
CA ILE D 352 -16.95 36.86 49.13
C ILE D 352 -17.84 36.24 48.05
N PHE D 353 -18.28 34.99 48.24
CA PHE D 353 -19.10 34.32 47.25
C PHE D 353 -20.55 34.74 47.28
N SER D 354 -21.01 35.33 48.42
CA SER D 354 -22.36 35.89 48.52
C SER D 354 -22.41 37.06 47.55
N ILE D 355 -21.34 37.92 47.56
CA ILE D 355 -21.15 39.06 46.66
C ILE D 355 -21.07 38.59 45.16
N VAL D 356 -20.25 37.57 44.81
CA VAL D 356 -20.16 37.04 43.45
C VAL D 356 -21.53 36.57 42.95
N ALA D 357 -22.31 35.96 43.84
CA ALA D 357 -23.68 35.50 43.59
C ALA D 357 -24.63 36.68 43.48
N GLY D 358 -24.36 37.77 44.23
CA GLY D 358 -25.14 39.00 44.21
C GLY D 358 -25.06 39.65 42.84
N ILE D 359 -23.80 39.84 42.34
CA ILE D 359 -23.34 40.36 41.04
C ILE D 359 -24.04 39.58 39.92
N LEU D 360 -23.93 38.26 39.92
CA LEU D 360 -24.56 37.41 38.93
C LEU D 360 -26.08 37.58 38.88
N THR D 361 -26.72 37.53 40.07
CA THR D 361 -28.18 37.62 40.28
C THR D 361 -28.71 38.98 39.80
N LEU D 362 -27.97 40.06 40.07
CA LEU D 362 -28.36 41.38 39.61
C LEU D 362 -28.34 41.50 38.08
N GLY D 363 -27.43 40.77 37.41
CA GLY D 363 -27.31 40.78 35.96
C GLY D 363 -28.50 40.16 35.26
N ASN D 364 -29.21 39.26 35.97
CA ASN D 364 -30.41 38.53 35.55
C ASN D 364 -31.72 39.31 35.75
N VAL D 365 -31.63 40.49 36.39
CA VAL D 365 -32.75 41.38 36.64
C VAL D 365 -33.01 42.13 35.33
N ARG D 366 -34.20 41.91 34.75
CA ARG D 366 -34.62 42.57 33.50
C ARG D 366 -35.29 43.88 33.83
N LEU D 367 -34.89 44.92 33.08
CA LEU D 367 -35.45 46.27 33.16
C LEU D 367 -36.36 46.47 31.96
N ILE D 368 -37.44 47.24 32.16
CA ILE D 368 -38.43 47.56 31.12
C ILE D 368 -38.78 49.03 31.09
N GLU D 369 -39.52 49.42 30.03
CA GLU D 369 -40.06 50.77 29.74
C GLU D 369 -41.51 50.98 30.25
N LYS D 370 -41.73 52.09 30.96
CA LYS D 370 -43.00 52.57 31.50
C LYS D 370 -43.50 53.59 30.47
N GLN D 371 -44.64 53.31 29.81
CA GLN D 371 -45.28 54.21 28.84
C GLN D 371 -45.61 55.60 29.48
N GLU D 372 -45.76 55.64 30.83
CA GLU D 372 -46.03 56.86 31.59
C GLU D 372 -44.96 57.15 32.69
N ALA D 373 -45.26 58.14 33.57
CA ALA D 373 -44.48 58.69 34.70
C ALA D 373 -43.50 59.82 34.26
N GLY D 374 -44.06 60.77 33.49
CA GLY D 374 -43.34 61.92 32.93
C GLY D 374 -42.58 61.59 31.66
N LEU D 375 -42.18 60.31 31.50
CA LEU D 375 -41.41 59.77 30.37
C LEU D 375 -42.06 58.51 29.78
N SER D 376 -41.98 58.38 28.44
CA SER D 376 -42.54 57.28 27.63
C SER D 376 -41.69 56.00 27.71
N ASP D 377 -40.38 56.17 27.99
CA ASP D 377 -39.37 55.11 28.10
C ASP D 377 -38.79 54.99 29.52
N ALA D 378 -39.48 55.60 30.56
CA ALA D 378 -39.11 55.58 31.99
C ALA D 378 -38.78 54.17 32.41
N ALA D 379 -37.81 54.00 33.32
CA ALA D 379 -37.38 52.64 33.64
C ALA D 379 -38.09 52.04 34.81
N ALA D 380 -38.18 50.70 34.80
CA ALA D 380 -38.84 49.87 35.80
C ALA D 380 -38.21 48.47 35.83
N ILE D 381 -38.14 47.87 37.04
CA ILE D 381 -37.69 46.49 37.18
C ILE D 381 -38.92 45.64 36.78
N MET D 382 -38.71 44.60 35.97
CA MET D 382 -39.80 43.71 35.56
C MET D 382 -40.39 43.07 36.81
N ASP D 383 -41.72 43.14 36.99
CA ASP D 383 -42.34 42.59 38.21
C ASP D 383 -41.88 41.16 38.51
N GLU D 384 -41.87 40.27 37.49
CA GLU D 384 -41.46 38.85 37.56
C GLU D 384 -40.04 38.70 38.09
N ASP D 385 -39.27 39.82 38.08
CA ASP D 385 -37.87 39.93 38.47
C ASP D 385 -37.65 40.78 39.74
N MET D 386 -38.75 41.07 40.46
CA MET D 386 -38.69 41.84 41.70
C MET D 386 -38.16 40.98 42.87
N GLY D 387 -38.35 39.67 42.75
CA GLY D 387 -37.85 38.70 43.71
C GLY D 387 -36.37 38.44 43.52
N VAL D 388 -35.94 38.44 42.22
CA VAL D 388 -34.56 38.28 41.75
C VAL D 388 -33.74 39.48 42.25
N PHE D 389 -34.31 40.70 42.11
CA PHE D 389 -33.68 41.94 42.54
C PHE D 389 -33.40 41.92 44.01
N ASN D 390 -34.40 41.53 44.81
CA ASN D 390 -34.31 41.48 46.27
C ASN D 390 -33.24 40.46 46.68
N LYS D 391 -33.18 39.30 46.00
CA LYS D 391 -32.20 38.25 46.28
C LYS D 391 -30.80 38.79 46.04
N ALA D 392 -30.59 39.51 44.91
CA ALA D 392 -29.32 40.12 44.53
C ALA D 392 -28.80 41.09 45.60
N CYS D 393 -29.66 41.98 46.12
CA CYS D 393 -29.32 42.96 47.18
C CYS D 393 -29.04 42.26 48.48
N GLU D 394 -29.83 41.22 48.81
CA GLU D 394 -29.67 40.43 50.05
C GLU D 394 -28.25 39.79 50.05
N LEU D 395 -27.87 39.17 48.90
CA LEU D 395 -26.60 38.52 48.63
C LEU D 395 -25.43 39.49 48.67
N MET D 396 -25.64 40.75 48.29
CA MET D 396 -24.60 41.78 48.32
C MET D 396 -24.62 42.57 49.63
N TYR D 397 -25.55 42.22 50.56
CA TYR D 397 -25.74 42.87 51.88
C TYR D 397 -26.10 44.34 51.72
N LEU D 398 -26.98 44.64 50.74
CA LEU D 398 -27.46 45.98 50.40
C LEU D 398 -28.95 46.11 50.67
N ASP D 399 -29.45 47.37 50.81
CA ASP D 399 -30.87 47.70 51.01
C ASP D 399 -31.54 47.71 49.64
N PRO D 400 -32.48 46.77 49.38
CA PRO D 400 -33.16 46.72 48.06
C PRO D 400 -33.87 48.01 47.65
N GLU D 401 -34.44 48.71 48.62
CA GLU D 401 -35.18 49.93 48.38
C GLU D 401 -34.31 51.08 47.98
N LEU D 402 -33.13 51.19 48.60
CA LEU D 402 -32.18 52.25 48.29
C LEU D 402 -31.45 51.99 46.96
N ILE D 403 -31.14 50.71 46.66
CA ILE D 403 -30.50 50.33 45.40
C ILE D 403 -31.44 50.62 44.23
N LYS D 404 -32.73 50.24 44.39
CA LYS D 404 -33.83 50.48 43.44
C LYS D 404 -33.97 52.01 43.14
N ARG D 405 -33.97 52.83 44.20
CA ARG D 405 -34.04 54.29 44.18
C ARG D 405 -32.88 54.85 43.38
N GLU D 406 -31.69 54.26 43.54
CA GLU D 406 -30.47 54.71 42.88
C GLU D 406 -30.41 54.44 41.38
N ILE D 407 -30.94 53.29 40.92
CA ILE D 407 -30.98 52.83 39.54
C ILE D 407 -32.05 53.52 38.71
N LEU D 408 -33.19 53.92 39.31
CA LEU D 408 -34.32 54.49 38.57
C LEU D 408 -34.62 55.95 38.77
N ILE D 409 -34.22 56.53 39.90
CA ILE D 409 -34.52 57.93 40.21
C ILE D 409 -33.27 58.77 39.99
N LYS D 410 -33.42 59.81 39.13
CA LYS D 410 -32.41 60.77 38.65
C LYS D 410 -32.60 62.11 39.37
N VAL D 411 -31.69 62.47 40.27
CA VAL D 411 -31.74 63.75 40.99
C VAL D 411 -30.70 64.68 40.39
N THR D 412 -31.16 65.84 39.92
CA THR D 412 -30.34 66.83 39.24
C THR D 412 -30.59 68.18 39.87
N VAL D 413 -29.56 69.03 39.94
CA VAL D 413 -29.69 70.34 40.58
C VAL D 413 -29.88 71.48 39.53
N ALA D 414 -30.85 72.39 39.81
CA ALA D 414 -31.17 73.54 38.98
C ALA D 414 -30.67 74.86 39.66
N GLY D 415 -31.62 75.71 40.08
CA GLY D 415 -31.33 76.95 40.79
C GLY D 415 -31.27 76.67 42.27
N GLY D 416 -30.21 75.93 42.67
CA GLY D 416 -30.00 75.46 44.04
C GLY D 416 -31.12 74.53 44.49
N THR D 417 -31.88 74.03 43.51
CA THR D 417 -33.03 73.16 43.72
C THR D 417 -32.78 71.77 43.12
N LYS D 418 -32.86 70.74 43.99
CA LYS D 418 -32.73 69.33 43.64
C LYS D 418 -34.02 68.92 42.98
N ILE D 419 -33.97 68.75 41.67
CA ILE D 419 -35.14 68.36 40.89
C ILE D 419 -35.13 66.81 40.75
N GLU D 420 -36.20 66.16 41.19
CA GLU D 420 -36.30 64.69 41.12
C GLU D 420 -36.98 64.23 39.85
N GLY D 421 -36.30 63.37 39.11
CA GLY D 421 -36.77 62.80 37.85
C GLY D 421 -36.69 61.30 37.79
N ARG D 422 -36.68 60.75 36.56
CA ARG D 422 -36.63 59.29 36.28
C ARG D 422 -35.72 58.98 35.10
N TRP D 423 -34.86 57.96 35.26
CA TRP D 423 -33.92 57.46 34.25
C TRP D 423 -34.68 56.59 33.24
N ASN D 424 -34.23 56.58 31.97
CA ASN D 424 -34.83 55.71 30.94
C ASN D 424 -34.20 54.31 31.04
N LYS D 425 -34.86 53.28 30.43
CA LYS D 425 -34.40 51.89 30.45
C LYS D 425 -32.90 51.73 30.09
N ASN D 426 -32.40 52.51 29.12
CA ASN D 426 -31.03 52.46 28.65
C ASN D 426 -30.06 53.00 29.69
N ASP D 427 -30.35 54.17 30.27
CA ASP D 427 -29.53 54.80 31.29
C ASP D 427 -29.58 54.05 32.63
N ALA D 428 -30.71 53.39 32.95
CA ALA D 428 -30.85 52.60 34.17
C ALA D 428 -30.13 51.27 34.03
N GLU D 429 -30.04 50.74 32.78
CA GLU D 429 -29.32 49.51 32.49
C GLU D 429 -27.83 49.77 32.67
N VAL D 430 -27.36 50.98 32.31
CA VAL D 430 -25.98 51.46 32.49
C VAL D 430 -25.61 51.46 33.96
N LEU D 431 -26.47 52.03 34.84
CA LEU D 431 -26.29 52.09 36.31
C LEU D 431 -26.33 50.71 36.96
N LYS D 432 -27.25 49.84 36.52
CA LYS D 432 -27.38 48.48 37.05
C LYS D 432 -26.11 47.70 36.77
N SER D 433 -25.60 47.78 35.50
CA SER D 433 -24.37 47.12 35.06
C SER D 433 -23.16 47.67 35.77
N SER D 434 -23.06 49.02 35.91
CA SER D 434 -21.98 49.75 36.58
C SER D 434 -21.80 49.37 38.05
N LEU D 435 -22.88 48.93 38.74
CA LEU D 435 -22.87 48.43 40.13
C LEU D 435 -22.22 47.03 40.14
N CYS D 436 -22.58 46.14 39.15
CA CYS D 436 -22.01 44.79 39.02
C CYS D 436 -20.49 44.89 38.83
N LYS D 437 -20.07 45.80 37.93
CA LYS D 437 -18.69 46.06 37.58
C LYS D 437 -17.92 46.65 38.72
N ALA D 438 -18.54 47.56 39.50
CA ALA D 438 -17.87 48.18 40.63
C ALA D 438 -17.74 47.21 41.80
N MET D 439 -18.82 46.45 42.16
CA MET D 439 -18.75 45.50 43.27
C MET D 439 -17.59 44.54 43.04
N TYR D 440 -17.52 43.94 41.81
CA TYR D 440 -16.49 43.00 41.36
C TYR D 440 -15.08 43.57 41.35
N GLU D 441 -14.89 44.78 40.84
CA GLU D 441 -13.60 45.44 40.84
C GLU D 441 -13.12 45.68 42.30
N LYS D 442 -14.00 46.22 43.16
CA LYS D 442 -13.74 46.51 44.57
C LYS D 442 -13.63 45.24 45.44
N LEU D 443 -14.25 44.13 45.00
CA LEU D 443 -14.14 42.85 45.71
C LEU D 443 -12.76 42.27 45.39
N PHE D 444 -12.33 42.34 44.11
CA PHE D 444 -11.04 41.86 43.61
C PHE D 444 -9.94 42.67 44.27
N LEU D 445 -10.11 44.00 44.39
CA LEU D 445 -9.13 44.85 45.05
C LEU D 445 -9.09 44.62 46.57
N TRP D 446 -10.26 44.32 47.18
CA TRP D 446 -10.29 44.06 48.62
C TRP D 446 -9.49 42.81 48.93
N ILE D 447 -9.67 41.73 48.15
CA ILE D 447 -8.89 40.49 48.28
C ILE D 447 -7.38 40.76 48.11
N ILE D 448 -7.02 41.64 47.14
CA ILE D 448 -5.60 42.03 46.94
C ILE D 448 -5.09 42.75 48.18
N ARG D 449 -5.89 43.71 48.70
CA ARG D 449 -5.56 44.49 49.90
C ARG D 449 -5.37 43.54 51.08
N HIS D 450 -6.29 42.56 51.21
CA HIS D 450 -6.22 41.55 52.27
C HIS D 450 -4.91 40.76 52.19
N LEU D 451 -4.61 40.15 51.02
CA LEU D 451 -3.38 39.39 50.77
C LEU D 451 -2.12 40.17 51.16
N ASN D 452 -2.09 41.48 50.86
CA ASN D 452 -0.94 42.36 51.13
C ASN D 452 -0.70 42.65 52.60
N SER D 453 -1.76 42.63 53.45
CA SER D 453 -1.70 42.86 54.90
C SER D 453 -0.60 42.00 55.55
N ARG D 454 -0.63 40.71 55.22
CA ARG D 454 0.22 39.66 55.71
C ARG D 454 1.69 39.68 55.21
N ILE D 455 2.03 40.55 54.22
CA ILE D 455 3.37 40.58 53.57
C ILE D 455 3.96 41.97 53.35
N GLU D 456 3.14 43.01 53.36
CA GLU D 456 3.59 44.37 53.09
C GLU D 456 4.37 45.00 54.23
N PRO D 457 5.21 46.03 53.93
CA PRO D 457 5.91 46.72 55.00
C PRO D 457 4.98 47.70 55.72
N GLU D 458 5.31 48.00 56.99
CA GLU D 458 4.58 48.90 57.88
C GLU D 458 4.40 50.31 57.28
N GLY D 459 5.50 50.99 57.00
CA GLY D 459 5.46 52.35 56.48
C GLY D 459 5.34 52.51 54.98
N GLY D 460 5.06 51.41 54.30
CA GLY D 460 5.02 51.37 52.85
C GLY D 460 6.42 51.16 52.29
N PHE D 461 6.56 51.26 50.97
CA PHE D 461 7.85 51.06 50.30
C PHE D 461 8.59 52.37 50.14
N LYS D 462 9.92 52.33 50.23
CA LYS D 462 10.75 53.50 49.96
C LYS D 462 11.51 53.10 48.69
N THR D 463 12.56 52.26 48.86
CA THR D 463 13.33 51.68 47.77
C THR D 463 12.88 50.24 47.69
N PHE D 464 12.49 49.85 46.49
CA PHE D 464 11.91 48.55 46.24
C PHE D 464 12.42 47.96 44.94
N MET D 465 11.98 46.72 44.71
CA MET D 465 12.19 46.00 43.48
C MET D 465 10.82 45.76 42.91
N GLY D 466 10.55 46.48 41.83
CA GLY D 466 9.31 46.36 41.08
C GLY D 466 9.39 45.20 40.12
N MET D 467 8.24 44.61 39.83
CA MET D 467 8.09 43.50 38.89
C MET D 467 6.74 43.59 38.22
N LEU D 468 6.73 44.03 36.96
CA LEU D 468 5.51 44.16 36.14
C LEU D 468 5.38 43.00 35.15
N ASP D 469 4.20 42.39 35.10
CA ASP D 469 3.84 41.27 34.24
C ASP D 469 2.66 41.75 33.35
N ILE D 470 3.06 42.38 32.18
CA ILE D 470 2.26 43.05 31.14
C ILE D 470 2.32 42.29 29.76
N PHE D 471 1.80 42.88 28.70
CA PHE D 471 1.60 42.32 27.36
C PHE D 471 1.83 43.36 26.25
N GLY D 472 2.15 42.88 25.05
CA GLY D 472 2.39 43.72 23.89
C GLY D 472 1.15 44.20 23.16
N PHE D 473 1.37 44.86 22.02
CA PHE D 473 0.33 45.43 21.19
C PHE D 473 -0.65 44.34 20.70
N GLU D 474 -1.84 44.78 20.28
CA GLU D 474 -2.94 43.98 19.78
C GLU D 474 -2.92 44.29 18.30
N VAL D 475 -2.38 43.36 17.58
CA VAL D 475 -2.01 43.49 16.18
C VAL D 475 -2.91 42.64 15.24
N PHE D 476 -3.95 41.92 15.78
CA PHE D 476 -4.81 41.12 14.91
C PHE D 476 -5.85 41.95 14.20
N LYS D 477 -6.60 41.33 13.25
CA LYS D 477 -7.55 41.98 12.36
C LYS D 477 -8.61 42.75 13.11
N ASN D 478 -9.52 42.07 13.84
CA ASN D 478 -10.64 42.76 14.51
C ASN D 478 -10.33 43.15 15.94
N ASN D 479 -10.49 44.46 16.26
CA ASN D 479 -10.17 44.98 17.58
C ASN D 479 -11.21 45.94 18.09
N SER D 480 -11.68 45.77 19.34
CA SER D 480 -12.55 46.74 20.02
C SER D 480 -11.77 47.59 21.03
N LEU D 481 -12.51 48.25 21.93
CA LEU D 481 -12.06 49.17 22.97
C LEU D 481 -10.98 48.60 23.89
N GLU D 482 -11.09 47.33 24.26
CA GLU D 482 -10.13 46.64 25.13
C GLU D 482 -8.74 46.61 24.51
N GLN D 483 -8.67 46.39 23.17
CA GLN D 483 -7.43 46.37 22.39
C GLN D 483 -6.84 47.76 22.27
N LEU D 484 -7.69 48.81 22.05
CA LEU D 484 -7.28 50.20 21.94
C LEU D 484 -6.57 50.63 23.22
N PHE D 485 -7.07 50.19 24.39
CA PHE D 485 -6.44 50.46 25.67
C PHE D 485 -5.07 49.75 25.83
N ILE D 486 -4.97 48.45 25.43
CA ILE D 486 -3.72 47.68 25.48
C ILE D 486 -2.66 48.34 24.56
N ASN D 487 -3.09 48.84 23.39
CA ASN D 487 -2.20 49.49 22.43
C ASN D 487 -1.76 50.88 22.87
N ILE D 488 -2.57 51.61 23.70
CA ILE D 488 -2.17 52.89 24.33
C ILE D 488 -1.13 52.58 25.41
N THR D 489 -1.39 51.56 26.26
CA THR D 489 -0.49 51.09 27.33
C THR D 489 0.88 50.82 26.75
N ASN D 490 0.96 50.13 25.59
CA ASN D 490 2.22 49.86 24.90
C ASN D 490 2.83 51.10 24.30
N GLU D 491 1.99 52.11 23.93
CA GLU D 491 2.55 53.36 23.43
C GLU D 491 3.31 54.13 24.56
N MET D 492 2.87 53.98 25.78
CA MET D 492 3.49 54.59 26.94
C MET D 492 4.74 53.81 27.32
N LEU D 493 4.63 52.47 27.27
CA LEU D 493 5.72 51.54 27.60
C LEU D 493 6.86 51.65 26.61
N GLN D 494 6.55 52.01 25.34
CA GLN D 494 7.51 52.30 24.26
C GLN D 494 8.23 53.61 24.56
N LYS D 495 7.44 54.64 24.94
CA LYS D 495 7.92 55.98 25.29
C LYS D 495 8.99 55.84 26.35
N ASN D 496 8.72 55.10 27.43
CA ASN D 496 9.62 54.87 28.57
C ASN D 496 10.85 54.15 28.18
N PHE D 497 10.73 53.13 27.32
CA PHE D 497 11.85 52.31 26.83
C PHE D 497 12.81 53.13 25.97
N VAL D 498 12.28 53.90 25.00
CA VAL D 498 13.09 54.74 24.11
C VAL D 498 13.87 55.75 24.92
N ASP D 499 13.17 56.41 25.88
CA ASP D 499 13.69 57.43 26.81
C ASP D 499 14.91 56.92 27.56
N ILE D 500 14.77 55.75 28.22
CA ILE D 500 15.84 55.12 28.98
C ILE D 500 16.99 54.69 28.05
N VAL D 501 16.67 54.25 26.82
CA VAL D 501 17.64 53.85 25.80
C VAL D 501 18.43 55.11 25.37
N PHE D 502 17.76 56.27 25.16
CA PHE D 502 18.44 57.54 24.82
C PHE D 502 19.36 58.05 25.96
N GLU D 503 18.85 58.04 27.20
CA GLU D 503 19.51 58.42 28.45
C GLU D 503 20.83 57.64 28.63
N ARG D 504 20.77 56.31 28.45
CA ARG D 504 21.90 55.39 28.58
C ARG D 504 22.92 55.63 27.48
N GLU D 505 22.47 55.84 26.22
CA GLU D 505 23.34 56.10 25.07
C GLU D 505 24.08 57.42 25.23
N SER D 506 23.33 58.51 25.55
CA SER D 506 23.87 59.86 25.77
C SER D 506 24.95 59.87 26.83
N LYS D 507 24.73 59.14 27.97
CA LYS D 507 25.70 59.05 29.07
C LYS D 507 26.98 58.38 28.56
N LEU D 508 26.84 57.25 27.83
CA LEU D 508 27.93 56.45 27.25
C LEU D 508 28.77 57.30 26.31
N TYR D 509 28.13 57.96 25.31
CA TYR D 509 28.77 58.88 24.36
C TYR D 509 29.59 59.89 25.13
N LYS D 510 28.97 60.59 26.11
CA LYS D 510 29.57 61.58 26.99
C LYS D 510 30.83 61.02 27.69
N ASP D 511 30.68 59.89 28.41
CA ASP D 511 31.72 59.20 29.16
C ASP D 511 32.92 58.83 28.32
N GLU D 512 32.70 58.52 27.02
CA GLU D 512 33.71 58.12 26.04
C GLU D 512 34.26 59.26 25.20
N GLY D 513 33.68 60.44 25.34
CA GLY D 513 34.09 61.62 24.59
C GLY D 513 33.69 61.61 23.12
N ILE D 514 32.44 61.20 22.84
CA ILE D 514 31.86 61.15 21.50
C ILE D 514 30.69 62.14 21.43
N SER D 515 30.54 62.78 20.26
CA SER D 515 29.50 63.78 20.00
C SER D 515 28.08 63.20 20.04
N THR D 516 27.23 63.77 20.93
CA THR D 516 25.82 63.38 21.06
C THR D 516 24.97 64.24 20.08
N ALA D 517 25.62 65.02 19.21
CA ALA D 517 24.97 65.88 18.23
C ALA D 517 24.19 65.09 17.18
N GLU D 518 24.79 63.98 16.66
CA GLU D 518 24.18 63.12 15.64
C GLU D 518 23.09 62.23 16.23
N LEU D 519 23.28 61.76 17.49
CA LEU D 519 22.38 60.92 18.29
C LEU D 519 21.03 61.66 18.50
N LYS D 520 20.14 61.52 17.51
CA LYS D 520 18.84 62.19 17.53
C LYS D 520 17.76 61.32 18.14
N TYR D 521 16.92 61.96 18.99
CA TYR D 521 15.82 61.33 19.73
C TYR D 521 14.53 61.14 18.89
N THR D 522 14.06 59.87 18.79
CA THR D 522 12.81 59.48 18.11
C THR D 522 11.67 59.54 19.14
N SER D 523 10.59 60.31 18.85
CA SER D 523 9.46 60.46 19.77
C SER D 523 8.19 59.73 19.29
N ASN D 524 7.28 59.49 20.26
N ASN D 524 7.25 59.51 20.22
CA ASN D 524 6.00 58.80 20.17
CA ASN D 524 5.97 58.87 19.95
C ASN D 524 4.83 59.75 20.53
C ASN D 524 4.82 59.76 20.47
N LYS D 525 5.14 61.05 20.70
CA LYS D 525 4.24 62.11 21.15
C LYS D 525 3.00 62.30 20.29
N GLU D 526 3.18 62.35 18.98
CA GLU D 526 2.12 62.57 18.00
C GLU D 526 0.97 61.60 18.11
N VAL D 527 1.26 60.26 18.26
CA VAL D 527 0.23 59.21 18.36
C VAL D 527 -0.38 59.17 19.76
N ILE D 528 0.46 59.25 20.81
CA ILE D 528 0.01 59.28 22.20
C ILE D 528 -1.05 60.36 22.32
N ASN D 529 -0.82 61.55 21.70
CA ASN D 529 -1.75 62.68 21.73
C ASN D 529 -3.06 62.38 21.03
N VAL D 530 -3.02 61.82 19.80
CA VAL D 530 -4.22 61.43 19.02
C VAL D 530 -5.12 60.48 19.82
N LEU D 531 -4.54 59.70 20.72
CA LEU D 531 -5.31 58.77 21.53
C LEU D 531 -5.71 59.30 22.90
N CYS D 532 -4.82 60.05 23.60
CA CYS D 532 -5.04 60.48 24.99
C CYS D 532 -5.32 61.97 25.25
N GLU D 533 -4.67 62.90 24.52
CA GLU D 533 -4.79 64.35 24.71
C GLU D 533 -6.16 64.84 25.14
N LYS D 534 -6.23 65.62 26.28
CA LYS D 534 -7.46 66.20 26.87
C LYS D 534 -8.31 66.93 25.85
N GLY D 535 -7.64 67.69 25.00
CA GLY D 535 -8.32 68.43 23.96
C GLY D 535 -8.98 67.58 22.88
N LYS D 536 -8.18 67.30 21.81
CA LYS D 536 -8.57 66.55 20.63
C LYS D 536 -7.91 65.18 20.61
N SER D 537 -8.64 64.15 21.04
CA SER D 537 -8.16 62.79 21.00
C SER D 537 -9.32 61.83 20.81
N VAL D 538 -9.03 60.61 20.36
CA VAL D 538 -9.99 59.52 20.17
C VAL D 538 -10.76 59.32 21.50
N LEU D 539 -10.05 59.33 22.65
CA LEU D 539 -10.66 59.13 23.98
C LEU D 539 -11.59 60.27 24.38
N SER D 540 -11.27 61.51 23.94
CA SER D 540 -12.07 62.71 24.21
C SER D 540 -13.39 62.65 23.49
N TYR D 541 -13.36 62.31 22.19
CA TYR D 541 -14.55 62.20 21.37
C TYR D 541 -15.42 61.03 21.78
N LEU D 542 -14.79 60.03 22.44
CA LEU D 542 -15.49 58.87 22.99
C LEU D 542 -16.32 59.36 24.14
N GLU D 543 -15.68 60.01 25.17
CA GLU D 543 -16.29 60.62 26.36
C GLU D 543 -17.40 61.58 25.97
N ASP D 544 -17.13 62.47 25.01
CA ASP D 544 -18.10 63.44 24.48
C ASP D 544 -19.36 62.76 23.95
N GLN D 545 -19.20 61.69 23.15
CA GLN D 545 -20.32 60.95 22.59
C GLN D 545 -21.05 60.11 23.62
N CYS D 546 -20.35 59.67 24.70
CA CYS D 546 -20.94 58.89 25.80
C CYS D 546 -21.85 59.76 26.66
N LEU D 547 -21.46 61.02 26.84
CA LEU D 547 -22.17 62.01 27.65
C LEU D 547 -23.31 62.69 26.87
N ALA D 548 -23.24 62.71 25.53
CA ALA D 548 -24.27 63.25 24.64
C ALA D 548 -25.50 62.32 24.66
N PRO D 549 -26.74 62.86 24.79
CA PRO D 549 -27.92 61.98 24.86
C PRO D 549 -28.22 61.20 23.57
N GLY D 550 -27.95 61.81 22.42
CA GLY D 550 -28.16 61.15 21.13
C GLY D 550 -26.95 60.40 20.61
N GLY D 551 -26.02 60.08 21.51
CA GLY D 551 -24.75 59.42 21.24
C GLY D 551 -24.85 58.04 20.62
N THR D 552 -24.09 57.86 19.52
CA THR D 552 -23.93 56.62 18.79
C THR D 552 -22.47 56.43 18.44
N ASP D 553 -22.07 55.16 18.20
CA ASP D 553 -20.70 54.78 17.82
C ASP D 553 -20.30 55.44 16.51
N GLU D 554 -21.25 55.51 15.54
CA GLU D 554 -21.07 56.14 14.22
C GLU D 554 -20.79 57.65 14.34
N LYS D 555 -21.54 58.36 15.20
CA LYS D 555 -21.35 59.78 15.43
C LYS D 555 -19.97 60.04 16.07
N PHE D 556 -19.45 59.04 16.82
CA PHE D 556 -18.11 59.07 17.48
C PHE D 556 -16.99 58.99 16.43
N VAL D 557 -17.12 58.06 15.45
CA VAL D 557 -16.12 57.91 14.39
C VAL D 557 -16.16 59.16 13.51
N SER D 558 -17.38 59.72 13.20
CA SER D 558 -17.58 60.94 12.41
C SER D 558 -16.85 62.12 13.05
N SER D 559 -17.01 62.31 14.39
CA SER D 559 -16.35 63.39 15.13
C SER D 559 -14.83 63.23 15.08
N CYS D 560 -14.34 61.98 15.15
CA CYS D 560 -12.92 61.64 15.08
C CYS D 560 -12.40 61.98 13.70
N ALA D 561 -13.09 61.49 12.66
CA ALA D 561 -12.76 61.68 11.25
C ALA D 561 -12.62 63.15 10.89
N THR D 562 -13.60 63.96 11.36
CA THR D 562 -13.68 65.40 11.15
C THR D 562 -12.57 66.18 11.86
N ASN D 563 -12.48 66.04 13.19
CA ASN D 563 -11.54 66.80 14.03
C ASN D 563 -10.08 66.30 14.06
N LEU D 564 -9.85 64.99 13.87
CA LEU D 564 -8.49 64.45 13.91
C LEU D 564 -7.90 64.26 12.50
N LYS D 565 -8.55 64.93 11.51
CA LYS D 565 -8.20 65.01 10.07
C LYS D 565 -6.82 65.66 9.93
N GLU D 566 -6.51 66.63 10.82
CA GLU D 566 -5.24 67.36 10.84
C GLU D 566 -4.05 66.47 11.21
N ASN D 567 -4.28 65.34 11.92
CA ASN D 567 -3.23 64.39 12.27
C ASN D 567 -3.20 63.15 11.36
N ASN D 568 -1.98 62.84 10.90
CA ASN D 568 -1.56 61.73 10.07
C ASN D 568 -1.75 60.39 10.79
N LYS D 569 -1.82 60.43 12.14
CA LYS D 569 -1.98 59.29 13.05
C LYS D 569 -3.39 58.66 13.01
N PHE D 570 -4.44 59.43 12.66
CA PHE D 570 -5.80 58.90 12.60
C PHE D 570 -6.24 58.85 11.15
N THR D 571 -6.45 57.62 10.66
CA THR D 571 -6.82 57.29 9.29
C THR D 571 -8.21 56.65 9.28
N PRO D 572 -9.19 57.12 8.49
CA PRO D 572 -10.46 56.37 8.40
C PRO D 572 -10.27 55.07 7.61
N ALA D 573 -11.14 54.07 7.83
CA ALA D 573 -11.01 52.80 7.10
C ALA D 573 -11.65 52.91 5.69
N LYS D 574 -11.10 52.17 4.71
CA LYS D 574 -11.61 52.16 3.35
C LYS D 574 -13.00 51.50 3.26
N VAL D 575 -13.12 50.26 3.77
CA VAL D 575 -14.40 49.55 3.81
C VAL D 575 -15.01 49.80 5.21
N ALA D 576 -16.31 50.09 5.25
CA ALA D 576 -17.10 50.39 6.44
C ALA D 576 -16.52 51.56 7.25
N SER D 577 -16.26 52.71 6.56
CA SER D 577 -15.72 53.96 7.10
C SER D 577 -16.50 54.50 8.30
N ASN D 578 -17.83 54.29 8.31
CA ASN D 578 -18.77 54.73 9.33
C ASN D 578 -18.52 54.16 10.73
N LYS D 579 -18.10 52.87 10.83
CA LYS D 579 -17.86 52.19 12.12
C LYS D 579 -16.45 51.61 12.29
N ASN D 580 -15.49 51.99 11.42
CA ASN D 580 -14.12 51.49 11.48
C ASN D 580 -13.10 52.59 11.29
N PHE D 581 -11.99 52.53 12.02
CA PHE D 581 -10.92 53.51 11.94
C PHE D 581 -9.54 52.85 12.07
N ILE D 582 -8.48 53.61 11.84
CA ILE D 582 -7.11 53.12 11.87
C ILE D 582 -6.24 54.13 12.65
N ILE D 583 -5.35 53.59 13.52
CA ILE D 583 -4.40 54.41 14.24
C ILE D 583 -3.02 53.97 13.78
N GLN D 584 -2.17 54.95 13.51
CA GLN D 584 -0.82 54.70 13.05
C GLN D 584 0.05 54.55 14.27
N HIS D 585 0.05 53.35 14.85
CA HIS D 585 0.85 53.04 16.03
C HIS D 585 2.31 52.96 15.64
N THR D 586 3.22 52.99 16.65
CA THR D 586 4.66 52.94 16.41
C THR D 586 5.05 51.72 15.60
N ILE D 587 4.46 50.58 15.92
CA ILE D 587 4.72 49.30 15.23
C ILE D 587 3.99 49.21 13.86
N GLY D 588 3.15 50.19 13.54
CA GLY D 588 2.41 50.25 12.27
C GLY D 588 0.92 50.52 12.40
N PRO D 589 0.17 50.46 11.29
CA PRO D 589 -1.28 50.74 11.37
C PRO D 589 -2.07 49.59 11.98
N ILE D 590 -2.99 49.92 12.89
CA ILE D 590 -3.86 48.95 13.58
C ILE D 590 -5.30 49.44 13.39
N GLN D 591 -6.15 48.61 12.78
CA GLN D 591 -7.54 48.92 12.53
C GLN D 591 -8.39 48.52 13.72
N TYR D 592 -9.42 49.35 14.04
CA TYR D 592 -10.35 49.18 15.14
C TYR D 592 -11.76 49.26 14.64
N CYS D 593 -12.65 48.43 15.21
CA CYS D 593 -14.07 48.51 14.92
C CYS D 593 -14.75 49.20 16.09
N ALA D 594 -15.39 50.37 15.83
CA ALA D 594 -16.02 51.19 16.86
C ALA D 594 -17.37 50.69 17.35
N GLU D 595 -17.85 49.54 16.86
CA GLU D 595 -19.12 48.97 17.35
C GLU D 595 -18.97 48.57 18.84
N SER D 596 -19.92 49.05 19.66
CA SER D 596 -20.12 48.89 21.11
C SER D 596 -19.12 49.66 21.96
N PHE D 597 -18.39 50.63 21.37
CA PHE D 597 -17.43 51.48 22.08
C PHE D 597 -18.11 52.25 23.23
N LEU D 598 -19.28 52.85 22.96
CA LEU D 598 -20.03 53.62 23.94
C LEU D 598 -20.62 52.70 25.01
N LEU D 599 -21.17 51.55 24.61
CA LEU D 599 -21.73 50.55 25.51
C LEU D 599 -20.66 50.09 26.51
N LYS D 600 -19.44 49.81 26.00
CA LYS D 600 -18.26 49.38 26.77
C LYS D 600 -17.67 50.53 27.59
N ASN D 601 -17.62 51.75 27.06
CA ASN D 601 -17.04 52.87 27.81
C ASN D 601 -17.92 53.36 28.96
N LYS D 602 -19.25 53.32 28.85
CA LYS D 602 -20.11 53.87 29.90
C LYS D 602 -20.10 53.09 31.23
N ASP D 603 -19.49 53.70 32.27
CA ASP D 603 -19.43 53.25 33.67
C ASP D 603 -19.84 54.44 34.53
N VAL D 604 -20.94 54.28 35.29
CA VAL D 604 -21.51 55.34 36.11
C VAL D 604 -21.86 54.81 37.47
N LEU D 605 -21.19 55.37 38.48
CA LEU D 605 -21.46 55.06 39.88
C LEU D 605 -21.56 56.36 40.62
N ARG D 606 -22.79 56.93 40.65
CA ARG D 606 -23.08 58.18 41.35
C ARG D 606 -22.76 58.04 42.86
N GLY D 607 -22.30 59.16 43.43
CA GLY D 607 -21.86 59.27 44.82
C GLY D 607 -22.79 58.71 45.86
N ASP D 608 -24.12 58.95 45.70
CA ASP D 608 -25.14 58.51 46.65
C ASP D 608 -25.26 56.99 46.73
N LEU D 609 -24.90 56.27 45.64
CA LEU D 609 -24.88 54.82 45.56
C LEU D 609 -23.73 54.29 46.38
N VAL D 610 -22.57 54.93 46.25
CA VAL D 610 -21.36 54.57 46.99
C VAL D 610 -21.65 54.63 48.51
N GLU D 611 -22.44 55.63 48.94
CA GLU D 611 -22.83 55.81 50.35
C GLU D 611 -23.81 54.76 50.84
N VAL D 612 -24.72 54.30 49.94
CA VAL D 612 -25.69 53.22 50.20
C VAL D 612 -24.88 51.94 50.48
N ILE D 613 -23.78 51.75 49.71
CA ILE D 613 -22.89 50.60 49.85
C ILE D 613 -22.13 50.66 51.18
N LYS D 614 -21.48 51.79 51.48
CA LYS D 614 -20.74 52.02 52.73
C LYS D 614 -21.61 51.85 53.99
N ASP D 615 -22.94 52.05 53.89
CA ASP D 615 -23.90 51.91 55.00
C ASP D 615 -24.41 50.47 55.21
N SER D 616 -23.82 49.51 54.47
CA SER D 616 -24.15 48.08 54.54
C SER D 616 -23.87 47.56 55.95
N PRO D 617 -24.64 46.58 56.47
CA PRO D 617 -24.31 46.02 57.79
C PRO D 617 -23.12 45.05 57.73
N ASN D 618 -22.66 44.69 56.50
CA ASN D 618 -21.53 43.78 56.35
C ASN D 618 -20.20 44.50 56.35
N PRO D 619 -19.22 44.06 57.21
CA PRO D 619 -17.90 44.72 57.26
C PRO D 619 -17.04 44.63 56.00
N ILE D 620 -17.11 43.50 55.24
CA ILE D 620 -16.37 43.35 53.98
C ILE D 620 -16.94 44.36 52.96
N VAL D 621 -18.28 44.38 52.74
CA VAL D 621 -18.96 45.32 51.85
C VAL D 621 -18.68 46.79 52.23
N GLN D 622 -18.71 47.13 53.53
CA GLN D 622 -18.39 48.49 54.02
C GLN D 622 -16.99 48.90 53.53
N GLN D 623 -16.00 47.96 53.61
CA GLN D 623 -14.58 48.08 53.24
C GLN D 623 -14.29 48.23 51.74
N LEU D 624 -15.14 47.67 50.85
CA LEU D 624 -14.97 47.80 49.39
C LEU D 624 -14.69 49.23 48.87
N PHE D 625 -15.51 50.23 49.30
CA PHE D 625 -15.45 51.64 48.84
C PHE D 625 -14.82 52.62 49.81
N GLU D 626 -14.46 53.78 49.26
CA GLU D 626 -13.79 54.94 49.88
C GLU D 626 -14.42 56.20 49.25
N ALA D 636 -14.54 66.75 30.10
CA ALA D 636 -15.93 66.45 30.47
C ALA D 636 -15.98 65.67 31.82
N LYS D 637 -17.14 65.05 32.21
CA LYS D 637 -17.33 64.23 33.44
C LYS D 637 -16.36 63.05 33.34
N GLY D 638 -15.12 63.25 33.84
CA GLY D 638 -14.01 62.31 33.70
C GLY D 638 -14.02 61.09 34.58
N SER D 639 -15.04 60.22 34.43
CA SER D 639 -15.22 59.02 35.26
C SER D 639 -15.69 57.77 34.52
N LEU D 640 -15.73 57.78 33.16
CA LEU D 640 -16.15 56.58 32.43
C LEU D 640 -14.95 55.61 32.31
N ILE D 641 -15.08 54.45 31.62
CA ILE D 641 -13.97 53.48 31.53
C ILE D 641 -12.64 54.14 31.05
N GLY D 642 -12.74 55.00 30.02
CA GLY D 642 -11.64 55.71 29.37
C GLY D 642 -10.88 56.63 30.30
N SER D 643 -11.63 57.24 31.27
CA SER D 643 -11.08 58.18 32.26
C SER D 643 -10.44 57.40 33.37
N GLN D 644 -11.11 56.31 33.83
CA GLN D 644 -10.64 55.37 34.85
C GLN D 644 -9.30 54.76 34.40
N PHE D 645 -9.26 54.25 33.16
CA PHE D 645 -8.08 53.66 32.51
C PHE D 645 -6.90 54.61 32.50
N LEU D 646 -7.07 55.84 31.95
CA LEU D 646 -6.01 56.82 31.87
C LEU D 646 -5.43 57.19 33.24
N ASN D 647 -6.25 57.15 34.31
CA ASN D 647 -5.73 57.49 35.64
C ASN D 647 -4.87 56.34 36.10
N GLN D 648 -5.38 55.09 36.00
CA GLN D 648 -4.63 53.89 36.37
C GLN D 648 -3.34 53.74 35.57
N LEU D 649 -3.36 54.08 34.26
CA LEU D 649 -2.19 54.06 33.38
C LEU D 649 -1.16 55.10 33.79
N THR D 650 -1.60 56.33 34.16
CA THR D 650 -0.71 57.39 34.65
C THR D 650 -0.10 56.93 35.99
N SER D 651 -0.91 56.31 36.87
CA SER D 651 -0.51 55.78 38.15
C SER D 651 0.54 54.70 37.94
N LEU D 652 0.40 53.85 36.87
CA LEU D 652 1.39 52.79 36.53
C LEU D 652 2.65 53.41 35.99
N MET D 653 2.52 54.27 34.99
CA MET D 653 3.64 54.91 34.33
C MET D 653 4.47 55.75 35.27
N ASN D 654 3.87 56.26 36.35
CA ASN D 654 4.55 57.00 37.41
C ASN D 654 5.39 56.07 38.26
N LEU D 655 4.94 54.82 38.50
CA LEU D 655 5.71 53.82 39.25
C LEU D 655 7.00 53.41 38.48
N ILE D 656 6.85 53.00 37.20
CA ILE D 656 7.92 52.54 36.31
C ILE D 656 8.98 53.61 36.08
N ASN D 657 8.54 54.88 36.00
CA ASN D 657 9.41 56.03 35.80
C ASN D 657 10.24 56.37 37.05
N SER D 658 9.74 55.99 38.25
CA SER D 658 10.43 56.22 39.54
C SER D 658 11.56 55.20 39.80
N THR D 659 11.69 54.19 38.92
CA THR D 659 12.64 53.11 39.02
C THR D 659 13.49 53.01 37.75
N GLU D 660 14.56 52.19 37.76
CA GLU D 660 15.37 51.91 36.58
C GLU D 660 14.76 50.66 35.93
N PRO D 661 14.29 50.70 34.65
CA PRO D 661 13.67 49.51 34.05
C PRO D 661 14.62 48.46 33.46
N HIS D 662 14.14 47.21 33.48
CA HIS D 662 14.78 45.99 32.98
C HIS D 662 13.72 45.30 32.16
N PHE D 663 14.08 44.79 30.99
CA PHE D 663 13.11 44.23 30.06
C PHE D 663 13.34 42.74 29.67
N ILE D 664 12.29 41.90 29.88
CA ILE D 664 12.27 40.48 29.52
C ILE D 664 11.15 40.27 28.55
N ARG D 665 11.45 39.90 27.32
CA ARG D 665 10.42 39.67 26.30
C ARG D 665 10.21 38.16 26.09
N CYS D 666 9.03 37.67 26.43
CA CYS D 666 8.69 36.26 26.29
C CYS D 666 7.97 35.92 25.00
N ILE D 667 8.46 34.86 24.34
CA ILE D 667 7.93 34.31 23.10
C ILE D 667 7.56 32.84 23.30
N LYS D 668 6.43 32.42 22.72
CA LYS D 668 6.03 31.01 22.67
C LYS D 668 6.18 30.58 21.19
N PRO D 669 6.95 29.51 20.96
CA PRO D 669 7.29 29.15 19.57
C PRO D 669 6.21 28.40 18.77
N ASN D 670 5.18 27.88 19.48
CA ASN D 670 4.08 27.14 18.87
C ASN D 670 2.86 27.13 19.80
N GLU D 671 1.66 26.83 19.24
CA GLU D 671 0.47 26.73 20.08
C GLU D 671 0.17 25.27 20.53
N ASN D 672 1.14 24.33 20.32
CA ASN D 672 0.93 22.93 20.72
C ASN D 672 1.57 22.51 22.04
N LYS D 673 2.08 23.48 22.84
CA LYS D 673 2.77 23.20 24.11
C LYS D 673 3.88 22.15 23.92
N LYS D 674 4.55 22.19 22.75
CA LYS D 674 5.59 21.22 22.40
C LYS D 674 7.00 21.76 22.42
N PRO D 675 7.98 20.99 22.96
CA PRO D 675 9.39 21.45 22.88
C PRO D 675 9.91 21.33 21.45
N LEU D 676 10.95 22.10 21.12
CA LEU D 676 11.64 22.09 19.82
C LEU D 676 10.72 22.14 18.57
N GLU D 677 9.60 22.89 18.60
CA GLU D 677 8.71 23.08 17.46
C GLU D 677 8.63 24.60 17.23
N TRP D 678 9.06 25.05 16.04
CA TRP D 678 9.18 26.46 15.69
C TRP D 678 8.17 26.83 14.62
N CYS D 679 7.32 27.81 14.91
CA CYS D 679 6.36 28.32 13.96
C CYS D 679 6.78 29.74 13.65
N GLU D 680 7.46 29.97 12.51
CA GLU D 680 7.95 31.29 12.12
C GLU D 680 6.86 32.36 12.10
N PRO D 681 5.63 32.16 11.53
CA PRO D 681 4.62 33.24 11.55
C PRO D 681 4.21 33.68 12.95
N LYS D 682 3.95 32.72 13.85
CA LYS D 682 3.54 32.83 15.26
C LYS D 682 4.58 33.66 16.06
N ILE D 683 5.89 33.49 15.74
CA ILE D 683 7.03 34.12 16.37
C ILE D 683 7.26 35.53 15.83
N LEU D 684 7.12 35.74 14.51
CA LEU D 684 7.29 37.07 13.92
C LEU D 684 6.24 38.07 14.43
N ILE D 685 4.96 37.61 14.56
CA ILE D 685 3.85 38.40 15.10
C ILE D 685 4.21 38.89 16.53
N GLN D 686 4.80 37.99 17.36
CA GLN D 686 5.23 38.27 18.74
C GLN D 686 6.40 39.22 18.78
N LEU D 687 7.37 39.06 17.85
CA LEU D 687 8.54 39.95 17.73
C LEU D 687 8.07 41.37 17.34
N HIS D 688 7.01 41.45 16.55
CA HIS D 688 6.39 42.69 16.10
C HIS D 688 5.61 43.40 17.23
N ALA D 689 4.64 42.68 17.83
CA ALA D 689 3.79 43.10 18.94
C ALA D 689 4.53 43.57 20.18
N LEU D 690 5.71 42.98 20.47
CA LEU D 690 6.55 43.32 21.63
C LEU D 690 7.54 44.45 21.33
N SER D 691 7.44 45.04 20.13
CA SER D 691 8.28 46.12 19.59
C SER D 691 9.76 45.73 19.58
N ILE D 692 10.04 44.41 19.43
CA ILE D 692 11.39 43.86 19.42
C ILE D 692 12.01 44.27 18.13
N LEU D 693 11.23 44.17 17.04
CA LEU D 693 11.70 44.56 15.72
C LEU D 693 12.02 46.04 15.68
N GLU D 694 11.20 46.84 16.39
CA GLU D 694 11.35 48.29 16.53
C GLU D 694 12.55 48.61 17.39
N ALA D 695 12.91 47.73 18.32
CA ALA D 695 14.06 47.92 19.20
C ALA D 695 15.38 47.69 18.46
N LEU D 696 15.34 46.92 17.38
CA LEU D 696 16.49 46.63 16.52
C LEU D 696 16.73 47.73 15.49
N VAL D 697 15.64 48.24 14.85
CA VAL D 697 15.68 49.34 13.87
C VAL D 697 16.33 50.57 14.54
N LEU D 698 16.01 50.75 15.82
CA LEU D 698 16.55 51.79 16.68
C LEU D 698 18.03 51.57 16.96
N ARG D 699 18.41 50.33 17.39
CA ARG D 699 19.75 49.85 17.77
C ARG D 699 20.82 50.10 16.71
N GLN D 700 20.54 49.77 15.43
CA GLN D 700 21.44 49.94 14.29
C GLN D 700 21.78 51.43 13.97
N LEU D 701 20.85 52.37 14.26
CA LEU D 701 20.95 53.82 14.01
C LEU D 701 21.98 54.56 14.92
N GLY D 702 22.84 55.35 14.25
CA GLY D 702 23.91 56.15 14.86
C GLY D 702 25.23 55.41 14.95
N TYR D 703 25.92 55.52 16.11
CA TYR D 703 27.20 54.85 16.40
C TYR D 703 26.96 53.59 17.22
N SER D 704 26.10 52.72 16.65
CA SER D 704 25.65 51.43 17.18
C SER D 704 26.78 50.47 17.54
N TYR D 705 27.83 50.39 16.68
CA TYR D 705 28.97 49.48 16.85
C TYR D 705 29.94 49.98 17.92
N ARG D 706 30.17 49.14 18.94
CA ARG D 706 31.12 49.45 20.00
C ARG D 706 31.80 48.18 20.51
N ARG D 707 33.15 48.22 20.55
CA ARG D 707 34.06 47.15 21.00
C ARG D 707 35.21 47.80 21.74
N THR D 708 35.66 47.21 22.88
CA THR D 708 36.83 47.78 23.57
C THR D 708 38.08 47.62 22.67
N PHE D 709 39.18 48.31 22.97
CA PHE D 709 40.40 48.22 22.16
C PHE D 709 40.96 46.81 22.10
N GLU D 710 40.98 46.10 23.26
CA GLU D 710 41.46 44.72 23.40
C GLU D 710 40.54 43.73 22.71
N GLU D 711 39.20 44.00 22.75
CA GLU D 711 38.18 43.17 22.10
C GLU D 711 38.29 43.26 20.57
N PHE D 712 38.51 44.49 20.03
CA PHE D 712 38.65 44.76 18.60
C PHE D 712 39.98 44.21 18.10
N LEU D 713 41.07 44.46 18.87
CA LEU D 713 42.44 44.02 18.54
C LEU D 713 42.56 42.51 18.51
N TYR D 714 41.95 41.81 19.50
CA TYR D 714 41.95 40.36 19.55
C TYR D 714 41.32 39.80 18.27
N GLN D 715 40.15 40.34 17.89
CA GLN D 715 39.33 39.98 16.73
C GLN D 715 39.97 40.28 15.38
N TYR D 716 40.29 41.56 15.10
CA TYR D 716 40.81 41.98 13.79
C TYR D 716 42.34 42.02 13.72
N LYS D 717 43.01 41.19 14.57
CA LYS D 717 44.45 40.94 14.62
C LYS D 717 44.86 40.47 13.23
N PHE D 718 43.91 39.77 12.55
CA PHE D 718 43.98 39.22 11.21
C PHE D 718 44.20 40.33 10.15
N VAL D 719 43.24 41.29 10.04
CA VAL D 719 43.16 42.39 9.06
C VAL D 719 44.55 42.95 8.74
N ASP D 720 45.35 43.21 9.79
CA ASP D 720 46.74 43.61 9.63
C ASP D 720 47.54 43.06 10.79
N ILE D 721 48.19 41.91 10.56
CA ILE D 721 49.04 41.18 11.51
C ILE D 721 50.19 42.08 12.00
N ALA D 722 50.73 42.91 11.08
CA ALA D 722 51.84 43.85 11.29
C ALA D 722 51.53 44.88 12.39
N ALA D 723 50.46 45.71 12.22
CA ALA D 723 50.06 46.75 13.18
C ALA D 723 49.64 46.17 14.53
N ALA D 724 48.90 45.03 14.52
CA ALA D 724 48.41 44.34 15.71
C ALA D 724 49.57 43.97 16.65
N GLU D 725 50.73 43.64 16.06
CA GLU D 725 51.95 43.28 16.78
C GLU D 725 53.04 44.37 16.61
N ASP D 726 53.09 45.30 17.58
CA ASP D 726 54.07 46.40 17.65
C ASP D 726 54.55 46.60 19.10
N SER D 727 53.66 46.25 20.08
CA SER D 727 53.86 46.31 21.54
C SER D 727 54.12 47.74 22.08
N SER D 728 54.55 48.64 21.19
CA SER D 728 54.89 50.04 21.40
C SER D 728 53.70 50.94 21.01
N VAL D 729 53.23 50.84 19.73
CA VAL D 729 52.09 51.59 19.15
C VAL D 729 50.85 51.42 20.04
N GLU D 730 50.10 52.52 20.23
CA GLU D 730 48.90 52.57 21.07
C GLU D 730 47.76 51.72 20.50
N ASN D 731 46.96 51.12 21.42
CA ASN D 731 45.83 50.24 21.08
C ASN D 731 44.75 50.92 20.26
N GLN D 732 44.59 52.25 20.46
CA GLN D 732 43.66 53.12 19.73
C GLN D 732 44.09 53.22 18.26
N ASN D 733 45.40 53.52 18.04
CA ASN D 733 46.07 53.67 16.74
C ASN D 733 46.20 52.34 16.01
N LYS D 734 46.42 51.22 16.77
CA LYS D 734 46.48 49.86 16.22
C LYS D 734 45.15 49.59 15.52
N CYS D 735 44.03 50.06 16.15
CA CYS D 735 42.67 49.99 15.64
C CYS D 735 42.47 50.93 14.44
N VAL D 736 42.89 52.23 14.55
CA VAL D 736 42.73 53.21 13.45
C VAL D 736 43.42 52.71 12.17
N ASN D 737 44.65 52.11 12.28
CA ASN D 737 45.41 51.54 11.15
C ASN D 737 44.59 50.43 10.47
N ILE D 738 43.99 49.51 11.28
CA ILE D 738 43.10 48.43 10.82
C ILE D 738 41.89 49.01 10.07
N LEU D 739 41.26 50.03 10.67
CA LEU D 739 40.09 50.75 10.14
C LEU D 739 40.43 51.48 8.83
N LYS D 740 41.65 52.07 8.76
CA LYS D 740 42.21 52.78 7.59
C LYS D 740 42.42 51.76 6.47
N LEU D 741 43.04 50.61 6.81
CA LEU D 741 43.37 49.48 5.91
C LEU D 741 42.12 48.80 5.31
N SER D 742 40.95 48.92 6.00
CA SER D 742 39.65 48.39 5.56
C SER D 742 38.86 49.46 4.75
N GLY D 743 39.48 50.62 4.57
CA GLY D 743 38.97 51.75 3.80
C GLY D 743 37.80 52.47 4.45
N LEU D 744 37.87 52.67 5.78
CA LEU D 744 36.81 53.36 6.50
C LEU D 744 37.12 54.85 6.58
N SER D 745 36.19 55.68 6.03
CA SER D 745 36.31 57.13 6.05
C SER D 745 36.28 57.68 7.48
N GLU D 746 36.90 58.84 7.73
CA GLU D 746 37.00 59.45 9.06
C GLU D 746 35.62 59.74 9.69
N SER D 747 34.57 59.87 8.85
CA SER D 747 33.18 60.16 9.26
C SER D 747 32.43 58.92 9.76
N MET D 748 32.76 57.72 9.21
CA MET D 748 32.17 56.40 9.51
C MET D 748 32.39 55.94 10.95
N TYR D 749 33.50 56.34 11.55
CA TYR D 749 33.85 55.91 12.90
C TYR D 749 34.36 57.07 13.76
N LYS D 750 34.60 56.80 15.05
CA LYS D 750 35.12 57.73 16.04
C LYS D 750 35.73 56.87 17.15
N ILE D 751 36.85 57.31 17.75
CA ILE D 751 37.51 56.56 18.84
C ILE D 751 36.78 56.92 20.16
N GLY D 752 37.36 56.61 21.32
CA GLY D 752 36.75 56.86 22.62
C GLY D 752 37.75 56.44 23.67
N LYS D 753 37.64 57.02 24.87
CA LYS D 753 38.54 56.76 26.01
C LYS D 753 38.96 55.28 26.18
N SER D 754 38.02 54.32 25.92
CA SER D 754 38.29 52.90 26.08
C SER D 754 37.74 52.00 24.94
N MET D 755 36.84 52.55 24.10
CA MET D 755 36.19 51.77 23.04
C MET D 755 36.31 52.35 21.65
N VAL D 756 36.00 51.52 20.68
CA VAL D 756 35.93 51.90 19.28
C VAL D 756 34.43 52.10 19.03
N PHE D 757 34.08 53.12 18.23
CA PHE D 757 32.70 53.46 17.87
C PHE D 757 32.57 53.56 16.38
N LEU D 758 31.85 52.61 15.75
CA LEU D 758 31.64 52.71 14.30
C LEU D 758 30.17 52.85 14.00
N LYS D 759 29.81 53.51 12.89
CA LYS D 759 28.42 53.62 12.46
C LYS D 759 28.05 52.29 11.80
N GLN D 760 26.74 52.00 11.60
CA GLN D 760 26.29 50.74 10.99
C GLN D 760 26.91 50.48 9.61
N GLU D 761 26.88 51.48 8.70
CA GLU D 761 27.41 51.37 7.32
C GLU D 761 28.88 50.92 7.29
N GLY D 762 29.70 51.59 8.09
CA GLY D 762 31.13 51.33 8.26
C GLY D 762 31.46 50.02 8.95
N ALA D 763 30.54 49.51 9.80
CA ALA D 763 30.69 48.24 10.52
C ALA D 763 30.60 47.06 9.54
N LYS D 764 29.78 47.22 8.47
CA LYS D 764 29.57 46.22 7.42
C LYS D 764 30.76 46.14 6.44
N ILE D 765 31.41 47.31 6.12
CA ILE D 765 32.60 47.42 5.25
C ILE D 765 33.83 46.71 5.90
N LEU D 766 33.94 46.77 7.25
CA LEU D 766 34.97 46.12 8.06
C LEU D 766 34.90 44.58 7.94
N THR D 767 33.69 44.03 7.68
CA THR D 767 33.42 42.60 7.55
C THR D 767 33.52 42.07 6.08
N LYS D 768 33.72 42.98 5.07
CA LYS D 768 33.84 42.64 3.64
C LYS D 768 35.02 41.69 3.36
C1 EDO E . -36.36 15.29 -4.68
O1 EDO E . -36.53 14.05 -5.35
C2 EDO E . -34.84 15.74 -4.57
O2 EDO E . -34.13 15.93 -5.82
C1 EDO F . -7.45 46.47 38.89
O1 EDO F . -7.15 47.19 37.72
C2 EDO F . -8.76 47.02 39.41
O2 EDO F . -8.68 48.41 39.31
C1 GOL G . 9.75 32.38 29.16
O1 GOL G . 10.33 32.09 27.88
C2 GOL G . 10.37 31.57 30.29
O2 GOL G . 10.49 30.18 29.94
C3 GOL G . 11.70 32.14 30.74
O3 GOL G . 12.08 31.63 32.01
#